data_3UHJ
#
_entry.id   3UHJ
#
_cell.length_a   79.483
_cell.length_b   98.996
_cell.length_c   104.734
_cell.angle_alpha   76.94
_cell.angle_beta   83.38
_cell.angle_gamma   71.47
#
_symmetry.space_group_name_H-M   'P 1'
#
loop_
_entity.id
_entity.type
_entity.pdbx_description
1 polymer 'Probable glycerol dehydrogenase'
2 non-polymer GLYCEROL
3 non-polymer 'ZINC ION'
4 non-polymer 'SELENIUM ATOM'
5 water water
#
_entity_poly.entity_id   1
_entity_poly.type   'polypeptide(L)'
_entity_poly.pdbx_seq_one_letter_code
;(MSE)HHHHHHSSGVDLGTENLYFQS(MSE)(MSE)ARAFGGPNKYIQRAGEIDKLAAYLAPLGKRALVLIDRVLFDALS
ERIGKSCGDSLDIRFERFGGECCTSEIERVRKVAIEHGSDILVGVGGGKTADTAKIVAIDTGARIVIAPTIASTDAPCSA
IAVRYTEHGVYEEALRLPRNPDAVVVDSALVAAAPARFLVAGIGDALSTWFEARSNIESRTDNYVAGGFPATEAG(MSE)
AIARHCQDVLTRDAVKAKIAVEAGLLTPAVENIIEANTLLSGLGFENCGCSAAHGIHDGLTVLEEVHGYFHGEKVAFGTL
CLL(MSE)LENRDRAEIEA(MSE)IRFCRSVGLPTKLADLGIVDDVPAKIGRVAEAACRPGNIIYATPVTITVPAVRDAI
LALDAFSRSIH
;
_entity_poly.pdbx_strand_id   A,B,C,D,E,F,G,H
#
loop_
_chem_comp.id
_chem_comp.type
_chem_comp.name
_chem_comp.formula
GOL non-polymer GLYCEROL 'C3 H8 O3'
SE non-polymer 'SELENIUM ATOM' Se
ZN non-polymer 'ZINC ION' 'Zn 2'
#
# COMPACT_ATOMS: atom_id res chain seq x y z
N MSE A 24 -39.84 27.54 -0.13
CA MSE A 24 -38.72 26.65 -0.57
C MSE A 24 -37.68 27.40 -1.40
O MSE A 24 -37.93 27.73 -2.56
CB MSE A 24 -39.24 25.46 -1.35
CG MSE A 24 -39.46 24.17 -0.53
SE MSE A 24 -39.97 22.79 -1.86
CE MSE A 24 -41.94 22.77 -1.67
N ALA A 25 -36.50 27.63 -0.81
CA ALA A 25 -35.53 28.57 -1.34
C ALA A 25 -34.20 28.34 -0.57
N ARG A 26 -33.07 28.55 -1.22
CA ARG A 26 -31.78 28.48 -0.54
C ARG A 26 -30.78 29.45 -1.18
N ALA A 27 -29.70 29.77 -0.50
CA ALA A 27 -28.66 30.64 -1.08
C ALA A 27 -27.29 30.48 -0.43
N PHE A 28 -26.26 30.68 -1.22
CA PHE A 28 -24.94 30.46 -0.76
C PHE A 28 -24.23 31.68 -1.26
N GLY A 29 -23.32 32.17 -0.44
CA GLY A 29 -22.39 33.19 -0.88
C GLY A 29 -21.01 32.90 -0.33
N GLY A 30 -19.99 33.35 -1.05
CA GLY A 30 -18.64 33.12 -0.63
C GLY A 30 -17.73 34.02 -1.40
N PRO A 31 -16.45 34.05 -1.02
CA PRO A 31 -15.46 34.84 -1.73
C PRO A 31 -15.22 34.29 -3.12
N ASN A 32 -14.81 35.14 -4.04
CA ASN A 32 -14.57 34.64 -5.37
C ASN A 32 -13.30 33.81 -5.41
N LYS A 33 -12.27 34.22 -4.68
CA LYS A 33 -11.04 33.43 -4.59
C LYS A 33 -10.52 33.43 -3.18
N TYR A 34 -9.98 32.27 -2.80
CA TYR A 34 -9.29 32.14 -1.58
C TYR A 34 -8.03 31.40 -1.92
N ILE A 35 -6.90 31.99 -1.56
CA ILE A 35 -5.60 31.45 -1.80
C ILE A 35 -4.79 31.38 -0.48
N GLN A 36 -4.21 30.23 -0.16
CA GLN A 36 -3.49 30.09 1.07
C GLN A 36 -2.14 29.50 0.71
N ARG A 37 -1.07 30.30 0.87
CA ARG A 37 0.32 29.87 0.61
C ARG A 37 1.31 30.78 1.34
N ALA A 38 2.35 30.17 1.90
CA ALA A 38 3.44 30.89 2.57
C ALA A 38 4.07 31.89 1.62
N GLY A 39 4.26 33.11 2.11
CA GLY A 39 4.92 34.19 1.35
C GLY A 39 4.00 34.88 0.38
N GLU A 40 2.71 34.58 0.45
CA GLU A 40 1.84 35.11 -0.58
C GLU A 40 1.66 36.60 -0.46
N ILE A 41 2.09 37.20 0.61
CA ILE A 41 1.99 38.63 0.81
C ILE A 41 2.82 39.44 -0.19
N ASP A 42 3.94 38.90 -0.59
CA ASP A 42 4.84 39.47 -1.54
C ASP A 42 4.20 39.63 -2.91
N LYS A 43 3.35 38.67 -3.26
CA LYS A 43 2.63 38.63 -4.52
C LYS A 43 1.26 39.27 -4.53
N LEU A 44 0.87 39.90 -3.45
CA LEU A 44 -0.43 40.48 -3.31
C LEU A 44 -0.71 41.56 -4.31
N ALA A 45 0.28 42.34 -4.59
CA ALA A 45 0.15 43.38 -5.54
C ALA A 45 -0.27 42.75 -6.84
N ALA A 46 0.24 41.58 -7.12
CA ALA A 46 -0.11 40.84 -8.34
C ALA A 46 -1.57 40.39 -8.40
N TYR A 47 -2.25 40.33 -7.23
CA TYR A 47 -3.67 39.97 -7.17
C TYR A 47 -4.53 41.21 -7.29
N LEU A 48 -3.95 42.37 -7.03
CA LEU A 48 -4.71 43.60 -7.07
C LEU A 48 -4.87 44.06 -8.52
N ALA A 49 -3.78 43.94 -9.30
CA ALA A 49 -3.76 44.45 -10.68
C ALA A 49 -5.07 44.22 -11.43
N PRO A 50 -5.55 42.95 -11.50
CA PRO A 50 -6.80 42.64 -12.22
C PRO A 50 -8.14 43.24 -11.72
N LEU A 51 -8.15 43.95 -10.59
CA LEU A 51 -9.39 44.41 -9.99
C LEU A 51 -9.58 45.93 -10.01
N GLY A 52 -8.50 46.63 -10.31
CA GLY A 52 -8.50 48.09 -10.29
C GLY A 52 -7.10 48.63 -10.52
N LYS A 53 -6.97 49.94 -10.52
CA LYS A 53 -5.69 50.58 -10.80
C LYS A 53 -5.17 51.20 -9.52
N ARG A 54 -6.10 51.43 -8.61
CA ARG A 54 -5.90 52.32 -7.49
C ARG A 54 -6.37 51.65 -6.21
N ALA A 55 -5.42 51.19 -5.42
CA ALA A 55 -5.69 50.41 -4.21
C ALA A 55 -5.39 51.12 -2.89
N LEU A 56 -6.37 51.16 -2.00
CA LEU A 56 -6.11 51.65 -0.66
C LEU A 56 -5.83 50.44 0.27
N VAL A 57 -4.59 50.37 0.74
CA VAL A 57 -4.16 49.27 1.53
C VAL A 57 -4.21 49.69 3.00
N LEU A 58 -5.07 49.02 3.77
CA LEU A 58 -5.27 49.36 5.16
C LEU A 58 -4.64 48.25 5.97
N ILE A 59 -3.59 48.57 6.75
CA ILE A 59 -2.79 47.59 7.53
C ILE A 59 -2.89 47.78 9.06
N ASP A 60 -2.87 46.66 9.83
CA ASP A 60 -2.80 46.71 11.32
C ASP A 60 -1.57 47.47 11.78
N ARG A 61 -1.66 48.17 12.92
CA ARG A 61 -0.56 48.96 13.57
C ARG A 61 0.77 48.24 13.58
N VAL A 62 0.75 46.98 13.98
CA VAL A 62 1.98 46.36 14.38
C VAL A 62 2.82 46.06 13.16
N LEU A 63 2.18 45.67 12.08
CA LEU A 63 2.85 45.21 10.87
C LEU A 63 2.87 46.27 9.77
N PHE A 64 2.32 47.45 10.06
CA PHE A 64 2.26 48.49 9.05
C PHE A 64 3.59 48.82 8.36
N ASP A 65 4.64 49.03 9.14
CA ASP A 65 5.96 49.36 8.58
C ASP A 65 6.45 48.28 7.65
N ALA A 66 6.64 47.10 8.25
CA ALA A 66 7.18 45.93 7.59
C ALA A 66 6.35 45.51 6.36
N LEU A 67 5.02 45.55 6.47
CA LEU A 67 4.17 45.10 5.38
C LEU A 67 3.95 46.12 4.27
N SER A 68 3.86 47.40 4.64
CA SER A 68 3.76 48.44 3.62
C SER A 68 4.97 48.42 2.66
N GLU A 69 6.19 48.18 3.19
CA GLU A 69 7.37 48.03 2.34
C GLU A 69 7.54 46.70 1.60
N ARG A 70 7.03 45.59 2.15
CA ARG A 70 6.96 44.35 1.36
C ARG A 70 5.94 44.45 0.22
N ILE A 71 4.74 44.96 0.52
CA ILE A 71 3.72 45.11 -0.53
C ILE A 71 4.06 46.12 -1.66
N SER A 78 1.34 50.70 -13.26
CA SER A 78 0.20 49.77 -13.48
C SER A 78 -0.79 49.91 -12.31
N LEU A 79 -0.24 49.96 -11.09
CA LEU A 79 -1.05 50.07 -9.89
C LEU A 79 -0.51 51.10 -8.88
N ASP A 80 -1.44 51.87 -8.34
CA ASP A 80 -1.11 52.94 -7.41
C ASP A 80 -1.76 52.61 -6.04
N ILE A 81 -0.94 52.46 -5.00
CA ILE A 81 -1.45 52.23 -3.65
C ILE A 81 -1.15 53.31 -2.66
N ARG A 82 -2.19 53.81 -2.03
CA ARG A 82 -2.02 54.61 -0.80
C ARG A 82 -1.99 53.66 0.41
N PHE A 83 -1.04 53.85 1.31
CA PHE A 83 -0.97 53.00 2.47
C PHE A 83 -1.56 53.71 3.68
N GLU A 84 -2.37 53.01 4.48
CA GLU A 84 -2.96 53.61 5.68
C GLU A 84 -2.89 52.69 6.87
N ARG A 85 -2.46 53.20 7.98
CA ARG A 85 -2.43 52.44 9.18
C ARG A 85 -3.80 52.45 9.80
N PHE A 86 -4.23 51.29 10.24
CA PHE A 86 -5.46 51.10 10.92
C PHE A 86 -5.38 51.70 12.33
N GLY A 87 -6.49 52.30 12.70
CA GLY A 87 -6.78 52.89 13.98
C GLY A 87 -6.78 51.87 15.07
N GLY A 88 -7.13 50.65 14.69
CA GLY A 88 -7.28 49.49 15.53
C GLY A 88 -8.63 49.11 16.05
N GLU A 89 -9.67 49.87 15.78
CA GLU A 89 -11.01 49.47 16.14
C GLU A 89 -11.87 49.73 14.96
N CYS A 90 -12.89 48.93 14.76
CA CYS A 90 -13.83 49.17 13.70
C CYS A 90 -14.98 49.94 14.32
N CYS A 91 -14.98 51.23 14.08
CA CYS A 91 -15.95 52.11 14.66
C CYS A 91 -16.16 53.22 13.71
N THR A 92 -17.22 53.97 13.90
CA THR A 92 -17.60 55.00 12.98
C THR A 92 -16.57 56.06 12.72
N SER A 93 -15.87 56.51 13.73
CA SER A 93 -14.91 57.53 13.49
C SER A 93 -13.89 57.02 12.52
N GLU A 94 -13.42 55.84 12.74
CA GLU A 94 -12.45 55.24 11.86
C GLU A 94 -12.97 54.91 10.48
N ILE A 95 -14.19 54.45 10.40
CA ILE A 95 -14.75 54.14 9.11
C ILE A 95 -14.86 55.38 8.29
N GLU A 96 -15.34 56.45 8.89
CA GLU A 96 -15.50 57.69 8.18
C GLU A 96 -14.18 58.18 7.74
N ARG A 97 -13.18 58.07 8.60
CA ARG A 97 -11.89 58.57 8.27
C ARG A 97 -11.26 57.89 7.11
N VAL A 98 -11.35 56.58 7.08
CA VAL A 98 -10.85 55.78 6.02
C VAL A 98 -11.59 56.03 4.75
N ARG A 99 -12.87 56.22 4.91
CA ARG A 99 -13.74 56.53 3.82
C ARG A 99 -13.35 57.83 3.16
N LYS A 100 -13.00 58.82 3.94
CA LYS A 100 -12.52 60.06 3.32
C LYS A 100 -11.17 59.88 2.67
N VAL A 101 -10.35 58.99 3.19
CA VAL A 101 -9.10 58.78 2.54
C VAL A 101 -9.32 58.17 1.19
N ALA A 102 -10.22 57.23 1.13
CA ALA A 102 -10.48 56.55 -0.11
C ALA A 102 -11.03 57.43 -1.20
N ILE A 103 -11.97 58.29 -0.84
CA ILE A 103 -12.52 59.25 -1.77
C ILE A 103 -11.47 60.24 -2.27
N GLU A 104 -10.62 60.70 -1.39
CA GLU A 104 -9.57 61.61 -1.79
C GLU A 104 -8.63 60.94 -2.76
N HIS A 105 -8.33 59.70 -2.49
CA HIS A 105 -7.50 58.83 -3.32
C HIS A 105 -8.17 58.42 -4.62
N GLY A 106 -9.48 58.27 -4.55
CA GLY A 106 -10.27 57.70 -5.62
C GLY A 106 -10.00 56.25 -5.82
N SER A 107 -9.87 55.56 -4.70
CA SER A 107 -9.59 54.15 -4.64
C SER A 107 -10.61 53.27 -5.36
N ASP A 108 -10.04 52.31 -6.03
CA ASP A 108 -10.73 51.34 -6.85
C ASP A 108 -10.95 50.09 -6.02
N ILE A 109 -10.00 49.84 -5.11
CA ILE A 109 -9.92 48.63 -4.29
C ILE A 109 -9.61 49.01 -2.86
N LEU A 110 -10.36 48.43 -1.92
CA LEU A 110 -10.00 48.40 -0.50
C LEU A 110 -9.34 47.04 -0.14
N VAL A 111 -8.12 47.08 0.36
CA VAL A 111 -7.44 45.88 0.89
C VAL A 111 -7.23 46.05 2.40
N GLY A 112 -7.89 45.19 3.19
CA GLY A 112 -7.63 45.06 4.62
C GLY A 112 -6.59 43.97 4.89
N VAL A 113 -5.50 44.39 5.54
CA VAL A 113 -4.33 43.58 5.83
C VAL A 113 -4.16 43.66 7.34
N GLY A 114 -4.77 42.72 8.04
CA GLY A 114 -4.76 42.74 9.47
C GLY A 114 -5.65 41.65 10.00
N GLY A 115 -6.28 41.97 11.12
CA GLY A 115 -7.19 41.07 11.78
C GLY A 115 -8.58 41.42 11.32
N GLY A 116 -9.59 40.92 12.04
CA GLY A 116 -10.93 41.04 11.57
C GLY A 116 -11.48 42.46 11.58
N LYS A 117 -10.93 43.28 12.47
CA LYS A 117 -11.29 44.69 12.51
C LYS A 117 -10.80 45.48 11.33
N THR A 118 -9.54 45.28 10.96
CA THR A 118 -8.96 45.86 9.75
C THR A 118 -9.81 45.37 8.60
N ALA A 119 -10.08 44.06 8.58
CA ALA A 119 -10.84 43.47 7.48
C ALA A 119 -12.23 44.07 7.36
N ASP A 120 -12.91 44.21 8.49
CA ASP A 120 -14.28 44.66 8.51
C ASP A 120 -14.37 46.17 8.19
N THR A 121 -13.45 46.97 8.72
CA THR A 121 -13.35 48.37 8.30
C THR A 121 -13.21 48.46 6.79
N ALA A 122 -12.26 47.70 6.24
CA ALA A 122 -12.03 47.71 4.79
C ALA A 122 -13.30 47.41 4.00
N LYS A 123 -14.01 46.37 4.39
CA LYS A 123 -15.26 46.05 3.70
C LYS A 123 -16.33 47.21 3.72
N ILE A 124 -16.65 47.75 4.89
CA ILE A 124 -17.66 48.80 5.02
C ILE A 124 -17.31 49.97 4.10
N VAL A 125 -16.04 50.35 4.06
CA VAL A 125 -15.61 51.42 3.18
C VAL A 125 -15.62 51.04 1.71
N ALA A 126 -15.37 49.77 1.40
CA ALA A 126 -15.44 49.33 0.02
C ALA A 126 -16.88 49.43 -0.52
N ILE A 127 -17.87 49.13 0.34
CA ILE A 127 -19.28 49.12 -0.05
C ILE A 127 -19.88 50.54 -0.16
N ASP A 128 -19.41 51.45 0.70
CA ASP A 128 -19.78 52.86 0.64
C ASP A 128 -19.11 53.52 -0.55
N THR A 129 -18.14 52.86 -1.13
CA THR A 129 -17.26 53.51 -2.07
C THR A 129 -17.34 52.87 -3.47
N GLY A 130 -18.16 51.83 -3.57
CA GLY A 130 -18.11 50.95 -4.73
C GLY A 130 -16.76 50.32 -5.04
N ALA A 131 -15.85 50.23 -4.07
CA ALA A 131 -14.57 49.53 -4.33
C ALA A 131 -14.76 48.04 -4.31
N ARG A 132 -13.86 47.34 -4.99
CA ARG A 132 -13.65 45.92 -4.77
C ARG A 132 -12.95 45.70 -3.40
N ILE A 133 -12.96 44.44 -2.96
CA ILE A 133 -12.51 44.05 -1.65
C ILE A 133 -11.54 42.90 -1.77
N VAL A 134 -10.35 43.09 -1.20
CA VAL A 134 -9.40 42.05 -1.00
C VAL A 134 -9.01 42.09 0.48
N ILE A 135 -8.89 40.91 1.07
CA ILE A 135 -8.49 40.77 2.44
C ILE A 135 -7.26 39.89 2.45
N ALA A 136 -6.27 40.29 3.24
CA ALA A 136 -5.05 39.54 3.40
C ALA A 136 -4.83 39.44 4.89
N PRO A 137 -5.36 38.39 5.51
CA PRO A 137 -5.21 38.34 6.97
C PRO A 137 -3.78 38.14 7.40
N THR A 138 -3.43 38.68 8.55
CA THR A 138 -2.10 38.60 9.05
C THR A 138 -2.13 37.68 10.26
N ILE A 139 -3.33 37.33 10.68
CA ILE A 139 -3.54 36.40 11.79
C ILE A 139 -4.78 35.62 11.43
N ALA A 140 -4.92 34.41 11.96
CA ALA A 140 -6.11 33.62 11.68
C ALA A 140 -6.97 33.63 12.91
N SER A 141 -7.49 34.79 13.29
CA SER A 141 -8.03 34.92 14.65
C SER A 141 -9.52 34.96 14.69
N THR A 142 -10.15 35.07 13.50
CA THR A 142 -11.57 35.14 13.36
C THR A 142 -11.94 34.73 11.96
N ASP A 143 -13.24 34.66 11.78
CA ASP A 143 -13.80 34.15 10.55
C ASP A 143 -14.32 35.34 9.72
N ALA A 144 -13.97 36.57 10.12
CA ALA A 144 -14.32 37.74 9.32
C ALA A 144 -13.84 37.76 7.86
N PRO A 145 -12.66 37.29 7.53
CA PRO A 145 -12.14 37.57 6.22
C PRO A 145 -12.95 37.11 5.01
N CYS A 146 -13.52 35.94 5.02
CA CYS A 146 -14.44 35.51 4.01
C CYS A 146 -15.80 36.12 3.85
N SER A 147 -16.46 36.40 4.95
CA SER A 147 -17.87 36.78 4.99
C SER A 147 -18.30 38.15 4.54
N ALA A 148 -19.57 38.28 4.17
CA ALA A 148 -20.17 39.59 3.90
C ALA A 148 -20.68 40.30 5.19
N ILE A 149 -20.18 39.90 6.34
CA ILE A 149 -20.63 40.45 7.61
C ILE A 149 -19.49 41.24 8.23
N ALA A 150 -19.73 42.55 8.39
CA ALA A 150 -18.80 43.44 9.10
C ALA A 150 -19.41 43.91 10.43
N VAL A 151 -18.66 43.82 11.51
CA VAL A 151 -19.20 44.18 12.83
C VAL A 151 -18.65 45.54 13.34
N ARG A 152 -19.53 46.43 13.71
CA ARG A 152 -19.15 47.72 14.22
C ARG A 152 -19.27 47.80 15.73
N TYR A 153 -18.31 48.46 16.33
CA TYR A 153 -18.18 48.57 17.76
C TYR A 153 -18.06 50.02 18.10
N THR A 154 -18.34 50.35 19.34
CA THR A 154 -18.18 51.68 19.81
C THR A 154 -16.70 51.83 19.87
N GLU A 155 -16.30 53.05 20.06
CA GLU A 155 -14.97 53.50 20.02
C GLU A 155 -14.20 52.74 21.11
N HIS A 156 -14.85 52.47 22.22
CA HIS A 156 -14.27 51.67 23.28
C HIS A 156 -14.36 50.13 23.23
N GLY A 157 -14.97 49.58 22.21
CA GLY A 157 -15.07 48.16 22.00
C GLY A 157 -16.36 47.48 22.46
N VAL A 158 -17.43 48.25 22.59
CA VAL A 158 -18.70 47.69 22.96
C VAL A 158 -19.37 47.40 21.67
N TYR A 159 -20.03 46.23 21.60
CA TYR A 159 -20.66 45.81 20.37
C TYR A 159 -21.73 46.81 20.00
N GLU A 160 -21.84 47.12 18.72
CA GLU A 160 -22.78 48.16 18.29
C GLU A 160 -23.67 47.70 17.15
N GLU A 161 -23.10 47.15 16.10
CA GLU A 161 -23.89 46.75 14.96
C GLU A 161 -23.22 45.66 14.14
N ALA A 162 -23.99 44.68 13.72
CA ALA A 162 -23.51 43.79 12.71
C ALA A 162 -24.22 44.12 11.41
N LEU A 163 -23.46 44.60 10.43
CA LEU A 163 -24.03 44.99 9.15
C LEU A 163 -23.84 43.86 8.18
N ARG A 164 -24.92 43.47 7.49
CA ARG A 164 -24.85 42.50 6.40
C ARG A 164 -24.57 43.28 5.13
N LEU A 165 -23.37 43.08 4.58
CA LEU A 165 -22.98 43.76 3.34
C LEU A 165 -23.61 42.99 2.16
N PRO A 166 -23.81 43.65 0.99
CA PRO A 166 -24.34 42.99 -0.22
C PRO A 166 -23.32 42.13 -1.00
N ARG A 167 -22.03 42.25 -0.68
CA ARG A 167 -20.95 41.63 -1.44
C ARG A 167 -19.96 40.91 -0.53
N ASN A 168 -19.40 39.80 -1.01
CA ASN A 168 -18.25 39.15 -0.38
C ASN A 168 -16.96 39.69 -0.97
N PRO A 169 -15.80 39.37 -0.36
CA PRO A 169 -14.56 39.82 -0.96
C PRO A 169 -14.31 39.20 -2.34
N ASP A 170 -13.54 39.89 -3.15
CA ASP A 170 -13.24 39.40 -4.47
C ASP A 170 -12.13 38.36 -4.31
N ALA A 171 -11.26 38.58 -3.32
CA ALA A 171 -10.12 37.73 -3.10
C ALA A 171 -9.71 37.69 -1.63
N VAL A 172 -9.39 36.50 -1.13
CA VAL A 172 -8.83 36.37 0.24
C VAL A 172 -7.48 35.74 0.05
N VAL A 173 -6.44 36.39 0.55
CA VAL A 173 -5.10 35.98 0.27
C VAL A 173 -4.40 35.70 1.60
N VAL A 174 -4.05 34.44 1.84
CA VAL A 174 -3.65 34.09 3.16
C VAL A 174 -2.23 33.62 3.12
N ASP A 175 -1.37 34.42 3.73
CA ASP A 175 0.05 34.12 3.71
C ASP A 175 0.33 33.27 4.97
N SER A 176 0.41 31.96 4.80
CA SER A 176 0.52 31.01 5.93
C SER A 176 1.73 31.25 6.84
N ALA A 177 2.86 31.66 6.27
CA ALA A 177 4.05 31.92 7.09
C ALA A 177 3.86 33.15 7.94
N LEU A 178 3.31 34.19 7.36
CA LEU A 178 3.01 35.38 8.07
C LEU A 178 2.05 35.11 9.23
N VAL A 179 1.01 34.35 8.96
CA VAL A 179 0.02 34.04 9.99
C VAL A 179 0.59 33.13 11.10
N ALA A 180 1.48 32.25 10.73
CA ALA A 180 1.97 31.22 11.67
C ALA A 180 3.06 31.73 12.59
N ALA A 181 3.69 32.81 12.16
CA ALA A 181 4.71 33.49 12.92
C ALA A 181 4.09 34.45 13.96
N ALA A 182 2.79 34.76 13.90
CA ALA A 182 2.18 35.52 15.03
C ALA A 182 2.31 34.71 16.35
N PRO A 183 2.15 35.38 17.53
CA PRO A 183 1.98 34.62 18.80
C PRO A 183 0.82 33.56 18.77
N ALA A 184 1.08 32.40 19.36
CA ALA A 184 0.17 31.27 19.36
C ALA A 184 -1.26 31.70 19.76
N ARG A 185 -1.35 32.68 20.66
CA ARG A 185 -2.63 33.11 21.17
C ARG A 185 -3.62 33.51 20.07
N PHE A 186 -3.13 34.09 18.99
CA PHE A 186 -3.96 34.46 17.87
C PHE A 186 -4.54 33.25 17.10
N LEU A 187 -3.75 32.20 16.90
CA LEU A 187 -4.28 30.98 16.28
C LEU A 187 -5.24 30.22 17.23
N VAL A 188 -4.84 29.98 18.47
CA VAL A 188 -5.78 29.51 19.50
C VAL A 188 -7.08 30.34 19.48
N ALA A 189 -6.98 31.67 19.41
CA ALA A 189 -8.21 32.53 19.40
C ALA A 189 -9.11 32.26 18.20
N GLY A 190 -8.51 32.10 17.02
CA GLY A 190 -9.21 31.62 15.79
C GLY A 190 -9.96 30.29 15.94
N ILE A 191 -9.30 29.30 16.56
CA ILE A 191 -9.89 28.03 16.85
C ILE A 191 -11.10 28.21 17.73
N GLY A 192 -11.00 29.15 18.69
CA GLY A 192 -12.16 29.48 19.54
C GLY A 192 -13.35 30.02 18.79
N ASP A 193 -13.07 30.81 17.77
CA ASP A 193 -14.10 31.38 16.95
C ASP A 193 -14.64 30.37 15.94
N ALA A 194 -13.81 29.48 15.40
CA ALA A 194 -14.29 28.38 14.48
C ALA A 194 -15.12 27.31 15.18
N LEU A 195 -14.88 27.15 16.49
CA LEU A 195 -15.57 26.17 17.32
C LEU A 195 -17.06 26.41 17.36
N SER A 196 -17.45 27.66 17.29
CA SER A 196 -18.85 28.01 17.25
C SER A 196 -19.57 27.62 15.95
N THR A 197 -18.83 27.51 14.82
CA THR A 197 -19.50 27.38 13.49
C THR A 197 -20.57 26.28 13.42
N TRP A 198 -20.15 25.04 13.61
CA TRP A 198 -21.06 23.89 13.59
C TRP A 198 -22.19 23.98 14.63
N PHE A 199 -21.86 24.33 15.87
CA PHE A 199 -22.87 24.44 16.92
C PHE A 199 -23.91 25.49 16.62
N GLU A 200 -23.52 26.59 16.01
CA GLU A 200 -24.45 27.64 15.64
C GLU A 200 -25.23 27.31 14.36
N ALA A 201 -24.62 26.54 13.44
CA ALA A 201 -25.34 26.09 12.22
C ALA A 201 -26.42 25.16 12.70
N ARG A 202 -26.08 24.33 13.68
CA ARG A 202 -27.00 23.35 14.21
C ARG A 202 -28.20 24.02 14.93
N SER A 203 -27.96 25.04 15.77
CA SER A 203 -29.06 25.91 16.25
C SER A 203 -29.97 26.40 15.14
N ASN A 204 -29.38 26.94 14.08
CA ASN A 204 -30.09 27.55 12.97
C ASN A 204 -30.86 26.57 12.12
N ILE A 205 -30.33 25.37 11.96
CA ILE A 205 -31.05 24.27 11.32
C ILE A 205 -32.23 23.78 12.17
N GLU A 206 -32.11 23.87 13.50
CA GLU A 206 -33.14 23.27 14.34
C GLU A 206 -34.25 24.28 14.53
N SER A 207 -33.92 25.56 14.46
CA SER A 207 -34.94 26.63 14.53
C SER A 207 -35.42 27.12 13.16
N ARG A 208 -34.78 26.62 12.08
CA ARG A 208 -35.12 26.93 10.67
C ARG A 208 -35.10 28.43 10.36
N THR A 209 -33.97 29.00 10.76
CA THR A 209 -33.78 30.43 10.72
C THR A 209 -32.90 30.64 9.49
N ASP A 210 -33.10 31.79 8.85
CA ASP A 210 -32.38 32.19 7.65
C ASP A 210 -30.92 32.59 7.94
N ASN A 211 -30.09 32.48 6.89
CA ASN A 211 -28.70 32.91 6.96
C ASN A 211 -28.56 34.38 6.58
N TYR A 212 -27.30 34.80 6.34
CA TYR A 212 -26.97 36.19 6.00
C TYR A 212 -26.40 36.25 4.58
N VAL A 213 -27.03 35.52 3.69
CA VAL A 213 -26.71 35.57 2.30
C VAL A 213 -27.87 36.23 1.60
N ALA A 214 -27.62 37.33 0.92
CA ALA A 214 -28.61 38.01 0.09
C ALA A 214 -29.90 38.43 0.75
N GLY A 215 -29.87 38.85 1.98
CA GLY A 215 -31.14 39.21 2.56
C GLY A 215 -31.74 38.14 3.43
N GLY A 216 -31.36 36.90 3.22
CA GLY A 216 -31.56 35.81 4.21
C GLY A 216 -32.36 34.69 3.56
N PHE A 217 -31.82 33.47 3.61
CA PHE A 217 -32.43 32.33 2.93
C PHE A 217 -32.09 31.14 3.80
N PRO A 218 -32.84 30.05 3.69
CA PRO A 218 -32.38 28.82 4.32
C PRO A 218 -30.97 28.41 3.87
N ALA A 219 -30.21 27.77 4.77
CA ALA A 219 -28.93 27.18 4.47
C ALA A 219 -29.04 26.22 3.25
N THR A 220 -28.09 26.36 2.38
CA THR A 220 -27.75 25.44 1.33
C THR A 220 -27.09 24.21 2.00
N GLU A 221 -27.25 23.04 1.36
CA GLU A 221 -26.53 21.82 1.77
C GLU A 221 -25.01 22.02 1.79
N ALA A 222 -24.47 22.78 0.83
CA ALA A 222 -23.09 23.20 0.85
C ALA A 222 -22.66 23.93 2.12
N GLY A 223 -23.49 24.85 2.61
CA GLY A 223 -23.21 25.54 3.85
C GLY A 223 -23.21 24.60 5.02
N MSE A 224 -24.19 23.71 5.09
CA MSE A 224 -24.27 22.77 6.16
C MSE A 224 -23.09 21.83 6.16
O MSE A 224 -22.48 21.60 7.22
CB MSE A 224 -25.59 22.04 6.12
CG MSE A 224 -26.77 23.01 6.45
SE MSE A 224 -28.53 22.10 6.32
CE MSE A 224 -29.84 23.45 5.62
N ALA A 225 -22.71 21.30 4.98
CA ALA A 225 -21.55 20.41 4.94
C ALA A 225 -20.24 21.12 5.42
N ILE A 226 -20.00 22.34 4.99
CA ILE A 226 -18.85 23.09 5.36
C ILE A 226 -18.73 23.32 6.87
N ALA A 227 -19.81 23.71 7.51
CA ALA A 227 -19.85 23.92 8.93
C ALA A 227 -19.58 22.67 9.77
N ARG A 228 -20.14 21.56 9.37
CA ARG A 228 -19.89 20.30 10.00
C ARG A 228 -18.44 19.92 9.83
N HIS A 229 -17.92 20.13 8.65
CA HIS A 229 -16.55 19.80 8.37
C HIS A 229 -15.51 20.61 9.12
N CYS A 230 -15.76 21.88 9.26
CA CYS A 230 -15.05 22.76 10.15
C CYS A 230 -14.75 22.18 11.57
N GLN A 231 -15.81 21.70 12.21
CA GLN A 231 -15.69 21.01 13.45
C GLN A 231 -14.80 19.72 13.37
N ASP A 232 -14.90 18.97 12.29
CA ASP A 232 -14.00 17.83 12.22
C ASP A 232 -12.54 18.26 12.08
N VAL A 233 -12.30 19.38 11.41
CA VAL A 233 -10.93 19.85 11.19
C VAL A 233 -10.30 20.36 12.49
N LEU A 234 -11.05 21.10 13.25
CA LEU A 234 -10.59 21.52 14.55
C LEU A 234 -10.21 20.37 15.44
N THR A 235 -11.06 19.38 15.60
CA THR A 235 -10.73 18.30 16.49
C THR A 235 -9.55 17.45 16.07
N ARG A 236 -9.42 17.18 14.80
CA ARG A 236 -8.28 16.51 14.30
C ARG A 236 -6.97 17.27 14.46
N ASP A 237 -6.98 18.54 14.15
CA ASP A 237 -5.77 19.29 14.09
C ASP A 237 -5.44 20.38 15.07
N ALA A 238 -6.32 20.77 15.94
CA ALA A 238 -6.09 21.91 16.80
C ALA A 238 -4.88 21.74 17.73
N VAL A 239 -4.81 20.64 18.44
CA VAL A 239 -3.75 20.44 19.41
C VAL A 239 -2.42 20.32 18.74
N LYS A 240 -2.37 19.78 17.55
CA LYS A 240 -1.09 19.67 16.83
C LYS A 240 -0.74 20.99 16.26
N ALA A 241 -1.71 21.75 15.75
CA ALA A 241 -1.41 23.10 15.33
C ALA A 241 -0.88 23.95 16.50
N LYS A 242 -1.50 23.91 17.67
CA LYS A 242 -1.02 24.73 18.75
C LYS A 242 0.44 24.47 19.12
N ILE A 243 0.74 23.24 19.54
CA ILE A 243 2.10 22.77 19.78
C ILE A 243 3.07 23.25 18.69
N ALA A 244 2.65 23.23 17.43
CA ALA A 244 3.54 23.62 16.37
C ALA A 244 3.83 25.11 16.36
N VAL A 245 2.79 25.97 16.40
CA VAL A 245 3.04 27.42 16.37
C VAL A 245 3.78 27.87 17.65
N GLU A 246 3.46 27.30 18.82
CA GLU A 246 4.28 27.60 20.01
C GLU A 246 5.76 27.24 19.81
N ALA A 247 6.07 26.37 18.88
CA ALA A 247 7.49 26.08 18.64
C ALA A 247 8.01 26.94 17.52
N GLY A 248 7.14 27.80 16.99
CA GLY A 248 7.52 28.71 15.89
C GLY A 248 7.59 27.99 14.56
N LEU A 249 6.75 26.96 14.39
CA LEU A 249 6.76 26.08 13.19
C LEU A 249 5.54 26.25 12.35
N LEU A 250 5.68 25.90 11.09
CA LEU A 250 4.54 25.86 10.17
C LEU A 250 4.47 24.43 9.56
N THR A 251 3.47 23.67 9.94
CA THR A 251 3.31 22.32 9.46
C THR A 251 1.95 22.18 8.78
N PRO A 252 1.66 20.98 8.24
CA PRO A 252 0.34 20.83 7.66
C PRO A 252 -0.84 20.93 8.65
N ALA A 253 -0.68 20.56 9.92
CA ALA A 253 -1.75 20.79 10.90
C ALA A 253 -2.10 22.29 11.03
N VAL A 254 -1.08 23.13 10.96
CA VAL A 254 -1.26 24.56 11.07
C VAL A 254 -1.93 25.07 9.85
N GLU A 255 -1.53 24.58 8.69
CA GLU A 255 -2.20 24.89 7.45
C GLU A 255 -3.68 24.56 7.46
N ASN A 256 -4.06 23.43 8.06
CA ASN A 256 -5.44 23.01 8.09
C ASN A 256 -6.19 23.92 9.02
N ILE A 257 -5.56 24.31 10.13
CA ILE A 257 -6.28 25.08 11.11
C ILE A 257 -6.44 26.52 10.59
N ILE A 258 -5.44 27.01 9.84
CA ILE A 258 -5.57 28.29 9.22
C ILE A 258 -6.77 28.27 8.30
N GLU A 259 -6.94 27.17 7.53
CA GLU A 259 -8.13 27.13 6.63
C GLU A 259 -9.47 27.04 7.44
N ALA A 260 -9.47 26.19 8.46
CA ALA A 260 -10.59 26.01 9.34
C ALA A 260 -11.04 27.35 9.96
N ASN A 261 -10.08 28.14 10.49
CA ASN A 261 -10.35 29.45 11.08
C ASN A 261 -10.78 30.51 10.09
N THR A 262 -10.40 30.37 8.84
CA THR A 262 -10.67 31.39 7.86
C THR A 262 -11.73 30.91 6.90
N LEU A 263 -11.39 30.04 5.98
CA LEU A 263 -12.35 29.62 4.97
C LEU A 263 -13.56 28.85 5.51
N LEU A 264 -13.36 27.78 6.28
CA LEU A 264 -14.48 26.94 6.74
C LEU A 264 -15.41 27.70 7.65
N SER A 265 -14.86 28.29 8.69
CA SER A 265 -15.59 28.99 9.66
C SER A 265 -16.35 30.19 9.02
N GLY A 266 -15.69 30.91 8.12
CA GLY A 266 -16.31 31.99 7.36
C GLY A 266 -17.47 31.54 6.48
N LEU A 267 -17.26 30.56 5.62
CA LEU A 267 -18.37 30.00 4.80
C LEU A 267 -19.50 29.46 5.65
N GLY A 268 -19.17 28.73 6.73
CA GLY A 268 -20.20 28.12 7.60
C GLY A 268 -21.08 29.17 8.24
N PHE A 269 -20.44 30.18 8.81
CA PHE A 269 -21.13 31.26 9.55
C PHE A 269 -22.04 32.03 8.61
N GLU A 270 -21.52 32.54 7.51
CA GLU A 270 -22.36 33.33 6.60
C GLU A 270 -23.52 32.51 5.99
N ASN A 271 -23.24 31.23 5.75
CA ASN A 271 -24.15 30.37 5.01
C ASN A 271 -25.18 29.63 5.87
N CYS A 272 -24.92 29.50 7.17
CA CYS A 272 -25.88 28.80 8.08
C CYS A 272 -26.44 29.68 9.18
N GLY A 273 -25.82 30.85 9.42
CA GLY A 273 -26.26 31.71 10.53
C GLY A 273 -25.49 31.57 11.85
N CYS A 274 -25.58 32.63 12.65
CA CYS A 274 -25.07 32.63 14.03
C CYS A 274 -26.18 32.45 15.04
N SER A 275 -25.79 32.22 16.30
CA SER A 275 -26.76 32.05 17.38
C SER A 275 -26.30 32.69 18.65
N ALA A 276 -26.63 32.00 19.72
CA ALA A 276 -26.29 32.42 21.04
C ALA A 276 -24.77 32.45 21.36
N ALA A 277 -23.91 31.81 20.57
CA ALA A 277 -22.47 31.89 20.89
C ALA A 277 -21.94 33.27 20.51
N HIS A 278 -22.28 33.72 19.30
CA HIS A 278 -22.01 35.10 18.94
C HIS A 278 -22.86 36.11 19.74
N GLY A 279 -24.06 35.70 20.17
CA GLY A 279 -24.93 36.57 20.96
C GLY A 279 -24.36 36.79 22.35
N ILE A 280 -23.82 35.73 22.93
CA ILE A 280 -23.23 35.84 24.26
C ILE A 280 -21.92 36.62 24.15
N HIS A 281 -21.12 36.39 23.08
CA HIS A 281 -19.97 37.25 22.81
C HIS A 281 -20.36 38.73 22.79
N ASP A 282 -21.42 39.06 22.05
CA ASP A 282 -21.85 40.46 21.91
C ASP A 282 -22.16 41.04 23.29
N GLY A 283 -22.96 40.33 24.07
CA GLY A 283 -23.27 40.74 25.42
C GLY A 283 -22.05 40.92 26.31
N LEU A 284 -21.03 40.07 26.14
CA LEU A 284 -19.83 40.10 26.98
C LEU A 284 -19.06 41.42 26.86
N THR A 285 -19.05 41.98 25.66
CA THR A 285 -18.35 43.21 25.37
C THR A 285 -18.90 44.43 26.14
N VAL A 286 -20.07 44.30 26.76
CA VAL A 286 -20.49 45.37 27.65
C VAL A 286 -19.68 45.36 28.95
N LEU A 287 -18.92 44.32 29.19
CA LEU A 287 -18.17 44.31 30.41
C LEU A 287 -16.78 44.73 30.08
N GLU A 288 -16.33 45.74 30.80
CA GLU A 288 -15.05 46.39 30.62
C GLU A 288 -13.87 45.49 30.82
N GLU A 289 -13.99 44.64 31.81
CA GLU A 289 -12.94 43.74 32.16
C GLU A 289 -12.63 42.72 31.11
N VAL A 290 -13.57 42.43 30.27
CA VAL A 290 -13.32 41.43 29.23
C VAL A 290 -12.59 42.02 28.01
N HIS A 291 -12.29 43.31 28.09
CA HIS A 291 -11.76 44.06 26.96
C HIS A 291 -10.45 43.49 26.37
N GLY A 292 -9.56 43.05 27.23
CA GLY A 292 -8.29 42.56 26.80
C GLY A 292 -8.36 41.16 26.20
N TYR A 293 -9.49 40.46 26.35
CA TYR A 293 -9.65 39.13 25.73
C TYR A 293 -10.02 39.17 24.24
N PHE A 294 -9.37 38.35 23.41
CA PHE A 294 -9.71 38.25 21.96
C PHE A 294 -11.14 37.83 21.66
N HIS A 295 -11.66 38.34 20.55
CA HIS A 295 -12.95 37.91 20.02
C HIS A 295 -13.17 36.36 20.13
N GLY A 296 -12.30 35.59 19.55
CA GLY A 296 -12.34 34.16 19.58
C GLY A 296 -12.33 33.47 20.92
N GLU A 297 -11.63 34.03 21.88
CA GLU A 297 -11.70 33.53 23.27
C GLU A 297 -13.10 33.71 23.89
N LYS A 298 -13.80 34.77 23.51
CA LYS A 298 -15.12 35.01 24.09
C LYS A 298 -16.11 34.12 23.40
N VAL A 299 -15.97 33.99 22.07
CA VAL A 299 -16.90 33.17 21.32
C VAL A 299 -16.72 31.71 21.83
N ALA A 300 -15.47 31.28 22.03
CA ALA A 300 -15.31 29.95 22.59
C ALA A 300 -16.19 29.80 23.80
N PHE A 301 -16.06 30.71 24.77
CA PHE A 301 -16.86 30.59 26.01
C PHE A 301 -18.34 30.67 25.70
N GLY A 302 -18.72 31.61 24.83
CA GLY A 302 -20.15 31.72 24.47
C GLY A 302 -20.70 30.44 23.86
N THR A 303 -19.86 29.69 23.11
CA THR A 303 -20.32 28.43 22.50
C THR A 303 -20.61 27.39 23.60
N LEU A 304 -19.77 27.32 24.62
CA LEU A 304 -20.03 26.43 25.71
C LEU A 304 -21.33 26.79 26.35
N CYS A 305 -21.64 28.10 26.46
CA CYS A 305 -22.89 28.53 27.04
C CYS A 305 -24.10 28.15 26.16
N LEU A 306 -23.98 28.28 24.85
CA LEU A 306 -25.02 27.81 23.94
C LEU A 306 -25.39 26.38 24.28
N LEU A 307 -24.38 25.53 24.50
CA LEU A 307 -24.63 24.12 24.68
C LEU A 307 -25.48 23.87 25.94
N MSE A 308 -25.17 24.60 27.01
CA MSE A 308 -25.97 24.57 28.24
C MSE A 308 -27.35 25.15 28.05
O MSE A 308 -28.31 24.60 28.56
CB MSE A 308 -25.26 25.36 29.36
CG MSE A 308 -25.93 25.19 30.68
SE MSE A 308 -26.01 23.24 31.28
CE MSE A 308 -24.12 22.99 31.70
N LEU A 309 -27.44 26.28 27.33
CA LEU A 309 -28.74 26.92 27.01
C LEU A 309 -29.70 25.98 26.28
N GLU A 310 -29.18 25.19 25.35
CA GLU A 310 -29.99 24.24 24.60
C GLU A 310 -30.10 22.94 25.37
N ASN A 311 -29.60 22.89 26.59
CA ASN A 311 -29.60 21.68 27.39
C ASN A 311 -29.09 20.42 26.70
N ARG A 312 -28.02 20.58 25.95
CA ARG A 312 -27.37 19.49 25.27
C ARG A 312 -26.83 18.45 26.23
N ASP A 313 -26.55 17.28 25.68
CA ASP A 313 -25.92 16.20 26.37
C ASP A 313 -24.69 16.54 27.21
N ARG A 314 -24.78 16.24 28.50
CA ARG A 314 -23.69 16.33 29.44
C ARG A 314 -22.35 15.94 28.85
N ALA A 315 -22.31 14.84 28.11
CA ALA A 315 -21.03 14.33 27.61
C ALA A 315 -20.51 15.23 26.50
N GLU A 316 -21.41 15.80 25.72
CA GLU A 316 -21.03 16.75 24.66
C GLU A 316 -20.50 18.09 25.26
N ILE A 317 -21.17 18.61 26.28
CA ILE A 317 -20.69 19.79 26.94
C ILE A 317 -19.33 19.54 27.58
N GLU A 318 -19.20 18.41 28.23
CA GLU A 318 -17.92 18.07 28.84
C GLU A 318 -16.79 17.91 27.82
N ALA A 319 -17.05 17.17 26.74
CA ALA A 319 -15.99 16.95 25.74
C ALA A 319 -15.54 18.28 25.10
N MSE A 320 -16.44 19.24 24.97
CA MSE A 320 -16.05 20.56 24.49
C MSE A 320 -15.24 21.37 25.51
O MSE A 320 -14.26 22.07 25.17
CB MSE A 320 -17.30 21.31 24.03
CG MSE A 320 -17.91 20.71 22.70
SE MSE A 320 -16.55 20.50 21.21
CE MSE A 320 -15.92 18.59 21.44
N ILE A 321 -15.65 21.26 26.78
CA ILE A 321 -14.91 21.88 27.84
C ILE A 321 -13.51 21.34 27.78
N ARG A 322 -13.37 20.02 27.67
CA ARG A 322 -12.06 19.44 27.69
C ARG A 322 -11.27 19.89 26.50
N PHE A 323 -11.96 20.11 25.40
CA PHE A 323 -11.31 20.49 24.15
C PHE A 323 -10.85 21.93 24.19
N CYS A 324 -11.73 22.82 24.65
CA CYS A 324 -11.27 24.15 24.98
C CYS A 324 -10.05 24.07 25.90
N ARG A 325 -10.03 23.19 26.90
CA ARG A 325 -8.89 23.28 27.83
C ARG A 325 -7.64 22.72 27.18
N SER A 326 -7.78 21.80 26.26
CA SER A 326 -6.59 21.25 25.63
C SER A 326 -5.83 22.32 24.86
N VAL A 327 -6.52 23.35 24.37
CA VAL A 327 -5.83 24.37 23.63
C VAL A 327 -5.74 25.66 24.43
N GLY A 328 -6.29 25.65 25.63
CA GLY A 328 -6.10 26.80 26.51
C GLY A 328 -7.12 27.90 26.23
N LEU A 329 -8.30 27.54 25.69
CA LEU A 329 -9.42 28.51 25.56
C LEU A 329 -10.21 28.60 26.89
N PRO A 330 -10.90 29.70 27.11
CA PRO A 330 -11.55 29.85 28.42
C PRO A 330 -12.81 29.02 28.61
N THR A 331 -12.94 28.37 29.77
CA THR A 331 -14.07 27.49 30.02
C THR A 331 -14.79 27.83 31.31
N LYS A 332 -14.34 28.83 32.05
CA LYS A 332 -14.99 29.30 33.28
C LYS A 332 -15.07 30.84 33.15
N LEU A 333 -16.06 31.46 33.80
CA LEU A 333 -16.11 32.96 33.93
C LEU A 333 -14.78 33.57 34.44
N ALA A 334 -14.14 32.93 35.43
CA ALA A 334 -12.83 33.37 35.95
C ALA A 334 -11.77 33.49 34.87
N ASP A 335 -11.91 32.71 33.78
CA ASP A 335 -10.93 32.70 32.70
C ASP A 335 -11.08 33.98 31.88
N LEU A 336 -12.26 34.60 31.92
CA LEU A 336 -12.44 35.91 31.27
C LEU A 336 -12.24 37.03 32.27
N GLY A 337 -11.67 36.66 33.44
CA GLY A 337 -11.39 37.57 34.54
C GLY A 337 -12.63 37.95 35.31
N ILE A 338 -13.75 37.24 35.10
CA ILE A 338 -15.02 37.64 35.70
C ILE A 338 -15.24 36.98 37.06
N VAL A 339 -14.88 37.68 38.14
CA VAL A 339 -14.87 37.05 39.46
C VAL A 339 -15.60 37.82 40.59
N ASP A 340 -15.97 39.07 40.38
CA ASP A 340 -16.72 39.85 41.32
C ASP A 340 -18.09 40.24 40.82
N ASP A 341 -19.10 40.13 41.66
CA ASP A 341 -20.45 40.55 41.34
C ASP A 341 -20.99 39.89 40.11
N VAL A 342 -20.70 38.63 39.99
CA VAL A 342 -20.92 37.87 38.82
C VAL A 342 -22.35 37.73 38.33
N PRO A 343 -23.31 37.51 39.19
CA PRO A 343 -24.69 37.41 38.74
C PRO A 343 -25.21 38.68 38.15
N ALA A 344 -24.83 39.78 38.76
CA ALA A 344 -25.25 41.08 38.28
C ALA A 344 -24.60 41.35 36.91
N LYS A 345 -23.30 41.04 36.79
CA LYS A 345 -22.62 41.24 35.53
C LYS A 345 -23.17 40.30 34.46
N ILE A 346 -23.43 39.07 34.85
CA ILE A 346 -24.00 38.14 33.90
C ILE A 346 -25.42 38.60 33.54
N GLY A 347 -26.12 39.20 34.52
CA GLY A 347 -27.42 39.86 34.25
C GLY A 347 -27.24 40.89 33.15
N ARG A 348 -26.17 41.67 33.21
CA ARG A 348 -26.00 42.68 32.17
C ARG A 348 -25.61 42.13 30.80
N VAL A 349 -24.82 41.07 30.80
CA VAL A 349 -24.49 40.38 29.59
C VAL A 349 -25.75 39.85 28.91
N ALA A 350 -26.61 39.24 29.71
CA ALA A 350 -27.85 38.69 29.18
C ALA A 350 -28.85 39.76 28.61
N GLU A 351 -29.12 40.85 29.35
CA GLU A 351 -29.97 41.92 28.80
C GLU A 351 -29.50 42.33 27.40
N ALA A 352 -28.19 42.57 27.26
CA ALA A 352 -27.61 43.10 26.01
C ALA A 352 -27.72 42.12 24.84
N ALA A 353 -27.70 40.82 25.12
CA ALA A 353 -27.75 39.84 24.08
C ALA A 353 -29.18 39.77 23.63
N CYS A 354 -30.10 39.88 24.58
CA CYS A 354 -31.52 39.77 24.27
C CYS A 354 -32.21 41.05 23.76
N ARG A 355 -31.50 42.07 23.36
CA ARG A 355 -32.17 43.16 22.67
C ARG A 355 -32.97 42.63 21.46
N PRO A 356 -34.25 43.02 21.34
CA PRO A 356 -35.14 42.53 20.26
C PRO A 356 -34.42 42.47 18.90
N GLY A 357 -34.69 41.42 18.12
CA GLY A 357 -34.07 41.31 16.79
C GLY A 357 -32.71 40.61 16.77
N ASN A 358 -32.04 40.56 17.93
CA ASN A 358 -30.67 40.02 18.00
C ASN A 358 -30.58 38.55 17.60
N ILE A 359 -29.39 38.15 17.20
CA ILE A 359 -29.13 36.83 16.62
C ILE A 359 -29.31 35.67 17.58
N ILE A 360 -29.22 35.93 18.89
CA ILE A 360 -29.49 34.92 19.90
C ILE A 360 -30.91 34.34 19.75
N TYR A 361 -31.78 35.08 19.07
CA TYR A 361 -33.14 34.59 18.85
C TYR A 361 -33.20 33.42 17.86
N ALA A 362 -32.08 33.13 17.19
CA ALA A 362 -31.98 31.96 16.30
C ALA A 362 -31.81 30.62 17.07
N THR A 363 -31.54 30.69 18.35
CA THR A 363 -31.49 29.49 19.20
C THR A 363 -32.85 28.78 19.27
N PRO A 364 -32.86 27.44 19.19
CA PRO A 364 -34.14 26.72 19.20
C PRO A 364 -34.64 26.45 20.64
N VAL A 365 -34.53 27.46 21.49
CA VAL A 365 -35.04 27.48 22.84
C VAL A 365 -35.93 28.72 22.88
N THR A 366 -36.79 28.87 23.90
CA THR A 366 -37.49 30.17 24.11
C THR A 366 -36.55 31.15 24.84
N ILE A 367 -36.25 32.28 24.21
CA ILE A 367 -35.19 33.14 24.73
C ILE A 367 -35.73 34.17 25.69
N THR A 368 -35.28 34.08 26.95
CA THR A 368 -35.50 35.13 27.91
C THR A 368 -34.15 35.53 28.55
N VAL A 369 -34.12 36.70 29.18
CA VAL A 369 -32.97 37.16 29.95
C VAL A 369 -32.55 36.19 31.05
N PRO A 370 -33.50 35.64 31.84
CA PRO A 370 -33.11 34.63 32.85
C PRO A 370 -32.60 33.34 32.27
N ALA A 371 -33.20 32.85 31.17
CA ALA A 371 -32.70 31.64 30.57
C ALA A 371 -31.23 31.82 30.18
N VAL A 372 -30.90 32.91 29.50
CA VAL A 372 -29.54 33.19 29.06
C VAL A 372 -28.64 33.45 30.28
N ARG A 373 -29.09 34.32 31.16
CA ARG A 373 -28.34 34.55 32.37
C ARG A 373 -28.01 33.20 33.03
N ASP A 374 -29.03 32.38 33.20
CA ASP A 374 -28.84 31.11 33.88
C ASP A 374 -28.10 30.01 33.12
N ALA A 375 -28.14 30.04 31.79
CA ALA A 375 -27.33 29.10 31.04
C ALA A 375 -25.86 29.42 31.23
N ILE A 376 -25.52 30.71 31.21
CA ILE A 376 -24.14 31.14 31.46
C ILE A 376 -23.62 30.74 32.88
N LEU A 377 -24.38 31.07 33.90
CA LEU A 377 -23.99 30.73 35.23
C LEU A 377 -23.90 29.21 35.42
N ALA A 378 -24.84 28.47 34.81
CA ALA A 378 -24.88 27.00 34.96
C ALA A 378 -23.74 26.40 34.24
N LEU A 379 -23.45 26.88 33.04
CA LEU A 379 -22.23 26.44 32.38
C LEU A 379 -20.96 26.68 33.21
N ASP A 380 -20.79 27.88 33.72
CA ASP A 380 -19.65 28.11 34.64
C ASP A 380 -19.58 27.09 35.81
N ALA A 381 -20.72 26.87 36.49
CA ALA A 381 -20.77 26.01 37.66
C ALA A 381 -20.48 24.56 37.24
N PHE A 382 -21.06 24.12 36.11
CA PHE A 382 -20.80 22.80 35.56
C PHE A 382 -19.33 22.66 35.17
N SER A 383 -18.79 23.70 34.51
CA SER A 383 -17.40 23.67 34.17
C SER A 383 -16.44 23.62 35.42
N ARG A 384 -16.79 24.31 36.51
CA ARG A 384 -15.99 24.22 37.74
C ARG A 384 -16.01 22.80 38.35
N SER A 385 -16.97 21.96 37.99
CA SER A 385 -17.04 20.62 38.53
C SER A 385 -16.24 19.58 37.70
N ILE A 386 -15.74 20.00 36.53
CA ILE A 386 -14.93 19.18 35.64
C ILE A 386 -13.45 19.56 35.84
N ALA B 25 0.46 24.75 0.04
CA ALA B 25 -0.58 25.60 -0.67
C ALA B 25 -2.00 25.00 -0.81
N ARG B 26 -3.01 25.86 -0.95
CA ARG B 26 -4.37 25.43 -1.22
C ARG B 26 -5.19 26.59 -1.71
N ALA B 27 -6.21 26.27 -2.49
CA ALA B 27 -7.05 27.35 -2.99
C ALA B 27 -8.46 26.89 -3.22
N PHE B 28 -9.39 27.83 -3.12
CA PHE B 28 -10.80 27.61 -3.36
C PHE B 28 -11.38 28.75 -4.21
N GLY B 29 -12.34 28.39 -5.06
CA GLY B 29 -13.06 29.34 -5.89
C GLY B 29 -14.54 28.98 -5.99
N GLY B 30 -15.39 29.99 -6.08
CA GLY B 30 -16.79 29.72 -6.25
C GLY B 30 -17.49 30.97 -6.76
N PRO B 31 -18.76 30.87 -7.07
CA PRO B 31 -19.47 32.04 -7.47
C PRO B 31 -19.68 32.88 -6.24
N ASN B 32 -19.93 34.18 -6.45
CA ASN B 32 -20.06 35.06 -5.33
C ASN B 32 -21.37 34.86 -4.63
N LYS B 33 -22.42 34.57 -5.39
CA LYS B 33 -23.80 34.45 -4.93
C LYS B 33 -24.43 33.29 -5.69
N TYR B 34 -25.07 32.38 -4.97
CA TYR B 34 -25.84 31.30 -5.55
C TYR B 34 -27.24 31.40 -4.95
N ILE B 35 -28.26 31.74 -5.76
CA ILE B 35 -29.66 31.83 -5.32
C ILE B 35 -30.50 30.81 -6.06
N GLN B 36 -31.29 30.04 -5.32
CA GLN B 36 -32.11 28.94 -5.85
C GLN B 36 -33.51 29.00 -5.30
N ARG B 37 -34.44 29.47 -6.14
CA ARG B 37 -35.82 29.65 -5.73
C ARG B 37 -36.78 29.65 -6.93
N ALA B 38 -37.96 29.09 -6.73
CA ALA B 38 -38.96 29.04 -7.78
C ALA B 38 -39.39 30.45 -8.15
N GLY B 39 -39.32 30.75 -9.44
CA GLY B 39 -39.80 32.03 -9.91
C GLY B 39 -38.71 33.04 -10.14
N GLU B 40 -37.50 32.72 -9.71
CA GLU B 40 -36.37 33.67 -9.75
C GLU B 40 -36.00 34.28 -11.10
N ILE B 41 -36.27 33.56 -12.19
CA ILE B 41 -36.09 34.10 -13.52
C ILE B 41 -36.86 35.43 -13.70
N ASP B 42 -37.90 35.62 -12.89
CA ASP B 42 -38.68 36.85 -13.03
C ASP B 42 -37.89 37.97 -12.42
N LYS B 43 -36.95 37.63 -11.53
CA LYS B 43 -36.19 38.67 -10.81
C LYS B 43 -34.77 38.85 -11.34
N LEU B 44 -34.49 38.26 -12.50
CA LEU B 44 -33.10 38.21 -12.97
C LEU B 44 -32.45 39.59 -13.07
N ALA B 45 -33.13 40.54 -13.73
CA ALA B 45 -32.64 41.94 -13.78
C ALA B 45 -32.20 42.50 -12.41
N ALA B 46 -32.99 42.26 -11.36
CA ALA B 46 -32.63 42.74 -10.01
C ALA B 46 -31.26 42.26 -9.57
N TYR B 47 -30.74 41.22 -10.21
CA TYR B 47 -29.43 40.68 -9.87
C TYR B 47 -28.37 41.28 -10.80
N LEU B 48 -28.82 41.73 -11.98
CA LEU B 48 -27.96 42.33 -13.00
C LEU B 48 -27.63 43.77 -12.69
N ALA B 49 -28.65 44.49 -12.24
CA ALA B 49 -28.57 45.92 -11.90
C ALA B 49 -27.24 46.25 -11.26
N PRO B 50 -26.93 45.61 -10.10
CA PRO B 50 -25.67 46.00 -9.44
C PRO B 50 -24.42 45.54 -10.17
N LEU B 51 -24.54 44.62 -11.11
CA LEU B 51 -23.32 44.11 -11.74
C LEU B 51 -22.78 44.98 -12.92
N GLY B 52 -23.66 45.80 -13.49
CA GLY B 52 -23.33 46.67 -14.65
C GLY B 52 -24.51 47.53 -15.15
N LYS B 53 -24.42 48.00 -16.39
CA LYS B 53 -25.47 48.86 -16.96
C LYS B 53 -25.99 48.32 -18.27
N ARG B 54 -25.19 47.46 -18.91
CA ARG B 54 -25.51 46.89 -20.23
C ARG B 54 -25.29 45.36 -20.25
N ALA B 55 -26.35 44.56 -20.40
CA ALA B 55 -26.18 43.10 -20.41
C ALA B 55 -26.53 42.42 -21.72
N LEU B 56 -25.63 41.62 -22.26
CA LEU B 56 -25.96 40.68 -23.34
C LEU B 56 -26.43 39.32 -22.73
N VAL B 57 -27.70 38.96 -22.96
CA VAL B 57 -28.35 37.84 -22.29
C VAL B 57 -28.56 36.69 -23.28
N LEU B 58 -27.58 35.82 -23.34
CA LEU B 58 -27.59 34.69 -24.28
C LEU B 58 -28.52 33.57 -23.77
N ILE B 59 -29.44 33.12 -24.64
CA ILE B 59 -30.50 32.20 -24.26
C ILE B 59 -30.49 31.03 -25.24
N ASP B 60 -30.81 29.82 -24.79
CA ASP B 60 -30.96 28.70 -25.72
C ASP B 60 -32.17 28.95 -26.63
N ARG B 61 -32.24 28.25 -27.76
CA ARG B 61 -33.24 28.49 -28.83
C ARG B 61 -34.68 28.14 -28.41
N VAL B 62 -34.87 26.97 -27.80
CA VAL B 62 -36.22 26.56 -27.41
C VAL B 62 -36.90 27.64 -26.58
N LEU B 63 -36.16 28.25 -25.66
CA LEU B 63 -36.70 29.17 -24.65
C LEU B 63 -36.48 30.63 -25.01
N PHE B 64 -35.80 30.83 -26.13
CA PHE B 64 -35.51 32.17 -26.54
C PHE B 64 -36.75 33.07 -26.48
N ASP B 65 -37.86 32.66 -27.13
CA ASP B 65 -39.06 33.53 -27.21
C ASP B 65 -39.60 33.87 -25.81
N ALA B 66 -40.05 32.84 -25.09
CA ALA B 66 -40.68 33.00 -23.78
C ALA B 66 -39.81 33.71 -22.73
N LEU B 67 -38.54 33.36 -22.62
CA LEU B 67 -37.73 33.93 -21.54
C LEU B 67 -37.31 35.37 -21.75
N SER B 68 -37.26 35.83 -22.99
CA SER B 68 -36.89 37.20 -23.26
C SER B 68 -38.01 38.10 -22.78
N GLU B 69 -39.23 37.70 -23.04
CA GLU B 69 -40.30 38.50 -22.54
C GLU B 69 -40.32 38.56 -21.04
N ARG B 70 -40.15 37.42 -20.41
CA ARG B 70 -40.20 37.34 -18.99
C ARG B 70 -39.11 38.16 -18.35
N ILE B 71 -37.94 38.09 -18.93
CA ILE B 71 -36.87 38.87 -18.42
C ILE B 71 -37.07 40.27 -18.95
N SER B 78 -33.44 51.93 -16.52
CA SER B 78 -32.76 51.29 -15.40
C SER B 78 -31.47 50.63 -15.88
N LEU B 79 -31.63 49.66 -16.79
CA LEU B 79 -30.54 48.92 -17.46
C LEU B 79 -31.09 48.29 -18.75
N ASP B 80 -30.27 48.30 -19.81
CA ASP B 80 -30.76 47.80 -21.10
C ASP B 80 -30.11 46.50 -21.55
N ILE B 81 -30.92 45.62 -22.15
CA ILE B 81 -30.45 44.31 -22.52
C ILE B 81 -30.73 43.93 -23.96
N ARG B 82 -29.68 43.82 -24.78
CA ARG B 82 -29.81 43.06 -26.03
C ARG B 82 -29.99 41.58 -25.68
N PHE B 83 -30.83 40.89 -26.46
CA PHE B 83 -31.07 39.45 -26.34
C PHE B 83 -30.59 38.68 -27.58
N GLU B 84 -29.51 37.91 -27.45
CA GLU B 84 -29.01 37.08 -28.56
C GLU B 84 -29.43 35.62 -28.41
N ARG B 85 -29.99 35.03 -29.47
CA ARG B 85 -30.24 33.58 -29.48
C ARG B 85 -28.90 32.83 -29.54
N PHE B 86 -28.85 31.67 -28.85
CA PHE B 86 -27.66 30.79 -28.80
C PHE B 86 -27.81 29.64 -29.78
N GLY B 87 -26.70 29.22 -30.39
CA GLY B 87 -26.72 28.30 -31.52
C GLY B 87 -26.71 26.81 -31.25
N GLY B 88 -26.35 26.42 -30.02
CA GLY B 88 -26.38 25.01 -29.64
C GLY B 88 -25.03 24.49 -29.21
N GLU B 89 -24.03 24.70 -30.05
CA GLU B 89 -22.68 24.30 -29.69
C GLU B 89 -21.84 25.43 -29.14
N CYS B 90 -21.08 25.11 -28.10
CA CYS B 90 -20.00 25.99 -27.65
C CYS B 90 -18.77 25.56 -28.44
N CYS B 91 -18.57 26.27 -29.55
CA CYS B 91 -17.44 26.13 -30.48
C CYS B 91 -16.98 27.52 -30.88
N THR B 92 -15.79 27.58 -31.44
CA THR B 92 -15.15 28.86 -31.69
C THR B 92 -15.90 29.80 -32.66
N SER B 93 -16.44 29.27 -33.75
CA SER B 93 -17.17 30.11 -34.72
C SER B 93 -18.29 30.85 -34.01
N GLU B 94 -18.96 30.12 -33.11
CA GLU B 94 -20.05 30.68 -32.36
C GLU B 94 -19.66 31.50 -31.11
N ILE B 95 -18.50 31.22 -30.50
CA ILE B 95 -17.97 32.09 -29.46
C ILE B 95 -17.67 33.46 -30.07
N GLU B 96 -17.08 33.43 -31.27
CA GLU B 96 -16.69 34.66 -31.96
C GLU B 96 -17.91 35.50 -32.39
N ARG B 97 -18.90 34.85 -32.98
CA ARG B 97 -20.15 35.55 -33.32
C ARG B 97 -20.69 36.32 -32.12
N VAL B 98 -20.88 35.60 -31.02
CA VAL B 98 -21.43 36.21 -29.83
C VAL B 98 -20.52 37.35 -29.28
N ARG B 99 -19.22 37.17 -29.40
CA ARG B 99 -18.29 38.18 -28.95
C ARG B 99 -18.42 39.50 -29.72
N LYS B 100 -18.59 39.39 -31.02
CA LYS B 100 -18.73 40.57 -31.81
C LYS B 100 -19.96 41.32 -31.39
N VAL B 101 -21.02 40.59 -31.10
CA VAL B 101 -22.23 41.22 -30.70
C VAL B 101 -21.96 41.94 -29.41
N ALA B 102 -21.20 41.31 -28.54
CA ALA B 102 -20.89 41.90 -27.27
C ALA B 102 -20.11 43.20 -27.34
N ILE B 103 -19.12 43.23 -28.22
CA ILE B 103 -18.35 44.44 -28.40
C ILE B 103 -19.24 45.52 -28.94
N GLU B 104 -20.09 45.14 -29.87
CA GLU B 104 -20.95 46.12 -30.47
C GLU B 104 -21.86 46.70 -29.44
N HIS B 105 -22.36 45.83 -28.58
CA HIS B 105 -23.31 46.16 -27.56
C HIS B 105 -22.71 47.11 -26.59
N GLY B 106 -21.44 46.89 -26.30
CA GLY B 106 -20.79 47.61 -25.26
C GLY B 106 -21.01 46.87 -23.98
N SER B 107 -21.30 45.59 -24.13
CA SER B 107 -21.65 44.68 -23.03
C SER B 107 -20.74 44.70 -21.78
N ASP B 108 -21.42 44.88 -20.65
CA ASP B 108 -20.89 45.09 -19.29
C ASP B 108 -20.97 43.74 -18.54
N ILE B 109 -22.15 43.11 -18.63
CA ILE B 109 -22.44 41.80 -18.04
C ILE B 109 -22.83 40.78 -19.11
N LEU B 110 -22.07 39.68 -19.22
CA LEU B 110 -22.54 38.49 -19.94
C LEU B 110 -23.43 37.58 -19.06
N VAL B 111 -24.60 37.26 -19.58
CA VAL B 111 -25.59 36.52 -18.83
C VAL B 111 -25.92 35.26 -19.67
N GLY B 112 -25.81 34.06 -19.08
CA GLY B 112 -26.06 32.81 -19.80
C GLY B 112 -27.28 32.11 -19.28
N VAL B 113 -28.27 31.95 -20.15
CA VAL B 113 -29.59 31.43 -19.76
C VAL B 113 -29.88 30.15 -20.56
N GLY B 114 -29.61 28.97 -19.99
CA GLY B 114 -29.74 27.72 -20.72
C GLY B 114 -29.03 26.56 -20.06
N GLY B 115 -28.48 25.68 -20.89
CA GLY B 115 -27.70 24.54 -20.39
C GLY B 115 -26.24 24.92 -20.34
N GLY B 116 -25.41 23.89 -20.20
CA GLY B 116 -23.97 24.03 -19.97
C GLY B 116 -23.18 24.71 -21.09
N LYS B 117 -23.45 24.30 -22.33
CA LYS B 117 -22.92 24.98 -23.54
C LYS B 117 -23.28 26.49 -23.60
N THR B 118 -24.55 26.81 -23.37
CA THR B 118 -24.96 28.21 -23.37
C THR B 118 -24.10 28.98 -22.38
N ALA B 119 -23.72 28.31 -21.29
CA ALA B 119 -23.13 29.00 -20.14
C ALA B 119 -21.64 29.15 -20.34
N ASP B 120 -21.03 28.05 -20.78
CA ASP B 120 -19.65 28.03 -21.16
C ASP B 120 -19.35 29.15 -22.20
N THR B 121 -20.19 29.26 -23.22
CA THR B 121 -20.06 30.36 -24.22
C THR B 121 -20.06 31.72 -23.53
N ALA B 122 -21.17 32.01 -22.85
CA ALA B 122 -21.32 33.24 -22.10
C ALA B 122 -20.10 33.59 -21.24
N LYS B 123 -19.59 32.61 -20.49
CA LYS B 123 -18.37 32.78 -19.68
C LYS B 123 -17.16 33.14 -20.58
N ILE B 124 -17.00 32.42 -21.68
CA ILE B 124 -15.84 32.59 -22.53
C ILE B 124 -15.87 34.02 -23.07
N VAL B 125 -17.00 34.41 -23.64
CA VAL B 125 -17.17 35.79 -24.07
C VAL B 125 -16.85 36.78 -22.96
N ALA B 126 -17.39 36.54 -21.77
CA ALA B 126 -17.17 37.41 -20.61
C ALA B 126 -15.69 37.65 -20.31
N ILE B 127 -14.90 36.58 -20.38
CA ILE B 127 -13.47 36.66 -20.05
C ILE B 127 -12.75 37.42 -21.15
N ASP B 128 -13.19 37.19 -22.40
CA ASP B 128 -12.68 37.92 -23.56
C ASP B 128 -12.97 39.43 -23.48
N THR B 129 -14.01 39.82 -22.78
CA THR B 129 -14.49 41.19 -22.79
C THR B 129 -14.16 41.91 -21.51
N GLY B 130 -13.73 41.17 -20.51
CA GLY B 130 -13.75 41.72 -19.16
C GLY B 130 -15.16 42.11 -18.72
N ALA B 131 -16.17 41.39 -19.20
CA ALA B 131 -17.55 41.55 -18.69
C ALA B 131 -17.76 40.73 -17.40
N ARG B 132 -18.73 41.13 -16.56
CA ARG B 132 -19.17 40.31 -15.44
C ARG B 132 -20.03 39.13 -15.90
N ILE B 133 -20.23 38.16 -15.00
CA ILE B 133 -20.88 36.88 -15.31
C ILE B 133 -22.06 36.57 -14.41
N VAL B 134 -23.16 36.13 -15.03
CA VAL B 134 -24.36 35.70 -14.36
C VAL B 134 -24.87 34.53 -15.17
N ILE B 135 -25.29 33.49 -14.48
CA ILE B 135 -25.73 32.31 -15.17
C ILE B 135 -27.06 32.07 -14.55
N ALA B 136 -28.00 31.70 -15.40
CA ALA B 136 -29.36 31.43 -15.00
C ALA B 136 -29.77 30.18 -15.75
N PRO B 137 -29.41 29.02 -15.22
CA PRO B 137 -29.74 27.74 -15.82
C PRO B 137 -31.22 27.47 -15.93
N THR B 138 -31.59 26.79 -17.00
CA THR B 138 -32.99 26.48 -17.27
C THR B 138 -33.18 24.98 -17.17
N ILE B 139 -32.07 24.27 -17.05
CA ILE B 139 -32.09 22.84 -16.77
C ILE B 139 -30.95 22.59 -15.77
N ALA B 140 -31.02 21.52 -14.99
CA ALA B 140 -29.92 21.22 -14.05
C ALA B 140 -29.20 19.99 -14.57
N SER B 141 -28.59 20.14 -15.73
CA SER B 141 -28.06 18.96 -16.39
C SER B 141 -26.54 18.83 -16.33
N THR B 142 -25.83 19.86 -15.84
CA THR B 142 -24.38 19.80 -15.73
C THR B 142 -23.84 20.67 -14.63
N ASP B 143 -22.56 20.44 -14.32
CA ASP B 143 -21.83 21.17 -13.27
C ASP B 143 -21.29 22.51 -13.75
N ALA B 144 -21.58 22.86 -14.99
CA ALA B 144 -20.98 24.07 -15.57
C ALA B 144 -21.36 25.37 -14.85
N PRO B 145 -22.67 25.60 -14.53
CA PRO B 145 -23.03 26.97 -14.11
C PRO B 145 -22.16 27.64 -13.01
N CYS B 146 -21.70 26.89 -12.02
CA CYS B 146 -20.90 27.50 -10.97
C CYS B 146 -19.40 27.62 -11.26
N SER B 147 -18.89 26.82 -12.19
CA SER B 147 -17.45 26.65 -12.35
C SER B 147 -16.76 27.77 -13.11
N ALA B 148 -15.43 27.74 -13.02
CA ALA B 148 -14.52 28.64 -13.73
C ALA B 148 -14.09 28.01 -15.04
N ILE B 149 -14.72 26.90 -15.41
CA ILE B 149 -14.23 26.08 -16.50
C ILE B 149 -15.21 26.18 -17.67
N ALA B 150 -14.70 26.55 -18.84
CA ALA B 150 -15.49 26.46 -20.05
C ALA B 150 -14.92 25.39 -20.95
N VAL B 151 -15.80 24.58 -21.54
CA VAL B 151 -15.36 23.47 -22.39
C VAL B 151 -15.78 23.74 -23.83
N ARG B 152 -14.82 23.70 -24.74
CA ARG B 152 -15.13 24.00 -26.12
C ARG B 152 -15.13 22.70 -26.94
N TYR B 153 -16.13 22.59 -27.82
CA TYR B 153 -16.23 21.45 -28.73
C TYR B 153 -16.03 21.92 -30.17
N THR B 154 -15.79 21.01 -31.08
CA THR B 154 -15.83 21.36 -32.49
C THR B 154 -17.28 21.68 -32.80
N GLU B 155 -17.49 22.35 -33.93
CA GLU B 155 -18.82 22.72 -34.42
C GLU B 155 -19.76 21.50 -34.48
N HIS B 156 -19.20 20.29 -34.60
CA HIS B 156 -20.00 19.04 -34.56
C HIS B 156 -19.98 18.30 -33.20
N GLY B 157 -19.40 18.88 -32.14
CA GLY B 157 -19.56 18.31 -30.78
C GLY B 157 -18.54 17.29 -30.29
N VAL B 158 -17.34 17.37 -30.84
CA VAL B 158 -16.22 16.53 -30.44
C VAL B 158 -15.44 17.39 -29.47
N TYR B 159 -15.01 16.82 -28.35
CA TYR B 159 -14.25 17.58 -27.36
C TYR B 159 -13.04 18.28 -28.01
N GLU B 160 -12.89 19.59 -27.79
CA GLU B 160 -11.71 20.32 -28.23
C GLU B 160 -10.80 20.75 -27.06
N GLU B 161 -11.34 21.48 -26.08
CA GLU B 161 -10.46 22.08 -25.07
C GLU B 161 -11.19 22.48 -23.82
N ALA B 162 -10.55 22.26 -22.67
CA ALA B 162 -11.10 22.67 -21.39
C ALA B 162 -10.47 23.99 -20.98
N LEU B 163 -11.12 25.11 -21.29
CA LEU B 163 -10.54 26.38 -20.88
C LEU B 163 -10.72 26.60 -19.38
N ARG B 164 -9.64 26.94 -18.69
CA ARG B 164 -9.71 27.22 -17.27
C ARG B 164 -9.74 28.73 -17.13
N LEU B 165 -10.85 29.32 -16.73
CA LEU B 165 -10.94 30.79 -16.72
C LEU B 165 -10.44 31.42 -15.40
N PRO B 166 -10.11 32.73 -15.42
CA PRO B 166 -9.54 33.38 -14.22
C PRO B 166 -10.57 33.92 -13.19
N ARG B 167 -11.85 33.71 -13.45
CA ARG B 167 -12.91 34.21 -12.55
C ARG B 167 -14.07 33.22 -12.57
N ASN B 168 -14.68 33.02 -11.41
CA ASN B 168 -15.99 32.43 -11.32
C ASN B 168 -17.09 33.42 -11.58
N PRO B 169 -18.27 32.94 -12.00
CA PRO B 169 -19.47 33.78 -12.13
C PRO B 169 -19.73 34.69 -10.96
N ASP B 170 -20.35 35.82 -11.24
CA ASP B 170 -20.64 36.77 -10.19
C ASP B 170 -21.89 36.37 -9.37
N ALA B 171 -22.87 35.76 -10.06
CA ALA B 171 -24.08 35.24 -9.44
C ALA B 171 -24.64 34.12 -10.29
N VAL B 172 -25.17 33.09 -9.63
CA VAL B 172 -25.80 31.95 -10.31
C VAL B 172 -27.18 31.97 -9.74
N VAL B 173 -28.17 32.01 -10.63
CA VAL B 173 -29.55 32.26 -10.25
C VAL B 173 -30.39 31.16 -10.83
N VAL B 174 -31.04 30.41 -9.96
CA VAL B 174 -31.66 29.14 -10.35
C VAL B 174 -33.13 29.16 -10.01
N ASP B 175 -33.97 29.21 -11.06
CA ASP B 175 -35.38 29.16 -10.91
C ASP B 175 -35.84 27.72 -10.87
N SER B 176 -36.13 27.23 -9.66
CA SER B 176 -36.40 25.83 -9.43
C SER B 176 -37.54 25.31 -10.29
N ALA B 177 -38.53 26.17 -10.48
CA ALA B 177 -39.80 25.82 -11.11
C ALA B 177 -39.57 25.59 -12.56
N LEU B 178 -38.77 26.48 -13.14
CA LEU B 178 -38.34 26.34 -14.53
C LEU B 178 -37.44 25.11 -14.74
N VAL B 179 -36.58 24.78 -13.76
CA VAL B 179 -35.64 23.67 -13.95
C VAL B 179 -36.40 22.35 -13.82
N ALA B 180 -37.27 22.30 -12.82
CA ALA B 180 -38.05 21.13 -12.55
C ALA B 180 -39.16 20.89 -13.61
N ALA B 181 -39.51 21.92 -14.40
CA ALA B 181 -40.51 21.71 -15.48
C ALA B 181 -40.00 21.02 -16.76
N ALA B 182 -38.68 21.04 -16.92
CA ALA B 182 -38.00 20.43 -18.07
C ALA B 182 -38.26 18.93 -18.04
N PRO B 183 -38.05 18.22 -19.18
CA PRO B 183 -38.31 16.77 -19.13
C PRO B 183 -37.43 16.08 -18.08
N ALA B 184 -37.90 14.96 -17.56
CA ALA B 184 -37.22 14.28 -16.46
C ALA B 184 -35.76 13.88 -16.86
N ARG B 185 -35.57 13.61 -18.16
CA ARG B 185 -34.26 13.23 -18.67
C ARG B 185 -33.14 14.22 -18.30
N PHE B 186 -33.41 15.51 -18.32
CA PHE B 186 -32.42 16.52 -18.02
C PHE B 186 -31.98 16.47 -16.52
N LEU B 187 -32.92 16.29 -15.59
CA LEU B 187 -32.59 16.15 -14.17
C LEU B 187 -31.69 14.90 -13.96
N VAL B 188 -32.09 13.78 -14.54
CA VAL B 188 -31.29 12.54 -14.47
C VAL B 188 -29.87 12.75 -15.08
N ALA B 189 -29.77 13.52 -16.15
CA ALA B 189 -28.45 13.82 -16.70
C ALA B 189 -27.60 14.59 -15.72
N GLY B 190 -28.17 15.53 -14.99
CA GLY B 190 -27.41 16.23 -13.94
C GLY B 190 -26.89 15.31 -12.84
N ILE B 191 -27.72 14.36 -12.41
CA ILE B 191 -27.36 13.37 -11.41
C ILE B 191 -26.16 12.57 -11.92
N GLY B 192 -26.24 12.14 -13.16
CA GLY B 192 -25.15 11.56 -13.86
C GLY B 192 -23.82 12.29 -13.82
N ASP B 193 -23.87 13.58 -14.07
CA ASP B 193 -22.73 14.46 -13.87
C ASP B 193 -22.25 14.63 -12.45
N ALA B 194 -23.20 14.88 -11.52
CA ALA B 194 -22.87 15.09 -10.09
C ALA B 194 -22.23 13.85 -9.48
N LEU B 195 -22.62 12.69 -9.99
CA LEU B 195 -22.16 11.43 -9.53
C LEU B 195 -20.66 11.27 -9.67
N SER B 196 -20.06 11.83 -10.68
CA SER B 196 -18.65 11.77 -10.79
C SER B 196 -17.89 12.59 -9.72
N THR B 197 -18.55 13.53 -9.05
CA THR B 197 -17.83 14.53 -8.22
C THR B 197 -16.99 13.89 -7.09
N TRP B 198 -17.62 13.09 -6.27
CA TRP B 198 -16.89 12.52 -5.15
C TRP B 198 -15.78 11.60 -5.67
N PHE B 199 -16.13 10.71 -6.59
CA PHE B 199 -15.19 9.76 -7.14
C PHE B 199 -14.01 10.36 -7.83
N GLU B 200 -14.20 11.45 -8.54
CA GLU B 200 -13.08 12.14 -9.21
C GLU B 200 -12.25 12.99 -8.23
N ALA B 201 -12.93 13.62 -7.25
CA ALA B 201 -12.22 14.24 -6.13
C ALA B 201 -11.28 13.23 -5.47
N ARG B 202 -11.76 12.02 -5.27
CA ARG B 202 -11.01 11.02 -4.54
C ARG B 202 -9.77 10.63 -5.37
N SER B 203 -9.93 10.46 -6.69
CA SER B 203 -8.79 10.22 -7.58
C SER B 203 -7.68 11.26 -7.45
N ASN B 204 -8.09 12.53 -7.49
CA ASN B 204 -7.17 13.68 -7.35
C ASN B 204 -6.52 13.73 -5.99
N ILE B 205 -7.28 13.56 -4.91
CA ILE B 205 -6.65 13.49 -3.58
C ILE B 205 -5.60 12.37 -3.53
N GLU B 206 -5.97 11.17 -4.02
CA GLU B 206 -5.07 10.03 -3.95
C GLU B 206 -3.86 10.15 -4.91
N SER B 207 -4.00 10.94 -5.95
CA SER B 207 -2.86 11.20 -6.84
C SER B 207 -2.18 12.53 -6.57
N ARG B 208 -2.72 13.32 -5.63
CA ARG B 208 -2.27 14.69 -5.29
C ARG B 208 -2.10 15.62 -6.51
N THR B 209 -3.14 15.75 -7.29
CA THR B 209 -3.10 16.57 -8.46
C THR B 209 -3.82 17.85 -8.23
N ASP B 210 -3.31 18.91 -8.82
CA ASP B 210 -3.86 20.23 -8.72
C ASP B 210 -5.26 20.33 -9.30
N ASN B 211 -6.05 21.13 -8.64
CA ASN B 211 -7.41 21.44 -9.03
C ASN B 211 -7.37 22.55 -10.07
N TYR B 212 -8.52 23.04 -10.44
CA TYR B 212 -8.65 24.08 -11.44
C TYR B 212 -8.83 25.52 -10.92
N VAL B 213 -8.56 25.79 -9.66
CA VAL B 213 -8.65 27.15 -9.09
C VAL B 213 -7.36 27.98 -9.34
N ALA B 214 -7.49 29.03 -10.15
CA ALA B 214 -6.43 30.05 -10.35
C ALA B 214 -5.06 29.51 -10.89
N GLY B 215 -5.10 28.56 -11.82
CA GLY B 215 -3.86 27.93 -12.32
C GLY B 215 -3.55 26.57 -11.70
N GLY B 216 -4.25 26.25 -10.61
CA GLY B 216 -4.26 24.91 -10.03
C GLY B 216 -3.52 24.84 -8.71
N PHE B 217 -4.22 24.41 -7.65
CA PHE B 217 -3.62 24.20 -6.34
C PHE B 217 -4.07 22.87 -5.70
N PRO B 218 -3.44 22.48 -4.59
CA PRO B 218 -4.13 21.37 -3.88
C PRO B 218 -5.55 21.79 -3.45
N ALA B 219 -6.45 20.79 -3.40
CA ALA B 219 -7.78 20.96 -2.88
C ALA B 219 -7.75 21.40 -1.41
N THR B 220 -8.46 22.47 -1.16
CA THR B 220 -9.04 22.83 0.13
C THR B 220 -9.84 21.73 0.86
N GLU B 221 -9.83 21.75 2.21
CA GLU B 221 -10.80 20.96 2.97
C GLU B 221 -12.23 21.32 2.57
N ALA B 222 -12.47 22.63 2.34
CA ALA B 222 -13.84 23.06 1.98
C ALA B 222 -14.26 22.31 0.76
N GLY B 223 -13.35 22.15 -0.19
CA GLY B 223 -13.64 21.52 -1.46
C GLY B 223 -13.87 20.04 -1.29
N MSE B 224 -13.03 19.39 -0.50
CA MSE B 224 -13.21 17.95 -0.26
C MSE B 224 -14.52 17.65 0.45
O MSE B 224 -15.17 16.66 0.12
CB MSE B 224 -12.03 17.37 0.43
CG MSE B 224 -10.74 17.60 -0.39
SE MSE B 224 -9.26 16.92 0.73
CE MSE B 224 -7.71 18.17 0.57
N ALA B 225 -14.88 18.48 1.42
CA ALA B 225 -16.13 18.34 2.16
C ALA B 225 -17.38 18.43 1.25
N ILE B 226 -17.35 19.39 0.31
CA ILE B 226 -18.42 19.59 -0.67
C ILE B 226 -18.57 18.40 -1.64
N ALA B 227 -17.45 17.88 -2.11
CA ALA B 227 -17.46 16.76 -3.06
C ALA B 227 -18.05 15.51 -2.42
N ARG B 228 -17.60 15.25 -1.20
CA ARG B 228 -18.13 14.24 -0.36
C ARG B 228 -19.63 14.38 -0.13
N HIS B 229 -20.09 15.59 0.19
CA HIS B 229 -21.47 15.73 0.56
C HIS B 229 -22.34 15.55 -0.67
N CYS B 230 -21.78 15.92 -1.83
CA CYS B 230 -22.44 15.79 -3.11
C CYS B 230 -22.96 14.37 -3.30
N GLN B 231 -22.09 13.37 -3.09
CA GLN B 231 -22.45 11.96 -3.15
C GLN B 231 -23.55 11.63 -2.14
N ASP B 232 -23.43 12.17 -0.92
CA ASP B 232 -24.44 11.89 0.09
C ASP B 232 -25.83 12.39 -0.33
N VAL B 233 -25.95 13.63 -0.86
CA VAL B 233 -27.23 14.18 -1.30
C VAL B 233 -27.79 13.40 -2.48
N LEU B 234 -26.92 12.95 -3.38
CA LEU B 234 -27.39 12.20 -4.52
C LEU B 234 -28.01 10.86 -4.10
N THR B 235 -27.31 10.06 -3.29
CA THR B 235 -27.91 8.76 -2.93
C THR B 235 -29.14 8.93 -2.04
N ARG B 236 -29.13 9.93 -1.15
CA ARG B 236 -30.32 10.25 -0.38
C ARG B 236 -31.55 10.67 -1.27
N ASP B 237 -31.37 11.52 -2.26
CA ASP B 237 -32.54 12.19 -2.80
C ASP B 237 -32.82 11.97 -4.28
N ALA B 238 -31.99 11.15 -4.95
CA ALA B 238 -32.07 11.06 -6.40
C ALA B 238 -33.26 10.26 -6.87
N VAL B 239 -33.52 9.09 -6.29
CA VAL B 239 -34.76 8.35 -6.59
C VAL B 239 -36.05 9.17 -6.35
N LYS B 240 -36.19 9.74 -5.16
CA LYS B 240 -37.36 10.57 -4.87
C LYS B 240 -37.46 11.77 -5.83
N ALA B 241 -36.35 12.41 -6.17
CA ALA B 241 -36.47 13.52 -7.12
C ALA B 241 -36.87 13.06 -8.52
N LYS B 242 -36.27 11.95 -8.97
CA LYS B 242 -36.58 11.45 -10.30
C LYS B 242 -38.09 11.15 -10.40
N ILE B 243 -38.61 10.38 -9.46
CA ILE B 243 -40.03 10.07 -9.38
C ILE B 243 -40.93 11.36 -9.25
N ALA B 244 -40.46 12.39 -8.59
CA ALA B 244 -41.23 13.60 -8.45
C ALA B 244 -41.37 14.38 -9.77
N VAL B 245 -40.25 14.58 -10.47
CA VAL B 245 -40.23 15.26 -11.78
C VAL B 245 -40.98 14.46 -12.85
N GLU B 246 -40.91 13.14 -12.80
CA GLU B 246 -41.74 12.35 -13.70
C GLU B 246 -43.25 12.53 -13.47
N ALA B 247 -43.68 12.78 -12.24
CA ALA B 247 -45.08 13.06 -11.99
C ALA B 247 -45.44 14.57 -12.10
N GLY B 248 -44.51 15.42 -12.57
CA GLY B 248 -44.77 16.87 -12.72
C GLY B 248 -44.64 17.70 -11.46
N LEU B 249 -43.91 17.19 -10.47
CA LEU B 249 -43.87 17.84 -9.14
C LEU B 249 -42.58 18.57 -8.85
N LEU B 250 -42.64 19.57 -7.97
CA LEU B 250 -41.41 20.15 -7.38
C LEU B 250 -41.41 19.90 -5.87
N THR B 251 -40.58 18.98 -5.37
CA THR B 251 -40.58 18.69 -3.93
C THR B 251 -39.25 19.14 -3.30
N PRO B 252 -39.10 19.05 -1.96
CA PRO B 252 -37.77 19.31 -1.42
C PRO B 252 -36.69 18.37 -1.95
N ALA B 253 -37.03 17.14 -2.28
CA ALA B 253 -36.03 16.24 -2.87
C ALA B 253 -35.53 16.74 -4.23
N VAL B 254 -36.40 17.37 -4.99
CA VAL B 254 -35.99 17.95 -6.26
C VAL B 254 -35.08 19.13 -6.00
N GLU B 255 -35.44 19.97 -5.04
CA GLU B 255 -34.63 21.11 -4.75
C GLU B 255 -33.22 20.64 -4.35
N ASN B 256 -33.14 19.64 -3.48
CA ASN B 256 -31.84 19.10 -3.06
C ASN B 256 -31.03 18.65 -4.24
N ILE B 257 -31.62 17.87 -5.15
CA ILE B 257 -30.93 17.43 -6.37
C ILE B 257 -30.55 18.59 -7.31
N ILE B 258 -31.38 19.62 -7.40
CA ILE B 258 -31.04 20.75 -8.21
C ILE B 258 -29.76 21.34 -7.62
N GLU B 259 -29.71 21.51 -6.30
CA GLU B 259 -28.51 22.06 -5.68
C GLU B 259 -27.26 21.19 -5.90
N ALA B 260 -27.38 19.88 -5.74
CA ALA B 260 -26.24 19.00 -5.91
C ALA B 260 -25.81 19.00 -7.36
N ASN B 261 -26.75 18.92 -8.28
CA ASN B 261 -26.39 18.97 -9.71
C ASN B 261 -25.70 20.27 -10.08
N THR B 262 -25.99 21.36 -9.39
CA THR B 262 -25.46 22.66 -9.76
C THR B 262 -24.39 23.10 -8.78
N LEU B 263 -24.78 23.43 -7.55
CA LEU B 263 -23.83 24.09 -6.64
C LEU B 263 -22.79 23.10 -6.18
N LEU B 264 -23.18 22.02 -5.51
CA LEU B 264 -22.21 21.02 -4.89
C LEU B 264 -21.32 20.45 -5.96
N SER B 265 -21.91 20.02 -7.05
CA SER B 265 -21.15 19.38 -8.09
C SER B 265 -20.17 20.36 -8.77
N GLY B 266 -20.60 21.60 -9.02
CA GLY B 266 -19.66 22.60 -9.54
C GLY B 266 -18.54 22.97 -8.57
N LEU B 267 -18.87 23.24 -7.33
CA LEU B 267 -17.82 23.53 -6.39
C LEU B 267 -16.86 22.38 -6.25
N GLY B 268 -17.36 21.14 -6.16
CA GLY B 268 -16.49 19.98 -5.96
C GLY B 268 -15.53 19.73 -7.12
N PHE B 269 -16.03 19.80 -8.34
CA PHE B 269 -15.31 19.62 -9.60
C PHE B 269 -14.21 20.66 -9.71
N GLU B 270 -14.59 21.94 -9.69
CA GLU B 270 -13.64 23.03 -9.78
C GLU B 270 -12.56 23.01 -8.66
N ASN B 271 -13.03 22.73 -7.43
CA ASN B 271 -12.15 22.81 -6.29
C ASN B 271 -11.40 21.54 -6.03
N CYS B 272 -11.79 20.43 -6.66
CA CYS B 272 -11.10 19.14 -6.37
C CYS B 272 -10.46 18.55 -7.63
N GLY B 273 -10.97 18.95 -8.78
CA GLY B 273 -10.45 18.42 -10.03
C GLY B 273 -11.29 17.30 -10.58
N CYS B 274 -11.06 17.01 -11.85
CA CYS B 274 -11.68 15.91 -12.55
C CYS B 274 -10.60 14.86 -12.84
N SER B 275 -11.03 13.77 -13.46
CA SER B 275 -10.17 12.64 -13.60
C SER B 275 -10.64 11.80 -14.80
N ALA B 276 -10.60 10.49 -14.65
CA ALA B 276 -10.87 9.63 -15.77
C ALA B 276 -12.35 9.62 -16.19
N ALA B 277 -13.25 9.99 -15.28
CA ALA B 277 -14.66 9.98 -15.66
C ALA B 277 -14.97 11.06 -16.66
N HIS B 278 -14.50 12.30 -16.41
CA HIS B 278 -14.62 13.34 -17.47
C HIS B 278 -13.73 13.06 -18.69
N GLY B 279 -12.54 12.48 -18.47
CA GLY B 279 -11.59 12.14 -19.54
C GLY B 279 -12.23 11.16 -20.51
N ILE B 280 -12.99 10.22 -19.96
CA ILE B 280 -13.58 9.17 -20.79
C ILE B 280 -14.80 9.72 -21.51
N HIS B 281 -15.56 10.59 -20.84
CA HIS B 281 -16.59 11.35 -21.52
C HIS B 281 -16.00 12.07 -22.74
N ASP B 282 -14.83 12.70 -22.54
CA ASP B 282 -14.17 13.54 -23.56
C ASP B 282 -13.81 12.69 -24.75
N GLY B 283 -13.25 11.52 -24.49
CA GLY B 283 -12.91 10.58 -25.50
C GLY B 283 -14.09 9.93 -26.18
N LEU B 284 -15.15 9.61 -25.44
CA LEU B 284 -16.37 9.15 -26.04
C LEU B 284 -16.88 10.10 -27.12
N THR B 285 -16.68 11.41 -26.92
CA THR B 285 -17.20 12.42 -27.87
C THR B 285 -16.75 12.16 -29.35
N VAL B 286 -15.69 11.37 -29.53
CA VAL B 286 -15.20 11.13 -30.85
C VAL B 286 -16.00 10.11 -31.64
N LEU B 287 -16.98 9.44 -31.06
CA LEU B 287 -17.72 8.41 -31.77
C LEU B 287 -19.03 9.04 -32.16
N GLU B 288 -19.53 8.82 -33.38
CA GLU B 288 -20.75 9.57 -33.76
C GLU B 288 -21.98 9.10 -33.03
N GLU B 289 -22.01 7.81 -32.72
CA GLU B 289 -23.21 7.19 -32.27
C GLU B 289 -23.54 7.72 -30.91
N VAL B 290 -22.59 8.35 -30.25
CA VAL B 290 -22.86 8.77 -28.89
C VAL B 290 -23.31 10.24 -28.87
N HIS B 291 -23.21 10.89 -30.01
CA HIS B 291 -23.59 12.33 -30.14
C HIS B 291 -24.94 12.67 -29.51
N GLY B 292 -25.93 11.78 -29.67
CA GLY B 292 -27.29 12.00 -29.14
C GLY B 292 -27.41 12.02 -27.61
N TYR B 293 -26.49 11.42 -26.87
CA TYR B 293 -26.65 11.30 -25.42
C TYR B 293 -26.17 12.55 -24.72
N PHE B 294 -26.70 12.79 -23.52
CA PHE B 294 -26.32 13.98 -22.75
C PHE B 294 -24.96 13.84 -22.04
N HIS B 295 -24.28 14.94 -21.90
CA HIS B 295 -23.04 15.05 -21.13
C HIS B 295 -23.04 14.12 -19.92
N GLY B 296 -24.12 14.23 -19.12
CA GLY B 296 -24.32 13.57 -17.87
C GLY B 296 -24.43 12.09 -17.96
N GLU B 297 -25.11 11.61 -18.98
CA GLU B 297 -25.23 10.16 -19.16
C GLU B 297 -23.87 9.58 -19.57
N LYS B 298 -23.04 10.39 -20.25
CA LYS B 298 -21.70 9.95 -20.65
C LYS B 298 -20.73 9.92 -19.48
N VAL B 299 -20.71 10.97 -18.72
CA VAL B 299 -19.95 11.06 -17.48
C VAL B 299 -20.36 9.99 -16.47
N ALA B 300 -21.67 9.71 -16.35
CA ALA B 300 -22.14 8.64 -15.48
C ALA B 300 -21.41 7.36 -15.85
N PHE B 301 -21.53 6.96 -17.10
CA PHE B 301 -20.82 5.79 -17.56
C PHE B 301 -19.27 5.86 -17.31
N GLY B 302 -18.70 7.06 -17.45
CA GLY B 302 -17.23 7.23 -17.32
C GLY B 302 -16.85 6.99 -15.86
N THR B 303 -17.73 7.35 -14.95
CA THR B 303 -17.52 7.18 -13.53
C THR B 303 -17.42 5.71 -13.21
N LEU B 304 -18.27 4.88 -13.81
CA LEU B 304 -18.19 3.45 -13.58
C LEU B 304 -16.91 2.91 -14.14
N CYS B 305 -16.44 3.53 -15.22
CA CYS B 305 -15.19 3.08 -15.82
C CYS B 305 -13.97 3.44 -14.93
N LEU B 306 -13.98 4.63 -14.36
CA LEU B 306 -12.98 5.10 -13.45
C LEU B 306 -12.87 4.07 -12.34
N LEU B 307 -13.98 3.61 -11.82
CA LEU B 307 -13.95 2.64 -10.74
C LEU B 307 -13.25 1.33 -11.14
N MSE B 308 -13.52 0.87 -12.38
CA MSE B 308 -12.92 -0.34 -12.90
C MSE B 308 -11.45 -0.10 -13.13
O MSE B 308 -10.62 -0.97 -12.81
CB MSE B 308 -13.59 -0.82 -14.22
CG MSE B 308 -13.05 -2.16 -14.70
SE MSE B 308 -13.29 -3.66 -13.32
CE MSE B 308 -15.23 -3.85 -13.50
N LEU B 309 -11.14 1.08 -13.69
CA LEU B 309 -9.75 1.49 -13.89
C LEU B 309 -8.94 1.52 -12.59
N GLU B 310 -9.57 1.90 -11.46
CA GLU B 310 -8.86 1.96 -10.18
C GLU B 310 -8.93 0.64 -9.47
N ASN B 311 -9.54 -0.34 -10.16
CA ASN B 311 -9.84 -1.61 -9.56
C ASN B 311 -10.49 -1.51 -8.18
N ARG B 312 -11.50 -0.65 -8.08
CA ARG B 312 -12.18 -0.45 -6.82
C ARG B 312 -12.97 -1.71 -6.44
N ASP B 313 -13.41 -1.76 -5.19
CA ASP B 313 -14.09 -2.94 -4.70
C ASP B 313 -15.27 -3.29 -5.58
N ARG B 314 -15.45 -4.58 -5.85
CA ARG B 314 -16.57 -5.09 -6.59
C ARG B 314 -17.93 -4.57 -6.08
N ALA B 315 -18.12 -4.56 -4.74
CA ALA B 315 -19.40 -4.17 -4.14
C ALA B 315 -19.72 -2.75 -4.50
N GLU B 316 -18.66 -1.93 -4.51
CA GLU B 316 -18.80 -0.52 -4.76
C GLU B 316 -19.18 -0.36 -6.22
N ILE B 317 -18.50 -1.08 -7.12
CA ILE B 317 -18.83 -1.01 -8.57
C ILE B 317 -20.27 -1.45 -8.83
N GLU B 318 -20.64 -2.59 -8.29
CA GLU B 318 -22.03 -3.03 -8.25
C GLU B 318 -23.07 -2.07 -7.67
N ALA B 319 -22.80 -1.45 -6.53
CA ALA B 319 -23.76 -0.55 -5.96
C ALA B 319 -23.90 0.64 -6.90
N MSE B 320 -22.79 1.08 -7.50
CA MSE B 320 -22.94 2.23 -8.37
C MSE B 320 -23.62 1.83 -9.69
O MSE B 320 -24.34 2.64 -10.27
CB MSE B 320 -21.63 2.92 -8.60
CG MSE B 320 -21.11 3.62 -7.35
SE MSE B 320 -22.38 5.09 -6.88
CE MSE B 320 -23.24 4.16 -5.28
N ILE B 321 -23.41 0.60 -10.14
CA ILE B 321 -24.20 0.14 -11.27
C ILE B 321 -25.73 0.17 -10.94
N ARG B 322 -26.10 -0.36 -9.77
CA ARG B 322 -27.54 -0.49 -9.42
C ARG B 322 -28.13 0.88 -9.25
N PHE B 323 -27.33 1.77 -8.68
CA PHE B 323 -27.74 3.15 -8.53
C PHE B 323 -27.95 3.83 -9.87
N CYS B 324 -27.05 3.60 -10.83
CA CYS B 324 -27.22 4.16 -12.17
C CYS B 324 -28.46 3.60 -12.84
N ARG B 325 -28.68 2.30 -12.78
CA ARG B 325 -29.92 1.73 -13.38
C ARG B 325 -31.22 2.22 -12.70
N SER B 326 -31.18 2.44 -11.38
CA SER B 326 -32.41 2.76 -10.66
C SER B 326 -32.98 4.16 -11.06
N VAL B 327 -32.14 5.03 -11.66
CA VAL B 327 -32.59 6.26 -12.20
C VAL B 327 -32.46 6.29 -13.72
N GLY B 328 -32.18 5.15 -14.35
CA GLY B 328 -32.13 5.10 -15.82
C GLY B 328 -30.83 5.62 -16.50
N LEU B 329 -29.72 5.75 -15.77
CA LEU B 329 -28.44 6.13 -16.35
C LEU B 329 -27.73 4.90 -16.96
N PRO B 330 -26.92 5.14 -17.99
CA PRO B 330 -26.33 4.07 -18.73
C PRO B 330 -25.29 3.32 -17.94
N THR B 331 -25.24 2.00 -18.11
CA THR B 331 -24.30 1.15 -17.37
C THR B 331 -23.63 0.16 -18.27
N LYS B 332 -23.95 0.21 -19.56
CA LYS B 332 -23.38 -0.67 -20.59
C LYS B 332 -23.00 0.15 -21.80
N LEU B 333 -22.13 -0.44 -22.63
CA LEU B 333 -21.68 0.28 -23.85
C LEU B 333 -22.87 0.49 -24.79
N ALA B 334 -23.75 -0.51 -24.86
CA ALA B 334 -24.99 -0.47 -25.65
C ALA B 334 -25.98 0.66 -25.27
N ASP B 335 -26.00 1.08 -23.99
CA ASP B 335 -26.86 2.20 -23.53
C ASP B 335 -26.37 3.50 -24.15
N LEU B 336 -25.14 3.51 -24.69
CA LEU B 336 -24.62 4.68 -25.36
C LEU B 336 -24.65 4.55 -26.90
N GLY B 337 -25.40 3.57 -27.39
CA GLY B 337 -25.40 3.28 -28.81
C GLY B 337 -24.18 2.53 -29.28
N ILE B 338 -23.26 2.18 -28.39
CA ILE B 338 -22.05 1.52 -28.86
C ILE B 338 -22.23 0.02 -28.94
N VAL B 339 -22.39 -0.54 -30.16
CA VAL B 339 -22.70 -1.98 -30.34
C VAL B 339 -21.95 -2.76 -31.46
N ASP B 340 -21.32 -2.07 -32.40
CA ASP B 340 -20.64 -2.74 -33.45
C ASP B 340 -19.16 -2.46 -33.27
N ASP B 341 -18.30 -3.44 -33.52
CA ASP B 341 -16.89 -3.10 -33.65
C ASP B 341 -16.37 -2.40 -32.36
N VAL B 342 -16.91 -2.85 -31.23
CA VAL B 342 -16.72 -2.12 -30.00
C VAL B 342 -15.24 -2.01 -29.57
N PRO B 343 -14.49 -3.11 -29.48
CA PRO B 343 -13.05 -2.98 -29.14
C PRO B 343 -12.25 -1.92 -29.98
N ALA B 344 -12.55 -1.76 -31.25
CA ALA B 344 -11.85 -0.73 -32.01
C ALA B 344 -12.32 0.67 -31.60
N LYS B 345 -13.63 0.81 -31.42
CA LYS B 345 -14.16 2.11 -31.03
C LYS B 345 -13.66 2.52 -29.61
N ILE B 346 -13.45 1.55 -28.71
CA ILE B 346 -12.98 1.92 -27.40
C ILE B 346 -11.51 2.21 -27.46
N GLY B 347 -10.81 1.56 -28.39
CA GLY B 347 -9.42 1.92 -28.66
C GLY B 347 -9.37 3.40 -29.02
N ARG B 348 -10.30 3.87 -29.83
CA ARG B 348 -10.26 5.26 -30.29
C ARG B 348 -10.61 6.25 -29.16
N VAL B 349 -11.59 5.89 -28.32
CA VAL B 349 -12.00 6.70 -27.17
C VAL B 349 -10.83 6.78 -26.22
N ALA B 350 -10.18 5.67 -25.99
CA ALA B 350 -9.00 5.68 -25.14
C ALA B 350 -7.83 6.54 -25.65
N GLU B 351 -7.46 6.42 -26.96
CA GLU B 351 -6.35 7.28 -27.52
C GLU B 351 -6.69 8.73 -27.31
N ALA B 352 -7.95 9.07 -27.53
CA ALA B 352 -8.30 10.46 -27.43
C ALA B 352 -8.23 10.94 -25.98
N ALA B 353 -8.73 10.11 -25.06
CA ALA B 353 -8.69 10.45 -23.67
C ALA B 353 -7.22 10.51 -23.21
N CYS B 354 -6.37 9.61 -23.74
CA CYS B 354 -5.01 9.56 -23.22
C CYS B 354 -4.00 10.45 -23.89
N ARG B 355 -4.41 11.54 -24.53
CA ARG B 355 -3.45 12.50 -25.05
C ARG B 355 -2.67 13.13 -23.88
N PRO B 356 -1.39 13.47 -24.08
CA PRO B 356 -0.46 14.07 -23.07
C PRO B 356 -0.99 15.31 -22.37
N GLY B 357 -0.98 15.34 -21.04
CA GLY B 357 -1.54 16.51 -20.32
C GLY B 357 -3.05 16.50 -20.08
N ASN B 358 -3.75 15.49 -20.63
CA ASN B 358 -5.17 15.36 -20.35
C ASN B 358 -5.49 15.05 -18.88
N ILE B 359 -6.71 15.41 -18.47
CA ILE B 359 -7.24 15.21 -17.09
C ILE B 359 -7.22 13.75 -16.60
N ILE B 360 -7.34 12.81 -17.53
CA ILE B 360 -7.31 11.40 -17.16
C ILE B 360 -6.04 11.00 -16.35
N TYR B 361 -4.92 11.72 -16.51
CA TYR B 361 -3.71 11.44 -15.72
C TYR B 361 -3.79 11.76 -14.22
N ALA B 362 -4.79 12.52 -13.83
CA ALA B 362 -5.11 12.74 -12.43
C ALA B 362 -5.47 11.43 -11.72
N THR B 363 -5.61 10.34 -12.44
CA THR B 363 -5.97 9.06 -11.83
C THR B 363 -4.78 8.40 -11.11
N PRO B 364 -4.99 7.92 -9.86
CA PRO B 364 -3.84 7.38 -9.13
C PRO B 364 -3.49 5.99 -9.67
N VAL B 365 -3.39 5.86 -10.98
CA VAL B 365 -3.11 4.58 -11.58
C VAL B 365 -2.13 4.94 -12.70
N THR B 366 -1.41 3.96 -13.22
CA THR B 366 -0.53 4.14 -14.36
C THR B 366 -1.39 4.13 -15.63
N ILE B 367 -1.55 5.29 -16.26
CA ILE B 367 -2.43 5.47 -17.40
C ILE B 367 -1.79 5.12 -18.77
N THR B 368 -2.32 4.10 -19.44
CA THR B 368 -1.93 3.85 -20.81
C THR B 368 -3.21 3.66 -21.60
N VAL B 369 -3.13 3.76 -22.92
CA VAL B 369 -4.25 3.48 -23.79
C VAL B 369 -4.82 2.05 -23.53
N PRO B 370 -3.95 1.00 -23.55
CA PRO B 370 -4.49 -0.33 -23.22
C PRO B 370 -5.20 -0.37 -21.88
N ALA B 371 -4.60 0.17 -20.82
CA ALA B 371 -5.21 0.21 -19.49
C ALA B 371 -6.59 0.87 -19.51
N VAL B 372 -6.72 1.99 -20.21
CA VAL B 372 -8.00 2.69 -20.27
C VAL B 372 -8.98 1.92 -21.13
N ARG B 373 -8.49 1.36 -22.22
CA ARG B 373 -9.35 0.67 -23.14
C ARG B 373 -9.95 -0.55 -22.46
N ASP B 374 -9.14 -1.30 -21.75
CA ASP B 374 -9.61 -2.49 -21.11
C ASP B 374 -10.44 -2.25 -19.85
N ALA B 375 -10.21 -1.14 -19.16
CA ALA B 375 -11.10 -0.77 -18.09
C ALA B 375 -12.56 -0.53 -18.57
N ILE B 376 -12.71 0.18 -19.70
CA ILE B 376 -14.04 0.43 -20.24
C ILE B 376 -14.67 -0.88 -20.69
N LEU B 377 -13.92 -1.65 -21.44
CA LEU B 377 -14.36 -3.01 -21.79
C LEU B 377 -14.68 -3.87 -20.60
N ALA B 378 -13.86 -3.85 -19.58
CA ALA B 378 -14.07 -4.69 -18.42
C ALA B 378 -15.31 -4.31 -17.67
N LEU B 379 -15.51 -3.02 -17.56
CA LEU B 379 -16.67 -2.48 -16.93
C LEU B 379 -17.87 -2.87 -17.69
N ASP B 380 -17.78 -2.83 -19.00
CA ASP B 380 -18.88 -3.21 -19.82
C ASP B 380 -19.26 -4.65 -19.63
N ALA B 381 -18.29 -5.51 -19.55
CA ALA B 381 -18.48 -6.94 -19.36
C ALA B 381 -18.99 -7.20 -17.98
N PHE B 382 -18.48 -6.45 -16.99
CA PHE B 382 -18.87 -6.71 -15.61
C PHE B 382 -20.29 -6.27 -15.46
N SER B 383 -20.64 -5.12 -16.02
CA SER B 383 -22.05 -4.67 -15.99
C SER B 383 -23.04 -5.63 -16.71
N ARG B 384 -22.64 -6.13 -17.89
CA ARG B 384 -23.41 -7.22 -18.63
C ARG B 384 -23.65 -8.51 -17.85
N SER B 385 -22.86 -8.79 -16.82
CA SER B 385 -23.09 -9.98 -16.00
C SER B 385 -23.99 -9.70 -14.78
N ILE B 386 -24.33 -8.45 -14.52
CA ILE B 386 -25.32 -8.14 -13.49
C ILE B 386 -26.64 -7.88 -14.20
N ALA C 25 11.86 -23.56 16.61
CA ALA C 25 12.43 -23.48 15.22
C ALA C 25 11.42 -22.95 14.20
N ARG C 26 11.90 -22.31 13.12
CA ARG C 26 11.06 -21.97 11.99
C ARG C 26 11.93 -21.74 10.71
N ALA C 27 11.33 -21.93 9.53
CA ALA C 27 12.02 -21.77 8.23
C ALA C 27 11.05 -21.20 7.21
N PHE C 28 11.59 -20.46 6.23
CA PHE C 28 10.83 -19.83 5.14
C PHE C 28 11.67 -20.01 3.90
N GLY C 29 11.05 -20.34 2.79
CA GLY C 29 11.73 -20.41 1.52
C GLY C 29 10.92 -19.76 0.41
N GLY C 30 11.59 -19.16 -0.55
CA GLY C 30 10.91 -18.71 -1.72
C GLY C 30 11.89 -18.49 -2.80
N PRO C 31 11.41 -18.08 -3.99
CA PRO C 31 12.37 -17.85 -5.06
C PRO C 31 13.19 -16.58 -4.82
N ASN C 32 14.34 -16.48 -5.48
CA ASN C 32 15.18 -15.34 -5.22
C ASN C 32 14.60 -14.10 -5.86
N LYS C 33 13.98 -14.24 -7.04
CA LYS C 33 13.30 -13.14 -7.76
C LYS C 33 11.97 -13.67 -8.31
N TYR C 34 10.95 -12.83 -8.24
CA TYR C 34 9.71 -13.05 -8.92
C TYR C 34 9.42 -11.75 -9.64
N ILE C 35 9.14 -11.84 -10.92
CA ILE C 35 8.90 -10.67 -11.72
C ILE C 35 7.69 -10.98 -12.57
N GLN C 36 6.74 -10.05 -12.59
CA GLN C 36 5.48 -10.21 -13.32
C GLN C 36 5.23 -8.95 -14.08
N ARG C 37 5.15 -9.06 -15.41
CA ARG C 37 4.88 -7.91 -16.28
C ARG C 37 4.58 -8.40 -17.70
N ALA C 38 3.65 -7.73 -18.39
CA ALA C 38 3.36 -8.04 -19.78
C ALA C 38 4.59 -7.88 -20.62
N GLY C 39 4.87 -8.83 -21.50
CA GLY C 39 5.99 -8.74 -22.43
C GLY C 39 7.28 -9.39 -21.94
N GLU C 40 7.30 -9.74 -20.66
CA GLU C 40 8.51 -10.25 -20.05
C GLU C 40 9.13 -11.47 -20.76
N ILE C 41 8.37 -12.25 -21.48
CA ILE C 41 8.93 -13.43 -22.07
C ILE C 41 10.07 -13.03 -22.98
N ASP C 42 9.98 -11.84 -23.54
CA ASP C 42 10.92 -11.42 -24.54
C ASP C 42 12.23 -11.04 -23.95
N LYS C 43 12.22 -10.80 -22.66
CA LYS C 43 13.35 -10.45 -21.85
C LYS C 43 13.83 -11.59 -21.02
N LEU C 44 13.30 -12.76 -21.23
CA LEU C 44 13.70 -13.87 -20.43
C LEU C 44 15.17 -14.20 -20.59
N ALA C 45 15.66 -14.23 -21.81
CA ALA C 45 17.11 -14.40 -22.04
C ALA C 45 17.96 -13.58 -21.05
N ALA C 46 17.63 -12.31 -20.86
CA ALA C 46 18.35 -11.44 -19.93
C ALA C 46 18.32 -11.79 -18.42
N TYR C 47 17.41 -12.68 -17.98
CA TYR C 47 17.41 -13.17 -16.59
C TYR C 47 18.20 -14.47 -16.49
N LEU C 48 18.41 -15.12 -17.63
CA LEU C 48 19.29 -16.28 -17.65
C LEU C 48 20.78 -15.89 -17.53
N ALA C 49 21.20 -14.83 -18.26
CA ALA C 49 22.62 -14.46 -18.36
C ALA C 49 23.37 -14.36 -17.01
N PRO C 50 22.79 -13.69 -15.98
CA PRO C 50 23.53 -13.65 -14.70
C PRO C 50 23.68 -14.98 -14.01
N LEU C 51 23.00 -16.01 -14.51
CA LEU C 51 22.93 -17.26 -13.77
C LEU C 51 23.81 -18.39 -14.29
N GLY C 52 24.37 -18.22 -15.48
CA GLY C 52 25.07 -19.32 -16.15
C GLY C 52 25.23 -19.00 -17.62
N LYS C 53 25.59 -20.01 -18.42
CA LYS C 53 26.12 -19.80 -19.78
C LYS C 53 25.48 -20.76 -20.74
N ARG C 54 25.01 -21.88 -20.21
CA ARG C 54 24.36 -22.91 -21.01
C ARG C 54 22.99 -23.21 -20.38
N ALA C 55 21.94 -22.61 -20.94
CA ALA C 55 20.57 -22.80 -20.49
C ALA C 55 19.82 -23.87 -21.29
N LEU C 56 19.11 -24.76 -20.59
CA LEU C 56 18.20 -25.67 -21.26
C LEU C 56 16.75 -25.23 -21.06
N VAL C 57 16.12 -24.75 -22.13
CA VAL C 57 14.77 -24.17 -22.08
C VAL C 57 13.71 -25.16 -22.48
N LEU C 58 13.04 -25.73 -21.48
CA LEU C 58 12.02 -26.75 -21.67
C LEU C 58 10.62 -26.12 -21.80
N ILE C 59 10.02 -26.22 -23.00
CA ILE C 59 8.74 -25.60 -23.35
C ILE C 59 7.62 -26.62 -23.64
N ASP C 60 6.41 -26.35 -23.14
CA ASP C 60 5.18 -27.04 -23.55
C ASP C 60 5.00 -27.02 -25.06
N ARG C 61 4.42 -28.09 -25.61
CA ARG C 61 4.33 -28.35 -27.06
C ARG C 61 3.58 -27.24 -27.83
N VAL C 62 2.39 -26.90 -27.34
CA VAL C 62 1.52 -25.94 -28.01
C VAL C 62 2.37 -24.69 -28.30
N LEU C 63 3.24 -24.33 -27.37
CA LEU C 63 4.01 -23.08 -27.52
C LEU C 63 5.45 -23.21 -27.96
N PHE C 64 5.95 -24.43 -28.15
CA PHE C 64 7.34 -24.63 -28.47
C PHE C 64 7.82 -23.73 -29.59
N ASP C 65 7.12 -23.77 -30.72
CA ASP C 65 7.54 -23.01 -31.89
C ASP C 65 7.62 -21.52 -31.64
N ALA C 66 6.50 -20.92 -31.26
CA ALA C 66 6.46 -19.48 -31.04
C ALA C 66 7.42 -19.01 -29.91
N LEU C 67 7.55 -19.79 -28.83
CA LEU C 67 8.37 -19.29 -27.73
C LEU C 67 9.85 -19.45 -27.95
N SER C 68 10.22 -20.52 -28.64
CA SER C 68 11.60 -20.72 -29.13
C SER C 68 12.10 -19.57 -30.04
N GLU C 69 11.26 -19.09 -30.98
CA GLU C 69 11.48 -17.86 -31.77
C GLU C 69 11.82 -16.69 -30.84
N ARG C 70 10.91 -16.37 -29.92
CA ARG C 70 11.01 -15.14 -29.11
C ARG C 70 12.12 -15.16 -28.04
N ILE C 71 12.36 -16.34 -27.47
CA ILE C 71 13.47 -16.46 -26.54
C ILE C 71 14.84 -16.33 -27.26
N GLY C 72 14.99 -16.97 -28.42
CA GLY C 72 16.20 -16.77 -29.25
C GLY C 72 15.99 -15.71 -30.32
N SER C 78 27.54 -14.54 -24.75
CA SER C 78 27.46 -14.70 -23.27
C SER C 78 26.63 -15.92 -22.85
N LEU C 79 25.47 -16.10 -23.49
CA LEU C 79 24.54 -17.18 -23.13
C LEU C 79 24.07 -18.07 -24.27
N ASP C 80 24.19 -19.38 -24.06
CA ASP C 80 23.80 -20.37 -25.03
C ASP C 80 22.59 -21.26 -24.60
N ILE C 81 21.58 -21.26 -25.44
CA ILE C 81 20.34 -21.97 -25.23
C ILE C 81 20.16 -23.21 -26.09
N ARG C 82 19.74 -24.31 -25.48
CA ARG C 82 19.14 -25.40 -26.21
C ARG C 82 17.67 -25.47 -25.79
N PHE C 83 16.79 -25.52 -26.77
CA PHE C 83 15.35 -25.66 -26.54
C PHE C 83 14.95 -27.10 -26.65
N GLU C 84 14.15 -27.59 -25.71
CA GLU C 84 13.59 -28.95 -25.80
C GLU C 84 12.06 -28.86 -25.79
N ARG C 85 11.37 -29.80 -26.44
CA ARG C 85 9.91 -29.88 -26.36
C ARG C 85 9.53 -30.75 -25.14
N PHE C 86 8.53 -30.32 -24.39
CA PHE C 86 8.01 -31.07 -23.23
C PHE C 86 6.91 -32.05 -23.66
N GLY C 87 7.04 -33.28 -23.17
CA GLY C 87 6.12 -34.37 -23.43
C GLY C 87 4.74 -34.22 -22.81
N GLY C 88 4.63 -33.54 -21.67
CA GLY C 88 3.31 -33.42 -21.06
C GLY C 88 3.16 -33.96 -19.68
N GLU C 89 3.97 -34.93 -19.29
CA GLU C 89 3.88 -35.49 -17.96
C GLU C 89 5.19 -35.34 -17.30
N CYS C 90 5.11 -35.15 -16.00
CA CYS C 90 6.27 -35.20 -15.15
C CYS C 90 6.26 -36.61 -14.56
N CYS C 91 6.90 -37.48 -15.28
CA CYS C 91 7.05 -38.88 -15.01
C CYS C 91 8.48 -39.19 -15.23
N THR C 92 8.94 -40.33 -14.73
CA THR C 92 10.34 -40.70 -14.78
C THR C 92 10.91 -40.84 -16.18
N SER C 93 10.17 -41.37 -17.13
CA SER C 93 10.68 -41.45 -18.47
C SER C 93 10.94 -40.07 -19.04
N GLU C 94 10.08 -39.12 -18.80
CA GLU C 94 10.35 -37.75 -19.25
C GLU C 94 11.40 -37.01 -18.46
N ILE C 95 11.42 -37.18 -17.14
CA ILE C 95 12.45 -36.55 -16.32
C ILE C 95 13.82 -37.02 -16.77
N GLU C 96 13.98 -38.35 -16.88
CA GLU C 96 15.26 -39.00 -17.20
C GLU C 96 15.65 -38.75 -18.65
N ARG C 97 14.67 -38.79 -19.55
CA ARG C 97 14.93 -38.36 -20.91
C ARG C 97 15.49 -36.94 -20.93
N VAL C 98 14.96 -36.06 -20.10
CA VAL C 98 15.29 -34.64 -20.22
C VAL C 98 16.64 -34.39 -19.52
N ARG C 99 16.90 -35.18 -18.49
CA ARG C 99 18.19 -35.14 -17.79
C ARG C 99 19.33 -35.55 -18.73
N LYS C 100 19.15 -36.63 -19.49
CA LYS C 100 20.16 -37.05 -20.46
C LYS C 100 20.48 -35.89 -21.42
N VAL C 101 19.48 -35.12 -21.82
CA VAL C 101 19.71 -33.96 -22.69
C VAL C 101 20.48 -32.80 -22.01
N ALA C 102 20.28 -32.62 -20.73
CA ALA C 102 21.01 -31.63 -19.97
C ALA C 102 22.46 -31.99 -19.79
N ILE C 103 22.72 -33.26 -19.52
CA ILE C 103 24.09 -33.71 -19.35
C ILE C 103 24.88 -33.55 -20.64
N GLU C 104 24.28 -33.82 -21.77
CA GLU C 104 24.96 -33.57 -23.02
C GLU C 104 25.26 -32.13 -23.30
N HIS C 105 24.32 -31.25 -23.03
CA HIS C 105 24.45 -29.83 -23.33
C HIS C 105 25.39 -29.16 -22.38
N GLY C 106 25.57 -29.84 -21.29
CA GLY C 106 26.34 -29.37 -20.15
C GLY C 106 25.62 -28.24 -19.45
N SER C 107 24.30 -28.34 -19.34
CA SER C 107 23.49 -27.17 -18.98
C SER C 107 23.79 -26.64 -17.58
N ASP C 108 23.84 -25.30 -17.50
CA ASP C 108 24.07 -24.48 -16.31
C ASP C 108 22.72 -24.07 -15.67
N ILE C 109 21.67 -24.09 -16.47
CA ILE C 109 20.42 -23.45 -16.13
C ILE C 109 19.27 -24.23 -16.72
N LEU C 110 18.35 -24.67 -15.88
CA LEU C 110 17.12 -25.30 -16.37
C LEU C 110 15.97 -24.30 -16.39
N VAL C 111 15.35 -24.11 -17.55
CA VAL C 111 14.21 -23.21 -17.67
C VAL C 111 12.95 -23.98 -17.97
N GLY C 112 12.00 -24.00 -17.01
CA GLY C 112 10.62 -24.48 -17.21
C GLY C 112 9.79 -23.38 -17.83
N VAL C 113 9.30 -23.61 -19.04
CA VAL C 113 8.40 -22.72 -19.77
C VAL C 113 7.11 -23.43 -20.19
N GLY C 114 6.12 -23.46 -19.31
CA GLY C 114 4.80 -24.09 -19.55
C GLY C 114 3.95 -23.97 -18.29
N GLY C 115 3.23 -25.05 -18.00
CA GLY C 115 2.43 -25.20 -16.77
C GLY C 115 3.27 -25.91 -15.70
N GLY C 116 2.62 -26.40 -14.66
CA GLY C 116 3.30 -26.89 -13.47
C GLY C 116 4.01 -28.23 -13.68
N LYS C 117 3.52 -29.02 -14.63
CA LYS C 117 4.26 -30.21 -15.00
C LYS C 117 5.58 -29.84 -15.66
N THR C 118 5.57 -28.87 -16.58
CA THR C 118 6.81 -28.45 -17.25
C THR C 118 7.75 -27.96 -16.18
N ALA C 119 7.17 -27.19 -15.26
CA ALA C 119 7.92 -26.51 -14.24
C ALA C 119 8.57 -27.51 -13.34
N ASP C 120 7.81 -28.53 -12.97
CA ASP C 120 8.28 -29.49 -12.00
C ASP C 120 9.34 -30.40 -12.64
N THR C 121 9.14 -30.67 -13.93
CA THR C 121 10.09 -31.43 -14.72
C THR C 121 11.46 -30.73 -14.68
N ALA C 122 11.50 -29.47 -15.05
CA ALA C 122 12.68 -28.64 -14.98
C ALA C 122 13.38 -28.64 -13.60
N LYS C 123 12.59 -28.55 -12.53
CA LYS C 123 13.13 -28.36 -11.22
C LYS C 123 13.88 -29.60 -10.85
N ILE C 124 13.23 -30.75 -11.05
CA ILE C 124 13.84 -32.04 -10.76
C ILE C 124 15.10 -32.32 -11.61
N VAL C 125 15.10 -31.89 -12.87
CA VAL C 125 16.32 -32.02 -13.66
C VAL C 125 17.43 -31.12 -13.10
N ALA C 126 17.12 -29.86 -12.82
CA ALA C 126 18.15 -28.98 -12.31
C ALA C 126 18.78 -29.56 -11.04
N ILE C 127 17.96 -30.08 -10.14
CA ILE C 127 18.52 -30.57 -8.90
C ILE C 127 19.44 -31.76 -9.18
N ASP C 128 18.97 -32.71 -9.99
CA ASP C 128 19.77 -33.86 -10.45
C ASP C 128 21.04 -33.49 -11.20
N THR C 129 21.12 -32.25 -11.65
CA THR C 129 22.14 -31.82 -12.58
C THR C 129 23.00 -30.75 -11.93
N GLY C 130 22.63 -30.38 -10.70
CA GLY C 130 23.20 -29.18 -10.04
C GLY C 130 23.14 -27.86 -10.84
N ALA C 131 22.24 -27.76 -11.85
CA ALA C 131 21.89 -26.49 -12.55
C ALA C 131 21.01 -25.49 -11.76
N ARG C 132 21.07 -24.22 -12.11
CA ARG C 132 20.11 -23.25 -11.56
C ARG C 132 18.75 -23.38 -12.22
N ILE C 133 17.74 -22.80 -11.55
CA ILE C 133 16.32 -22.93 -11.93
C ILE C 133 15.63 -21.61 -12.21
N VAL C 134 15.07 -21.49 -13.40
CA VAL C 134 14.24 -20.38 -13.74
C VAL C 134 12.95 -20.93 -14.29
N ILE C 135 11.82 -20.41 -13.78
CA ILE C 135 10.51 -20.80 -14.28
C ILE C 135 9.85 -19.59 -14.93
N ALA C 136 9.26 -19.84 -16.08
CA ALA C 136 8.57 -18.81 -16.86
C ALA C 136 7.18 -19.36 -17.20
N PRO C 137 6.16 -19.15 -16.32
CA PRO C 137 4.93 -19.87 -16.58
C PRO C 137 4.19 -19.27 -17.71
N THR C 138 3.50 -20.08 -18.49
CA THR C 138 2.72 -19.59 -19.63
C THR C 138 1.20 -19.61 -19.31
N ILE C 139 0.85 -20.29 -18.25
CA ILE C 139 -0.49 -20.24 -17.66
C ILE C 139 -0.35 -20.03 -16.13
N ALA C 140 -1.41 -19.56 -15.48
CA ALA C 140 -1.41 -19.29 -14.03
C ALA C 140 -2.38 -20.26 -13.47
N SER C 141 -2.05 -21.53 -13.60
CA SER C 141 -3.01 -22.57 -13.33
C SER C 141 -2.65 -23.37 -12.10
N THR C 142 -1.43 -23.20 -11.57
CA THR C 142 -1.03 -23.88 -10.34
C THR C 142 0.06 -23.10 -9.62
N ASP C 143 0.37 -23.55 -8.41
CA ASP C 143 1.27 -22.86 -7.52
C ASP C 143 2.66 -23.43 -7.64
N ALA C 144 2.83 -24.42 -8.52
CA ALA C 144 4.16 -25.02 -8.78
C ALA C 144 5.30 -24.01 -9.12
N PRO C 145 5.00 -22.91 -9.81
CA PRO C 145 6.20 -22.19 -10.26
C PRO C 145 7.12 -21.58 -9.19
N CYS C 146 6.65 -21.38 -7.95
CA CYS C 146 7.46 -20.72 -6.94
C CYS C 146 8.14 -21.65 -5.92
N SER C 147 7.61 -22.86 -5.77
CA SER C 147 7.96 -23.74 -4.64
C SER C 147 9.11 -24.74 -4.87
N ALA C 148 9.62 -25.26 -3.76
CA ALA C 148 10.62 -26.33 -3.73
C ALA C 148 9.98 -27.71 -3.91
N ILE C 149 8.71 -27.73 -4.26
CA ILE C 149 8.00 -28.99 -4.38
C ILE C 149 7.78 -29.31 -5.85
N ALA C 150 8.25 -30.49 -6.26
CA ALA C 150 7.92 -31.02 -7.58
C ALA C 150 7.11 -32.26 -7.35
N VAL C 151 6.02 -32.44 -8.11
CA VAL C 151 5.19 -33.64 -7.99
C VAL C 151 5.33 -34.55 -9.21
N ARG C 152 5.83 -35.77 -9.00
CA ARG C 152 5.94 -36.78 -10.07
C ARG C 152 4.73 -37.69 -10.14
N TYR C 153 4.20 -37.85 -11.35
CA TYR C 153 3.04 -38.69 -11.63
C TYR C 153 3.47 -39.92 -12.45
N THR C 154 2.70 -41.01 -12.42
CA THR C 154 2.94 -42.10 -13.38
C THR C 154 2.72 -41.57 -14.79
N GLU C 155 3.23 -42.27 -15.80
CA GLU C 155 3.15 -41.83 -17.21
C GLU C 155 1.71 -41.61 -17.68
N HIS C 156 0.76 -42.06 -16.86
CA HIS C 156 -0.70 -41.90 -17.09
C HIS C 156 -1.30 -40.71 -16.33
N GLY C 157 -0.55 -40.18 -15.36
CA GLY C 157 -1.02 -39.05 -14.57
C GLY C 157 -1.62 -39.44 -13.24
N VAL C 158 -1.20 -40.60 -12.72
CA VAL C 158 -1.58 -41.00 -11.39
C VAL C 158 -0.46 -40.49 -10.51
N TYR C 159 -0.86 -39.93 -9.37
CA TYR C 159 0.09 -39.40 -8.44
C TYR C 159 1.06 -40.49 -8.05
N GLU C 160 2.35 -40.21 -8.14
CA GLU C 160 3.35 -41.09 -7.55
C GLU C 160 3.98 -40.43 -6.33
N GLU C 161 4.54 -39.23 -6.47
CA GLU C 161 5.40 -38.71 -5.43
C GLU C 161 5.66 -37.21 -5.53
N ALA C 162 5.58 -36.56 -4.38
CA ALA C 162 5.85 -35.16 -4.24
C ALA C 162 7.25 -35.10 -3.72
N LEU C 163 8.18 -34.63 -4.54
CA LEU C 163 9.57 -34.57 -4.10
C LEU C 163 9.84 -33.24 -3.45
N ARG C 164 10.30 -33.26 -2.20
CA ARG C 164 10.78 -32.02 -1.56
C ARG C 164 12.19 -31.74 -2.05
N LEU C 165 12.37 -30.70 -2.87
CA LEU C 165 13.68 -30.34 -3.38
C LEU C 165 14.45 -29.47 -2.39
N PRO C 166 15.80 -29.46 -2.46
CA PRO C 166 16.58 -28.67 -1.51
C PRO C 166 16.72 -27.14 -1.82
N ARG C 167 16.39 -26.74 -3.07
CA ARG C 167 16.44 -25.35 -3.54
C ARG C 167 15.04 -24.90 -4.01
N ASN C 168 14.73 -23.60 -3.87
CA ASN C 168 13.65 -22.97 -4.61
C ASN C 168 14.15 -22.41 -5.96
N PRO C 169 13.26 -21.96 -6.87
CA PRO C 169 13.77 -21.35 -8.11
C PRO C 169 14.66 -20.12 -7.91
N ASP C 170 15.57 -19.86 -8.83
CA ASP C 170 16.34 -18.63 -8.73
C ASP C 170 15.53 -17.42 -9.22
N ALA C 171 14.66 -17.65 -10.20
CA ALA C 171 13.85 -16.60 -10.74
C ALA C 171 12.57 -17.19 -11.30
N VAL C 172 11.49 -16.44 -11.16
CA VAL C 172 10.17 -16.77 -11.71
C VAL C 172 9.81 -15.52 -12.47
N VAL C 173 9.48 -15.72 -13.74
CA VAL C 173 9.34 -14.67 -14.69
C VAL C 173 7.96 -14.86 -15.35
N VAL C 174 7.04 -14.00 -14.99
CA VAL C 174 5.69 -14.22 -15.36
C VAL C 174 5.31 -13.16 -16.34
N ASP C 175 4.97 -13.58 -17.55
CA ASP C 175 4.54 -12.66 -18.57
C ASP C 175 2.98 -12.50 -18.61
N SER C 176 2.49 -11.47 -17.93
CA SER C 176 1.06 -11.25 -17.71
C SER C 176 0.25 -11.34 -18.98
N ALA C 177 0.78 -10.83 -20.09
CA ALA C 177 0.03 -10.87 -21.34
C ALA C 177 -0.03 -12.27 -21.85
N LEU C 178 1.06 -12.99 -21.71
CA LEU C 178 1.10 -14.37 -22.15
C LEU C 178 0.11 -15.16 -21.33
N VAL C 179 0.18 -15.02 -20.01
CA VAL C 179 -0.78 -15.75 -19.16
C VAL C 179 -2.26 -15.40 -19.42
N ALA C 180 -2.55 -14.10 -19.61
CA ALA C 180 -3.92 -13.64 -19.75
C ALA C 180 -4.58 -14.08 -21.06
N ALA C 181 -3.81 -14.14 -22.14
CA ALA C 181 -4.41 -14.48 -23.43
C ALA C 181 -4.79 -15.99 -23.55
N ALA C 182 -4.31 -16.83 -22.62
CA ALA C 182 -4.72 -18.27 -22.53
C ALA C 182 -6.23 -18.38 -22.29
N PRO C 183 -6.88 -19.51 -22.67
CA PRO C 183 -8.33 -19.61 -22.39
C PRO C 183 -8.68 -19.46 -20.88
N ALA C 184 -9.74 -18.75 -20.56
CA ALA C 184 -10.15 -18.46 -19.16
C ALA C 184 -10.05 -19.65 -18.20
N ARG C 185 -10.48 -20.81 -18.68
CA ARG C 185 -10.40 -22.04 -17.89
C ARG C 185 -9.09 -22.19 -17.09
N PHE C 186 -7.95 -21.77 -17.64
CA PHE C 186 -6.67 -21.96 -16.93
C PHE C 186 -6.47 -21.02 -15.75
N LEU C 187 -6.90 -19.77 -15.87
CA LEU C 187 -6.86 -18.85 -14.75
C LEU C 187 -7.80 -19.34 -13.63
N VAL C 188 -9.02 -19.76 -14.01
CA VAL C 188 -9.98 -20.35 -13.07
C VAL C 188 -9.37 -21.60 -12.38
N ALA C 189 -8.71 -22.47 -13.14
CA ALA C 189 -8.12 -23.65 -12.47
C ALA C 189 -7.08 -23.16 -11.46
N GLY C 190 -6.40 -22.05 -11.78
CA GLY C 190 -5.46 -21.40 -10.87
C GLY C 190 -6.04 -20.86 -9.57
N ILE C 191 -7.18 -20.18 -9.68
CA ILE C 191 -7.99 -19.72 -8.53
C ILE C 191 -8.37 -20.95 -7.67
N GLY C 192 -8.89 -21.99 -8.34
CA GLY C 192 -9.08 -23.30 -7.70
C GLY C 192 -7.92 -23.80 -6.83
N ASP C 193 -6.69 -23.70 -7.35
CA ASP C 193 -5.53 -24.24 -6.64
C ASP C 193 -5.13 -23.33 -5.51
N ALA C 194 -5.30 -22.04 -5.73
CA ALA C 194 -4.90 -21.03 -4.77
C ALA C 194 -5.85 -21.01 -3.62
N LEU C 195 -7.05 -21.51 -3.87
CA LEU C 195 -8.10 -21.53 -2.90
C LEU C 195 -7.74 -22.46 -1.76
N SER C 196 -6.91 -23.46 -2.01
CA SER C 196 -6.59 -24.37 -0.94
C SER C 196 -5.67 -23.73 0.07
N THR C 197 -4.99 -22.65 -0.32
CA THR C 197 -3.84 -22.16 0.44
C THR C 197 -4.14 -21.80 1.89
N TRP C 198 -5.01 -20.82 2.11
CA TRP C 198 -5.34 -20.43 3.43
C TRP C 198 -5.93 -21.61 4.20
N PHE C 199 -6.84 -22.36 3.59
CA PHE C 199 -7.51 -23.42 4.35
C PHE C 199 -6.58 -24.57 4.75
N GLU C 200 -5.67 -24.93 3.85
CA GLU C 200 -4.61 -25.89 4.18
C GLU C 200 -3.64 -25.39 5.26
N ALA C 201 -3.24 -24.11 5.18
CA ALA C 201 -2.38 -23.49 6.21
C ALA C 201 -3.04 -23.53 7.57
N ARG C 202 -4.35 -23.32 7.61
CA ARG C 202 -5.06 -23.31 8.88
C ARG C 202 -5.07 -24.76 9.40
N SER C 203 -5.33 -25.72 8.50
CA SER C 203 -5.18 -27.14 8.90
C SER C 203 -3.81 -27.41 9.53
N ASN C 204 -2.74 -27.00 8.85
CA ASN C 204 -1.39 -27.20 9.39
C ASN C 204 -1.09 -26.47 10.69
N ILE C 205 -1.49 -25.21 10.79
CA ILE C 205 -1.38 -24.48 12.04
C ILE C 205 -2.15 -25.12 13.21
N GLU C 206 -3.22 -25.87 12.94
CA GLU C 206 -3.99 -26.39 14.08
C GLU C 206 -3.51 -27.79 14.50
N SER C 207 -2.80 -28.47 13.61
CA SER C 207 -2.22 -29.76 13.95
C SER C 207 -0.74 -29.63 14.30
N ARG C 208 -0.19 -28.43 14.14
CA ARG C 208 1.28 -28.15 14.31
C ARG C 208 2.19 -29.19 13.59
N THR C 209 1.83 -29.45 12.34
CA THR C 209 2.62 -30.30 11.44
C THR C 209 3.57 -29.37 10.67
N ASP C 210 4.63 -29.92 10.12
CA ASP C 210 5.65 -29.12 9.46
C ASP C 210 5.44 -28.86 8.00
N ASN C 211 5.83 -27.66 7.61
CA ASN C 211 5.78 -27.18 6.26
C ASN C 211 6.90 -27.83 5.52
N TYR C 212 6.80 -27.90 4.22
CA TYR C 212 7.84 -28.51 3.44
C TYR C 212 9.01 -27.58 3.33
N GLY C 215 14.40 -29.29 5.45
CA GLY C 215 13.83 -28.05 4.89
C GLY C 215 12.37 -27.76 5.28
N GLY C 216 11.82 -28.66 6.14
CA GLY C 216 10.50 -28.61 6.81
C GLY C 216 10.50 -28.34 8.34
N PHE C 217 9.98 -27.17 8.74
CA PHE C 217 9.97 -26.70 10.13
C PHE C 217 8.57 -26.20 10.40
N PRO C 218 8.27 -25.75 11.64
CA PRO C 218 7.00 -25.00 11.75
C PRO C 218 6.97 -23.77 10.84
N ALA C 219 5.78 -23.37 10.44
CA ALA C 219 5.55 -22.18 9.64
C ALA C 219 6.05 -20.88 10.32
N THR C 220 6.71 -20.08 9.50
CA THR C 220 7.11 -18.69 9.79
C THR C 220 5.86 -17.75 9.87
N GLU C 221 5.94 -16.67 10.63
CA GLU C 221 4.84 -15.70 10.55
C GLU C 221 4.58 -15.19 9.14
N ALA C 222 5.65 -15.02 8.37
CA ALA C 222 5.57 -14.51 7.01
C ALA C 222 4.74 -15.45 6.23
N GLY C 223 4.97 -16.74 6.43
CA GLY C 223 4.26 -17.78 5.71
C GLY C 223 2.77 -17.68 5.98
N MSE C 224 2.38 -17.69 7.25
CA MSE C 224 0.98 -17.59 7.61
C MSE C 224 0.33 -16.32 7.05
O MSE C 224 -0.72 -16.40 6.47
CB MSE C 224 0.80 -17.66 9.14
CG MSE C 224 0.95 -19.10 9.69
SE MSE C 224 1.44 -19.04 11.60
CE MSE C 224 1.75 -20.96 12.01
N ALA C 225 0.98 -15.16 7.22
CA ALA C 225 0.44 -13.94 6.66
C ALA C 225 0.30 -14.01 5.14
N ILE C 226 1.24 -14.65 4.44
CA ILE C 226 1.05 -14.81 3.01
C ILE C 226 -0.21 -15.63 2.65
N ALA C 227 -0.32 -16.77 3.34
CA ALA C 227 -1.40 -17.69 3.09
C ALA C 227 -2.75 -16.95 3.28
N ARG C 228 -2.86 -16.21 4.37
CA ARG C 228 -4.12 -15.58 4.72
C ARG C 228 -4.41 -14.56 3.67
N HIS C 229 -3.42 -13.80 3.25
CA HIS C 229 -3.64 -12.76 2.29
C HIS C 229 -4.10 -13.29 0.93
N CYS C 230 -3.60 -14.45 0.58
CA CYS C 230 -3.97 -15.14 -0.64
C CYS C 230 -5.50 -15.31 -0.76
N GLN C 231 -6.16 -15.73 0.32
CA GLN C 231 -7.63 -15.84 0.36
C GLN C 231 -8.35 -14.53 0.14
N ASP C 232 -7.85 -13.44 0.70
CA ASP C 232 -8.46 -12.14 0.51
C ASP C 232 -8.31 -11.60 -0.91
N VAL C 233 -7.18 -11.88 -1.55
CA VAL C 233 -6.96 -11.38 -2.91
C VAL C 233 -7.90 -12.11 -3.87
N LEU C 234 -8.11 -13.41 -3.63
CA LEU C 234 -8.98 -14.23 -4.40
C LEU C 234 -10.40 -13.76 -4.28
N THR C 235 -10.89 -13.55 -3.07
CA THR C 235 -12.24 -13.12 -2.90
C THR C 235 -12.49 -11.72 -3.45
N ARG C 236 -11.55 -10.83 -3.27
CA ARG C 236 -11.70 -9.51 -3.81
C ARG C 236 -11.72 -9.46 -5.33
N ASP C 237 -10.85 -10.20 -5.96
CA ASP C 237 -10.63 -10.09 -7.37
C ASP C 237 -11.03 -11.19 -8.33
N ALA C 238 -11.43 -12.33 -7.84
CA ALA C 238 -11.61 -13.50 -8.68
C ALA C 238 -12.66 -13.33 -9.75
N VAL C 239 -13.87 -12.93 -9.37
CA VAL C 239 -14.95 -12.73 -10.34
C VAL C 239 -14.59 -11.63 -11.35
N LYS C 240 -13.84 -10.62 -10.90
CA LYS C 240 -13.46 -9.50 -11.77
C LYS C 240 -12.48 -9.97 -12.85
N ALA C 241 -11.50 -10.78 -12.43
CA ALA C 241 -10.50 -11.36 -13.31
C ALA C 241 -11.16 -12.28 -14.35
N LYS C 242 -12.11 -13.07 -13.89
CA LYS C 242 -12.65 -14.10 -14.73
C LYS C 242 -13.41 -13.45 -15.85
N ILE C 243 -14.30 -12.57 -15.46
CA ILE C 243 -14.96 -11.70 -16.42
C ILE C 243 -13.97 -11.00 -17.37
N ALA C 244 -12.87 -10.49 -16.83
CA ALA C 244 -11.89 -9.81 -17.68
C ALA C 244 -11.29 -10.76 -18.71
N VAL C 245 -10.92 -11.99 -18.29
CA VAL C 245 -10.16 -12.86 -19.25
C VAL C 245 -11.08 -13.48 -20.26
N GLU C 246 -12.31 -13.67 -19.87
CA GLU C 246 -13.32 -14.12 -20.79
C GLU C 246 -13.66 -13.14 -21.88
N ALA C 247 -13.37 -11.86 -21.67
CA ALA C 247 -13.52 -10.87 -22.73
C ALA C 247 -12.16 -10.57 -23.42
N GLY C 248 -11.14 -11.39 -23.13
CA GLY C 248 -9.80 -11.19 -23.74
C GLY C 248 -9.01 -9.98 -23.30
N LEU C 249 -9.25 -9.54 -22.05
CA LEU C 249 -8.64 -8.31 -21.48
C LEU C 249 -7.62 -8.64 -20.39
N LEU C 250 -6.64 -7.78 -20.20
CA LEU C 250 -5.74 -7.81 -19.05
C LEU C 250 -6.00 -6.56 -18.21
N THR C 251 -6.40 -6.73 -16.96
CA THR C 251 -6.60 -5.64 -16.05
C THR C 251 -5.88 -5.85 -14.71
N PRO C 252 -5.94 -4.86 -13.80
CA PRO C 252 -5.32 -5.04 -12.48
C PRO C 252 -5.92 -6.19 -11.66
N ALA C 253 -7.20 -6.45 -11.81
CA ALA C 253 -7.81 -7.65 -11.23
C ALA C 253 -7.17 -8.94 -11.74
N VAL C 254 -6.95 -9.04 -13.05
CA VAL C 254 -6.21 -10.17 -13.62
C VAL C 254 -4.79 -10.29 -13.05
N GLU C 255 -4.08 -9.18 -13.02
CA GLU C 255 -2.72 -9.16 -12.51
C GLU C 255 -2.71 -9.60 -11.04
N ASN C 256 -3.70 -9.15 -10.25
CA ASN C 256 -3.74 -9.61 -8.86
C ASN C 256 -3.95 -11.12 -8.75
N ILE C 257 -4.81 -11.66 -9.60
CA ILE C 257 -5.11 -13.08 -9.58
C ILE C 257 -3.90 -13.89 -10.06
N ILE C 258 -3.22 -13.38 -11.07
CA ILE C 258 -2.00 -14.01 -11.54
C ILE C 258 -0.99 -14.08 -10.42
N GLU C 259 -0.80 -13.00 -9.68
CA GLU C 259 0.08 -13.03 -8.53
C GLU C 259 -0.43 -14.00 -7.51
N ALA C 260 -1.72 -13.96 -7.19
CA ALA C 260 -2.25 -14.85 -6.16
C ALA C 260 -2.12 -16.33 -6.51
N ASN C 261 -2.47 -16.68 -7.75
CA ASN C 261 -2.27 -18.04 -8.29
C ASN C 261 -0.82 -18.57 -8.30
N THR C 262 0.15 -17.66 -8.37
CA THR C 262 1.55 -18.05 -8.47
C THR C 262 2.33 -17.69 -7.23
N LEU C 263 2.53 -16.41 -6.98
CA LEU C 263 3.44 -16.04 -5.87
C LEU C 263 2.78 -16.34 -4.52
N LEU C 264 1.54 -15.89 -4.32
CA LEU C 264 0.90 -16.03 -3.02
C LEU C 264 0.59 -17.48 -2.68
N SER C 265 0.02 -18.17 -3.64
CA SER C 265 -0.31 -19.54 -3.43
C SER C 265 0.94 -20.38 -3.18
N GLY C 266 2.01 -20.10 -3.94
CA GLY C 266 3.22 -20.87 -3.84
C GLY C 266 3.93 -20.70 -2.53
N LEU C 267 4.12 -19.47 -2.13
CA LEU C 267 4.75 -19.20 -0.84
C LEU C 267 3.97 -19.70 0.35
N GLY C 268 2.64 -19.63 0.29
CA GLY C 268 1.80 -20.12 1.38
C GLY C 268 1.93 -21.63 1.56
N PHE C 269 1.83 -22.38 0.47
CA PHE C 269 1.78 -23.81 0.47
C PHE C 269 3.10 -24.36 0.97
N GLU C 270 4.22 -23.85 0.47
CA GLU C 270 5.52 -24.39 0.94
C GLU C 270 5.84 -24.07 2.41
N ASN C 271 5.50 -22.83 2.79
CA ASN C 271 5.88 -22.25 4.05
C ASN C 271 4.89 -22.62 5.14
N CYS C 272 3.71 -23.10 4.77
CA CYS C 272 2.70 -23.48 5.77
C CYS C 272 2.33 -24.98 5.73
N GLY C 273 2.49 -25.61 4.57
CA GLY C 273 2.11 -26.99 4.42
C GLY C 273 0.78 -27.16 3.70
N CYS C 274 0.59 -28.39 3.21
CA CYS C 274 -0.62 -28.87 2.54
C CYS C 274 -1.33 -29.83 3.46
N SER C 275 -2.46 -30.34 3.02
CA SER C 275 -3.38 -30.99 3.92
C SER C 275 -4.28 -31.91 3.12
N ALA C 276 -5.47 -32.14 3.65
CA ALA C 276 -6.48 -32.93 2.98
C ALA C 276 -6.86 -32.45 1.61
N ALA C 277 -6.74 -31.14 1.33
CA ALA C 277 -7.19 -30.68 -0.01
C ALA C 277 -6.33 -31.28 -1.12
N HIS C 278 -5.01 -31.17 -0.97
CA HIS C 278 -4.11 -31.80 -1.95
C HIS C 278 -4.08 -33.34 -1.79
N GLY C 279 -4.24 -33.84 -0.58
CA GLY C 279 -4.35 -35.32 -0.39
C GLY C 279 -5.50 -35.92 -1.19
N ILE C 280 -6.64 -35.25 -1.14
CA ILE C 280 -7.84 -35.69 -1.84
C ILE C 280 -7.62 -35.54 -3.35
N HIS C 281 -7.03 -34.41 -3.76
CA HIS C 281 -6.55 -34.26 -5.13
C HIS C 281 -5.78 -35.50 -5.58
N ASP C 282 -4.88 -35.98 -4.72
CA ASP C 282 -3.88 -36.96 -5.11
C ASP C 282 -4.58 -38.25 -5.19
N GLY C 283 -5.63 -38.37 -4.38
CA GLY C 283 -6.43 -39.58 -4.28
C GLY C 283 -7.32 -39.65 -5.47
N LEU C 284 -7.85 -38.49 -5.87
CA LEU C 284 -8.68 -38.40 -7.06
C LEU C 284 -7.98 -38.88 -8.31
N THR C 285 -6.66 -38.66 -8.44
CA THR C 285 -5.92 -39.15 -9.64
C THR C 285 -6.08 -40.64 -9.95
N VAL C 286 -6.29 -41.52 -8.94
CA VAL C 286 -6.49 -42.95 -9.24
C VAL C 286 -7.70 -43.27 -10.10
N LEU C 287 -8.52 -42.29 -10.44
CA LEU C 287 -9.74 -42.62 -11.19
C LEU C 287 -9.63 -42.10 -12.58
N GLU C 288 -9.72 -42.99 -13.57
CA GLU C 288 -9.55 -42.59 -14.99
C GLU C 288 -10.42 -41.42 -15.42
N GLU C 289 -11.63 -41.31 -14.91
CA GLU C 289 -12.54 -40.32 -15.53
C GLU C 289 -12.31 -38.92 -15.07
N VAL C 290 -11.28 -38.74 -14.28
CA VAL C 290 -10.96 -37.44 -13.72
C VAL C 290 -9.76 -36.87 -14.51
N HIS C 291 -9.12 -37.73 -15.30
CA HIS C 291 -7.87 -37.37 -16.00
C HIS C 291 -7.98 -36.05 -16.76
N GLY C 292 -9.07 -35.81 -17.50
CA GLY C 292 -9.21 -34.58 -18.26
C GLY C 292 -9.44 -33.27 -17.49
N TYR C 293 -9.60 -33.34 -16.16
CA TYR C 293 -9.79 -32.13 -15.38
C TYR C 293 -8.46 -31.52 -14.90
N PHE C 294 -8.41 -30.19 -14.81
CA PHE C 294 -7.22 -29.47 -14.37
C PHE C 294 -6.89 -29.69 -12.89
N HIS C 295 -5.60 -29.75 -12.57
CA HIS C 295 -5.14 -29.89 -11.18
C HIS C 295 -5.99 -29.03 -10.19
N GLY C 296 -6.22 -27.76 -10.54
CA GLY C 296 -6.86 -26.79 -9.67
C GLY C 296 -8.34 -27.03 -9.51
N GLU C 297 -8.99 -27.50 -10.58
CA GLU C 297 -10.36 -27.97 -10.50
C GLU C 297 -10.49 -29.10 -9.48
N LYS C 298 -9.57 -30.06 -9.50
CA LYS C 298 -9.50 -31.13 -8.47
C LYS C 298 -9.23 -30.59 -7.07
N VAL C 299 -8.28 -29.66 -6.98
CA VAL C 299 -7.93 -29.07 -5.68
C VAL C 299 -9.09 -28.18 -5.13
N ALA C 300 -9.84 -27.54 -6.00
CA ALA C 300 -10.96 -26.74 -5.57
C ALA C 300 -12.00 -27.62 -4.91
N PHE C 301 -12.38 -28.71 -5.58
CA PHE C 301 -13.23 -29.72 -4.94
C PHE C 301 -12.66 -30.24 -3.62
N GLY C 302 -11.38 -30.60 -3.60
CA GLY C 302 -10.79 -31.11 -2.36
C GLY C 302 -10.79 -30.14 -1.17
N THR C 303 -10.62 -28.84 -1.45
CA THR C 303 -10.72 -27.81 -0.44
C THR C 303 -12.12 -27.91 0.18
N LEU C 304 -13.16 -28.03 -0.63
CA LEU C 304 -14.49 -28.03 -0.07
C LEU C 304 -14.69 -29.29 0.77
N CYS C 305 -14.08 -30.41 0.37
CA CYS C 305 -14.15 -31.63 1.17
C CYS C 305 -13.35 -31.45 2.45
N LEU C 306 -12.30 -30.63 2.41
CA LEU C 306 -11.46 -30.45 3.62
C LEU C 306 -12.34 -29.84 4.71
N LEU C 307 -13.13 -28.87 4.30
CA LEU C 307 -13.99 -28.14 5.17
C LEU C 307 -15.03 -29.06 5.79
N MSE C 308 -15.56 -29.98 5.00
CA MSE C 308 -16.48 -30.96 5.53
C MSE C 308 -15.77 -31.93 6.48
O MSE C 308 -16.24 -32.17 7.58
CB MSE C 308 -17.23 -31.64 4.39
CG MSE C 308 -18.33 -32.51 4.85
SE MSE C 308 -19.80 -31.61 5.86
CE MSE C 308 -20.77 -30.75 4.35
N LEU C 309 -14.60 -32.42 6.11
CA LEU C 309 -13.81 -33.30 6.95
C LEU C 309 -13.51 -32.67 8.33
N GLU C 310 -13.26 -31.37 8.35
CA GLU C 310 -12.97 -30.67 9.57
C GLU C 310 -14.22 -30.20 10.26
N ASN C 311 -15.36 -30.49 9.66
CA ASN C 311 -16.64 -30.06 10.16
C ASN C 311 -16.79 -28.55 10.42
N ARG C 312 -16.32 -27.75 9.48
CA ARG C 312 -16.39 -26.31 9.63
C ARG C 312 -17.84 -25.85 9.54
N ASP C 313 -18.05 -24.60 9.97
CA ASP C 313 -19.34 -23.93 9.85
C ASP C 313 -20.10 -24.12 8.55
N ARG C 314 -21.33 -24.55 8.65
CA ARG C 314 -22.26 -24.54 7.55
C ARG C 314 -22.12 -23.33 6.61
N ALA C 315 -21.98 -22.15 7.20
CA ALA C 315 -21.96 -20.90 6.46
C ALA C 315 -20.62 -20.71 5.71
N GLU C 316 -19.51 -21.07 6.33
CA GLU C 316 -18.24 -21.04 5.66
C GLU C 316 -18.25 -21.99 4.48
N ILE C 317 -18.81 -23.21 4.66
CA ILE C 317 -18.85 -24.20 3.57
C ILE C 317 -19.72 -23.70 2.46
N GLU C 318 -20.90 -23.24 2.81
CA GLU C 318 -21.82 -22.72 1.82
C GLU C 318 -21.22 -21.55 1.01
N ALA C 319 -20.57 -20.63 1.68
CA ALA C 319 -20.08 -19.51 0.96
C ALA C 319 -18.94 -19.97 0.03
N MSE C 320 -18.16 -20.98 0.44
CA MSE C 320 -17.10 -21.48 -0.44
C MSE C 320 -17.65 -22.23 -1.65
O MSE C 320 -17.12 -22.10 -2.77
CB MSE C 320 -16.11 -22.27 0.34
CG MSE C 320 -15.31 -21.39 1.30
SE MSE C 320 -14.21 -20.05 0.31
CE MSE C 320 -15.35 -18.38 0.57
N ILE C 321 -18.76 -22.96 -1.43
CA ILE C 321 -19.45 -23.58 -2.53
C ILE C 321 -19.95 -22.52 -3.53
N ARG C 322 -20.44 -21.39 -2.99
CA ARG C 322 -21.05 -20.33 -3.80
C ARG C 322 -19.97 -19.52 -4.50
N PHE C 323 -18.85 -19.38 -3.86
CA PHE C 323 -17.74 -18.73 -4.48
C PHE C 323 -17.20 -19.54 -5.65
N CYS C 324 -17.02 -20.84 -5.43
CA CYS C 324 -16.64 -21.80 -6.49
C CYS C 324 -17.58 -21.84 -7.67
N ARG C 325 -18.88 -21.81 -7.42
CA ARG C 325 -19.84 -21.84 -8.53
C ARG C 325 -19.79 -20.55 -9.32
N SER C 326 -19.56 -19.42 -8.63
CA SER C 326 -19.56 -18.11 -9.29
C SER C 326 -18.40 -17.92 -10.31
N VAL C 327 -17.32 -18.69 -10.14
CA VAL C 327 -16.28 -18.64 -11.14
C VAL C 327 -16.33 -19.89 -12.00
N GLY C 328 -17.18 -20.85 -11.66
CA GLY C 328 -17.38 -22.03 -12.49
C GLY C 328 -16.49 -23.19 -12.09
N LEU C 329 -16.00 -23.21 -10.86
CA LEU C 329 -15.24 -24.34 -10.34
C LEU C 329 -16.21 -25.43 -9.83
N PRO C 330 -15.74 -26.69 -9.79
CA PRO C 330 -16.63 -27.78 -9.48
C PRO C 330 -16.95 -27.86 -8.00
N THR C 331 -18.19 -28.23 -7.66
CA THR C 331 -18.61 -28.32 -6.27
C THR C 331 -19.36 -29.60 -5.91
N LYS C 332 -19.60 -30.44 -6.90
CA LYS C 332 -20.28 -31.74 -6.76
C LYS C 332 -19.41 -32.73 -7.48
N LEU C 333 -19.49 -33.99 -7.08
CA LEU C 333 -18.75 -35.11 -7.73
C LEU C 333 -19.09 -35.19 -9.22
N ALA C 334 -20.35 -34.95 -9.56
CA ALA C 334 -20.77 -34.92 -10.94
C ALA C 334 -20.03 -33.85 -11.76
N ASP C 335 -19.41 -32.85 -11.10
CA ASP C 335 -18.72 -31.79 -11.83
C ASP C 335 -17.33 -32.23 -12.28
N LEU C 336 -16.85 -33.31 -11.65
CA LEU C 336 -15.63 -33.99 -12.03
C LEU C 336 -16.01 -35.32 -12.68
N GLY C 337 -17.27 -35.41 -13.11
CA GLY C 337 -17.75 -36.49 -13.93
C GLY C 337 -18.01 -37.77 -13.16
N ILE C 338 -17.54 -37.87 -11.93
CA ILE C 338 -17.87 -39.02 -11.10
C ILE C 338 -19.39 -39.14 -10.83
N VAL C 339 -20.04 -40.06 -11.55
CA VAL C 339 -21.51 -40.25 -11.47
C VAL C 339 -22.00 -41.69 -11.34
N ASP C 340 -21.08 -42.65 -11.46
CA ASP C 340 -21.44 -44.04 -11.50
C ASP C 340 -20.65 -44.78 -10.48
N ASP C 341 -21.25 -45.65 -9.68
CA ASP C 341 -20.52 -46.41 -8.67
C ASP C 341 -19.75 -45.49 -7.75
N VAL C 342 -20.37 -44.40 -7.36
CA VAL C 342 -19.69 -43.36 -6.67
C VAL C 342 -19.09 -43.72 -5.33
N PRO C 343 -19.78 -44.43 -4.47
CA PRO C 343 -19.23 -44.77 -3.18
C PRO C 343 -18.02 -45.64 -3.26
N ALA C 344 -18.02 -46.58 -4.18
CA ALA C 344 -16.89 -47.46 -4.32
C ALA C 344 -15.68 -46.69 -4.82
N LYS C 345 -15.89 -45.82 -5.80
CA LYS C 345 -14.80 -44.99 -6.32
C LYS C 345 -14.29 -44.06 -5.21
N ILE C 346 -15.19 -43.35 -4.53
CA ILE C 346 -14.73 -42.46 -3.44
C ILE C 346 -14.00 -43.28 -2.38
N GLY C 347 -14.47 -44.49 -2.12
CA GLY C 347 -13.68 -45.43 -1.28
C GLY C 347 -12.26 -45.59 -1.82
N ARG C 348 -12.12 -45.81 -3.11
CA ARG C 348 -10.80 -45.99 -3.69
C ARG C 348 -9.98 -44.71 -3.53
N VAL C 349 -10.60 -43.55 -3.76
CA VAL C 349 -9.93 -42.25 -3.62
C VAL C 349 -9.38 -42.07 -2.20
N ALA C 350 -10.20 -42.40 -1.22
CA ALA C 350 -9.80 -42.26 0.17
C ALA C 350 -8.64 -43.18 0.57
N GLU C 351 -8.67 -44.44 0.14
CA GLU C 351 -7.57 -45.35 0.33
C GLU C 351 -6.27 -44.70 -0.15
N ALA C 352 -6.17 -44.29 -1.40
CA ALA C 352 -4.92 -43.66 -1.91
C ALA C 352 -4.54 -42.40 -1.13
N ALA C 353 -5.54 -41.56 -0.87
CA ALA C 353 -5.31 -40.39 -0.03
C ALA C 353 -4.74 -40.81 1.32
N CYS C 354 -5.28 -41.86 1.95
CA CYS C 354 -4.89 -42.18 3.36
C CYS C 354 -3.70 -43.10 3.63
N ARG C 355 -2.91 -43.43 2.60
CA ARG C 355 -1.73 -44.27 2.81
C ARG C 355 -0.81 -43.65 3.87
N PRO C 356 -0.22 -44.47 4.76
CA PRO C 356 0.70 -43.96 5.81
C PRO C 356 1.68 -42.90 5.30
N GLY C 357 2.05 -41.95 6.17
CA GLY C 357 2.97 -40.86 5.82
C GLY C 357 2.47 -39.73 4.90
N ASN C 358 1.29 -39.91 4.30
CA ASN C 358 0.73 -38.95 3.34
C ASN C 358 0.41 -37.58 3.96
N ILE C 359 0.16 -36.60 3.11
CA ILE C 359 -0.09 -35.21 3.55
C ILE C 359 -1.43 -34.93 4.27
N ILE C 360 -2.44 -35.71 3.94
CA ILE C 360 -3.72 -35.65 4.58
C ILE C 360 -3.64 -35.80 6.14
N TYR C 361 -2.61 -36.47 6.67
CA TYR C 361 -2.41 -36.55 8.15
C TYR C 361 -2.11 -35.20 8.80
N ALA C 362 -1.79 -34.19 7.99
CA ALA C 362 -1.67 -32.81 8.52
C ALA C 362 -3.03 -32.26 8.98
N THR C 363 -4.13 -32.90 8.60
CA THR C 363 -5.45 -32.47 9.07
C THR C 363 -5.66 -32.57 10.59
N PRO C 364 -6.16 -31.49 11.24
CA PRO C 364 -6.32 -31.55 12.70
C PRO C 364 -7.54 -32.39 13.09
N VAL C 365 -7.60 -33.59 12.54
CA VAL C 365 -8.70 -34.48 12.78
C VAL C 365 -8.10 -35.87 12.80
N THR C 366 -8.83 -36.81 13.37
CA THR C 366 -8.41 -38.22 13.30
C THR C 366 -8.77 -38.87 11.96
N ILE C 367 -7.74 -39.04 11.11
CA ILE C 367 -7.88 -39.46 9.74
C ILE C 367 -7.92 -40.99 9.61
N THR C 368 -8.99 -41.47 9.00
CA THR C 368 -9.15 -42.87 8.73
C THR C 368 -9.72 -42.85 7.33
N VAL C 369 -9.76 -44.00 6.70
CA VAL C 369 -10.34 -44.07 5.37
C VAL C 369 -11.89 -43.78 5.31
N PRO C 370 -12.67 -44.29 6.27
CA PRO C 370 -14.09 -43.91 6.35
C PRO C 370 -14.36 -42.43 6.55
N ALA C 371 -13.64 -41.78 7.47
CA ALA C 371 -13.79 -40.34 7.70
C ALA C 371 -13.60 -39.51 6.40
N VAL C 372 -12.49 -39.80 5.73
CA VAL C 372 -12.23 -39.20 4.45
C VAL C 372 -13.30 -39.52 3.39
N ARG C 373 -13.63 -40.80 3.25
CA ARG C 373 -14.63 -41.20 2.27
C ARG C 373 -15.99 -40.52 2.53
N ASP C 374 -16.41 -40.52 3.78
CA ASP C 374 -17.70 -39.92 4.15
C ASP C 374 -17.69 -38.37 4.14
N ALA C 375 -16.54 -37.73 4.39
CA ALA C 375 -16.48 -36.28 4.23
C ALA C 375 -16.77 -35.92 2.79
N ILE C 376 -16.19 -36.69 1.86
CA ILE C 376 -16.29 -36.37 0.44
C ILE C 376 -17.75 -36.54 0.03
N LEU C 377 -18.34 -37.66 0.45
CA LEU C 377 -19.73 -37.94 0.09
C LEU C 377 -20.64 -36.91 0.79
N ALA C 378 -20.33 -36.57 2.01
CA ALA C 378 -21.12 -35.62 2.71
C ALA C 378 -21.10 -34.27 2.02
N LEU C 379 -19.92 -33.87 1.59
CA LEU C 379 -19.82 -32.62 0.91
C LEU C 379 -20.61 -32.63 -0.36
N ASP C 380 -20.56 -33.69 -1.15
CA ASP C 380 -21.33 -33.77 -2.35
C ASP C 380 -22.84 -33.75 -2.07
N ALA C 381 -23.29 -34.52 -1.11
CA ALA C 381 -24.66 -34.46 -0.63
C ALA C 381 -25.08 -33.02 -0.28
N PHE C 382 -24.25 -32.29 0.46
CA PHE C 382 -24.61 -31.00 0.98
C PHE C 382 -24.59 -30.03 -0.16
N SER C 383 -23.58 -30.14 -1.01
CA SER C 383 -23.55 -29.32 -2.20
C SER C 383 -24.76 -29.54 -3.12
N ARG C 384 -25.16 -30.78 -3.33
CA ARG C 384 -26.35 -31.03 -4.14
C ARG C 384 -27.63 -30.48 -3.52
N SER C 385 -27.60 -30.22 -2.22
CA SER C 385 -28.76 -29.63 -1.59
C SER C 385 -28.84 -28.08 -1.74
N ILE C 386 -27.80 -27.44 -2.25
CA ILE C 386 -27.87 -25.98 -2.41
C ILE C 386 -28.53 -25.64 -3.73
N ALA D 25 3.04 -3.91 -13.98
CA ALA D 25 4.21 -4.68 -13.42
C ALA D 25 4.19 -4.79 -11.90
N ARG D 26 4.99 -5.74 -11.38
CA ARG D 26 5.22 -5.95 -9.95
C ARG D 26 6.38 -6.98 -9.80
N ALA D 27 7.05 -6.96 -8.66
CA ALA D 27 8.19 -7.80 -8.50
C ALA D 27 8.49 -8.06 -7.01
N PHE D 28 8.93 -9.25 -6.69
CA PHE D 28 9.25 -9.65 -5.33
C PHE D 28 10.65 -10.23 -5.32
N GLY D 29 11.35 -10.02 -4.22
CA GLY D 29 12.63 -10.63 -3.97
C GLY D 29 12.77 -11.01 -2.51
N GLY D 30 13.51 -12.07 -2.24
CA GLY D 30 13.75 -12.48 -0.87
C GLY D 30 14.85 -13.53 -0.83
N PRO D 31 15.22 -13.92 0.37
CA PRO D 31 16.28 -14.87 0.35
C PRO D 31 15.73 -16.24 -0.01
N ASN D 32 16.51 -17.00 -0.75
CA ASN D 32 16.13 -18.38 -1.02
C ASN D 32 15.76 -19.16 0.25
N LYS D 33 16.44 -18.93 1.38
CA LYS D 33 16.28 -19.79 2.58
C LYS D 33 16.46 -18.97 3.85
N TYR D 34 15.47 -19.03 4.74
CA TYR D 34 15.62 -18.36 5.99
C TYR D 34 15.42 -19.42 7.00
N ILE D 35 16.29 -19.51 8.00
CA ILE D 35 16.16 -20.55 9.01
C ILE D 35 16.45 -20.00 10.37
N GLN D 36 15.57 -20.28 11.32
CA GLN D 36 15.71 -19.71 12.63
C GLN D 36 15.56 -20.77 13.68
N ARG D 37 16.63 -21.02 14.44
CA ARG D 37 16.70 -22.10 15.42
C ARG D 37 17.90 -21.98 16.34
N ALA D 38 17.68 -22.20 17.62
CA ALA D 38 18.79 -22.11 18.60
C ALA D 38 19.87 -23.13 18.29
N GLY D 39 21.13 -22.72 18.47
CA GLY D 39 22.31 -23.54 18.14
C GLY D 39 22.73 -23.63 16.68
N GLU D 40 21.92 -23.06 15.79
CA GLU D 40 22.15 -23.22 14.37
C GLU D 40 23.53 -22.72 13.88
N ILE D 41 24.16 -21.83 14.64
CA ILE D 41 25.55 -21.42 14.33
C ILE D 41 26.58 -22.60 14.34
N ASP D 42 26.30 -23.68 15.08
CA ASP D 42 27.18 -24.87 15.10
C ASP D 42 27.12 -25.65 13.83
N LYS D 43 26.07 -25.44 13.07
CA LYS D 43 25.78 -26.24 11.89
C LYS D 43 25.84 -25.32 10.69
N LEU D 44 26.35 -24.12 10.92
CA LEU D 44 26.47 -23.14 9.87
C LEU D 44 27.30 -23.67 8.72
N ALA D 45 28.48 -24.22 8.99
CA ALA D 45 29.29 -24.84 7.91
C ALA D 45 28.48 -25.83 7.01
N ALA D 46 27.59 -26.59 7.62
CA ALA D 46 26.71 -27.48 6.87
C ALA D 46 25.75 -26.79 5.84
N TYR D 47 25.63 -25.46 5.88
CA TYR D 47 24.82 -24.76 4.87
C TYR D 47 25.70 -24.21 3.76
N LEU D 48 26.94 -23.89 4.12
CA LEU D 48 27.92 -23.43 3.15
C LEU D 48 28.24 -24.49 2.08
N ALA D 49 28.34 -25.76 2.49
CA ALA D 49 28.95 -26.78 1.63
C ALA D 49 28.26 -26.97 0.27
N PRO D 50 26.91 -27.00 0.26
CA PRO D 50 26.15 -27.08 -0.99
C PRO D 50 26.26 -25.87 -1.89
N LEU D 51 26.91 -24.80 -1.42
CA LEU D 51 26.90 -23.53 -2.13
C LEU D 51 28.23 -23.14 -2.74
N GLY D 52 29.31 -23.61 -2.14
CA GLY D 52 30.63 -23.30 -2.67
C GLY D 52 31.70 -24.18 -2.09
N LYS D 53 32.94 -23.94 -2.53
CA LYS D 53 34.08 -24.73 -2.07
C LYS D 53 34.94 -23.92 -1.16
N ARG D 54 34.90 -22.58 -1.35
CA ARG D 54 35.79 -21.66 -0.62
C ARG D 54 35.00 -20.53 0.05
N ALA D 55 35.01 -20.51 1.38
CA ALA D 55 34.17 -19.61 2.14
C ALA D 55 34.98 -18.59 2.89
N LEU D 56 34.72 -17.33 2.63
CA LEU D 56 35.24 -16.25 3.47
C LEU D 56 34.19 -15.90 4.55
N VAL D 57 34.56 -16.06 5.79
CA VAL D 57 33.65 -15.85 6.87
C VAL D 57 34.09 -14.61 7.64
N LEU D 58 33.22 -13.60 7.65
CA LEU D 58 33.50 -12.26 8.22
C LEU D 58 32.70 -12.08 9.51
N ILE D 59 33.39 -11.85 10.63
CA ILE D 59 32.81 -11.98 11.98
C ILE D 59 33.08 -10.75 12.82
N ASP D 60 32.01 -10.08 13.26
CA ASP D 60 32.16 -8.94 14.13
C ASP D 60 33.25 -9.18 15.18
N ARG D 61 34.00 -8.12 15.52
CA ARG D 61 35.13 -8.16 16.49
C ARG D 61 34.84 -8.90 17.82
N VAL D 62 33.86 -8.38 18.58
CA VAL D 62 33.44 -8.99 19.85
C VAL D 62 33.36 -10.51 19.85
N LEU D 63 32.90 -11.12 18.76
CA LEU D 63 32.63 -12.56 18.78
C LEU D 63 33.51 -13.32 17.84
N PHE D 64 34.49 -12.62 17.30
CA PHE D 64 35.38 -13.26 16.35
C PHE D 64 36.03 -14.55 16.88
N ASP D 65 36.40 -14.55 18.16
CA ASP D 65 37.14 -15.67 18.72
C ASP D 65 36.26 -16.88 18.89
N ALA D 66 35.21 -16.79 19.72
CA ALA D 66 34.37 -17.98 19.96
C ALA D 66 33.66 -18.52 18.69
N LEU D 67 33.35 -17.66 17.73
CA LEU D 67 32.59 -18.18 16.60
C LEU D 67 33.49 -18.70 15.50
N SER D 68 34.76 -18.30 15.51
CA SER D 68 35.79 -19.01 14.73
C SER D 68 36.02 -20.41 15.31
N GLU D 69 36.20 -20.52 16.63
CA GLU D 69 36.31 -21.83 17.32
C GLU D 69 35.16 -22.67 16.77
N ARG D 70 33.95 -22.11 16.90
CA ARG D 70 32.73 -22.91 16.86
C ARG D 70 32.24 -23.34 15.47
N ILE D 71 32.38 -22.43 14.50
CA ILE D 71 32.06 -22.70 13.09
C ILE D 71 33.02 -23.76 12.53
N SER D 78 35.60 -30.94 2.07
CA SER D 78 35.25 -30.34 0.75
C SER D 78 35.02 -28.81 0.81
N LEU D 79 35.42 -28.20 1.94
CA LEU D 79 35.26 -26.77 2.17
C LEU D 79 36.32 -26.21 3.14
N ASP D 80 37.02 -25.16 2.74
CA ASP D 80 37.84 -24.41 3.70
C ASP D 80 37.32 -23.01 3.98
N ILE D 81 37.52 -22.61 5.23
CA ILE D 81 37.06 -21.34 5.72
C ILE D 81 38.28 -20.47 5.99
N ARG D 82 38.26 -19.26 5.45
CA ARG D 82 39.12 -18.24 5.95
C ARG D 82 38.23 -17.44 6.87
N PHE D 83 38.72 -17.16 8.06
CA PHE D 83 38.04 -16.28 8.94
C PHE D 83 38.69 -14.91 8.81
N GLU D 84 37.88 -13.86 8.68
CA GLU D 84 38.40 -12.50 8.75
C GLU D 84 37.74 -11.75 9.89
N ARG D 85 38.39 -10.74 10.44
CA ARG D 85 37.83 -9.97 11.52
C ARG D 85 37.26 -8.69 10.94
N PHE D 86 36.06 -8.31 11.38
CA PHE D 86 35.34 -7.19 10.77
C PHE D 86 35.70 -5.87 11.42
N GLY D 87 36.05 -4.89 10.59
CA GLY D 87 36.56 -3.60 11.07
C GLY D 87 35.57 -2.71 11.82
N GLY D 88 34.29 -3.07 11.83
CA GLY D 88 33.29 -2.32 12.60
C GLY D 88 32.37 -1.48 11.71
N GLU D 89 32.93 -0.82 10.70
CA GLU D 89 32.12 0.02 9.84
C GLU D 89 32.03 -0.39 8.36
N CYS D 90 30.90 -0.10 7.73
CA CYS D 90 30.72 -0.44 6.30
C CYS D 90 31.01 0.83 5.49
N CYS D 91 32.26 0.88 5.07
CA CYS D 91 32.89 1.99 4.41
C CYS D 91 33.82 1.44 3.38
N THR D 92 34.24 2.27 2.47
CA THR D 92 35.01 1.84 1.33
C THR D 92 36.32 1.17 1.68
N SER D 93 37.02 1.66 2.67
CA SER D 93 38.28 1.07 3.03
C SER D 93 38.17 -0.35 3.48
N GLU D 94 37.15 -0.67 4.25
CA GLU D 94 36.93 -2.05 4.71
C GLU D 94 36.33 -2.96 3.67
N ILE D 95 35.37 -2.45 2.91
CA ILE D 95 34.92 -3.16 1.74
C ILE D 95 36.16 -3.62 0.96
N GLU D 96 37.06 -2.67 0.65
CA GLU D 96 38.27 -2.92 -0.15
C GLU D 96 39.27 -3.93 0.45
N ARG D 97 39.55 -3.79 1.74
CA ARG D 97 40.44 -4.69 2.48
C ARG D 97 39.92 -6.11 2.32
N VAL D 98 38.69 -6.36 2.77
CA VAL D 98 38.02 -7.66 2.70
C VAL D 98 37.86 -8.15 1.26
N ARG D 99 37.56 -7.25 0.35
CA ARG D 99 37.51 -7.64 -1.06
C ARG D 99 38.86 -8.19 -1.55
N LYS D 100 39.96 -7.56 -1.12
CA LYS D 100 41.30 -7.97 -1.53
C LYS D 100 41.61 -9.31 -0.87
N VAL D 101 41.18 -9.50 0.37
CA VAL D 101 41.28 -10.80 1.03
C VAL D 101 40.63 -11.94 0.23
N ALA D 102 39.47 -11.66 -0.31
CA ALA D 102 38.71 -12.59 -1.09
C ALA D 102 39.27 -12.92 -2.43
N ILE D 103 39.81 -11.95 -3.13
CA ILE D 103 40.35 -12.31 -4.41
C ILE D 103 41.50 -13.27 -4.19
N GLU D 104 42.33 -13.01 -3.22
CA GLU D 104 43.43 -13.91 -2.99
C GLU D 104 42.99 -15.30 -2.58
N HIS D 105 41.99 -15.37 -1.71
CA HIS D 105 41.39 -16.61 -1.22
C HIS D 105 40.76 -17.39 -2.36
N GLY D 106 40.16 -16.66 -3.28
CA GLY D 106 39.49 -17.28 -4.39
C GLY D 106 38.14 -17.68 -3.93
N SER D 107 37.68 -17.01 -2.90
CA SER D 107 36.42 -17.32 -2.24
C SER D 107 35.19 -17.54 -3.12
N ASP D 108 34.47 -18.61 -2.79
CA ASP D 108 33.25 -19.01 -3.49
C ASP D 108 32.04 -18.35 -2.78
N ILE D 109 32.21 -18.01 -1.49
CA ILE D 109 31.11 -17.66 -0.61
C ILE D 109 31.53 -16.61 0.39
N LEU D 110 30.80 -15.50 0.40
CA LEU D 110 30.92 -14.52 1.46
C LEU D 110 29.88 -14.76 2.54
N VAL D 111 30.35 -14.79 3.77
CA VAL D 111 29.49 -15.03 4.90
C VAL D 111 29.59 -13.86 5.87
N GLY D 112 28.45 -13.30 6.25
CA GLY D 112 28.43 -12.23 7.25
C GLY D 112 27.89 -12.80 8.55
N VAL D 113 28.64 -12.59 9.62
CA VAL D 113 28.29 -13.08 10.95
C VAL D 113 28.52 -11.90 11.87
N GLY D 114 27.47 -11.12 12.07
CA GLY D 114 27.52 -9.93 12.90
C GLY D 114 26.19 -9.24 12.85
N GLY D 115 26.23 -7.92 12.98
CA GLY D 115 25.05 -7.05 12.82
C GLY D 115 24.98 -6.60 11.37
N GLY D 116 24.25 -5.50 11.13
CA GLY D 116 23.93 -5.12 9.77
C GLY D 116 25.13 -4.65 8.96
N LYS D 117 26.08 -4.01 9.65
CA LYS D 117 27.28 -3.49 9.02
C LYS D 117 28.12 -4.63 8.46
N THR D 118 28.29 -5.70 9.24
CA THR D 118 29.04 -6.90 8.82
C THR D 118 28.36 -7.54 7.61
N ALA D 119 27.04 -7.69 7.71
CA ALA D 119 26.26 -8.35 6.69
C ALA D 119 26.37 -7.63 5.36
N ASP D 120 26.16 -6.30 5.41
CA ASP D 120 26.25 -5.45 4.21
C ASP D 120 27.62 -5.54 3.53
N THR D 121 28.65 -5.62 4.37
CA THR D 121 30.01 -5.77 3.91
C THR D 121 30.18 -7.08 3.15
N ALA D 122 29.85 -8.19 3.78
CA ALA D 122 29.80 -9.46 3.03
C ALA D 122 28.97 -9.33 1.73
N LYS D 123 27.84 -8.63 1.78
CA LYS D 123 27.02 -8.54 0.59
C LYS D 123 27.80 -7.81 -0.52
N ILE D 124 28.24 -6.59 -0.19
CA ILE D 124 28.96 -5.78 -1.15
C ILE D 124 30.17 -6.53 -1.72
N VAL D 125 30.98 -7.11 -0.84
CA VAL D 125 32.09 -7.97 -1.31
C VAL D 125 31.62 -9.11 -2.20
N ALA D 126 30.50 -9.74 -1.87
CA ALA D 126 29.96 -10.78 -2.73
C ALA D 126 29.57 -10.34 -4.16
N ILE D 127 28.90 -9.19 -4.30
CA ILE D 127 28.39 -8.83 -5.63
C ILE D 127 29.57 -8.53 -6.51
N ASP D 128 30.53 -7.84 -5.90
CA ASP D 128 31.83 -7.52 -6.49
C ASP D 128 32.69 -8.71 -6.90
N THR D 129 32.56 -9.82 -6.19
CA THR D 129 33.39 -11.02 -6.40
C THR D 129 32.76 -12.00 -7.36
N GLY D 130 31.44 -12.14 -7.31
CA GLY D 130 30.69 -13.22 -7.98
C GLY D 130 30.36 -14.35 -7.01
N ALA D 131 30.64 -14.11 -5.72
CA ALA D 131 30.46 -15.10 -4.66
C ALA D 131 29.00 -15.17 -4.18
N ARG D 132 28.60 -16.36 -3.78
CA ARG D 132 27.33 -16.54 -3.09
C ARG D 132 27.28 -15.84 -1.72
N ILE D 133 26.07 -15.54 -1.25
CA ILE D 133 25.89 -14.86 0.04
C ILE D 133 25.18 -15.72 1.08
N VAL D 134 25.76 -15.78 2.28
CA VAL D 134 25.11 -16.32 3.46
C VAL D 134 25.25 -15.32 4.63
N ILE D 135 24.16 -15.06 5.34
CA ILE D 135 24.17 -14.21 6.50
C ILE D 135 23.74 -15.00 7.68
N ALA D 136 24.55 -14.98 8.76
CA ALA D 136 24.12 -15.49 10.08
C ALA D 136 24.22 -14.38 11.11
N PRO D 137 23.12 -13.68 11.36
CA PRO D 137 23.17 -12.58 12.32
C PRO D 137 23.51 -13.05 13.71
N THR D 138 24.21 -12.21 14.46
CA THR D 138 24.51 -12.53 15.86
C THR D 138 23.63 -11.70 16.79
N ILE D 139 22.98 -10.69 16.22
CA ILE D 139 22.05 -9.83 16.90
C ILE D 139 20.85 -9.60 15.94
N ALA D 140 19.67 -9.26 16.45
CA ALA D 140 18.50 -8.97 15.59
C ALA D 140 18.20 -7.46 15.61
N SER D 141 19.16 -6.65 15.12
CA SER D 141 19.07 -5.21 15.36
C SER D 141 18.74 -4.41 14.12
N THR D 142 18.52 -5.07 12.98
CA THR D 142 18.25 -4.38 11.73
C THR D 142 17.67 -5.29 10.70
N ASP D 143 17.03 -4.68 9.69
CA ASP D 143 16.45 -5.39 8.53
C ASP D 143 17.53 -5.83 7.52
N ALA D 144 18.80 -5.55 7.78
CA ALA D 144 19.82 -5.86 6.75
C ALA D 144 19.99 -7.34 6.31
N PRO D 145 19.90 -8.29 7.23
CA PRO D 145 20.26 -9.65 6.76
C PRO D 145 19.46 -10.23 5.59
N CYS D 146 18.18 -9.91 5.47
CA CYS D 146 17.40 -10.51 4.36
C CYS D 146 17.44 -9.78 3.03
N SER D 147 17.58 -8.44 3.07
CA SER D 147 17.53 -7.62 1.85
C SER D 147 18.70 -7.66 0.86
N ALA D 148 18.39 -7.11 -0.32
CA ALA D 148 19.32 -6.96 -1.43
C ALA D 148 19.98 -5.59 -1.38
N ILE D 149 19.71 -4.85 -0.31
CA ILE D 149 20.22 -3.53 -0.15
C ILE D 149 21.39 -3.52 0.82
N ALA D 150 22.46 -2.81 0.46
CA ALA D 150 23.58 -2.61 1.36
C ALA D 150 23.95 -1.13 1.48
N VAL D 151 24.07 -0.66 2.73
CA VAL D 151 24.34 0.74 3.08
C VAL D 151 25.81 1.03 3.49
N ARG D 152 26.39 2.01 2.79
CA ARG D 152 27.77 2.40 3.00
C ARG D 152 27.86 3.72 3.73
N TYR D 153 28.69 3.74 4.77
CA TYR D 153 28.89 4.95 5.55
C TYR D 153 30.32 5.46 5.34
N THR D 154 30.60 6.69 5.72
CA THR D 154 32.00 7.09 5.80
C THR D 154 32.63 6.34 6.98
N GLU D 155 33.94 6.49 7.13
CA GLU D 155 34.67 5.88 8.20
C GLU D 155 34.21 6.45 9.56
N HIS D 156 33.61 7.64 9.56
CA HIS D 156 33.06 8.23 10.80
C HIS D 156 31.56 7.91 10.96
N GLY D 157 31.06 7.01 10.12
CA GLY D 157 29.68 6.55 10.21
C GLY D 157 28.64 7.52 9.71
N VAL D 158 29.01 8.40 8.78
CA VAL D 158 28.08 9.27 8.11
C VAL D 158 27.61 8.59 6.84
N TYR D 159 26.31 8.58 6.64
CA TYR D 159 25.69 7.94 5.49
C TYR D 159 26.34 8.45 4.20
N GLU D 160 26.68 7.51 3.34
CA GLU D 160 27.26 7.80 2.03
C GLU D 160 26.28 7.42 0.91
N GLU D 161 25.81 6.18 0.90
CA GLU D 161 25.09 5.64 -0.25
C GLU D 161 24.40 4.31 0.04
N ALA D 162 23.15 4.17 -0.40
CA ALA D 162 22.50 2.87 -0.30
C ALA D 162 22.64 2.15 -1.63
N LEU D 163 23.33 1.02 -1.66
CA LEU D 163 23.45 0.27 -2.90
C LEU D 163 22.34 -0.75 -3.03
N ARG D 164 21.60 -0.67 -4.13
CA ARG D 164 20.60 -1.68 -4.46
C ARG D 164 21.33 -2.82 -5.17
N LEU D 165 21.58 -3.94 -4.48
CA LEU D 165 22.29 -5.06 -5.11
C LEU D 165 21.40 -5.85 -6.06
N PRO D 166 21.97 -6.75 -6.90
CA PRO D 166 21.09 -7.55 -7.76
C PRO D 166 20.57 -8.86 -7.18
N ARG D 167 21.23 -9.35 -6.13
CA ARG D 167 20.95 -10.67 -5.59
C ARG D 167 20.65 -10.54 -4.09
N ASN D 168 19.56 -11.14 -3.62
CA ASN D 168 19.39 -11.38 -2.17
C ASN D 168 20.36 -12.46 -1.71
N PRO D 169 20.49 -12.68 -0.38
CA PRO D 169 21.33 -13.77 0.10
C PRO D 169 20.82 -15.14 -0.30
N ASP D 170 21.71 -16.13 -0.34
CA ASP D 170 21.32 -17.49 -0.59
C ASP D 170 20.70 -18.14 0.65
N ALA D 171 21.17 -17.72 1.81
CA ALA D 171 20.69 -18.30 3.03
C ALA D 171 20.94 -17.38 4.19
N VAL D 172 19.94 -17.27 5.03
CA VAL D 172 20.02 -16.49 6.23
C VAL D 172 19.79 -17.48 7.31
N VAL D 173 20.68 -17.49 8.30
CA VAL D 173 20.69 -18.57 9.27
C VAL D 173 20.75 -17.92 10.62
N VAL D 174 19.64 -17.90 11.33
CA VAL D 174 19.56 -17.13 12.57
C VAL D 174 19.56 -18.12 13.74
N ASP D 175 20.58 -18.01 14.59
CA ASP D 175 20.64 -18.79 15.77
C ASP D 175 19.99 -18.02 16.93
N SER D 176 18.78 -18.44 17.30
CA SER D 176 17.97 -17.67 18.26
C SER D 176 18.63 -17.51 19.59
N ALA D 177 19.25 -18.59 20.07
CA ALA D 177 19.92 -18.60 21.38
C ALA D 177 21.06 -17.63 21.40
N LEU D 178 21.83 -17.61 20.32
CA LEU D 178 22.93 -16.69 20.17
C LEU D 178 22.37 -15.30 20.24
N VAL D 179 21.35 -15.07 19.41
CA VAL D 179 20.77 -13.75 19.25
C VAL D 179 20.14 -13.26 20.54
N ALA D 180 19.50 -14.17 21.27
CA ALA D 180 18.79 -13.78 22.50
C ALA D 180 19.74 -13.56 23.67
N ALA D 181 20.97 -14.05 23.52
CA ALA D 181 22.02 -13.83 24.53
C ALA D 181 22.57 -12.40 24.57
N ALA D 182 22.52 -11.67 23.46
CA ALA D 182 23.14 -10.34 23.43
C ALA D 182 22.44 -9.41 24.43
N PRO D 183 23.07 -8.29 24.84
CA PRO D 183 22.29 -7.34 25.66
C PRO D 183 20.94 -6.99 25.05
N ALA D 184 19.97 -6.81 25.93
CA ALA D 184 18.59 -6.53 25.61
C ALA D 184 18.39 -5.36 24.63
N ARG D 185 19.30 -4.39 24.67
CA ARG D 185 19.24 -3.18 23.85
C ARG D 185 19.37 -3.52 22.34
N PHE D 186 19.99 -4.65 22.00
CA PHE D 186 20.13 -4.98 20.60
C PHE D 186 18.77 -5.44 20.03
N LEU D 187 17.99 -6.16 20.83
CA LEU D 187 16.64 -6.58 20.40
C LEU D 187 15.65 -5.39 20.28
N VAL D 188 15.75 -4.44 21.19
CA VAL D 188 14.89 -3.30 21.22
C VAL D 188 15.17 -2.42 20.01
N ALA D 189 16.43 -2.37 19.62
CA ALA D 189 16.83 -1.52 18.50
C ALA D 189 16.31 -2.08 17.17
N GLY D 190 16.32 -3.41 17.00
CA GLY D 190 15.63 -4.09 15.90
C GLY D 190 14.10 -3.88 15.89
N ILE D 191 13.48 -3.79 17.07
CA ILE D 191 12.06 -3.53 17.12
C ILE D 191 11.82 -2.19 16.45
N GLY D 192 12.72 -1.25 16.73
CA GLY D 192 12.59 0.14 16.32
C GLY D 192 12.86 0.31 14.85
N ASP D 193 13.72 -0.56 14.31
CA ASP D 193 13.96 -0.58 12.88
C ASP D 193 12.82 -1.29 12.13
N ALA D 194 12.25 -2.34 12.73
CA ALA D 194 11.08 -3.04 12.15
C ALA D 194 9.79 -2.17 12.22
N LEU D 195 9.76 -1.28 13.20
CA LEU D 195 8.65 -0.40 13.39
C LEU D 195 8.38 0.51 12.21
N SER D 196 9.42 0.81 11.45
CA SER D 196 9.28 1.66 10.28
C SER D 196 8.62 0.96 9.12
N THR D 197 8.64 -0.37 9.14
CA THR D 197 8.31 -1.13 7.92
C THR D 197 6.89 -0.88 7.40
N TRP D 198 5.90 -1.14 8.23
CA TRP D 198 4.54 -0.93 7.80
C TRP D 198 4.27 0.52 7.39
N PHE D 199 4.68 1.48 8.22
CA PHE D 199 4.45 2.90 7.98
C PHE D 199 5.16 3.36 6.72
N GLU D 200 6.33 2.81 6.44
CA GLU D 200 7.04 3.23 5.22
C GLU D 200 6.47 2.54 3.99
N ALA D 201 6.01 1.31 4.11
CA ALA D 201 5.25 0.72 3.02
C ALA D 201 4.01 1.58 2.76
N ARG D 202 3.30 1.99 3.81
CA ARG D 202 2.10 2.78 3.59
C ARG D 202 2.44 4.05 2.76
N SER D 203 3.52 4.77 3.11
CA SER D 203 4.00 5.85 2.24
C SER D 203 4.26 5.51 0.75
N ASN D 204 4.89 4.36 0.49
CA ASN D 204 5.15 3.98 -0.90
C ASN D 204 3.88 3.59 -1.68
N ILE D 205 2.91 3.00 -0.98
CA ILE D 205 1.64 2.68 -1.61
C ILE D 205 0.95 3.99 -2.00
N GLU D 206 0.87 4.93 -1.07
CA GLU D 206 0.17 6.20 -1.35
C GLU D 206 0.91 7.05 -2.37
N SER D 207 2.24 6.93 -2.43
CA SER D 207 2.93 7.70 -3.45
C SER D 207 3.12 6.99 -4.78
N ARG D 208 2.76 5.71 -4.86
CA ARG D 208 3.04 4.84 -6.06
C ARG D 208 4.52 4.84 -6.54
N THR D 209 5.43 4.72 -5.59
CA THR D 209 6.85 4.78 -5.87
C THR D 209 7.33 3.34 -5.85
N ASP D 210 8.42 3.06 -6.59
CA ASP D 210 8.89 1.68 -6.75
C ASP D 210 9.62 1.14 -5.50
N ASN D 211 9.74 -0.16 -5.41
CA ASN D 211 10.55 -0.75 -4.39
C ASN D 211 11.93 -0.97 -5.00
N TYR D 212 12.93 -1.18 -4.19
CA TYR D 212 14.18 -1.61 -4.72
C TYR D 212 14.25 -3.10 -4.86
N VAL D 213 13.55 -3.74 -5.79
CA VAL D 213 13.70 -5.17 -6.12
C VAL D 213 14.11 -5.03 -7.56
N ALA D 214 15.22 -5.63 -7.97
CA ALA D 214 15.79 -5.19 -9.20
C ALA D 214 14.95 -5.41 -10.40
N GLY D 215 14.86 -4.38 -11.24
CA GLY D 215 15.49 -3.07 -11.13
C GLY D 215 14.74 -1.98 -10.37
N GLY D 216 13.59 -2.32 -9.83
CA GLY D 216 12.61 -1.48 -9.14
C GLY D 216 11.28 -1.39 -9.85
N PHE D 217 10.27 -1.78 -9.08
CA PHE D 217 8.95 -2.12 -9.51
C PHE D 217 7.89 -1.80 -8.49
N PRO D 218 6.62 -1.76 -8.86
CA PRO D 218 5.60 -1.62 -7.81
C PRO D 218 5.56 -2.85 -6.89
N ALA D 219 5.25 -2.63 -5.62
CA ALA D 219 5.07 -3.66 -4.61
C ALA D 219 4.06 -4.74 -5.01
N THR D 220 4.29 -5.91 -4.48
CA THR D 220 3.54 -7.09 -4.76
C THR D 220 2.51 -7.18 -3.62
N GLU D 221 1.39 -7.85 -3.84
CA GLU D 221 0.48 -8.08 -2.72
C GLU D 221 1.24 -8.82 -1.62
N ALA D 222 2.11 -9.74 -2.02
CA ALA D 222 2.91 -10.48 -1.04
C ALA D 222 3.64 -9.55 -0.11
N GLY D 223 4.30 -8.53 -0.67
CA GLY D 223 5.12 -7.63 0.10
C GLY D 223 4.29 -6.75 1.02
N MSE D 224 3.19 -6.24 0.51
CA MSE D 224 2.26 -5.44 1.29
C MSE D 224 1.75 -6.16 2.51
O MSE D 224 1.77 -5.59 3.60
CB MSE D 224 1.11 -4.95 0.43
CG MSE D 224 1.53 -3.70 -0.29
SE MSE D 224 0.33 -3.31 -1.77
CE MSE D 224 -1.39 -3.04 -0.73
N ALA D 225 1.31 -7.41 2.34
CA ALA D 225 0.92 -8.28 3.44
C ALA D 225 2.01 -8.55 4.50
N ILE D 226 3.25 -8.73 4.09
CA ILE D 226 4.35 -9.03 5.01
C ILE D 226 4.53 -7.78 5.87
N ALA D 227 4.58 -6.64 5.20
CA ALA D 227 4.79 -5.35 5.81
C ALA D 227 3.72 -5.02 6.82
N ARG D 228 2.47 -5.33 6.47
CA ARG D 228 1.34 -5.09 7.36
C ARG D 228 1.48 -6.01 8.57
N HIS D 229 1.75 -7.28 8.29
CA HIS D 229 1.89 -8.23 9.35
C HIS D 229 3.08 -7.96 10.31
N CYS D 230 4.14 -7.39 9.80
CA CYS D 230 5.26 -7.00 10.64
C CYS D 230 4.80 -6.10 11.78
N GLN D 231 4.00 -5.09 11.47
CA GLN D 231 3.50 -4.18 12.51
C GLN D 231 2.70 -4.93 13.59
N ASP D 232 1.84 -5.85 13.16
CA ASP D 232 1.05 -6.65 14.06
C ASP D 232 1.87 -7.51 15.02
N VAL D 233 2.94 -8.15 14.53
CA VAL D 233 3.77 -9.03 15.36
C VAL D 233 4.44 -8.23 16.47
N LEU D 234 4.96 -7.05 16.13
CA LEU D 234 5.58 -6.12 17.08
C LEU D 234 4.63 -5.65 18.16
N THR D 235 3.37 -5.39 17.79
CA THR D 235 2.51 -4.88 18.83
C THR D 235 2.16 -6.08 19.68
N ARG D 236 1.89 -7.22 19.06
CA ARG D 236 1.59 -8.33 19.92
C ARG D 236 2.78 -8.77 20.82
N ASP D 237 4.00 -8.73 20.34
CA ASP D 237 5.06 -9.44 21.11
C ASP D 237 6.19 -8.61 21.72
N ALA D 238 6.26 -7.34 21.38
CA ALA D 238 7.48 -6.58 21.60
C ALA D 238 7.74 -6.51 23.09
N VAL D 239 6.74 -6.01 23.82
CA VAL D 239 6.83 -5.87 25.26
C VAL D 239 7.16 -7.19 25.96
N LYS D 240 6.50 -8.28 25.57
CA LYS D 240 6.72 -9.58 26.14
C LYS D 240 8.14 -10.09 25.83
N ALA D 241 8.61 -9.85 24.61
CA ALA D 241 9.97 -10.16 24.23
C ALA D 241 11.00 -9.33 24.96
N LYS D 242 10.78 -8.03 25.09
CA LYS D 242 11.77 -7.18 25.74
C LYS D 242 11.90 -7.63 27.19
N ILE D 243 10.74 -7.85 27.82
CA ILE D 243 10.69 -8.37 29.18
C ILE D 243 11.49 -9.66 29.32
N ALA D 244 11.37 -10.55 28.34
CA ALA D 244 12.06 -11.85 28.44
C ALA D 244 13.55 -11.79 28.27
N VAL D 245 14.06 -11.05 27.28
CA VAL D 245 15.52 -10.94 27.08
C VAL D 245 16.21 -10.26 28.26
N GLU D 246 15.52 -9.31 28.86
CA GLU D 246 16.03 -8.64 30.05
C GLU D 246 16.30 -9.58 31.19
N ALA D 247 15.68 -10.76 31.12
CA ALA D 247 15.75 -11.70 32.21
C ALA D 247 16.54 -12.92 31.78
N GLY D 248 17.15 -12.84 30.61
CA GLY D 248 18.07 -13.88 30.12
C GLY D 248 17.40 -15.11 29.55
N LEU D 249 16.21 -14.90 29.01
CA LEU D 249 15.30 -15.96 28.62
C LEU D 249 15.00 -15.92 27.13
N LEU D 250 14.65 -17.07 26.60
CA LEU D 250 14.40 -17.24 25.21
C LEU D 250 13.06 -17.91 25.20
N THR D 251 12.07 -17.20 24.69
CA THR D 251 10.71 -17.68 24.61
C THR D 251 10.13 -17.45 23.23
N PRO D 252 8.95 -17.98 23.00
CA PRO D 252 8.20 -17.77 21.75
C PRO D 252 7.98 -16.32 21.40
N ALA D 253 7.80 -15.48 22.39
CA ALA D 253 7.73 -14.07 22.05
C ALA D 253 9.02 -13.55 21.48
N VAL D 254 10.14 -13.91 22.12
CA VAL D 254 11.45 -13.52 21.58
C VAL D 254 11.65 -14.02 20.14
N GLU D 255 11.31 -15.27 19.89
CA GLU D 255 11.40 -15.86 18.57
C GLU D 255 10.57 -15.09 17.52
N ASN D 256 9.31 -14.80 17.82
CA ASN D 256 8.48 -13.95 16.95
C ASN D 256 9.12 -12.61 16.61
N ILE D 257 9.69 -11.95 17.63
CA ILE D 257 10.41 -10.68 17.43
C ILE D 257 11.68 -10.83 16.60
N ILE D 258 12.37 -11.97 16.74
CA ILE D 258 13.59 -12.20 15.96
C ILE D 258 13.15 -12.31 14.52
N GLU D 259 12.12 -13.09 14.23
CA GLU D 259 11.65 -13.12 12.86
C GLU D 259 11.11 -11.74 12.40
N ALA D 260 10.45 -10.99 13.29
CA ALA D 260 9.90 -9.70 12.83
C ALA D 260 11.00 -8.72 12.54
N ASN D 261 12.03 -8.73 13.38
CA ASN D 261 13.23 -7.86 13.21
C ASN D 261 14.08 -8.21 12.01
N THR D 262 13.94 -9.43 11.51
CA THR D 262 14.87 -9.96 10.54
C THR D 262 14.09 -10.32 9.29
N LEU D 263 13.28 -11.38 9.36
CA LEU D 263 12.55 -11.82 8.15
C LEU D 263 11.40 -10.86 7.65
N LEU D 264 10.44 -10.53 8.51
CA LEU D 264 9.30 -9.63 8.10
C LEU D 264 9.73 -8.21 7.70
N SER D 265 10.64 -7.64 8.47
CA SER D 265 11.15 -6.34 8.23
C SER D 265 11.96 -6.26 6.93
N GLY D 266 12.85 -7.19 6.68
CA GLY D 266 13.69 -7.15 5.47
C GLY D 266 12.85 -7.43 4.24
N LEU D 267 12.02 -8.46 4.29
CA LEU D 267 11.06 -8.71 3.22
C LEU D 267 10.18 -7.48 2.94
N GLY D 268 9.59 -6.87 3.98
CA GLY D 268 8.86 -5.60 3.85
C GLY D 268 9.58 -4.42 3.21
N PHE D 269 10.63 -3.95 3.85
CA PHE D 269 11.43 -2.84 3.35
C PHE D 269 11.90 -3.08 1.91
N GLU D 270 12.37 -4.28 1.59
CA GLU D 270 12.82 -4.56 0.23
C GLU D 270 11.72 -4.54 -0.84
N ASN D 271 10.56 -5.09 -0.50
CA ASN D 271 9.50 -5.32 -1.44
C ASN D 271 8.49 -4.15 -1.45
N CYS D 272 8.58 -3.27 -0.47
CA CYS D 272 7.63 -2.16 -0.38
C CYS D 272 8.29 -0.79 -0.55
N GLY D 273 9.51 -0.65 -0.05
CA GLY D 273 10.21 0.61 -0.16
C GLY D 273 10.33 1.33 1.16
N CYS D 274 11.28 2.23 1.19
CA CYS D 274 11.58 3.09 2.30
C CYS D 274 11.05 4.44 1.99
N SER D 275 11.10 5.29 2.98
CA SER D 275 10.49 6.57 2.95
C SER D 275 11.24 7.49 3.85
N ALA D 276 10.52 8.41 4.41
CA ALA D 276 11.06 9.38 5.31
C ALA D 276 11.66 8.84 6.60
N ALA D 277 11.18 7.74 7.17
CA ALA D 277 11.80 7.18 8.42
C ALA D 277 13.25 6.86 8.16
N HIS D 278 13.52 6.12 7.09
CA HIS D 278 14.90 5.83 6.76
C HIS D 278 15.64 7.07 6.28
N GLY D 279 15.01 7.91 5.45
CA GLY D 279 15.66 9.15 5.01
C GLY D 279 16.11 10.05 6.14
N ILE D 280 15.25 10.14 7.16
CA ILE D 280 15.57 10.89 8.38
C ILE D 280 16.67 10.20 9.18
N HIS D 281 16.65 8.86 9.31
CA HIS D 281 17.85 8.17 9.84
C HIS D 281 19.12 8.65 9.11
N ASP D 282 19.05 8.79 7.79
CA ASP D 282 20.23 9.06 7.00
C ASP D 282 20.74 10.42 7.35
N GLY D 283 19.89 11.42 7.29
CA GLY D 283 20.29 12.73 7.67
C GLY D 283 20.72 12.89 9.13
N LEU D 284 20.20 12.06 10.03
CA LEU D 284 20.60 12.14 11.41
C LEU D 284 22.05 11.80 11.52
N THR D 285 22.56 10.96 10.62
CA THR D 285 24.00 10.59 10.73
C THR D 285 25.00 11.77 10.56
N VAL D 286 24.57 12.95 10.06
CA VAL D 286 25.49 14.09 9.97
C VAL D 286 25.82 14.64 11.38
N LEU D 287 25.00 14.31 12.38
CA LEU D 287 25.20 14.82 13.72
C LEU D 287 26.07 13.85 14.53
N GLU D 288 27.22 14.32 15.04
CA GLU D 288 28.16 13.52 15.84
C GLU D 288 27.55 13.06 17.15
N GLU D 289 26.68 13.85 17.76
CA GLU D 289 26.14 13.43 19.03
C GLU D 289 25.37 12.10 18.91
N VAL D 290 25.13 11.67 17.68
CA VAL D 290 24.13 10.67 17.48
C VAL D 290 24.85 9.40 17.19
N HIS D 291 26.16 9.49 16.98
CA HIS D 291 26.94 8.39 16.47
C HIS D 291 26.90 7.15 17.35
N GLY D 292 26.78 7.31 18.66
CA GLY D 292 26.73 6.17 19.58
C GLY D 292 25.38 5.45 19.76
N TYR D 293 24.29 5.98 19.18
CA TYR D 293 22.95 5.34 19.18
C TYR D 293 22.78 4.37 18.03
N PHE D 294 21.96 3.33 18.23
CA PHE D 294 21.83 2.26 17.24
C PHE D 294 21.08 2.73 16.01
N HIS D 295 21.30 2.06 14.88
CA HIS D 295 20.60 2.35 13.64
C HIS D 295 19.08 2.33 13.89
N GLY D 296 18.62 1.32 14.65
CA GLY D 296 17.22 1.07 14.96
C GLY D 296 16.58 2.10 15.84
N GLU D 297 17.34 2.70 16.74
CA GLU D 297 16.81 3.78 17.56
C GLU D 297 16.61 5.06 16.78
N LYS D 298 17.51 5.38 15.83
CA LYS D 298 17.29 6.56 14.97
C LYS D 298 16.10 6.36 14.03
N VAL D 299 16.02 5.17 13.43
CA VAL D 299 14.90 4.84 12.58
C VAL D 299 13.58 4.88 13.36
N ALA D 300 13.58 4.36 14.59
CA ALA D 300 12.37 4.45 15.40
C ALA D 300 11.97 5.92 15.50
N PHE D 301 12.90 6.79 15.88
CA PHE D 301 12.58 8.19 16.02
C PHE D 301 12.09 8.76 14.68
N GLY D 302 12.73 8.35 13.58
CA GLY D 302 12.41 8.82 12.21
C GLY D 302 10.99 8.43 11.78
N THR D 303 10.56 7.22 12.16
CA THR D 303 9.17 6.75 11.99
C THR D 303 8.14 7.69 12.65
N LEU D 304 8.38 8.07 13.91
CA LEU D 304 7.56 9.04 14.59
C LEU D 304 7.51 10.36 13.82
N CYS D 305 8.64 10.79 13.26
CA CYS D 305 8.69 11.99 12.40
C CYS D 305 7.96 11.83 11.08
N LEU D 306 8.06 10.66 10.46
CA LEU D 306 7.27 10.40 9.24
C LEU D 306 5.77 10.63 9.51
N LEU D 307 5.29 10.26 10.69
CA LEU D 307 3.86 10.29 10.97
C LEU D 307 3.43 11.75 11.00
N MSE D 308 4.26 12.61 11.59
CA MSE D 308 3.96 14.02 11.77
C MSE D 308 4.12 14.74 10.46
O MSE D 308 3.34 15.57 10.12
CB MSE D 308 4.89 14.59 12.88
CG MSE D 308 4.69 15.99 13.25
SE MSE D 308 2.88 16.39 13.83
CE MSE D 308 3.01 16.09 15.76
N LEU D 309 5.11 14.35 9.69
CA LEU D 309 5.28 14.88 8.34
C LEU D 309 4.07 14.63 7.41
N GLU D 310 3.51 13.42 7.45
CA GLU D 310 2.31 13.07 6.68
C GLU D 310 1.06 13.50 7.44
N ASN D 311 1.26 14.16 8.59
CA ASN D 311 0.17 14.73 9.35
C ASN D 311 -0.88 13.71 9.75
N ARG D 312 -0.37 12.55 10.13
CA ARG D 312 -1.25 11.49 10.57
C ARG D 312 -2.03 11.86 11.82
N ASP D 313 -3.04 11.07 12.09
CA ASP D 313 -3.92 11.17 13.24
C ASP D 313 -3.13 11.28 14.53
N ARG D 314 -3.51 12.26 15.32
CA ARG D 314 -2.97 12.50 16.65
C ARG D 314 -2.92 11.25 17.52
N ALA D 315 -4.00 10.46 17.50
CA ALA D 315 -4.05 9.24 18.27
C ALA D 315 -3.08 8.19 17.77
N GLU D 316 -2.90 8.08 16.46
CA GLU D 316 -1.92 7.16 15.95
C GLU D 316 -0.53 7.64 16.37
N ILE D 317 -0.26 8.94 16.30
CA ILE D 317 1.09 9.39 16.65
C ILE D 317 1.37 9.14 18.14
N GLU D 318 0.42 9.54 18.98
CA GLU D 318 0.52 9.26 20.39
C GLU D 318 0.61 7.77 20.75
N ALA D 319 -0.10 6.92 20.02
CA ALA D 319 -0.03 5.50 20.34
C ALA D 319 1.37 4.95 20.02
N MSE D 320 1.98 5.43 18.93
CA MSE D 320 3.33 5.03 18.58
C MSE D 320 4.37 5.59 19.51
O MSE D 320 5.37 4.91 19.80
CB MSE D 320 3.65 5.35 17.14
CG MSE D 320 2.89 4.48 16.15
SE MSE D 320 3.14 2.56 16.52
CE MSE D 320 1.49 2.03 17.55
N ILE D 321 4.13 6.82 19.99
CA ILE D 321 5.01 7.39 20.98
C ILE D 321 5.01 6.52 22.26
N ARG D 322 3.81 6.13 22.70
CA ARG D 322 3.71 5.36 23.94
C ARG D 322 4.28 3.95 23.75
N PHE D 323 4.02 3.39 22.59
CA PHE D 323 4.63 2.14 22.27
C PHE D 323 6.14 2.20 22.37
N CYS D 324 6.77 3.20 21.72
CA CYS D 324 8.23 3.36 21.82
C CYS D 324 8.67 3.57 23.25
N ARG D 325 7.94 4.38 23.99
CA ARG D 325 8.37 4.60 25.37
C ARG D 325 8.34 3.27 26.12
N SER D 326 7.30 2.48 25.88
CA SER D 326 7.13 1.22 26.61
C SER D 326 8.29 0.20 26.41
N VAL D 327 9.02 0.30 25.30
CA VAL D 327 10.20 -0.54 25.10
C VAL D 327 11.54 0.17 25.28
N GLY D 328 11.55 1.48 25.59
CA GLY D 328 12.78 2.26 25.71
C GLY D 328 13.41 2.82 24.43
N LEU D 329 12.61 3.09 23.39
CA LEU D 329 13.11 3.68 22.16
C LEU D 329 12.96 5.17 22.28
N PRO D 330 13.80 5.92 21.57
CA PRO D 330 13.70 7.34 21.71
C PRO D 330 12.46 7.96 21.03
N THR D 331 11.94 9.01 21.67
CA THR D 331 10.73 9.67 21.15
C THR D 331 10.86 11.19 21.25
N LYS D 332 12.04 11.67 21.68
CA LYS D 332 12.42 13.12 21.71
C LYS D 332 13.86 13.28 21.19
N LEU D 333 14.18 14.47 20.65
CA LEU D 333 15.54 14.77 20.13
C LEU D 333 16.53 14.54 21.27
N ALA D 334 16.13 15.02 22.44
CA ALA D 334 16.94 14.86 23.61
C ALA D 334 17.35 13.43 23.87
N ASP D 335 16.53 12.45 23.45
CA ASP D 335 16.82 11.01 23.67
C ASP D 335 17.91 10.45 22.73
N LEU D 336 18.28 11.24 21.73
CA LEU D 336 19.33 10.92 20.81
C LEU D 336 20.47 11.93 20.95
N GLY D 337 20.61 12.51 22.14
CA GLY D 337 21.67 13.44 22.44
C GLY D 337 21.65 14.82 21.80
N ILE D 338 20.52 15.19 21.19
CA ILE D 338 20.42 16.42 20.45
C ILE D 338 19.77 17.49 21.34
N VAL D 339 20.58 18.34 21.99
CA VAL D 339 20.09 19.24 23.07
C VAL D 339 20.56 20.70 23.02
N ASP D 340 21.57 20.97 22.18
CA ASP D 340 22.12 22.30 21.99
C ASP D 340 21.92 22.70 20.55
N ASP D 341 21.46 23.90 20.33
CA ASP D 341 21.33 24.44 19.01
C ASP D 341 20.54 23.54 18.10
N VAL D 342 19.44 23.04 18.63
CA VAL D 342 18.62 22.06 17.99
C VAL D 342 17.99 22.45 16.64
N PRO D 343 17.46 23.64 16.50
CA PRO D 343 16.89 24.10 15.25
C PRO D 343 17.88 24.18 14.10
N ALA D 344 19.08 24.59 14.40
CA ALA D 344 20.12 24.64 13.42
C ALA D 344 20.57 23.21 13.07
N LYS D 345 20.77 22.33 14.06
CA LYS D 345 21.12 20.92 13.77
C LYS D 345 20.07 20.23 12.84
N ILE D 346 18.79 20.45 13.16
CA ILE D 346 17.70 19.75 12.51
C ILE D 346 17.69 20.24 11.07
N GLY D 347 18.09 21.51 10.88
CA GLY D 347 18.15 22.11 9.56
C GLY D 347 19.15 21.37 8.72
N ARG D 348 20.22 20.92 9.36
CA ARG D 348 21.27 20.17 8.69
C ARG D 348 20.78 18.76 8.34
N VAL D 349 20.16 18.10 9.33
CA VAL D 349 19.51 16.81 9.14
C VAL D 349 18.59 16.80 7.94
N ALA D 350 17.73 17.83 7.87
CA ALA D 350 16.78 17.97 6.78
C ALA D 350 17.41 18.25 5.41
N GLU D 351 18.41 19.17 5.32
CA GLU D 351 19.16 19.35 4.05
C GLU D 351 19.75 18.03 3.52
N ALA D 352 20.36 17.24 4.41
CA ALA D 352 20.99 15.99 3.97
C ALA D 352 19.98 14.90 3.55
N ALA D 353 18.88 14.79 4.29
CA ALA D 353 17.77 13.92 3.92
C ALA D 353 17.21 14.31 2.54
N CYS D 354 17.13 15.62 2.28
CA CYS D 354 16.38 16.10 1.13
C CYS D 354 17.17 16.29 -0.17
N ARG D 355 18.39 15.77 -0.22
CA ARG D 355 19.17 15.90 -1.44
C ARG D 355 18.43 15.18 -2.54
N PRO D 356 18.38 15.79 -3.73
CA PRO D 356 17.65 15.30 -4.91
C PRO D 356 17.92 13.84 -5.13
N GLY D 357 16.88 13.02 -5.23
CA GLY D 357 17.07 11.60 -5.50
C GLY D 357 16.89 10.71 -4.29
N ASN D 358 17.02 11.27 -3.09
CA ASN D 358 16.92 10.51 -1.85
C ASN D 358 15.56 9.81 -1.60
N ILE D 359 15.60 8.72 -0.82
CA ILE D 359 14.40 7.94 -0.52
C ILE D 359 13.24 8.71 0.12
N ILE D 360 13.53 9.86 0.76
CA ILE D 360 12.49 10.62 1.49
C ILE D 360 11.40 11.10 0.52
N TYR D 361 11.78 11.27 -0.75
CA TYR D 361 10.84 11.65 -1.79
C TYR D 361 9.81 10.58 -2.11
N ALA D 362 9.92 9.44 -1.44
CA ALA D 362 8.88 8.44 -1.57
C ALA D 362 7.66 8.87 -0.75
N THR D 363 7.73 10.00 -0.09
CA THR D 363 6.65 10.31 0.86
C THR D 363 5.50 10.99 0.11
N PRO D 364 4.24 10.53 0.37
CA PRO D 364 3.09 11.17 -0.31
C PRO D 364 2.81 12.60 0.22
N VAL D 365 3.85 13.39 0.36
CA VAL D 365 3.73 14.77 0.80
C VAL D 365 4.65 15.56 -0.11
N THR D 366 4.51 16.87 -0.07
CA THR D 366 5.41 17.67 -0.84
C THR D 366 6.62 17.90 0.06
N ILE D 367 7.76 17.43 -0.42
CA ILE D 367 8.96 17.47 0.36
C ILE D 367 9.77 18.76 0.13
N THR D 368 9.94 19.54 1.17
CA THR D 368 10.89 20.62 1.13
C THR D 368 11.67 20.42 2.43
N VAL D 369 12.86 21.00 2.50
CA VAL D 369 13.64 21.10 3.71
C VAL D 369 12.87 21.76 4.85
N PRO D 370 12.20 22.90 4.61
CA PRO D 370 11.41 23.49 5.73
C PRO D 370 10.42 22.51 6.33
N ALA D 371 9.63 21.86 5.47
CA ALA D 371 8.72 20.78 5.86
C ALA D 371 9.36 19.61 6.66
N VAL D 372 10.49 19.09 6.18
CA VAL D 372 11.09 17.99 6.92
C VAL D 372 11.65 18.53 8.26
N ARG D 373 12.24 19.73 8.22
CA ARG D 373 12.80 20.29 9.44
C ARG D 373 11.70 20.56 10.41
N ASP D 374 10.58 21.08 9.91
CA ASP D 374 9.47 21.45 10.82
C ASP D 374 8.69 20.21 11.33
N ALA D 375 8.52 19.19 10.50
CA ALA D 375 8.07 17.91 11.01
C ALA D 375 8.85 17.27 12.21
N ILE D 376 10.20 17.29 12.16
CA ILE D 376 11.05 16.69 13.20
C ILE D 376 10.89 17.51 14.46
N LEU D 377 10.88 18.82 14.33
CA LEU D 377 10.76 19.71 15.48
C LEU D 377 9.35 19.62 16.09
N ALA D 378 8.36 19.43 15.21
CA ALA D 378 6.97 19.41 15.70
C ALA D 378 6.70 18.11 16.40
N LEU D 379 7.22 17.03 15.81
CA LEU D 379 7.18 15.74 16.50
C LEU D 379 7.86 15.86 17.88
N ASP D 380 9.06 16.46 17.89
CA ASP D 380 9.75 16.59 19.16
C ASP D 380 8.92 17.32 20.16
N ALA D 381 8.34 18.46 19.76
CA ALA D 381 7.54 19.26 20.69
C ALA D 381 6.31 18.51 21.17
N PHE D 382 5.67 17.80 20.26
CA PHE D 382 4.43 17.13 20.59
C PHE D 382 4.75 15.97 21.54
N SER D 383 5.82 15.25 21.22
CA SER D 383 6.32 14.27 22.17
C SER D 383 6.64 14.88 23.53
N ARG D 384 7.28 16.05 23.54
CA ARG D 384 7.59 16.70 24.83
C ARG D 384 6.32 17.08 25.60
N SER D 385 5.17 17.12 24.93
CA SER D 385 3.98 17.51 25.65
C SER D 385 3.22 16.31 26.18
N ILE D 386 3.68 15.11 25.89
CA ILE D 386 3.04 13.91 26.35
C ILE D 386 3.76 13.31 27.55
N HIS D 387 2.99 13.15 28.62
CA HIS D 387 3.47 12.61 29.89
C HIS D 387 2.53 11.46 30.30
N ALA E 25 51.29 56.71 41.31
CA ALA E 25 49.98 56.12 41.70
C ALA E 25 49.76 54.76 41.01
N ARG E 26 48.95 53.89 41.64
CA ARG E 26 48.59 52.60 41.07
C ARG E 26 47.32 52.09 41.77
N ALA E 27 46.48 51.32 41.08
CA ALA E 27 45.25 50.78 41.65
C ALA E 27 44.89 49.38 41.14
N PHE E 28 44.41 48.53 42.03
CA PHE E 28 44.01 47.20 41.69
C PHE E 28 42.54 47.09 42.08
N GLY E 29 41.79 46.36 41.27
CA GLY E 29 40.41 45.99 41.53
C GLY E 29 40.19 44.50 41.19
N GLY E 30 39.33 43.89 41.98
CA GLY E 30 38.78 42.61 41.62
C GLY E 30 37.52 42.29 42.39
N PRO E 31 36.97 41.11 42.13
CA PRO E 31 35.87 40.53 42.82
C PRO E 31 36.27 40.20 44.27
N ASN E 32 35.35 40.33 45.20
CA ASN E 32 35.71 39.91 46.56
C ASN E 32 35.95 38.39 46.67
N LYS E 33 35.15 37.60 45.96
CA LYS E 33 35.32 36.15 45.98
C LYS E 33 35.17 35.63 44.54
N TYR E 34 36.02 34.67 44.17
CA TYR E 34 35.83 33.87 42.97
C TYR E 34 35.95 32.43 43.41
N ILE E 35 34.98 31.63 43.01
CA ILE E 35 34.87 30.24 43.38
C ILE E 35 34.53 29.49 42.12
N GLN E 36 35.29 28.42 41.89
CA GLN E 36 35.16 27.61 40.70
C GLN E 36 35.15 26.15 41.13
N ARG E 37 34.04 25.46 40.84
CA ARG E 37 33.87 24.05 41.18
C ARG E 37 32.65 23.46 40.52
N ALA E 38 32.77 22.21 40.09
CA ALA E 38 31.64 21.45 39.57
C ALA E 38 30.44 21.44 40.53
N GLY E 39 29.27 21.79 39.99
CA GLY E 39 28.00 21.72 40.73
C GLY E 39 27.68 22.94 41.59
N GLU E 40 28.52 23.97 41.49
CA GLU E 40 28.36 25.05 42.42
C GLU E 40 27.10 25.88 42.16
N ILE E 41 26.46 25.66 41.01
CA ILE E 41 25.20 26.33 40.73
C ILE E 41 24.09 25.90 41.69
N ASP E 42 24.19 24.67 42.23
CA ASP E 42 23.19 24.15 43.18
C ASP E 42 23.37 24.82 44.53
N LYS E 43 24.54 25.39 44.72
CA LYS E 43 24.88 26.10 45.94
C LYS E 43 24.80 27.60 45.79
N LEU E 44 24.20 28.09 44.72
CA LEU E 44 24.34 29.52 44.44
C LEU E 44 23.60 30.32 45.46
N ALA E 45 22.40 29.85 45.79
CA ALA E 45 21.58 30.48 46.81
C ALA E 45 22.36 30.74 48.08
N ALA E 46 23.27 29.82 48.44
CA ALA E 46 24.02 29.97 49.70
C ALA E 46 25.09 31.06 49.63
N TYR E 47 25.50 31.43 48.41
CA TYR E 47 26.41 32.56 48.23
C TYR E 47 25.63 33.86 48.35
N LEU E 48 24.37 33.81 47.94
CA LEU E 48 23.50 34.97 47.91
C LEU E 48 23.03 35.38 49.30
N ALA E 49 22.71 34.39 50.15
CA ALA E 49 22.17 34.62 51.53
C ALA E 49 22.94 35.63 52.38
N PRO E 50 24.28 35.58 52.36
CA PRO E 50 25.06 36.60 53.12
C PRO E 50 24.98 38.02 52.59
N LEU E 51 24.50 38.20 51.37
CA LEU E 51 24.62 39.53 50.74
C LEU E 51 23.38 40.39 50.89
N GLY E 52 22.22 39.76 50.96
CA GLY E 52 20.95 40.49 51.07
C GLY E 52 19.83 39.51 51.23
N LYS E 53 18.59 39.98 51.17
CA LYS E 53 17.39 39.13 51.32
C LYS E 53 16.60 38.99 50.03
N ARG E 54 16.89 39.84 49.06
CA ARG E 54 16.02 39.95 47.89
C ARG E 54 16.85 39.95 46.61
N ALA E 55 16.95 38.81 45.96
CA ALA E 55 17.84 38.64 44.81
C ALA E 55 17.03 38.61 43.54
N LEU E 56 17.48 39.32 42.54
CA LEU E 56 16.89 39.19 41.25
C LEU E 56 17.84 38.35 40.39
N VAL E 57 17.41 37.15 40.03
CA VAL E 57 18.23 36.28 39.21
C VAL E 57 17.88 36.37 37.73
N LEU E 58 18.78 37.00 36.98
CA LEU E 58 18.63 37.19 35.55
C LEU E 58 19.33 36.06 34.81
N ILE E 59 18.55 35.28 34.05
CA ILE E 59 19.04 34.04 33.41
C ILE E 59 18.83 34.01 31.89
N ASP E 60 19.90 33.59 31.20
CA ASP E 60 20.01 33.46 29.73
C ASP E 60 18.86 32.57 29.23
N ARG E 61 18.22 32.98 28.12
CA ARG E 61 17.02 32.30 27.58
C ARG E 61 17.10 30.75 27.45
N VAL E 62 18.15 30.25 26.81
CA VAL E 62 18.33 28.80 26.65
C VAL E 62 18.13 28.10 27.99
N LEU E 63 18.64 28.68 29.06
CA LEU E 63 18.74 27.99 30.35
C LEU E 63 17.77 28.37 31.45
N PHE E 64 16.81 29.23 31.16
CA PHE E 64 15.95 29.78 32.22
C PHE E 64 15.19 28.76 33.06
N ASP E 65 14.56 27.79 32.39
CA ASP E 65 13.76 26.75 33.04
C ASP E 65 14.61 25.82 33.93
N ALA E 66 15.65 25.21 33.36
CA ALA E 66 16.42 24.22 34.10
C ALA E 66 17.14 24.85 35.29
N LEU E 67 17.55 26.11 35.12
CA LEU E 67 18.39 26.74 36.13
C LEU E 67 17.61 27.42 37.21
N SER E 68 16.49 28.06 36.83
CA SER E 68 15.51 28.52 37.86
C SER E 68 15.04 27.39 38.78
N GLU E 69 14.73 26.21 38.23
CA GLU E 69 14.43 25.04 39.11
C GLU E 69 15.60 24.70 40.02
N ARG E 70 16.82 24.66 39.45
CA ARG E 70 18.00 24.28 40.20
C ARG E 70 18.43 25.34 41.21
N ILE E 71 18.47 26.59 40.80
CA ILE E 71 18.71 27.63 41.80
C ILE E 71 17.53 27.71 42.83
N SER E 78 14.96 32.89 54.47
CA SER E 78 15.97 33.96 54.60
C SER E 78 16.19 34.78 53.31
N LEU E 79 16.01 34.14 52.16
CA LEU E 79 16.27 34.79 50.89
C LEU E 79 15.18 34.60 49.85
N ASP E 80 14.68 35.72 49.38
CA ASP E 80 13.66 35.72 48.36
C ASP E 80 14.31 35.92 47.00
N ILE E 81 14.02 35.02 46.10
CA ILE E 81 14.50 35.14 44.76
C ILE E 81 13.36 35.34 43.78
N ARG E 82 13.53 36.34 42.93
CA ARG E 82 12.71 36.50 41.73
C ARG E 82 13.59 36.19 40.52
N PHE E 83 13.11 35.34 39.62
CA PHE E 83 13.81 34.99 38.40
C PHE E 83 13.26 35.74 37.19
N GLU E 84 14.13 36.40 36.43
CA GLU E 84 13.75 37.07 35.16
C GLU E 84 14.50 36.45 33.99
N ARG E 85 13.94 36.59 32.80
CA ARG E 85 14.50 35.99 31.62
C ARG E 85 15.20 37.08 30.83
N PHE E 86 16.35 36.73 30.29
CA PHE E 86 17.20 37.66 29.57
C PHE E 86 16.99 37.62 28.09
N GLY E 87 16.85 38.81 27.56
CA GLY E 87 16.61 39.15 26.18
C GLY E 87 17.75 38.77 25.29
N GLY E 88 18.90 38.69 25.88
CA GLY E 88 20.09 38.31 25.20
C GLY E 88 20.89 39.42 24.63
N GLU E 89 20.45 40.66 24.76
CA GLU E 89 21.26 41.77 24.37
C GLU E 89 21.41 42.76 25.49
N CYS E 90 22.63 43.19 25.72
CA CYS E 90 22.85 44.24 26.71
C CYS E 90 22.66 45.57 26.04
N CYS E 91 21.46 46.11 26.12
CA CYS E 91 21.12 47.37 25.47
C CYS E 91 20.28 48.17 26.39
N THR E 92 20.09 49.44 26.11
CA THR E 92 19.39 50.33 27.01
C THR E 92 17.96 49.91 27.28
N SER E 93 17.28 49.41 26.28
CA SER E 93 15.93 48.98 26.47
C SER E 93 15.75 47.83 27.44
N GLU E 94 16.66 46.89 27.49
CA GLU E 94 16.51 45.75 28.38
C GLU E 94 17.07 46.00 29.76
N ILE E 95 18.07 46.87 29.84
CA ILE E 95 18.53 47.41 31.11
C ILE E 95 17.36 48.13 31.77
N GLU E 96 16.67 49.01 31.04
CA GLU E 96 15.50 49.65 31.58
C GLU E 96 14.41 48.62 31.98
N ARG E 97 13.98 47.76 31.06
CA ARG E 97 13.05 46.69 31.43
C ARG E 97 13.43 46.03 32.74
N VAL E 98 14.69 45.61 32.84
CA VAL E 98 15.16 44.88 34.01
C VAL E 98 15.31 45.79 35.23
N ARG E 99 15.72 47.03 34.99
CA ARG E 99 15.77 47.99 36.06
C ARG E 99 14.39 48.09 36.73
N LYS E 100 13.34 48.20 35.93
CA LYS E 100 12.03 48.34 36.49
C LYS E 100 11.60 47.16 37.33
N VAL E 101 11.90 45.96 36.87
CA VAL E 101 11.53 44.78 37.62
C VAL E 101 12.18 44.72 38.95
N ALA E 102 13.45 45.05 38.99
CA ALA E 102 14.19 45.01 40.22
C ALA E 102 13.67 45.98 41.24
N ILE E 103 13.35 47.16 40.79
CA ILE E 103 12.84 48.16 41.65
C ILE E 103 11.52 47.70 42.20
N GLU E 104 10.71 47.11 41.37
CA GLU E 104 9.46 46.77 41.94
C GLU E 104 9.71 45.74 43.05
N HIS E 105 10.59 44.80 42.77
CA HIS E 105 10.91 43.72 43.67
C HIS E 105 11.60 44.14 44.96
N GLY E 106 12.26 45.27 44.93
CA GLY E 106 13.05 45.79 46.05
C GLY E 106 14.33 44.99 46.16
N SER E 107 14.83 44.58 45.01
CA SER E 107 15.98 43.69 44.93
C SER E 107 17.20 44.18 45.72
N ASP E 108 17.81 43.24 46.42
CA ASP E 108 18.97 43.44 47.28
C ASP E 108 20.28 43.08 46.57
N ILE E 109 20.15 42.13 45.65
CA ILE E 109 21.24 41.52 44.96
C ILE E 109 20.76 41.37 43.54
N LEU E 110 21.66 41.64 42.59
CA LEU E 110 21.47 41.29 41.19
C LEU E 110 22.41 40.14 40.85
N VAL E 111 21.91 39.20 40.10
CA VAL E 111 22.64 38.04 39.74
C VAL E 111 22.47 37.74 38.27
N GLY E 112 23.57 37.84 37.51
CA GLY E 112 23.58 37.44 36.11
C GLY E 112 24.04 36.00 35.99
N VAL E 113 23.30 35.19 35.24
CA VAL E 113 23.55 33.78 35.10
C VAL E 113 23.37 33.51 33.60
N GLY E 114 24.49 33.55 32.89
CA GLY E 114 24.52 33.54 31.45
C GLY E 114 25.91 33.86 30.92
N GLY E 115 25.94 34.47 29.75
CA GLY E 115 27.18 34.86 29.08
C GLY E 115 27.55 36.24 29.58
N GLY E 116 28.36 36.93 28.80
CA GLY E 116 28.87 38.23 29.19
C GLY E 116 27.83 39.32 29.10
N LYS E 117 26.88 39.17 28.17
CA LYS E 117 25.78 40.14 28.01
C LYS E 117 24.83 40.15 29.22
N THR E 118 24.47 38.95 29.68
CA THR E 118 23.62 38.80 30.87
C THR E 118 24.35 39.45 32.06
N ALA E 119 25.61 39.03 32.24
CA ALA E 119 26.48 39.52 33.31
C ALA E 119 26.59 41.04 33.26
N ASP E 120 26.78 41.58 32.07
CA ASP E 120 26.89 43.01 31.96
C ASP E 120 25.58 43.74 32.23
N THR E 121 24.46 43.17 31.78
CA THR E 121 23.13 43.70 32.17
C THR E 121 22.91 43.70 33.69
N ALA E 122 23.07 42.54 34.33
CA ALA E 122 22.98 42.45 35.77
C ALA E 122 23.80 43.50 36.44
N LYS E 123 25.06 43.69 36.00
CA LYS E 123 25.94 44.65 36.69
C LYS E 123 25.38 46.11 36.65
N ILE E 124 24.93 46.56 35.47
CA ILE E 124 24.43 47.92 35.26
C ILE E 124 23.20 48.22 36.11
N VAL E 125 22.20 47.35 36.02
CA VAL E 125 21.06 47.41 36.93
C VAL E 125 21.51 47.53 38.39
N ALA E 126 22.43 46.68 38.82
CA ALA E 126 22.85 46.63 40.22
C ALA E 126 23.50 47.95 40.65
N ILE E 127 24.23 48.57 39.73
CA ILE E 127 24.80 49.88 39.99
C ILE E 127 23.63 50.86 40.06
N ASP E 128 22.73 50.82 39.08
CA ASP E 128 21.57 51.74 39.02
C ASP E 128 20.68 51.72 40.25
N THR E 129 20.79 50.64 41.01
CA THR E 129 19.86 50.30 42.07
C THR E 129 20.62 50.24 43.38
N GLY E 130 21.95 50.31 43.34
CA GLY E 130 22.77 50.12 44.55
C GLY E 130 22.78 48.71 45.16
N ALA E 131 22.32 47.73 44.37
CA ALA E 131 22.36 46.33 44.80
C ALA E 131 23.78 45.71 44.71
N ARG E 132 23.98 44.63 45.46
CA ARG E 132 25.14 43.76 45.33
C ARG E 132 25.12 43.00 43.99
N ILE E 133 26.30 42.57 43.56
CA ILE E 133 26.46 41.86 42.28
C ILE E 133 27.02 40.47 42.50
N VAL E 134 26.34 39.47 41.95
CA VAL E 134 26.91 38.12 41.86
C VAL E 134 26.76 37.66 40.44
N ILE E 135 27.82 37.09 39.87
CA ILE E 135 27.76 36.56 38.53
C ILE E 135 27.99 35.09 38.61
N ALA E 136 27.21 34.32 37.87
CA ALA E 136 27.43 32.88 37.84
C ALA E 136 27.45 32.48 36.39
N PRO E 137 28.63 32.52 35.74
CA PRO E 137 28.63 32.24 34.29
C PRO E 137 28.26 30.79 33.91
N THR E 138 27.59 30.62 32.78
CA THR E 138 27.15 29.33 32.32
C THR E 138 28.01 28.94 31.11
N ILE E 139 28.82 29.91 30.67
CA ILE E 139 29.86 29.70 29.67
C ILE E 139 31.08 30.56 30.06
N ALA E 140 32.27 30.08 29.69
CA ALA E 140 33.52 30.79 29.90
C ALA E 140 33.89 31.42 28.58
N SER E 141 33.14 32.43 28.17
CA SER E 141 33.22 32.87 26.78
C SER E 141 33.75 34.27 26.63
N THR E 142 33.79 35.01 27.75
CA THR E 142 34.37 36.34 27.78
C THR E 142 35.00 36.60 29.11
N ASP E 143 35.73 37.70 29.20
CA ASP E 143 36.34 38.11 30.45
C ASP E 143 35.43 38.97 31.32
N ALA E 144 34.18 39.15 30.92
CA ALA E 144 33.23 40.04 31.63
C ALA E 144 32.93 39.68 33.10
N PRO E 145 32.87 38.38 33.43
CA PRO E 145 32.35 38.06 34.77
C PRO E 145 33.08 38.73 35.98
N CYS E 146 34.38 38.96 35.88
CA CYS E 146 35.12 39.56 36.98
C CYS E 146 35.28 41.08 36.99
N SER E 147 35.20 41.67 35.81
CA SER E 147 35.62 43.03 35.64
C SER E 147 34.58 44.02 36.21
N ALA E 148 34.96 45.29 36.31
CA ALA E 148 34.04 46.32 36.73
C ALA E 148 33.59 47.13 35.51
N ILE E 149 34.08 46.77 34.34
CA ILE E 149 33.59 47.31 33.08
C ILE E 149 32.36 46.52 32.64
N ALA E 150 31.39 47.24 32.07
CA ALA E 150 30.25 46.60 31.42
C ALA E 150 30.06 47.26 30.06
N VAL E 151 29.75 46.47 29.04
CA VAL E 151 29.63 46.99 27.67
C VAL E 151 28.18 46.99 27.15
N ARG E 152 27.63 48.17 26.92
CA ARG E 152 26.32 48.25 26.35
C ARG E 152 26.40 48.26 24.81
N TYR E 153 25.43 47.61 24.15
CA TYR E 153 25.40 47.47 22.70
C TYR E 153 24.14 48.11 22.14
N THR E 154 24.13 48.42 20.83
CA THR E 154 22.83 48.72 20.18
C THR E 154 21.89 47.52 20.21
N GLU E 155 20.62 47.80 20.11
CA GLU E 155 19.60 46.78 20.24
C GLU E 155 19.74 45.73 19.11
N HIS E 156 20.54 46.06 18.08
CA HIS E 156 20.97 45.09 17.03
C HIS E 156 22.43 44.52 17.18
N GLY E 157 23.12 44.87 18.27
CA GLY E 157 24.41 44.25 18.59
C GLY E 157 25.63 45.05 18.12
N VAL E 158 25.44 46.32 17.84
CA VAL E 158 26.51 47.20 17.46
C VAL E 158 27.04 47.83 18.74
N TYR E 159 28.36 47.87 18.87
CA TYR E 159 29.02 48.45 20.02
C TYR E 159 28.58 49.90 20.25
N GLU E 160 28.33 50.25 21.50
CA GLU E 160 27.81 51.57 21.77
C GLU E 160 28.52 52.20 22.95
N GLU E 161 28.80 51.46 24.02
CA GLU E 161 29.50 52.09 25.15
C GLU E 161 30.08 51.16 26.19
N ALA E 162 31.36 51.33 26.51
CA ALA E 162 31.95 50.61 27.63
C ALA E 162 31.82 51.43 28.89
N LEU E 163 30.92 51.04 29.78
CA LEU E 163 30.81 51.80 31.01
C LEU E 163 31.78 51.24 31.99
N ARG E 164 32.52 52.13 32.63
CA ARG E 164 33.43 51.74 33.70
C ARG E 164 32.64 51.88 35.03
N LEU E 165 32.27 50.75 35.64
CA LEU E 165 31.39 50.76 36.84
C LEU E 165 32.15 51.11 38.15
N PRO E 166 31.47 51.56 39.22
CA PRO E 166 32.28 51.90 40.44
C PRO E 166 32.73 50.72 41.37
N ARG E 167 32.07 49.57 41.23
CA ARG E 167 32.23 48.39 42.06
C ARG E 167 32.49 47.18 41.15
N ASN E 168 33.40 46.29 41.57
CA ASN E 168 33.49 44.90 41.07
C ASN E 168 32.42 43.97 41.67
N PRO E 169 32.14 42.79 41.03
CA PRO E 169 31.20 41.84 41.68
C PRO E 169 31.56 41.49 43.11
N ASP E 170 30.58 41.06 43.90
CA ASP E 170 30.80 40.62 45.26
C ASP E 170 31.30 39.20 45.23
N ALA E 171 30.77 38.42 44.28
CA ALA E 171 31.16 37.06 44.14
C ALA E 171 31.00 36.57 42.74
N VAL E 172 31.81 35.58 42.37
CA VAL E 172 31.79 35.00 41.03
C VAL E 172 31.84 33.53 41.28
N VAL E 173 30.81 32.84 40.84
CA VAL E 173 30.61 31.45 41.17
C VAL E 173 30.60 30.70 39.86
N VAL E 174 31.56 29.81 39.69
CA VAL E 174 31.70 29.18 38.40
C VAL E 174 31.48 27.70 38.58
N ASP E 175 30.32 27.23 38.10
CA ASP E 175 30.06 25.83 37.90
C ASP E 175 30.81 25.24 36.68
N SER E 176 31.96 24.64 37.00
CA SER E 176 32.87 24.03 36.05
C SER E 176 32.15 23.09 35.12
N ALA E 177 31.33 22.23 35.70
CA ALA E 177 30.64 21.17 34.97
C ALA E 177 29.59 21.77 34.10
N LEU E 178 28.96 22.81 34.61
CA LEU E 178 28.01 23.53 33.80
C LEU E 178 28.72 24.10 32.59
N VAL E 179 29.81 24.83 32.85
CA VAL E 179 30.54 25.50 31.81
C VAL E 179 31.15 24.49 30.80
N ALA E 180 31.82 23.44 31.30
CA ALA E 180 32.43 22.35 30.48
C ALA E 180 31.47 21.61 29.53
N ALA E 181 30.19 21.53 29.90
CA ALA E 181 29.17 20.81 29.14
C ALA E 181 28.58 21.62 27.98
N ALA E 182 28.84 22.94 27.93
CA ALA E 182 28.42 23.81 26.80
C ALA E 182 29.15 23.37 25.49
N PRO E 183 28.60 23.67 24.28
CA PRO E 183 29.40 23.34 23.10
C PRO E 183 30.80 23.96 23.15
N ALA E 184 31.78 23.21 22.63
CA ALA E 184 33.20 23.60 22.60
C ALA E 184 33.44 25.02 22.04
N ARG E 185 32.65 25.43 21.07
CA ARG E 185 32.88 26.73 20.46
C ARG E 185 32.83 27.90 21.44
N PHE E 186 32.09 27.70 22.54
CA PHE E 186 32.04 28.67 23.62
C PHE E 186 33.32 28.81 24.40
N LEU E 187 33.98 27.72 24.76
CA LEU E 187 35.23 27.74 25.50
C LEU E 187 36.31 28.32 24.61
N VAL E 188 36.34 27.92 23.34
CA VAL E 188 37.30 28.45 22.36
C VAL E 188 37.18 29.98 22.20
N ALA E 189 35.96 30.48 22.23
CA ALA E 189 35.76 31.92 22.05
C ALA E 189 36.33 32.66 23.25
N GLY E 190 36.31 31.96 24.39
CA GLY E 190 36.82 32.54 25.64
C GLY E 190 38.33 32.58 25.59
N ILE E 191 38.92 31.47 25.14
CA ILE E 191 40.35 31.47 24.83
C ILE E 191 40.69 32.68 23.97
N GLY E 192 39.90 32.92 22.93
CA GLY E 192 40.13 34.01 22.00
C GLY E 192 40.11 35.36 22.67
N ASP E 193 39.24 35.47 23.66
CA ASP E 193 39.12 36.76 24.39
C ASP E 193 40.28 36.88 25.37
N ALA E 194 40.65 35.77 26.00
CA ALA E 194 41.70 35.72 27.01
C ALA E 194 43.05 36.04 26.40
N LEU E 195 43.22 35.58 25.16
CA LEU E 195 44.41 35.82 24.31
C LEU E 195 44.78 37.27 24.18
N SER E 196 43.83 38.17 24.27
CA SER E 196 44.22 39.56 24.15
C SER E 196 44.88 40.10 25.42
N THR E 197 44.68 39.44 26.55
CA THR E 197 45.04 40.12 27.80
C THR E 197 46.50 40.51 27.86
N TRP E 198 47.43 39.58 27.64
CA TRP E 198 48.83 39.91 27.74
C TRP E 198 49.17 40.96 26.72
N PHE E 199 48.65 40.79 25.50
CA PHE E 199 49.08 41.68 24.43
C PHE E 199 48.58 43.12 24.57
N GLU E 200 47.38 43.27 25.09
CA GLU E 200 46.85 44.60 25.27
C GLU E 200 47.50 45.25 26.51
N ALA E 201 47.92 44.45 27.50
CA ALA E 201 48.64 44.94 28.71
C ALA E 201 50.01 45.46 28.32
N ARG E 202 50.80 44.64 27.64
CA ARG E 202 52.01 45.12 27.01
C ARG E 202 51.78 46.48 26.34
N SER E 203 50.75 46.59 25.52
CA SER E 203 50.48 47.85 24.82
C SER E 203 50.34 49.02 25.77
N ASN E 204 49.46 48.84 26.77
CA ASN E 204 49.27 49.80 27.86
C ASN E 204 50.50 50.07 28.75
N ILE E 205 51.33 49.08 29.02
CA ILE E 205 52.57 49.30 29.78
C ILE E 205 53.54 50.16 28.94
N GLU E 206 53.56 49.95 27.61
CA GLU E 206 54.48 50.68 26.72
C GLU E 206 53.99 52.09 26.40
N SER E 207 52.66 52.27 26.25
CA SER E 207 52.12 53.63 26.08
C SER E 207 51.91 54.41 27.39
N ARG E 208 52.06 53.74 28.55
CA ARG E 208 51.76 54.29 29.91
C ARG E 208 50.35 54.91 30.02
N THR E 209 49.35 54.17 29.57
CA THR E 209 47.95 54.59 29.66
C THR E 209 47.34 54.02 30.95
N ASP E 210 46.32 54.73 31.47
CA ASP E 210 45.56 54.31 32.65
C ASP E 210 44.65 53.14 32.34
N ASN E 211 44.31 52.39 33.40
CA ASN E 211 43.67 51.08 33.32
C ASN E 211 42.13 51.15 33.35
N ALA E 214 39.86 52.37 39.13
CA ALA E 214 38.91 53.28 39.81
C ALA E 214 38.60 54.45 38.88
N GLY E 215 39.10 55.66 39.20
CA GLY E 215 39.09 56.73 38.18
C GLY E 215 39.91 56.42 36.91
N GLY E 216 40.84 55.44 36.99
CA GLY E 216 41.83 55.20 35.93
C GLY E 216 43.24 55.48 36.47
N PHE E 217 44.02 54.42 36.70
CA PHE E 217 45.35 54.51 37.28
C PHE E 217 46.33 53.68 36.48
N PRO E 218 47.65 53.94 36.64
CA PRO E 218 48.64 52.91 36.24
C PRO E 218 48.35 51.51 36.82
N ALA E 219 48.78 50.50 36.04
CA ALA E 219 48.71 49.12 36.40
C ALA E 219 49.57 48.87 37.61
N THR E 220 49.05 48.08 38.51
CA THR E 220 49.77 47.48 39.62
C THR E 220 50.71 46.34 39.10
N GLU E 221 51.72 45.94 39.87
CA GLU E 221 52.53 44.78 39.54
C GLU E 221 51.71 43.51 39.53
N ALA E 222 50.75 43.44 40.46
CA ALA E 222 49.86 42.30 40.52
C ALA E 222 49.12 42.16 39.21
N GLY E 223 48.61 43.27 38.68
CA GLY E 223 47.85 43.20 37.45
C GLY E 223 48.72 42.76 36.27
N MSE E 224 49.92 43.35 36.16
CA MSE E 224 50.91 42.91 35.18
C MSE E 224 51.17 41.42 35.31
O MSE E 224 51.04 40.72 34.30
CB MSE E 224 52.17 43.78 35.26
CG MSE E 224 51.82 45.23 34.92
SE MSE E 224 53.37 46.45 34.86
CE MSE E 224 53.44 47.17 36.73
N ALA E 225 51.47 40.93 36.51
CA ALA E 225 51.79 39.51 36.69
C ALA E 225 50.61 38.62 36.30
N ILE E 226 49.40 39.08 36.55
CA ILE E 226 48.23 38.30 36.20
C ILE E 226 48.05 38.25 34.65
N ALA E 227 48.30 39.37 34.00
CA ALA E 227 48.15 39.40 32.60
C ALA E 227 49.17 38.49 31.92
N ARG E 228 50.44 38.54 32.31
CA ARG E 228 51.49 37.72 31.73
C ARG E 228 51.15 36.26 31.95
N HIS E 229 50.67 35.90 33.15
CA HIS E 229 50.35 34.52 33.44
C HIS E 229 49.15 34.03 32.67
N CYS E 230 48.17 34.88 32.44
CA CYS E 230 47.04 34.46 31.61
C CYS E 230 47.56 33.82 30.27
N GLN E 231 48.57 34.43 29.66
CA GLN E 231 49.13 33.94 28.40
C GLN E 231 49.82 32.60 28.55
N ASP E 232 50.45 32.40 29.69
CA ASP E 232 51.14 31.17 29.89
C ASP E 232 50.17 29.99 30.14
N VAL E 233 49.02 30.23 30.80
CA VAL E 233 48.01 29.20 31.02
C VAL E 233 47.37 28.85 29.68
N LEU E 234 47.11 29.86 28.86
CA LEU E 234 46.53 29.61 27.54
C LEU E 234 47.42 28.74 26.68
N THR E 235 48.67 29.14 26.51
CA THR E 235 49.59 28.39 25.69
C THR E 235 49.80 26.97 26.24
N ARG E 236 49.94 26.80 27.55
CA ARG E 236 50.12 25.46 27.98
C ARG E 236 48.89 24.58 27.94
N ASP E 237 47.68 25.12 28.13
CA ASP E 237 46.50 24.26 28.37
C ASP E 237 45.38 24.33 27.31
N ALA E 238 45.40 25.30 26.40
CA ALA E 238 44.32 25.55 25.48
C ALA E 238 44.02 24.40 24.57
N VAL E 239 45.02 23.85 23.88
CA VAL E 239 44.77 22.67 23.02
C VAL E 239 44.25 21.43 23.79
N LYS E 240 44.90 21.11 24.90
CA LYS E 240 44.46 20.01 25.76
C LYS E 240 42.99 20.25 26.12
N ALA E 241 42.63 21.50 26.43
CA ALA E 241 41.27 21.80 26.94
C ALA E 241 40.21 21.72 25.85
N LYS E 242 40.60 22.17 24.68
CA LYS E 242 39.74 22.17 23.53
C LYS E 242 39.42 20.73 23.20
N ILE E 243 40.46 19.91 23.13
CA ILE E 243 40.31 18.47 22.85
C ILE E 243 39.42 17.78 23.90
N ALA E 244 39.63 18.09 25.17
CA ALA E 244 38.77 17.56 26.21
C ALA E 244 37.28 17.98 26.11
N VAL E 245 36.97 19.25 25.83
CA VAL E 245 35.56 19.62 25.76
C VAL E 245 34.88 19.05 24.51
N GLU E 246 35.59 18.95 23.39
CA GLU E 246 35.03 18.37 22.19
C GLU E 246 34.73 16.86 22.36
N ALA E 247 35.40 16.22 23.31
CA ALA E 247 35.08 14.86 23.69
C ALA E 247 34.05 14.83 24.81
N GLY E 248 33.49 16.00 25.19
CA GLY E 248 32.59 16.13 26.38
C GLY E 248 33.18 15.90 27.77
N LEU E 249 34.47 16.21 27.97
CA LEU E 249 35.15 15.88 29.23
C LEU E 249 35.49 17.04 30.11
N LEU E 250 35.71 16.82 31.41
CA LEU E 250 36.14 17.89 32.29
C LEU E 250 37.42 17.48 32.97
N THR E 251 38.49 18.18 32.68
CA THR E 251 39.82 17.81 33.11
C THR E 251 40.50 19.04 33.72
N PRO E 252 41.67 18.86 34.35
CA PRO E 252 42.39 19.98 34.89
C PRO E 252 42.74 21.00 33.82
N ALA E 253 42.90 20.55 32.58
CA ALA E 253 43.28 21.49 31.55
C ALA E 253 42.05 22.36 31.25
N VAL E 254 40.88 21.76 31.28
CA VAL E 254 39.66 22.53 31.15
C VAL E 254 39.47 23.52 32.33
N GLU E 255 39.65 23.06 33.55
CA GLU E 255 39.57 23.94 34.71
C GLU E 255 40.51 25.11 34.58
N ASN E 256 41.76 24.85 34.17
CA ASN E 256 42.76 25.95 34.04
C ASN E 256 42.33 26.98 33.02
N ILE E 257 41.73 26.56 31.92
CA ILE E 257 41.26 27.49 30.87
C ILE E 257 39.98 28.24 31.31
N ILE E 258 39.10 27.60 32.07
CA ILE E 258 37.97 28.34 32.68
C ILE E 258 38.49 29.46 33.58
N GLU E 259 39.46 29.14 34.46
CA GLU E 259 40.10 30.17 35.27
C GLU E 259 40.78 31.21 34.38
N ALA E 260 41.45 30.80 33.31
CA ALA E 260 42.12 31.78 32.49
C ALA E 260 41.17 32.64 31.71
N ASN E 261 40.13 32.06 31.11
CA ASN E 261 39.08 32.85 30.42
C ASN E 261 38.26 33.76 31.33
N THR E 262 38.16 33.43 32.62
CA THR E 262 37.33 34.20 33.51
C THR E 262 38.19 35.01 34.50
N LEU E 263 38.84 34.35 35.47
CA LEU E 263 39.59 35.06 36.52
C LEU E 263 40.80 35.87 35.99
N LEU E 264 41.78 35.20 35.37
CA LEU E 264 43.03 35.83 34.88
C LEU E 264 42.77 36.92 33.82
N SER E 265 41.91 36.62 32.87
CA SER E 265 41.63 37.51 31.79
C SER E 265 40.88 38.73 32.29
N GLY E 266 39.90 38.51 33.16
CA GLY E 266 39.18 39.63 33.71
C GLY E 266 40.05 40.52 34.55
N LEU E 267 40.75 39.94 35.51
CA LEU E 267 41.61 40.73 36.35
C LEU E 267 42.68 41.43 35.54
N GLY E 268 43.15 40.78 34.46
CA GLY E 268 44.22 41.40 33.64
C GLY E 268 43.70 42.62 32.93
N PHE E 269 42.61 42.46 32.18
CA PHE E 269 41.98 43.47 31.32
C PHE E 269 41.70 44.71 32.13
N GLU E 270 40.93 44.56 33.19
CA GLU E 270 40.60 45.66 34.02
C GLU E 270 41.83 46.35 34.63
N ASN E 271 42.79 45.58 35.13
CA ASN E 271 43.93 46.14 35.85
C ASN E 271 45.07 46.63 34.97
N CYS E 272 45.04 46.22 33.70
CA CYS E 272 46.10 46.68 32.80
C CYS E 272 45.64 47.54 31.63
N GLY E 273 44.37 47.38 31.26
CA GLY E 273 43.76 48.20 30.19
C GLY E 273 43.61 47.37 28.94
N CYS E 274 42.97 47.97 27.95
CA CYS E 274 42.72 47.32 26.65
C CYS E 274 43.34 48.19 25.62
N SER E 275 43.34 47.73 24.38
CA SER E 275 43.94 48.48 23.28
C SER E 275 43.19 48.28 21.99
N ALA E 276 43.97 48.04 20.95
CA ALA E 276 43.49 48.03 19.60
C ALA E 276 42.83 46.68 19.33
N ALA E 277 43.15 45.66 20.13
CA ALA E 277 42.48 44.38 19.98
C ALA E 277 40.99 44.54 20.25
N HIS E 278 40.65 45.20 21.38
CA HIS E 278 39.25 45.46 21.73
C HIS E 278 38.67 46.63 20.97
N GLY E 279 39.51 47.58 20.58
CA GLY E 279 39.03 48.73 19.78
C GLY E 279 38.61 48.27 18.40
N ILE E 280 39.29 47.23 17.91
CA ILE E 280 39.05 46.64 16.62
C ILE E 280 37.86 45.71 16.68
N HIS E 281 37.80 44.83 17.68
CA HIS E 281 36.53 44.18 17.99
C HIS E 281 35.37 45.17 17.86
N ASP E 282 35.47 46.32 18.53
CA ASP E 282 34.35 47.24 18.60
C ASP E 282 34.02 47.72 17.20
N GLY E 283 35.02 48.17 16.45
CA GLY E 283 34.83 48.53 15.07
C GLY E 283 34.25 47.46 14.20
N LEU E 284 34.63 46.20 14.42
CA LEU E 284 34.11 45.10 13.65
C LEU E 284 32.61 45.00 13.81
N THR E 285 32.10 45.39 14.98
CA THR E 285 30.67 45.21 15.27
C THR E 285 29.76 45.95 14.28
N VAL E 286 30.28 46.99 13.63
CA VAL E 286 29.45 47.73 12.67
C VAL E 286 29.13 46.95 11.40
N LEU E 287 29.74 45.79 11.20
CA LEU E 287 29.48 45.05 10.00
C LEU E 287 28.54 43.93 10.30
N GLU E 288 27.39 44.01 9.64
CA GLU E 288 26.41 42.94 9.67
C GLU E 288 26.97 41.54 9.58
N GLU E 289 27.94 41.30 8.69
CA GLU E 289 28.33 39.90 8.51
C GLU E 289 29.02 39.31 9.72
N VAL E 290 29.19 40.11 10.77
CA VAL E 290 30.01 39.74 11.92
C VAL E 290 29.14 39.56 13.20
N HIS E 291 27.84 39.74 13.04
CA HIS E 291 26.86 39.55 14.11
C HIS E 291 26.85 38.05 14.55
N GLY E 292 26.97 37.10 13.64
CA GLY E 292 26.96 35.71 14.07
C GLY E 292 28.23 35.12 14.71
N TYR E 293 29.29 35.91 14.94
CA TYR E 293 30.54 35.35 15.51
C TYR E 293 30.65 35.85 16.92
N PHE E 294 31.37 35.09 17.76
CA PHE E 294 31.41 35.40 19.20
C PHE E 294 32.34 36.53 19.49
N HIS E 295 32.10 37.24 20.58
CA HIS E 295 32.92 38.40 20.96
C HIS E 295 34.39 37.96 20.90
N GLY E 296 34.66 36.82 21.51
CA GLY E 296 35.96 36.24 21.57
C GLY E 296 36.58 35.87 20.24
N GLU E 297 35.77 35.48 19.28
CA GLU E 297 36.38 35.20 18.00
C GLU E 297 36.81 36.50 17.42
N LYS E 298 36.06 37.55 17.66
CA LYS E 298 36.42 38.86 17.12
C LYS E 298 37.63 39.47 17.86
N VAL E 299 37.69 39.31 19.16
CA VAL E 299 38.84 39.84 19.90
C VAL E 299 40.06 39.07 19.44
N ALA E 300 39.93 37.76 19.23
CA ALA E 300 41.13 36.99 18.80
C ALA E 300 41.68 37.50 17.52
N PHE E 301 40.87 37.67 16.50
CA PHE E 301 41.36 38.28 15.27
C PHE E 301 41.91 39.69 15.54
N GLY E 302 41.21 40.46 16.35
CA GLY E 302 41.70 41.83 16.67
C GLY E 302 43.07 41.83 17.35
N THR E 303 43.34 40.84 18.20
CA THR E 303 44.69 40.68 18.77
C THR E 303 45.80 40.50 17.69
N LEU E 304 45.58 39.59 16.75
CA LEU E 304 46.44 39.46 15.62
C LEU E 304 46.69 40.77 14.93
N CYS E 305 45.65 41.59 14.79
CA CYS E 305 45.82 42.86 14.10
C CYS E 305 46.57 43.88 14.97
N LEU E 306 46.43 43.79 16.29
CA LEU E 306 47.24 44.58 17.23
C LEU E 306 48.74 44.38 16.93
N LEU E 307 49.13 43.11 16.82
CA LEU E 307 50.50 42.78 16.64
C LEU E 307 51.04 43.40 15.36
N MSE E 308 50.27 43.33 14.27
CA MSE E 308 50.66 43.91 12.98
C MSE E 308 50.71 45.44 13.10
O MSE E 308 51.55 46.10 12.53
CB MSE E 308 49.70 43.48 11.85
CG MSE E 308 50.17 43.96 10.45
SE MSE E 308 51.97 43.18 9.85
CE MSE E 308 51.41 41.39 9.46
N LEU E 309 49.80 46.02 13.85
CA LEU E 309 49.72 47.47 13.94
C LEU E 309 50.97 47.99 14.72
N GLU E 310 51.52 47.11 15.59
CA GLU E 310 52.74 47.40 16.40
C GLU E 310 53.99 46.95 15.70
N ASN E 311 53.81 46.26 14.58
CA ASN E 311 54.91 45.75 13.79
C ASN E 311 55.82 44.84 14.61
N ARG E 312 55.19 43.91 15.28
CA ARG E 312 55.83 42.96 16.11
C ARG E 312 56.54 41.98 15.25
N ASP E 313 57.37 41.18 15.85
CA ASP E 313 58.23 40.24 15.18
C ASP E 313 57.40 39.28 14.44
N ARG E 314 57.88 38.93 13.28
CA ARG E 314 57.20 38.09 12.38
C ARG E 314 56.99 36.78 13.03
N ALA E 315 57.95 36.26 13.75
CA ALA E 315 57.77 35.00 14.42
C ALA E 315 56.71 35.06 15.51
N GLU E 316 56.66 36.12 16.27
CA GLU E 316 55.56 36.36 17.21
C GLU E 316 54.23 36.32 16.42
N ILE E 317 54.12 37.10 15.34
CA ILE E 317 52.85 37.09 14.60
C ILE E 317 52.49 35.71 14.06
N GLU E 318 53.49 35.01 13.55
CA GLU E 318 53.25 33.73 12.94
C GLU E 318 52.85 32.71 13.99
N ALA E 319 53.51 32.75 15.13
CA ALA E 319 53.21 31.81 16.15
C ALA E 319 51.78 31.98 16.67
N MSE E 320 51.29 33.22 16.73
CA MSE E 320 49.98 33.46 17.28
C MSE E 320 48.94 33.06 16.26
O MSE E 320 47.89 32.57 16.64
CB MSE E 320 49.82 34.91 17.66
CG MSE E 320 50.56 35.24 18.97
SE MSE E 320 49.93 34.10 20.51
CE MSE E 320 51.38 32.69 20.61
N ILE E 321 49.25 33.28 14.98
CA ILE E 321 48.43 32.82 13.89
C ILE E 321 48.29 31.33 13.99
N ARG E 322 49.39 30.61 14.22
CA ARG E 322 49.31 29.14 14.26
C ARG E 322 48.57 28.63 15.49
N PHE E 323 48.78 29.29 16.62
CA PHE E 323 48.08 29.03 17.84
C PHE E 323 46.56 29.23 17.69
N CYS E 324 46.15 30.36 17.11
CA CYS E 324 44.74 30.55 16.75
C CYS E 324 44.24 29.42 15.86
N ARG E 325 45.02 29.00 14.85
CA ARG E 325 44.51 27.94 13.97
C ARG E 325 44.41 26.62 14.72
N SER E 326 45.39 26.29 15.54
CA SER E 326 45.31 25.00 16.26
C SER E 326 44.06 24.79 17.15
N VAL E 327 43.29 25.85 17.41
CA VAL E 327 42.08 25.76 18.22
C VAL E 327 40.79 26.25 17.50
N GLY E 328 40.92 26.76 16.28
CA GLY E 328 39.74 27.12 15.49
C GLY E 328 39.38 28.60 15.48
N LEU E 329 40.24 29.47 15.99
CA LEU E 329 40.00 30.91 16.03
C LEU E 329 40.34 31.56 14.70
N PRO E 330 39.60 32.59 14.33
CA PRO E 330 39.75 33.20 13.02
C PRO E 330 41.09 33.86 12.91
N THR E 331 41.74 33.71 11.74
CA THR E 331 43.04 34.35 11.46
C THR E 331 42.99 35.08 10.14
N LYS E 332 41.83 35.08 9.51
CA LYS E 332 41.60 35.76 8.26
C LYS E 332 40.27 36.50 8.27
N LEU E 333 40.22 37.60 7.54
CA LEU E 333 38.97 38.33 7.34
C LEU E 333 37.84 37.39 6.99
N ALA E 334 38.17 36.42 6.11
CA ALA E 334 37.18 35.48 5.56
C ALA E 334 36.56 34.59 6.61
N ASP E 335 37.30 34.39 7.72
CA ASP E 335 36.88 33.54 8.82
C ASP E 335 35.82 34.29 9.66
N LEU E 336 35.71 35.61 9.46
CA LEU E 336 34.70 36.37 10.11
C LEU E 336 33.70 36.81 9.07
N GLY E 337 33.70 36.14 7.92
CA GLY E 337 32.68 36.41 6.97
C GLY E 337 32.84 37.67 6.16
N ILE E 338 33.94 38.38 6.35
CA ILE E 338 34.22 39.55 5.55
C ILE E 338 34.90 39.11 4.23
N VAL E 339 34.14 39.16 3.13
CA VAL E 339 34.60 38.65 1.80
C VAL E 339 34.28 39.58 0.64
N ASP E 340 33.26 40.42 0.80
CA ASP E 340 32.82 41.27 -0.27
C ASP E 340 33.19 42.70 0.01
N ASP E 341 33.89 43.31 -0.93
CA ASP E 341 34.17 44.75 -0.81
C ASP E 341 35.01 45.09 0.44
N VAL E 342 36.01 44.24 0.72
CA VAL E 342 36.56 44.24 2.04
C VAL E 342 37.28 45.52 2.43
N PRO E 343 38.07 46.14 1.51
CA PRO E 343 38.74 47.38 1.87
C PRO E 343 37.83 48.50 2.29
N ALA E 344 36.64 48.57 1.71
CA ALA E 344 35.72 49.62 2.13
C ALA E 344 35.20 49.31 3.53
N LYS E 345 34.86 48.04 3.76
CA LYS E 345 34.42 47.58 5.08
C LYS E 345 35.47 47.76 6.19
N ILE E 346 36.73 47.41 5.90
CA ILE E 346 37.80 47.69 6.83
C ILE E 346 37.90 49.18 7.08
N GLY E 347 37.64 49.99 6.05
CA GLY E 347 37.58 51.45 6.21
C GLY E 347 36.48 51.86 7.19
N ARG E 348 35.36 51.15 7.21
CA ARG E 348 34.32 51.45 8.19
C ARG E 348 34.77 50.95 9.55
N VAL E 349 35.29 49.73 9.61
CA VAL E 349 35.81 49.23 10.86
C VAL E 349 36.78 50.20 11.55
N ALA E 350 37.73 50.72 10.79
CA ALA E 350 38.77 51.59 11.36
C ALA E 350 38.26 52.95 11.85
N GLU E 351 37.31 53.52 11.10
CA GLU E 351 36.70 54.81 11.49
C GLU E 351 35.99 54.63 12.84
N ALA E 352 35.14 53.61 12.93
CA ALA E 352 34.48 53.30 14.18
C ALA E 352 35.50 53.22 15.33
N ALA E 353 36.62 52.52 15.11
CA ALA E 353 37.60 52.21 16.13
C ALA E 353 38.28 53.48 16.58
N CYS E 354 38.47 54.37 15.63
CA CYS E 354 39.32 55.53 15.84
C CYS E 354 38.65 56.82 16.26
N ARG E 355 37.40 56.76 16.71
CA ARG E 355 36.77 57.99 17.21
C ARG E 355 37.52 58.48 18.44
N PRO E 356 37.61 59.81 18.59
CA PRO E 356 38.29 60.45 19.72
C PRO E 356 38.02 59.82 21.06
N GLY E 357 39.05 59.73 21.89
CA GLY E 357 38.95 59.20 23.25
C GLY E 357 38.79 57.69 23.41
N ASN E 358 38.73 56.95 22.30
CA ASN E 358 38.57 55.50 22.31
C ASN E 358 39.82 54.74 22.77
N ILE E 359 39.62 53.47 23.15
CA ILE E 359 40.65 52.61 23.73
C ILE E 359 41.83 52.25 22.82
N ILE E 360 41.59 52.23 21.52
CA ILE E 360 42.62 51.97 20.54
C ILE E 360 43.77 53.00 20.66
N TYR E 361 43.53 54.14 21.32
CA TYR E 361 44.60 55.16 21.56
C TYR E 361 45.58 54.80 22.66
N ALA E 362 45.29 53.71 23.38
CA ALA E 362 46.29 53.18 24.30
C ALA E 362 47.32 52.39 23.51
N THR E 363 47.32 52.48 22.20
CA THR E 363 48.32 51.72 21.48
C THR E 363 49.62 52.51 21.39
N PRO E 364 50.76 51.90 21.75
CA PRO E 364 52.04 52.65 21.73
C PRO E 364 52.52 52.97 20.31
N VAL E 365 51.59 53.37 19.45
CA VAL E 365 51.88 53.72 18.05
C VAL E 365 51.06 54.99 17.74
N THR E 366 51.39 55.69 16.67
CA THR E 366 50.64 56.88 16.28
C THR E 366 49.39 56.41 15.53
N ILE E 367 48.21 56.65 16.12
CA ILE E 367 46.94 56.06 15.63
C ILE E 367 46.20 56.93 14.60
N THR E 368 45.99 56.39 13.41
CA THR E 368 45.13 57.02 12.43
C THR E 368 44.30 55.93 11.77
N VAL E 369 43.25 56.35 11.10
CA VAL E 369 42.41 55.46 10.31
C VAL E 369 43.19 54.60 9.29
N PRO E 370 44.09 55.20 8.49
CA PRO E 370 44.86 54.38 7.56
C PRO E 370 45.76 53.34 8.24
N ALA E 371 46.44 53.76 9.32
CA ALA E 371 47.32 52.86 10.04
C ALA E 371 46.53 51.65 10.47
N VAL E 372 45.38 51.92 11.08
CA VAL E 372 44.52 50.84 11.54
C VAL E 372 43.99 50.05 10.36
N ARG E 373 43.45 50.76 9.38
CA ARG E 373 42.89 50.07 8.21
C ARG E 373 43.95 49.19 7.60
N ASP E 374 45.14 49.75 7.36
CA ASP E 374 46.24 48.97 6.67
C ASP E 374 46.81 47.87 7.50
N ALA E 375 46.77 48.02 8.83
CA ALA E 375 47.19 46.92 9.71
C ALA E 375 46.30 45.71 9.57
N ILE E 376 45.01 45.95 9.53
CA ILE E 376 44.06 44.90 9.41
C ILE E 376 44.20 44.20 8.10
N LEU E 377 44.35 44.97 7.05
CA LEU E 377 44.54 44.45 5.73
C LEU E 377 45.86 43.70 5.59
N ALA E 378 46.89 44.21 6.22
CA ALA E 378 48.18 43.59 6.23
C ALA E 378 48.24 42.25 6.93
N LEU E 379 47.55 42.18 8.06
CA LEU E 379 47.45 40.97 8.81
C LEU E 379 46.72 39.88 8.04
N ASP E 380 45.68 40.25 7.34
CA ASP E 380 44.95 39.34 6.51
C ASP E 380 45.78 38.83 5.35
N ALA E 381 46.45 39.73 4.66
CA ALA E 381 47.41 39.37 3.63
C ALA E 381 48.47 38.46 4.22
N PHE E 382 49.06 38.82 5.35
CA PHE E 382 50.14 38.02 5.90
C PHE E 382 49.68 36.63 6.20
N SER E 383 48.50 36.55 6.78
CA SER E 383 47.83 35.34 7.14
C SER E 383 47.49 34.46 5.94
N ARG E 384 47.07 35.06 4.86
CA ARG E 384 46.71 34.35 3.65
C ARG E 384 47.95 33.61 3.14
N SER E 385 49.08 34.24 3.30
CA SER E 385 50.36 33.68 2.99
C SER E 385 50.77 32.43 3.79
N ILE E 386 50.46 32.31 5.07
CA ILE E 386 50.78 31.11 5.85
C ILE E 386 49.94 29.88 5.53
N HIS E 387 50.55 28.72 5.38
CA HIS E 387 49.86 27.52 4.94
C HIS E 387 49.95 26.37 5.95
N ALA F 25 -26.51 -61.41 -57.27
CA ALA F 25 -26.86 -61.80 -55.87
C ALA F 25 -26.91 -60.58 -54.97
N ARG F 26 -27.70 -60.64 -53.90
CA ARG F 26 -27.74 -59.60 -52.86
C ARG F 26 -28.39 -60.19 -51.61
N ALA F 27 -28.11 -59.62 -50.45
CA ALA F 27 -28.64 -60.15 -49.20
C ALA F 27 -28.72 -59.11 -48.09
N PHE F 28 -29.67 -59.27 -47.19
CA PHE F 28 -29.91 -58.32 -46.19
C PHE F 28 -30.19 -59.09 -44.91
N GLY F 29 -29.81 -58.50 -43.78
CA GLY F 29 -30.10 -59.10 -42.50
C GLY F 29 -30.36 -58.04 -41.44
N GLY F 30 -31.22 -58.34 -40.48
CA GLY F 30 -31.54 -57.38 -39.46
C GLY F 30 -32.11 -58.02 -38.23
N PRO F 31 -32.29 -57.25 -37.17
CA PRO F 31 -32.87 -57.98 -36.08
C PRO F 31 -34.34 -58.22 -36.38
N ASN F 32 -34.90 -59.28 -35.82
CA ASN F 32 -36.29 -59.60 -36.11
C ASN F 32 -37.16 -58.51 -35.56
N LYS F 33 -36.72 -57.89 -34.46
CA LYS F 33 -37.52 -56.81 -33.83
C LYS F 33 -36.64 -55.78 -33.09
N TYR F 34 -36.96 -54.50 -33.26
CA TYR F 34 -36.31 -53.39 -32.61
C TYR F 34 -37.35 -52.48 -32.01
N ILE F 35 -37.27 -52.26 -30.70
CA ILE F 35 -38.22 -51.40 -29.99
C ILE F 35 -37.44 -50.37 -29.20
N GLN F 36 -37.86 -49.11 -29.29
CA GLN F 36 -37.22 -48.00 -28.59
C GLN F 36 -38.33 -47.17 -27.94
N ARG F 37 -38.42 -47.21 -26.61
CA ARG F 37 -39.43 -46.47 -25.83
C ARG F 37 -38.89 -46.25 -24.43
N ALA F 38 -39.14 -45.06 -23.89
CA ALA F 38 -38.71 -44.77 -22.52
C ALA F 38 -39.25 -45.87 -21.58
N GLY F 39 -38.38 -46.36 -20.72
CA GLY F 39 -38.80 -47.28 -19.68
C GLY F 39 -38.98 -48.71 -20.16
N GLU F 40 -38.55 -49.03 -21.36
CA GLU F 40 -38.83 -50.41 -21.81
C GLU F 40 -38.02 -51.46 -21.03
N ILE F 41 -37.15 -51.01 -20.13
CA ILE F 41 -36.33 -51.93 -19.36
C ILE F 41 -37.17 -52.78 -18.43
N ASP F 42 -38.27 -52.20 -17.92
CA ASP F 42 -39.18 -52.90 -17.02
C ASP F 42 -39.83 -54.08 -17.74
N LYS F 43 -40.18 -53.84 -19.01
CA LYS F 43 -40.94 -54.75 -19.88
C LYS F 43 -40.03 -55.76 -20.51
N LEU F 44 -38.76 -55.74 -20.15
CA LEU F 44 -37.83 -56.67 -20.76
C LEU F 44 -38.35 -58.09 -20.63
N ALA F 45 -38.99 -58.37 -19.47
CA ALA F 45 -39.58 -59.68 -19.17
C ALA F 45 -40.58 -60.10 -20.26
N ALA F 46 -41.68 -59.35 -20.40
CA ALA F 46 -42.60 -59.54 -21.52
C ALA F 46 -41.93 -59.92 -22.84
N TYR F 47 -40.79 -59.30 -23.17
CA TYR F 47 -40.11 -59.61 -24.46
C TYR F 47 -39.41 -60.94 -24.45
N LEU F 48 -38.82 -61.26 -23.32
CA LEU F 48 -38.10 -62.51 -23.18
C LEU F 48 -38.99 -63.80 -23.21
N ALA F 49 -40.29 -63.62 -22.90
CA ALA F 49 -41.20 -64.76 -22.63
C ALA F 49 -41.45 -65.64 -23.85
N PRO F 50 -41.88 -65.02 -24.97
CA PRO F 50 -42.15 -65.78 -26.21
C PRO F 50 -40.97 -66.40 -26.93
N LEU F 51 -39.79 -66.41 -26.35
CA LEU F 51 -38.62 -66.84 -27.11
C LEU F 51 -37.86 -67.98 -26.43
N GLY F 52 -38.37 -68.37 -25.26
CA GLY F 52 -37.71 -69.39 -24.44
C GLY F 52 -38.25 -69.40 -23.02
N LYS F 53 -37.46 -70.00 -22.13
CA LYS F 53 -37.86 -70.25 -20.74
C LYS F 53 -36.67 -70.15 -19.77
N ARG F 54 -35.44 -70.21 -20.33
CA ARG F 54 -34.17 -70.22 -19.56
C ARG F 54 -33.19 -69.12 -20.03
N ALA F 55 -33.28 -67.95 -19.40
CA ALA F 55 -32.59 -66.73 -19.88
C ALA F 55 -31.41 -66.32 -19.04
N LEU F 56 -30.22 -66.35 -19.61
CA LEU F 56 -29.03 -65.79 -18.98
C LEU F 56 -28.81 -64.27 -19.31
N VAL F 57 -29.21 -63.40 -18.39
CA VAL F 57 -29.05 -61.95 -18.54
C VAL F 57 -27.67 -61.44 -18.14
N LEU F 58 -26.83 -61.16 -19.11
CA LEU F 58 -25.50 -60.60 -18.83
C LEU F 58 -25.56 -59.06 -18.70
N ILE F 59 -25.23 -58.55 -17.48
CA ILE F 59 -25.36 -57.11 -17.17
C ILE F 59 -24.03 -56.44 -16.82
N ASP F 60 -23.87 -55.18 -17.25
CA ASP F 60 -22.72 -54.34 -16.90
C ASP F 60 -22.48 -54.43 -15.40
N ARG F 61 -21.22 -54.47 -14.97
CA ARG F 61 -20.88 -54.53 -13.53
C ARG F 61 -21.61 -53.37 -12.83
N VAL F 62 -21.30 -52.16 -13.28
CA VAL F 62 -21.84 -50.95 -12.73
C VAL F 62 -23.36 -51.09 -12.57
N LEU F 63 -24.04 -51.43 -13.67
CA LEU F 63 -25.49 -51.46 -13.71
C LEU F 63 -26.15 -52.72 -13.10
N PHE F 64 -25.36 -53.76 -12.86
CA PHE F 64 -25.89 -55.07 -12.38
C PHE F 64 -26.91 -55.01 -11.22
N ASP F 65 -26.53 -54.36 -10.12
CA ASP F 65 -27.42 -54.22 -8.95
C ASP F 65 -28.77 -53.61 -9.28
N ALA F 66 -28.75 -52.34 -9.67
CA ALA F 66 -29.98 -51.58 -9.90
C ALA F 66 -30.92 -52.28 -10.88
N LEU F 67 -30.34 -52.80 -11.97
CA LEU F 67 -31.11 -53.34 -13.09
C LEU F 67 -31.58 -54.77 -12.88
N SER F 68 -30.72 -55.64 -12.34
CA SER F 68 -31.16 -57.02 -12.01
C SER F 68 -32.46 -56.93 -11.21
N GLU F 69 -32.56 -55.94 -10.34
CA GLU F 69 -33.77 -55.68 -9.59
C GLU F 69 -34.97 -55.31 -10.48
N ARG F 70 -34.73 -54.49 -11.50
CA ARG F 70 -35.82 -53.94 -12.30
C ARG F 70 -36.31 -54.97 -13.31
N ILE F 71 -35.37 -55.72 -13.87
CA ILE F 71 -35.75 -56.86 -14.70
C ILE F 71 -36.00 -58.12 -13.84
N SER F 78 -43.83 -69.05 -15.95
CA SER F 78 -43.50 -69.01 -17.38
C SER F 78 -41.98 -69.10 -17.68
N LEU F 79 -41.17 -68.25 -17.05
CA LEU F 79 -39.71 -68.17 -17.31
C LEU F 79 -38.85 -67.85 -16.08
N ASP F 80 -37.56 -68.23 -16.14
CA ASP F 80 -36.62 -67.87 -15.06
C ASP F 80 -35.27 -67.33 -15.56
N ILE F 81 -34.71 -66.38 -14.82
CA ILE F 81 -33.44 -65.77 -15.22
C ILE F 81 -32.36 -65.96 -14.19
N ARG F 82 -31.20 -66.39 -14.67
CA ARG F 82 -29.93 -66.18 -13.99
C ARG F 82 -29.30 -64.87 -14.50
N PHE F 83 -28.92 -64.01 -13.55
CA PHE F 83 -28.22 -62.79 -13.86
C PHE F 83 -26.71 -62.99 -13.70
N GLU F 84 -25.91 -62.21 -14.41
CA GLU F 84 -24.45 -62.30 -14.33
C GLU F 84 -23.80 -60.93 -14.57
N ARG F 85 -22.48 -60.87 -14.37
CA ARG F 85 -21.78 -59.63 -14.44
C ARG F 85 -20.70 -59.76 -15.50
N PHE F 86 -20.83 -58.88 -16.49
CA PHE F 86 -19.87 -58.77 -17.54
C PHE F 86 -18.65 -58.07 -17.00
N GLY F 87 -17.50 -58.61 -17.36
CA GLY F 87 -16.21 -58.07 -17.02
C GLY F 87 -15.84 -56.75 -17.58
N GLY F 88 -16.18 -56.52 -18.84
CA GLY F 88 -15.91 -55.29 -19.54
C GLY F 88 -15.32 -55.46 -20.92
N GLU F 89 -14.32 -56.31 -21.03
CA GLU F 89 -13.66 -56.54 -22.30
C GLU F 89 -14.24 -57.74 -23.02
N CYS F 90 -14.11 -57.78 -24.35
CA CYS F 90 -14.52 -58.95 -25.14
C CYS F 90 -13.28 -59.74 -25.50
N CYS F 91 -12.75 -60.42 -24.49
CA CYS F 91 -11.54 -61.23 -24.61
C CYS F 91 -11.92 -62.69 -24.44
N THR F 92 -11.21 -63.55 -25.16
CA THR F 92 -11.48 -64.99 -25.15
C THR F 92 -11.69 -65.63 -23.73
N SER F 93 -10.89 -65.20 -22.75
CA SER F 93 -11.05 -65.63 -21.34
C SER F 93 -12.38 -65.18 -20.69
N GLU F 94 -12.83 -63.98 -21.05
CA GLU F 94 -14.11 -63.47 -20.56
C GLU F 94 -15.29 -64.10 -21.30
N ILE F 95 -15.09 -64.42 -22.57
CA ILE F 95 -16.06 -65.22 -23.31
C ILE F 95 -16.15 -66.60 -22.69
N GLU F 96 -14.99 -67.29 -22.60
CA GLU F 96 -14.93 -68.66 -22.05
C GLU F 96 -15.62 -68.71 -20.71
N ARG F 97 -15.32 -67.75 -19.83
CA ARG F 97 -15.97 -67.78 -18.54
C ARG F 97 -17.51 -67.84 -18.67
N VAL F 98 -18.06 -67.02 -19.55
CA VAL F 98 -19.50 -66.80 -19.61
C VAL F 98 -20.30 -67.94 -20.29
N ARG F 99 -19.78 -68.44 -21.42
CA ARG F 99 -20.31 -69.65 -22.07
C ARG F 99 -20.41 -70.79 -21.04
N LYS F 100 -19.40 -71.00 -20.22
CA LYS F 100 -19.47 -72.10 -19.29
C LYS F 100 -20.65 -71.91 -18.32
N VAL F 101 -20.86 -70.68 -17.92
CA VAL F 101 -21.97 -70.40 -17.05
C VAL F 101 -23.24 -70.74 -17.80
N ALA F 102 -23.24 -70.40 -19.07
CA ALA F 102 -24.41 -70.62 -19.85
C ALA F 102 -24.68 -72.10 -19.92
N ILE F 103 -23.62 -72.89 -20.09
CA ILE F 103 -23.79 -74.32 -20.23
C ILE F 103 -24.39 -74.88 -18.98
N GLU F 104 -23.91 -74.42 -17.84
CA GLU F 104 -24.45 -74.89 -16.60
C GLU F 104 -25.91 -74.53 -16.40
N HIS F 105 -26.28 -73.33 -16.77
CA HIS F 105 -27.67 -72.90 -16.67
C HIS F 105 -28.53 -73.67 -17.66
N GLY F 106 -27.94 -74.02 -18.78
CA GLY F 106 -28.63 -74.65 -19.91
C GLY F 106 -29.55 -73.62 -20.53
N SER F 107 -28.96 -72.47 -20.85
CA SER F 107 -29.70 -71.26 -21.23
C SER F 107 -30.42 -71.32 -22.60
N ASP F 108 -31.71 -70.99 -22.58
CA ASP F 108 -32.56 -70.70 -23.76
C ASP F 108 -32.21 -69.40 -24.52
N ILE F 109 -31.91 -68.35 -23.74
CA ILE F 109 -31.79 -66.98 -24.24
C ILE F 109 -30.57 -66.32 -23.56
N LEU F 110 -29.60 -65.85 -24.35
CA LEU F 110 -28.60 -64.87 -23.89
C LEU F 110 -29.16 -63.42 -24.07
N VAL F 111 -29.03 -62.61 -23.05
CA VAL F 111 -29.59 -61.29 -23.10
C VAL F 111 -28.56 -60.26 -22.69
N GLY F 112 -28.02 -59.51 -23.62
CA GLY F 112 -27.00 -58.56 -23.25
C GLY F 112 -27.59 -57.23 -22.89
N VAL F 113 -27.36 -56.84 -21.65
CA VAL F 113 -27.81 -55.58 -21.16
C VAL F 113 -26.57 -54.84 -20.81
N GLY F 114 -26.30 -53.73 -21.49
CA GLY F 114 -25.06 -53.04 -21.27
C GLY F 114 -24.54 -52.44 -22.54
N GLY F 115 -23.24 -52.28 -22.64
CA GLY F 115 -22.60 -51.63 -23.78
C GLY F 115 -22.24 -52.59 -24.89
N GLY F 116 -21.65 -52.08 -25.97
CA GLY F 116 -21.32 -52.86 -27.18
C GLY F 116 -20.44 -54.08 -26.94
N LYS F 117 -19.48 -53.94 -26.04
CA LYS F 117 -18.72 -55.09 -25.58
C LYS F 117 -19.63 -56.12 -24.82
N THR F 118 -20.52 -55.65 -23.94
CA THR F 118 -21.50 -56.55 -23.28
C THR F 118 -22.36 -57.32 -24.30
N ALA F 119 -22.78 -56.62 -25.35
CA ALA F 119 -23.53 -57.20 -26.44
C ALA F 119 -22.73 -58.27 -27.19
N ASP F 120 -21.50 -57.95 -27.56
CA ASP F 120 -20.76 -58.78 -28.51
C ASP F 120 -20.42 -60.13 -27.89
N THR F 121 -20.00 -60.08 -26.63
CA THR F 121 -19.89 -61.25 -25.76
C THR F 121 -21.24 -61.96 -25.73
N ALA F 122 -22.30 -61.30 -25.26
CA ALA F 122 -23.62 -61.95 -25.23
C ALA F 122 -23.95 -62.78 -26.47
N LYS F 123 -23.57 -62.28 -27.65
CA LYS F 123 -23.94 -62.85 -28.96
C LYS F 123 -23.06 -64.05 -29.32
N ILE F 124 -21.74 -63.91 -29.15
CA ILE F 124 -20.77 -65.04 -29.28
C ILE F 124 -21.15 -66.26 -28.43
N VAL F 125 -21.55 -66.02 -27.19
CA VAL F 125 -22.09 -67.10 -26.36
C VAL F 125 -23.27 -67.76 -27.05
N ALA F 126 -24.36 -67.02 -27.21
CA ALA F 126 -25.59 -67.57 -27.78
C ALA F 126 -25.41 -68.43 -29.07
N ILE F 127 -24.49 -68.04 -29.95
CA ILE F 127 -24.23 -68.79 -31.21
C ILE F 127 -23.39 -70.05 -30.96
N ASP F 128 -22.54 -70.00 -29.94
CA ASP F 128 -21.86 -71.18 -29.41
C ASP F 128 -22.85 -72.15 -28.74
N THR F 129 -24.04 -71.67 -28.41
CA THR F 129 -25.01 -72.42 -27.61
C THR F 129 -26.30 -72.74 -28.37
N GLY F 130 -26.53 -72.06 -29.49
CA GLY F 130 -27.84 -72.13 -30.14
C GLY F 130 -28.92 -71.49 -29.26
N ALA F 131 -28.50 -70.53 -28.42
CA ALA F 131 -29.43 -69.71 -27.67
C ALA F 131 -30.01 -68.62 -28.58
N ARG F 132 -31.19 -68.11 -28.24
CA ARG F 132 -31.74 -66.92 -28.88
C ARG F 132 -31.08 -65.63 -28.35
N ILE F 133 -30.73 -64.70 -29.24
CA ILE F 133 -30.07 -63.45 -28.87
C ILE F 133 -31.09 -62.31 -28.71
N VAL F 134 -31.11 -61.69 -27.54
CA VAL F 134 -31.82 -60.46 -27.28
C VAL F 134 -30.84 -59.46 -26.65
N ILE F 135 -30.87 -58.20 -27.10
CA ILE F 135 -29.94 -57.19 -26.60
C ILE F 135 -30.77 -56.04 -26.05
N ALA F 136 -30.36 -55.54 -24.90
CA ALA F 136 -31.01 -54.41 -24.28
C ALA F 136 -29.91 -53.41 -23.97
N PRO F 137 -29.54 -52.54 -24.93
CA PRO F 137 -28.45 -51.57 -24.67
C PRO F 137 -28.79 -50.51 -23.64
N THR F 138 -27.82 -50.18 -22.80
CA THR F 138 -27.99 -49.24 -21.72
C THR F 138 -27.31 -47.93 -22.09
N ILE F 139 -26.60 -47.95 -23.21
CA ILE F 139 -26.02 -46.77 -23.83
C ILE F 139 -26.08 -46.97 -25.35
N ALA F 140 -25.88 -45.89 -26.10
CA ALA F 140 -26.05 -45.85 -27.57
C ALA F 140 -24.71 -45.41 -28.05
N SER F 141 -23.70 -46.19 -27.69
CA SER F 141 -22.31 -45.83 -27.97
C SER F 141 -21.77 -46.48 -29.20
N THR F 142 -22.42 -47.51 -29.68
CA THR F 142 -21.94 -48.21 -30.89
C THR F 142 -23.06 -48.85 -31.69
N ASP F 143 -22.71 -49.30 -32.88
CA ASP F 143 -23.64 -49.90 -33.81
C ASP F 143 -23.80 -51.40 -33.58
N ALA F 144 -23.10 -51.95 -32.59
CA ALA F 144 -23.17 -53.42 -32.33
C ALA F 144 -24.53 -54.09 -31.93
N PRO F 145 -25.42 -53.40 -31.20
CA PRO F 145 -26.63 -54.16 -30.79
C PRO F 145 -27.44 -54.84 -31.93
N CYS F 146 -27.41 -54.27 -33.13
CA CYS F 146 -28.10 -54.89 -34.25
C CYS F 146 -27.28 -55.91 -35.08
N SER F 147 -26.01 -55.61 -35.30
CA SER F 147 -25.15 -56.41 -36.17
C SER F 147 -25.11 -57.90 -35.82
N ALA F 148 -24.78 -58.71 -36.82
CA ALA F 148 -24.56 -60.11 -36.56
C ALA F 148 -23.09 -60.30 -36.26
N ILE F 149 -22.28 -59.28 -36.55
CA ILE F 149 -20.85 -59.36 -36.41
C ILE F 149 -20.49 -58.97 -34.97
N ALA F 150 -19.69 -59.81 -34.30
CA ALA F 150 -19.18 -59.54 -32.93
C ALA F 150 -17.65 -59.33 -32.92
N VAL F 151 -17.20 -58.23 -32.30
CA VAL F 151 -15.75 -57.94 -32.30
C VAL F 151 -15.07 -58.29 -30.97
N ARG F 152 -13.94 -58.98 -31.10
CA ARG F 152 -13.21 -59.53 -29.97
C ARG F 152 -11.80 -58.91 -29.79
N TYR F 153 -11.45 -58.66 -28.54
CA TYR F 153 -10.22 -57.94 -28.21
C TYR F 153 -9.37 -58.73 -27.21
N THR F 154 -8.17 -58.23 -26.92
CA THR F 154 -7.39 -58.69 -25.77
C THR F 154 -7.99 -58.20 -24.45
N GLU F 155 -7.72 -58.94 -23.36
CA GLU F 155 -8.04 -58.54 -21.98
C GLU F 155 -7.47 -57.14 -21.72
N HIS F 156 -6.49 -56.75 -22.55
CA HIS F 156 -5.90 -55.41 -22.56
C HIS F 156 -6.60 -54.42 -23.52
N GLY F 157 -7.26 -54.93 -24.57
CA GLY F 157 -8.03 -54.11 -25.51
C GLY F 157 -7.47 -53.86 -26.90
N VAL F 158 -6.39 -54.56 -27.26
CA VAL F 158 -5.87 -54.51 -28.63
C VAL F 158 -6.81 -55.34 -29.49
N TYR F 159 -7.17 -54.79 -30.65
CA TYR F 159 -8.07 -55.46 -31.59
C TYR F 159 -7.48 -56.78 -32.03
N GLU F 160 -8.27 -57.86 -31.93
CA GLU F 160 -7.85 -59.19 -32.37
C GLU F 160 -8.65 -59.68 -33.57
N GLU F 161 -9.98 -59.68 -33.47
CA GLU F 161 -10.80 -60.37 -34.45
C GLU F 161 -12.27 -59.93 -34.52
N ALA F 162 -12.76 -59.84 -35.75
CA ALA F 162 -14.14 -59.45 -36.05
C ALA F 162 -14.95 -60.66 -36.52
N LEU F 163 -15.49 -61.41 -35.57
CA LEU F 163 -16.30 -62.61 -35.87
C LEU F 163 -17.61 -62.22 -36.58
N ARG F 164 -17.89 -62.83 -37.73
CA ARG F 164 -19.16 -62.57 -38.42
C ARG F 164 -20.12 -63.69 -38.04
N LEU F 165 -21.25 -63.38 -37.39
CA LEU F 165 -22.16 -64.46 -36.95
C LEU F 165 -23.22 -64.85 -38.00
N PRO F 166 -23.90 -66.00 -37.81
CA PRO F 166 -24.85 -66.45 -38.84
C PRO F 166 -26.30 -66.07 -38.46
N ARG F 167 -26.43 -65.28 -37.39
CA ARG F 167 -27.70 -64.83 -36.87
C ARG F 167 -27.60 -63.38 -36.36
N ASN F 168 -28.73 -62.67 -36.42
CA ASN F 168 -28.93 -61.38 -35.81
C ASN F 168 -29.81 -61.52 -34.59
N PRO F 169 -29.83 -60.50 -33.71
CA PRO F 169 -30.67 -60.67 -32.56
C PRO F 169 -32.13 -60.91 -32.90
N ASP F 170 -32.79 -61.72 -32.09
CA ASP F 170 -34.21 -61.89 -32.19
C ASP F 170 -34.94 -60.59 -31.81
N ALA F 171 -34.50 -59.93 -30.76
CA ALA F 171 -35.06 -58.64 -30.41
C ALA F 171 -34.03 -57.68 -29.89
N VAL F 172 -34.22 -56.39 -30.18
CA VAL F 172 -33.33 -55.35 -29.66
C VAL F 172 -34.30 -54.47 -28.96
N VAL F 173 -33.99 -54.14 -27.72
CA VAL F 173 -34.94 -53.51 -26.85
C VAL F 173 -34.26 -52.31 -26.21
N VAL F 174 -34.75 -51.11 -26.54
CA VAL F 174 -34.02 -49.87 -26.25
C VAL F 174 -34.79 -48.92 -25.35
N ASP F 175 -34.31 -48.82 -24.11
CA ASP F 175 -34.93 -47.92 -23.18
C ASP F 175 -34.34 -46.49 -23.27
N SER F 176 -35.10 -45.62 -23.93
CA SER F 176 -34.64 -44.25 -24.26
C SER F 176 -34.23 -43.43 -23.06
N ALA F 177 -35.02 -43.50 -21.99
CA ALA F 177 -34.73 -42.83 -20.73
C ALA F 177 -33.46 -43.37 -20.09
N LEU F 178 -33.31 -44.67 -20.10
CA LEU F 178 -32.11 -45.24 -19.54
C LEU F 178 -30.89 -44.75 -20.34
N VAL F 179 -31.00 -44.77 -21.67
CA VAL F 179 -29.90 -44.38 -22.55
C VAL F 179 -29.63 -42.86 -22.47
N ALA F 180 -30.69 -42.05 -22.39
CA ALA F 180 -30.53 -40.58 -22.38
C ALA F 180 -29.79 -40.05 -21.15
N ALA F 181 -30.01 -40.74 -20.05
CA ALA F 181 -29.48 -40.35 -18.75
C ALA F 181 -28.00 -40.74 -18.58
N ALA F 182 -27.45 -41.51 -19.52
CA ALA F 182 -25.99 -41.74 -19.52
C ALA F 182 -25.29 -40.40 -19.75
N PRO F 183 -24.04 -40.26 -19.27
CA PRO F 183 -23.27 -39.03 -19.59
C PRO F 183 -23.15 -38.78 -21.10
N ALA F 184 -23.12 -37.50 -21.45
CA ALA F 184 -23.29 -37.04 -22.84
C ALA F 184 -22.22 -37.66 -23.73
N ARG F 185 -21.04 -37.88 -23.15
CA ARG F 185 -19.97 -38.50 -23.90
C ARG F 185 -20.34 -39.80 -24.59
N PHE F 186 -21.29 -40.54 -24.04
CA PHE F 186 -21.63 -41.85 -24.63
C PHE F 186 -22.48 -41.74 -25.89
N LEU F 187 -23.36 -40.75 -25.94
CA LEU F 187 -24.20 -40.52 -27.10
C LEU F 187 -23.35 -39.94 -28.23
N VAL F 188 -22.42 -39.05 -27.89
CA VAL F 188 -21.45 -38.49 -28.85
C VAL F 188 -20.52 -39.57 -29.44
N ALA F 189 -20.13 -40.56 -28.63
CA ALA F 189 -19.27 -41.59 -29.19
C ALA F 189 -20.10 -42.43 -30.16
N GLY F 190 -21.40 -42.61 -29.87
CA GLY F 190 -22.30 -43.29 -30.79
C GLY F 190 -22.44 -42.53 -32.11
N ILE F 191 -22.69 -41.22 -32.03
CA ILE F 191 -22.63 -40.36 -33.19
C ILE F 191 -21.38 -40.58 -34.03
N GLY F 192 -20.24 -40.53 -33.34
CA GLY F 192 -18.94 -40.79 -33.95
C GLY F 192 -18.86 -42.12 -34.68
N ASP F 193 -19.46 -43.16 -34.09
CA ASP F 193 -19.58 -44.46 -34.76
C ASP F 193 -20.57 -44.43 -35.92
N ALA F 194 -21.70 -43.77 -35.71
CA ALA F 194 -22.75 -43.66 -36.75
C ALA F 194 -22.25 -42.89 -37.97
N LEU F 195 -21.23 -42.06 -37.75
CA LEU F 195 -20.72 -41.19 -38.79
C LEU F 195 -20.00 -41.97 -39.84
N SER F 196 -19.43 -43.13 -39.46
CA SER F 196 -18.72 -43.97 -40.43
C SER F 196 -19.65 -44.57 -41.48
N THR F 197 -20.94 -44.67 -41.16
CA THR F 197 -21.83 -45.59 -41.89
C THR F 197 -21.96 -45.29 -43.36
N TRP F 198 -22.34 -44.05 -43.69
CA TRP F 198 -22.55 -43.76 -45.06
C TRP F 198 -21.21 -43.78 -45.85
N PHE F 199 -20.16 -43.18 -45.29
CA PHE F 199 -18.90 -43.02 -46.02
C PHE F 199 -18.27 -44.39 -46.30
N GLU F 200 -18.36 -45.28 -45.32
CA GLU F 200 -17.94 -46.67 -45.46
C GLU F 200 -18.83 -47.44 -46.43
N ALA F 201 -20.16 -47.35 -46.29
CA ALA F 201 -21.07 -47.83 -47.34
C ALA F 201 -20.67 -47.36 -48.73
N ARG F 202 -20.44 -46.06 -48.91
CA ARG F 202 -20.00 -45.50 -50.20
C ARG F 202 -18.69 -46.18 -50.69
N SER F 203 -17.69 -46.23 -49.81
CA SER F 203 -16.49 -47.05 -50.10
C SER F 203 -16.74 -48.44 -50.70
N ASN F 204 -17.70 -49.16 -50.13
CA ASN F 204 -18.03 -50.54 -50.51
C ASN F 204 -18.84 -50.63 -51.78
N ILE F 205 -19.76 -49.70 -51.95
CA ILE F 205 -20.43 -49.50 -53.22
C ILE F 205 -19.40 -49.28 -54.33
N GLU F 206 -18.39 -48.43 -54.07
CA GLU F 206 -17.47 -48.01 -55.14
C GLU F 206 -16.41 -49.06 -55.56
N SER F 207 -16.00 -49.91 -54.61
CA SER F 207 -14.98 -50.92 -54.81
C SER F 207 -15.59 -52.32 -55.06
N ARG F 208 -16.90 -52.39 -54.97
CA ARG F 208 -17.71 -53.58 -55.18
C ARG F 208 -17.45 -54.83 -54.29
N THR F 209 -17.20 -54.56 -53.00
CA THR F 209 -16.92 -55.61 -52.01
C THR F 209 -18.24 -56.01 -51.35
N ASP F 210 -18.24 -57.22 -50.79
CA ASP F 210 -19.41 -57.85 -50.14
C ASP F 210 -19.55 -57.50 -48.66
N ASN F 211 -20.80 -57.44 -48.20
CA ASN F 211 -21.16 -57.03 -46.83
C ASN F 211 -20.80 -58.00 -45.69
N PHE F 217 -22.05 -61.34 -49.49
CA PHE F 217 -23.03 -60.87 -50.53
C PHE F 217 -22.98 -59.38 -50.90
N PRO F 218 -23.26 -59.01 -52.16
CA PRO F 218 -23.42 -57.57 -52.44
C PRO F 218 -24.57 -56.96 -51.64
N ALA F 219 -24.47 -55.65 -51.40
CA ALA F 219 -25.44 -54.87 -50.67
C ALA F 219 -26.77 -54.74 -51.41
N THR F 220 -27.80 -54.64 -50.62
CA THR F 220 -29.16 -54.51 -51.06
C THR F 220 -29.48 -53.03 -51.24
N GLU F 221 -30.43 -52.71 -52.13
CA GLU F 221 -30.96 -51.36 -52.17
C GLU F 221 -31.43 -50.90 -50.81
N ALA F 222 -32.01 -51.80 -50.03
CA ALA F 222 -32.50 -51.38 -48.72
C ALA F 222 -31.36 -50.97 -47.79
N GLY F 223 -30.24 -51.73 -47.83
CA GLY F 223 -29.07 -51.46 -46.98
C GLY F 223 -28.36 -50.13 -47.31
N MSE F 224 -28.29 -49.82 -48.60
CA MSE F 224 -27.69 -48.58 -49.08
C MSE F 224 -28.52 -47.41 -48.63
O MSE F 224 -27.99 -46.45 -48.10
CB MSE F 224 -27.54 -48.60 -50.60
CG MSE F 224 -26.38 -49.56 -51.04
SE MSE F 224 -26.46 -49.76 -52.99
CE MSE F 224 -25.05 -51.16 -53.26
N ALA F 225 -29.82 -47.53 -48.83
CA ALA F 225 -30.74 -46.48 -48.44
C ALA F 225 -30.71 -46.21 -46.95
N ILE F 226 -30.57 -47.24 -46.14
CA ILE F 226 -30.44 -47.04 -44.71
C ILE F 226 -29.15 -46.25 -44.35
N ALA F 227 -27.99 -46.69 -44.88
CA ALA F 227 -26.71 -46.00 -44.66
C ALA F 227 -26.76 -44.51 -45.04
N ARG F 228 -27.29 -44.20 -46.24
CA ARG F 228 -27.39 -42.81 -46.73
C ARG F 228 -28.24 -42.04 -45.70
N HIS F 229 -29.34 -42.63 -45.25
CA HIS F 229 -30.25 -41.91 -44.38
C HIS F 229 -29.70 -41.69 -42.97
N CYS F 230 -28.99 -42.69 -42.45
CA CYS F 230 -28.14 -42.55 -41.24
C CYS F 230 -27.35 -41.22 -41.22
N GLN F 231 -26.64 -40.94 -42.30
CA GLN F 231 -25.97 -39.66 -42.46
C GLN F 231 -26.93 -38.46 -42.34
N ASP F 232 -28.08 -38.45 -43.03
CA ASP F 232 -29.00 -37.32 -42.86
C ASP F 232 -29.53 -37.12 -41.42
N VAL F 233 -29.85 -38.21 -40.72
CA VAL F 233 -30.32 -38.12 -39.35
C VAL F 233 -29.25 -37.51 -38.45
N LEU F 234 -28.01 -37.98 -38.58
CA LEU F 234 -26.89 -37.41 -37.84
C LEU F 234 -26.76 -35.89 -38.00
N THR F 235 -26.74 -35.39 -39.24
CA THR F 235 -26.46 -33.97 -39.44
C THR F 235 -27.66 -33.12 -39.08
N ARG F 236 -28.84 -33.66 -39.30
CA ARG F 236 -29.97 -32.85 -38.92
C ARG F 236 -30.16 -32.82 -37.39
N ASP F 237 -29.87 -33.90 -36.67
CA ASP F 237 -30.19 -33.96 -35.25
C ASP F 237 -29.02 -34.02 -34.25
N ALA F 238 -27.77 -34.15 -34.68
CA ALA F 238 -26.69 -34.47 -33.72
C ALA F 238 -26.46 -33.38 -32.68
N VAL F 239 -26.39 -32.13 -33.15
CA VAL F 239 -26.23 -30.94 -32.31
C VAL F 239 -27.42 -30.68 -31.36
N LYS F 240 -28.65 -30.86 -31.81
CA LYS F 240 -29.79 -30.66 -30.92
C LYS F 240 -29.81 -31.74 -29.84
N ALA F 241 -29.48 -32.98 -30.23
CA ALA F 241 -29.44 -34.08 -29.29
C ALA F 241 -28.32 -33.92 -28.22
N LYS F 242 -27.13 -33.53 -28.64
CA LYS F 242 -26.04 -33.34 -27.69
C LYS F 242 -26.41 -32.26 -26.66
N ILE F 243 -26.81 -31.08 -27.14
CA ILE F 243 -27.25 -30.06 -26.20
C ILE F 243 -28.33 -30.56 -25.19
N ALA F 244 -29.28 -31.36 -25.65
CA ALA F 244 -30.29 -31.92 -24.79
C ALA F 244 -29.73 -32.93 -23.74
N VAL F 245 -28.88 -33.88 -24.17
CA VAL F 245 -28.36 -34.85 -23.17
C VAL F 245 -27.52 -34.11 -22.16
N GLU F 246 -26.75 -33.13 -22.65
CA GLU F 246 -26.00 -32.24 -21.78
C GLU F 246 -26.83 -31.50 -20.76
N ALA F 247 -28.09 -31.24 -21.02
CA ALA F 247 -28.93 -30.63 -19.98
C ALA F 247 -29.78 -31.67 -19.23
N GLY F 248 -29.40 -32.96 -19.35
CA GLY F 248 -30.18 -34.08 -18.81
C GLY F 248 -31.60 -34.18 -19.33
N LEU F 249 -31.79 -33.96 -20.63
CA LEU F 249 -33.13 -33.97 -21.24
C LEU F 249 -33.27 -35.11 -22.22
N LEU F 250 -34.51 -35.42 -22.58
CA LEU F 250 -34.81 -36.50 -23.51
C LEU F 250 -35.91 -35.94 -24.39
N THR F 251 -35.57 -35.70 -25.65
CA THR F 251 -36.43 -35.05 -26.66
C THR F 251 -36.46 -35.85 -27.98
N PRO F 252 -37.25 -35.39 -28.95
CA PRO F 252 -37.25 -36.11 -30.22
C PRO F 252 -35.84 -36.12 -30.87
N ALA F 253 -35.09 -35.02 -30.83
CA ALA F 253 -33.75 -35.10 -31.43
C ALA F 253 -32.91 -36.23 -30.85
N VAL F 254 -33.00 -36.43 -29.54
CA VAL F 254 -32.25 -37.50 -28.86
C VAL F 254 -32.70 -38.88 -29.31
N GLU F 255 -34.02 -39.06 -29.37
CA GLU F 255 -34.62 -40.31 -29.81
C GLU F 255 -34.15 -40.64 -31.21
N ASN F 256 -34.08 -39.64 -32.07
CA ASN F 256 -33.64 -39.87 -33.43
C ASN F 256 -32.17 -40.33 -33.46
N ILE F 257 -31.31 -39.71 -32.65
CA ILE F 257 -29.90 -40.09 -32.61
C ILE F 257 -29.75 -41.50 -31.99
N ILE F 258 -30.61 -41.85 -31.03
CA ILE F 258 -30.53 -43.18 -30.45
C ILE F 258 -30.79 -44.17 -31.56
N GLU F 259 -31.82 -43.94 -32.38
CA GLU F 259 -32.11 -44.81 -33.50
C GLU F 259 -30.95 -44.85 -34.47
N ALA F 260 -30.41 -43.68 -34.81
CA ALA F 260 -29.30 -43.57 -35.73
C ALA F 260 -28.04 -44.25 -35.20
N ASN F 261 -27.72 -44.04 -33.94
CA ASN F 261 -26.60 -44.75 -33.34
C ASN F 261 -26.85 -46.27 -33.23
N THR F 262 -28.10 -46.71 -33.23
CA THR F 262 -28.30 -48.14 -33.03
C THR F 262 -28.80 -48.87 -34.25
N LEU F 263 -30.03 -48.59 -34.66
CA LEU F 263 -30.64 -49.31 -35.79
C LEU F 263 -30.08 -48.92 -37.17
N LEU F 264 -30.12 -47.63 -37.51
CA LEU F 264 -29.62 -47.17 -38.82
C LEU F 264 -28.17 -47.60 -39.06
N SER F 265 -27.32 -47.31 -38.10
CA SER F 265 -25.92 -47.64 -38.16
C SER F 265 -25.62 -49.11 -38.27
N GLY F 266 -26.11 -49.91 -37.33
CA GLY F 266 -25.83 -51.35 -37.36
C GLY F 266 -26.31 -51.96 -38.64
N LEU F 267 -27.57 -51.64 -38.96
CA LEU F 267 -28.18 -52.06 -40.20
C LEU F 267 -27.36 -51.67 -41.42
N GLY F 268 -26.84 -50.44 -41.44
CA GLY F 268 -26.09 -49.91 -42.59
C GLY F 268 -24.76 -50.60 -42.69
N PHE F 269 -24.05 -50.63 -41.57
CA PHE F 269 -22.77 -51.29 -41.41
C PHE F 269 -22.87 -52.75 -41.92
N GLU F 270 -23.78 -53.53 -41.35
CA GLU F 270 -23.87 -54.96 -41.67
C GLU F 270 -24.24 -55.26 -43.12
N ASN F 271 -25.09 -54.43 -43.71
CA ASN F 271 -25.60 -54.68 -45.04
C ASN F 271 -24.79 -54.00 -46.15
N CYS F 272 -23.89 -53.09 -45.76
CA CYS F 272 -23.12 -52.35 -46.74
C CYS F 272 -21.60 -52.61 -46.69
N GLY F 273 -21.10 -52.93 -45.49
CA GLY F 273 -19.69 -53.17 -45.27
C GLY F 273 -19.01 -52.05 -44.57
N CYS F 274 -17.80 -52.37 -44.10
CA CYS F 274 -16.94 -51.38 -43.50
C CYS F 274 -15.79 -51.16 -44.44
N SER F 275 -14.94 -50.21 -44.09
CA SER F 275 -13.82 -49.78 -44.92
C SER F 275 -12.66 -49.44 -44.02
N ALA F 276 -11.91 -48.45 -44.48
CA ALA F 276 -10.82 -47.82 -43.75
C ALA F 276 -11.18 -47.14 -42.40
N ALA F 277 -12.42 -46.69 -42.20
CA ALA F 277 -12.73 -46.07 -40.89
C ALA F 277 -12.58 -47.07 -39.74
N HIS F 278 -13.18 -48.26 -39.89
CA HIS F 278 -12.99 -49.29 -38.89
C HIS F 278 -11.59 -49.87 -38.95
N GLY F 279 -11.08 -50.06 -40.17
CA GLY F 279 -9.71 -50.58 -40.36
C GLY F 279 -8.70 -49.72 -39.63
N ILE F 280 -8.97 -48.41 -39.55
CA ILE F 280 -8.02 -47.46 -38.94
C ILE F 280 -8.30 -47.39 -37.45
N HIS F 281 -9.57 -47.53 -37.05
CA HIS F 281 -9.86 -47.68 -35.64
C HIS F 281 -9.10 -48.95 -35.12
N ASP F 282 -9.16 -50.04 -35.90
CA ASP F 282 -8.59 -51.31 -35.46
C ASP F 282 -7.10 -51.11 -35.27
N GLY F 283 -6.45 -50.54 -36.28
CA GLY F 283 -5.02 -50.29 -36.20
C GLY F 283 -4.59 -49.34 -35.08
N LEU F 284 -5.48 -48.44 -34.71
CA LEU F 284 -5.21 -47.42 -33.70
C LEU F 284 -5.14 -48.02 -32.31
N THR F 285 -5.93 -49.08 -32.10
CA THR F 285 -5.91 -49.81 -30.84
C THR F 285 -4.51 -50.36 -30.47
N VAL F 286 -3.58 -50.51 -31.43
CA VAL F 286 -2.23 -50.96 -31.03
C VAL F 286 -1.47 -49.93 -30.20
N LEU F 287 -1.88 -48.66 -30.24
CA LEU F 287 -1.22 -47.60 -29.45
C LEU F 287 -1.80 -47.52 -28.06
N GLU F 288 -0.93 -47.45 -27.05
CA GLU F 288 -1.37 -47.38 -25.66
C GLU F 288 -2.14 -46.10 -25.33
N GLU F 289 -1.74 -44.99 -25.95
CA GLU F 289 -2.26 -43.69 -25.53
C GLU F 289 -3.72 -43.48 -25.93
N VAL F 290 -4.25 -44.44 -26.69
CA VAL F 290 -5.56 -44.35 -27.33
C VAL F 290 -6.60 -45.16 -26.50
N HIS F 291 -6.09 -45.92 -25.53
CA HIS F 291 -6.89 -46.75 -24.65
C HIS F 291 -8.12 -46.13 -23.99
N GLY F 292 -8.02 -44.89 -23.50
CA GLY F 292 -9.14 -44.28 -22.78
C GLY F 292 -10.28 -43.79 -23.67
N TYR F 293 -10.01 -43.73 -24.98
CA TYR F 293 -10.93 -43.19 -25.93
C TYR F 293 -11.94 -44.24 -26.39
N PHE F 294 -13.18 -43.81 -26.59
CA PHE F 294 -14.27 -44.71 -26.98
C PHE F 294 -14.12 -45.25 -28.38
N HIS F 295 -14.66 -46.45 -28.59
CA HIS F 295 -14.74 -47.00 -29.93
C HIS F 295 -15.11 -45.86 -30.92
N GLY F 296 -16.17 -45.14 -30.60
CA GLY F 296 -16.79 -44.18 -31.50
C GLY F 296 -15.97 -42.94 -31.76
N GLU F 297 -15.10 -42.61 -30.83
CA GLU F 297 -14.22 -41.51 -31.00
C GLU F 297 -13.09 -41.84 -31.98
N LYS F 298 -12.58 -43.06 -31.91
CA LYS F 298 -11.57 -43.55 -32.84
C LYS F 298 -12.13 -43.74 -34.24
N VAL F 299 -13.38 -44.23 -34.29
CA VAL F 299 -14.10 -44.40 -35.57
C VAL F 299 -14.37 -43.07 -36.19
N ALA F 300 -14.74 -42.07 -35.38
CA ALA F 300 -14.90 -40.69 -35.94
C ALA F 300 -13.64 -40.20 -36.63
N PHE F 301 -12.49 -40.29 -35.98
CA PHE F 301 -11.26 -39.84 -36.63
C PHE F 301 -10.87 -40.65 -37.87
N GLY F 302 -11.14 -41.94 -37.84
CA GLY F 302 -10.77 -42.80 -38.95
C GLY F 302 -11.67 -42.55 -40.17
N THR F 303 -12.90 -42.07 -39.93
CA THR F 303 -13.79 -41.69 -41.02
C THR F 303 -13.19 -40.46 -41.70
N LEU F 304 -12.69 -39.52 -40.91
CA LEU F 304 -11.99 -38.39 -41.45
C LEU F 304 -10.76 -38.79 -42.26
N CYS F 305 -10.02 -39.81 -41.81
CA CYS F 305 -8.88 -40.30 -42.57
C CYS F 305 -9.32 -41.05 -43.83
N LEU F 306 -10.41 -41.83 -43.73
CA LEU F 306 -10.97 -42.49 -44.94
C LEU F 306 -11.14 -41.42 -46.02
N LEU F 307 -11.67 -40.26 -45.62
CA LEU F 307 -11.93 -39.23 -46.60
C LEU F 307 -10.64 -38.67 -47.26
N MSE F 308 -9.62 -38.40 -46.47
CA MSE F 308 -8.29 -38.05 -46.99
C MSE F 308 -7.64 -39.15 -47.86
O MSE F 308 -7.03 -38.87 -48.87
CB MSE F 308 -7.34 -37.67 -45.82
CG MSE F 308 -6.00 -37.06 -46.29
SE MSE F 308 -6.38 -35.55 -47.52
CE MSE F 308 -6.67 -34.11 -46.18
N LEU F 309 -7.84 -40.40 -47.45
CA LEU F 309 -7.29 -41.55 -48.13
C LEU F 309 -7.85 -41.64 -49.56
N GLU F 310 -9.16 -41.40 -49.67
CA GLU F 310 -9.86 -41.49 -50.94
C GLU F 310 -9.73 -40.17 -51.67
N ASN F 311 -8.99 -39.24 -51.07
CA ASN F 311 -8.79 -37.92 -51.65
C ASN F 311 -10.13 -37.21 -52.02
N ARG F 312 -11.08 -37.28 -51.10
CA ARG F 312 -12.38 -36.62 -51.30
C ARG F 312 -12.26 -35.07 -51.39
N ASP F 313 -13.29 -34.44 -51.94
CA ASP F 313 -13.44 -32.99 -51.98
C ASP F 313 -13.02 -32.28 -50.69
N ARG F 314 -12.18 -31.26 -50.84
CA ARG F 314 -11.73 -30.44 -49.74
C ARG F 314 -12.90 -29.96 -48.92
N ALA F 315 -14.02 -29.61 -49.57
CA ALA F 315 -15.13 -29.03 -48.82
C ALA F 315 -15.81 -30.15 -48.00
N GLU F 316 -15.78 -31.37 -48.52
CA GLU F 316 -16.42 -32.49 -47.82
C GLU F 316 -15.60 -32.81 -46.53
N ILE F 317 -14.27 -32.93 -46.68
CA ILE F 317 -13.39 -33.15 -45.54
C ILE F 317 -13.57 -32.02 -44.52
N GLU F 318 -13.59 -30.77 -45.01
CA GLU F 318 -13.75 -29.62 -44.14
C GLU F 318 -15.09 -29.60 -43.42
N ALA F 319 -16.16 -29.88 -44.16
CA ALA F 319 -17.47 -29.91 -43.55
C ALA F 319 -17.56 -31.01 -42.44
N MSE F 320 -16.93 -32.15 -42.67
CA MSE F 320 -16.94 -33.22 -41.70
C MSE F 320 -16.05 -32.92 -40.48
O MSE F 320 -16.40 -33.22 -39.35
CB MSE F 320 -16.61 -34.55 -42.36
CG MSE F 320 -17.76 -35.07 -43.28
SE MSE F 320 -19.43 -35.32 -42.24
CE MSE F 320 -20.65 -33.82 -42.79
N ILE F 321 -14.93 -32.24 -40.69
CA ILE F 321 -14.16 -31.76 -39.59
C ILE F 321 -14.98 -30.83 -38.73
N ARG F 322 -15.64 -29.85 -39.35
CA ARG F 322 -16.44 -28.94 -38.56
C ARG F 322 -17.58 -29.66 -37.87
N PHE F 323 -18.15 -30.65 -38.55
CA PHE F 323 -19.25 -31.35 -37.91
C PHE F 323 -18.74 -32.06 -36.65
N CYS F 324 -17.63 -32.79 -36.77
CA CYS F 324 -17.00 -33.45 -35.60
C CYS F 324 -16.69 -32.49 -34.45
N ARG F 325 -16.07 -31.36 -34.77
CA ARG F 325 -15.80 -30.35 -33.76
C ARG F 325 -17.07 -29.86 -33.07
N SER F 326 -18.14 -29.66 -33.83
CA SER F 326 -19.37 -29.08 -33.23
C SER F 326 -20.00 -30.00 -32.15
N VAL F 327 -19.72 -31.30 -32.20
CA VAL F 327 -20.21 -32.18 -31.16
C VAL F 327 -19.11 -32.64 -30.25
N GLY F 328 -17.88 -32.20 -30.42
CA GLY F 328 -16.86 -32.63 -29.48
C GLY F 328 -16.13 -33.92 -29.86
N LEU F 329 -16.25 -34.38 -31.11
CA LEU F 329 -15.47 -35.55 -31.52
C LEU F 329 -14.03 -35.19 -31.94
N PRO F 330 -13.11 -36.16 -31.91
CA PRO F 330 -11.73 -35.82 -32.25
C PRO F 330 -11.42 -35.60 -33.75
N THR F 331 -10.63 -34.56 -34.03
CA THR F 331 -10.30 -34.24 -35.42
C THR F 331 -8.83 -34.07 -35.66
N LYS F 332 -8.02 -34.28 -34.63
CA LYS F 332 -6.56 -34.18 -34.68
C LYS F 332 -5.98 -35.37 -33.95
N LEU F 333 -4.78 -35.77 -34.31
CA LEU F 333 -4.09 -36.87 -33.62
C LEU F 333 -3.92 -36.54 -32.16
N ALA F 334 -3.66 -35.28 -31.86
CA ALA F 334 -3.58 -34.80 -30.48
C ALA F 334 -4.84 -35.08 -29.69
N ASP F 335 -6.00 -35.07 -30.35
CA ASP F 335 -7.31 -35.29 -29.68
C ASP F 335 -7.47 -36.71 -29.16
N LEU F 336 -6.83 -37.64 -29.83
CA LEU F 336 -6.70 -38.98 -29.27
C LEU F 336 -5.40 -39.09 -28.46
N GLY F 337 -4.76 -37.97 -28.13
CA GLY F 337 -3.55 -37.99 -27.31
C GLY F 337 -2.34 -38.63 -27.96
N ILE F 338 -2.35 -38.70 -29.30
CA ILE F 338 -1.15 -39.06 -30.07
C ILE F 338 -0.31 -37.82 -30.44
N VAL F 339 0.81 -37.60 -29.71
CA VAL F 339 1.58 -36.34 -29.76
C VAL F 339 3.08 -36.63 -29.79
N ASP F 340 3.48 -37.83 -29.38
CA ASP F 340 4.91 -38.18 -29.33
C ASP F 340 5.36 -39.21 -30.34
N ASP F 341 6.40 -38.90 -31.09
CA ASP F 341 6.91 -39.82 -32.07
C ASP F 341 5.79 -40.20 -32.98
N VAL F 342 5.08 -39.21 -33.44
CA VAL F 342 3.86 -39.41 -34.16
C VAL F 342 3.92 -40.16 -35.49
N PRO F 343 4.86 -39.83 -36.33
CA PRO F 343 4.96 -40.51 -37.61
C PRO F 343 5.25 -41.96 -37.54
N ALA F 344 6.09 -42.34 -36.62
CA ALA F 344 6.44 -43.76 -36.53
C ALA F 344 5.32 -44.54 -35.89
N LYS F 345 4.60 -43.93 -34.96
CA LYS F 345 3.44 -44.58 -34.38
C LYS F 345 2.32 -44.74 -35.41
N ILE F 346 2.14 -43.73 -36.26
CA ILE F 346 1.12 -43.83 -37.25
C ILE F 346 1.54 -44.94 -38.20
N GLY F 347 2.86 -45.06 -38.46
CA GLY F 347 3.43 -46.20 -39.20
C GLY F 347 2.94 -47.52 -38.61
N ARG F 348 2.98 -47.65 -37.28
CA ARG F 348 2.48 -48.88 -36.62
C ARG F 348 0.95 -49.07 -36.79
N VAL F 349 0.20 -47.96 -36.74
CA VAL F 349 -1.25 -48.03 -36.94
C VAL F 349 -1.53 -48.52 -38.36
N ALA F 350 -0.76 -48.05 -39.30
CA ALA F 350 -0.88 -48.48 -40.69
C ALA F 350 -0.53 -49.95 -40.88
N GLU F 351 0.58 -50.41 -40.30
CA GLU F 351 0.99 -51.83 -40.46
C GLU F 351 -0.15 -52.73 -40.03
N ALA F 352 -0.65 -52.46 -38.81
CA ALA F 352 -1.72 -53.23 -38.19
C ALA F 352 -3.01 -53.16 -39.00
N ALA F 353 -3.28 -52.01 -39.59
CA ALA F 353 -4.49 -51.92 -40.38
C ALA F 353 -4.33 -52.69 -41.68
N CYS F 354 -3.14 -52.69 -42.27
CA CYS F 354 -3.06 -53.27 -43.61
C CYS F 354 -2.72 -54.77 -43.70
N ARG F 355 -2.89 -55.52 -42.61
CA ARG F 355 -2.64 -56.96 -42.63
C ARG F 355 -3.57 -57.61 -43.63
N PRO F 356 -3.01 -58.33 -44.61
CA PRO F 356 -3.77 -58.91 -45.72
C PRO F 356 -5.11 -59.50 -45.26
N GLY F 357 -6.17 -59.35 -46.06
CA GLY F 357 -7.51 -59.84 -45.67
C GLY F 357 -8.35 -58.92 -44.78
N ASN F 358 -7.70 -57.93 -44.16
CA ASN F 358 -8.36 -56.86 -43.39
C ASN F 358 -9.39 -56.00 -44.21
N ILE F 359 -10.24 -55.28 -43.47
CA ILE F 359 -11.43 -54.60 -44.02
C ILE F 359 -11.11 -53.29 -44.74
N ILE F 360 -9.94 -52.73 -44.42
CA ILE F 360 -9.39 -51.57 -45.09
C ILE F 360 -9.22 -51.80 -46.60
N TYR F 361 -9.28 -53.05 -47.06
CA TYR F 361 -9.13 -53.37 -48.48
C TYR F 361 -10.44 -53.22 -49.28
N ALA F 362 -11.52 -52.92 -48.56
CA ALA F 362 -12.79 -52.56 -49.17
C ALA F 362 -12.74 -51.13 -49.75
N THR F 363 -11.85 -50.29 -49.25
CA THR F 363 -11.60 -48.98 -49.86
C THR F 363 -11.27 -49.06 -51.37
N PRO F 364 -11.94 -48.23 -52.20
CA PRO F 364 -11.67 -48.21 -53.65
C PRO F 364 -10.35 -47.50 -53.99
N VAL F 365 -9.32 -47.73 -53.20
CA VAL F 365 -8.01 -47.15 -53.43
C VAL F 365 -6.97 -48.29 -53.35
N THR F 366 -5.84 -48.14 -54.02
CA THR F 366 -4.79 -49.16 -53.84
C THR F 366 -4.27 -49.03 -52.39
N ILE F 367 -4.61 -49.99 -51.53
CA ILE F 367 -4.18 -49.91 -50.13
C ILE F 367 -2.72 -50.35 -49.92
N THR F 368 -1.89 -49.42 -49.46
CA THR F 368 -0.54 -49.74 -49.02
C THR F 368 -0.31 -49.08 -47.67
N VAL F 369 0.73 -49.49 -46.98
CA VAL F 369 1.02 -48.94 -45.69
C VAL F 369 1.35 -47.46 -45.90
N PRO F 370 2.15 -47.13 -46.90
CA PRO F 370 2.43 -45.71 -46.99
C PRO F 370 1.19 -44.90 -47.34
N ALA F 371 0.27 -45.48 -48.10
CA ALA F 371 -0.88 -44.70 -48.49
C ALA F 371 -1.71 -44.45 -47.25
N VAL F 372 -1.88 -45.49 -46.44
CA VAL F 372 -2.72 -45.33 -45.27
C VAL F 372 -2.03 -44.45 -44.23
N ARG F 373 -0.73 -44.68 -44.02
CA ARG F 373 0.03 -43.85 -43.09
C ARG F 373 -0.08 -42.39 -43.50
N ASP F 374 0.19 -42.11 -44.76
CA ASP F 374 0.17 -40.77 -45.23
C ASP F 374 -1.17 -40.05 -45.23
N ALA F 375 -2.27 -40.78 -45.41
CA ALA F 375 -3.59 -40.20 -45.32
C ALA F 375 -3.92 -39.78 -43.88
N ILE F 376 -3.50 -40.61 -42.92
CA ILE F 376 -3.73 -40.25 -41.53
C ILE F 376 -2.94 -38.98 -41.18
N LEU F 377 -1.70 -38.92 -41.63
CA LEU F 377 -0.87 -37.78 -41.31
C LEU F 377 -1.35 -36.54 -42.07
N ALA F 378 -1.71 -36.72 -43.34
CA ALA F 378 -2.23 -35.61 -44.15
C ALA F 378 -3.53 -35.09 -43.53
N LEU F 379 -4.42 -35.99 -43.15
CA LEU F 379 -5.63 -35.51 -42.52
C LEU F 379 -5.30 -34.68 -41.28
N ASP F 380 -4.44 -35.20 -40.42
CA ASP F 380 -4.07 -34.46 -39.23
C ASP F 380 -3.52 -33.09 -39.61
N ALA F 381 -2.68 -33.04 -40.64
CA ALA F 381 -2.05 -31.75 -41.02
C ALA F 381 -3.11 -30.71 -41.49
N PHE F 382 -4.02 -31.14 -42.32
CA PHE F 382 -5.08 -30.34 -42.87
C PHE F 382 -6.00 -29.81 -41.80
N SER F 383 -6.33 -30.65 -40.85
CA SER F 383 -7.14 -30.34 -39.72
C SER F 383 -6.51 -29.27 -38.84
N ARG F 384 -5.20 -29.39 -38.69
CA ARG F 384 -4.37 -28.47 -37.98
C ARG F 384 -4.42 -27.10 -38.63
N SER F 385 -4.50 -27.11 -39.94
CA SER F 385 -4.70 -25.97 -40.80
C SER F 385 -6.01 -25.25 -40.57
N ILE F 386 -7.07 -25.98 -40.26
CA ILE F 386 -8.35 -25.43 -39.91
C ILE F 386 -8.35 -25.24 -38.41
N ALA G 25 -41.61 -43.22 -28.69
CA ALA G 25 -41.76 -44.64 -29.09
C ALA G 25 -41.62 -44.86 -30.64
N ARG G 26 -41.00 -45.99 -30.99
CA ARG G 26 -40.77 -46.35 -32.37
C ARG G 26 -40.36 -47.83 -32.37
N ALA G 27 -40.71 -48.52 -33.44
CA ALA G 27 -40.29 -49.87 -33.53
C ALA G 27 -40.18 -50.23 -34.99
N PHE G 28 -39.19 -51.06 -35.27
CA PHE G 28 -38.93 -51.57 -36.59
C PHE G 28 -38.93 -53.09 -36.49
N GLY G 29 -39.44 -53.74 -37.55
CA GLY G 29 -39.46 -55.20 -37.70
C GLY G 29 -39.13 -55.65 -39.13
N GLY G 30 -38.53 -56.81 -39.24
CA GLY G 30 -38.22 -57.38 -40.51
C GLY G 30 -37.69 -58.81 -40.43
N PRO G 31 -37.51 -59.46 -41.58
CA PRO G 31 -37.01 -60.81 -41.57
C PRO G 31 -35.59 -60.87 -41.05
N ASN G 32 -35.18 -62.00 -40.48
CA ASN G 32 -33.82 -62.10 -39.98
C ASN G 32 -32.84 -62.07 -41.11
N LYS G 33 -33.21 -62.72 -42.22
CA LYS G 33 -32.35 -62.89 -43.40
C LYS G 33 -33.21 -62.78 -44.63
N TYR G 34 -32.74 -62.05 -45.63
CA TYR G 34 -33.30 -61.96 -46.96
C TYR G 34 -32.16 -62.28 -47.91
N ILE G 35 -32.34 -63.24 -48.79
CA ILE G 35 -31.31 -63.67 -49.71
C ILE G 35 -31.89 -63.73 -51.10
N GLN G 36 -31.23 -63.13 -52.05
CA GLN G 36 -31.72 -63.11 -53.38
C GLN G 36 -30.64 -63.48 -54.35
N ARG G 37 -30.77 -64.61 -55.03
CA ARG G 37 -29.80 -65.04 -56.04
C ARG G 37 -30.41 -66.06 -56.98
N ALA G 38 -30.11 -65.95 -58.27
CA ALA G 38 -30.46 -67.00 -59.23
C ALA G 38 -30.17 -68.41 -58.70
N GLY G 39 -31.16 -69.30 -58.82
CA GLY G 39 -31.02 -70.72 -58.53
C GLY G 39 -31.14 -71.13 -57.07
N GLU G 40 -31.26 -70.17 -56.16
CA GLU G 40 -31.34 -70.46 -54.72
C GLU G 40 -32.35 -71.54 -54.29
N ILE G 41 -33.31 -71.87 -55.16
CA ILE G 41 -34.36 -72.83 -54.81
C ILE G 41 -33.69 -74.21 -54.62
N ASP G 42 -32.57 -74.41 -55.30
CA ASP G 42 -31.84 -75.62 -55.19
C ASP G 42 -31.12 -75.71 -53.84
N LYS G 43 -30.93 -74.60 -53.12
CA LYS G 43 -30.19 -74.62 -51.83
C LYS G 43 -31.12 -74.36 -50.66
N LEU G 44 -32.40 -74.30 -50.95
CA LEU G 44 -33.39 -74.01 -49.93
C LEU G 44 -33.26 -74.89 -48.69
N ALA G 45 -33.09 -76.21 -48.90
CA ALA G 45 -32.91 -77.17 -47.78
C ALA G 45 -31.82 -76.70 -46.82
N ALA G 46 -30.69 -76.27 -47.37
CA ALA G 46 -29.61 -75.67 -46.57
C ALA G 46 -30.04 -74.50 -45.68
N TYR G 47 -31.07 -73.75 -46.07
CA TYR G 47 -31.57 -72.69 -45.20
C TYR G 47 -32.46 -73.27 -44.10
N LEU G 48 -33.07 -74.43 -44.36
CA LEU G 48 -34.04 -75.03 -43.45
C LEU G 48 -33.40 -75.80 -42.27
N ALA G 49 -32.20 -76.35 -42.53
CA ALA G 49 -31.45 -77.16 -41.54
C ALA G 49 -31.13 -76.47 -40.21
N PRO G 50 -30.54 -75.24 -40.24
CA PRO G 50 -30.29 -74.58 -38.96
C PRO G 50 -31.52 -74.19 -38.15
N LEU G 51 -32.71 -74.17 -38.77
CA LEU G 51 -33.90 -73.74 -38.03
C LEU G 51 -34.65 -74.86 -37.31
N GLY G 52 -34.56 -76.05 -37.87
CA GLY G 52 -35.12 -77.22 -37.21
C GLY G 52 -34.80 -78.51 -37.93
N LYS G 53 -35.62 -79.51 -37.63
CA LYS G 53 -35.32 -80.91 -37.97
C LYS G 53 -36.43 -81.48 -38.80
N ARG G 54 -37.63 -80.91 -38.65
CA ARG G 54 -38.85 -81.32 -39.38
C ARG G 54 -39.54 -80.13 -40.07
N ALA G 55 -39.44 -80.06 -41.39
CA ALA G 55 -40.01 -78.96 -42.17
C ALA G 55 -41.22 -79.38 -43.01
N LEU G 56 -42.26 -78.57 -42.96
CA LEU G 56 -43.44 -78.69 -43.80
C LEU G 56 -43.44 -77.57 -44.87
N VAL G 57 -43.40 -77.99 -46.13
CA VAL G 57 -43.21 -77.10 -47.23
C VAL G 57 -44.45 -77.07 -48.08
N LEU G 58 -45.14 -75.96 -48.00
CA LEU G 58 -46.40 -75.71 -48.66
C LEU G 58 -46.14 -74.98 -49.98
N ILE G 59 -46.51 -75.63 -51.09
CA ILE G 59 -46.25 -75.18 -52.42
C ILE G 59 -47.54 -75.06 -53.24
N ASP G 60 -47.76 -73.90 -53.86
CA ASP G 60 -48.79 -73.76 -54.91
C ASP G 60 -48.80 -75.00 -55.81
N ARG G 61 -49.99 -75.50 -56.15
CA ARG G 61 -50.08 -76.80 -56.86
C ARG G 61 -49.47 -76.82 -58.28
N VAL G 62 -49.43 -75.69 -58.97
CA VAL G 62 -48.89 -75.73 -60.32
C VAL G 62 -47.43 -76.12 -60.32
N LEU G 63 -46.73 -75.80 -59.26
CA LEU G 63 -45.29 -75.93 -59.23
C LEU G 63 -44.85 -77.04 -58.27
N PHE G 64 -45.85 -77.69 -57.66
CA PHE G 64 -45.61 -78.72 -56.65
C PHE G 64 -44.63 -79.82 -57.10
N ASP G 65 -44.95 -80.51 -58.21
CA ASP G 65 -44.12 -81.67 -58.68
C ASP G 65 -42.67 -81.22 -58.91
N ALA G 66 -42.48 -80.27 -59.85
CA ALA G 66 -41.14 -79.74 -60.18
C ALA G 66 -40.40 -79.18 -58.97
N LEU G 67 -41.10 -78.52 -58.05
CA LEU G 67 -40.40 -77.88 -56.94
C LEU G 67 -40.25 -78.78 -55.74
N SER G 68 -41.15 -79.72 -55.52
CA SER G 68 -40.86 -80.77 -54.52
C SER G 68 -39.59 -81.55 -54.88
N GLU G 69 -39.49 -81.97 -56.14
CA GLU G 69 -38.23 -82.58 -56.66
C GLU G 69 -36.97 -81.75 -56.39
N ARG G 70 -36.98 -80.46 -56.78
CA ARG G 70 -35.78 -79.62 -56.66
C ARG G 70 -35.39 -79.33 -55.21
N ILE G 71 -36.37 -79.10 -54.36
CA ILE G 71 -36.03 -78.85 -52.97
C ILE G 71 -35.58 -80.16 -52.35
N SER G 78 -30.63 -85.66 -41.56
CA SER G 78 -30.57 -84.48 -40.71
C SER G 78 -31.93 -83.74 -40.67
N LEU G 79 -32.54 -83.57 -41.83
CA LEU G 79 -33.80 -82.86 -41.97
C LEU G 79 -34.89 -83.65 -42.67
N ASP G 80 -36.08 -83.61 -42.12
CA ASP G 80 -37.20 -84.32 -42.66
C ASP G 80 -38.15 -83.31 -43.28
N ILE G 81 -38.46 -83.48 -44.54
CA ILE G 81 -39.31 -82.54 -45.20
C ILE G 81 -40.55 -83.15 -45.75
N ARG G 82 -41.71 -82.81 -45.21
CA ARG G 82 -42.96 -83.24 -45.80
C ARG G 82 -43.35 -82.11 -46.79
N PHE G 83 -43.85 -82.46 -47.96
CA PHE G 83 -44.34 -81.46 -48.90
C PHE G 83 -45.84 -81.44 -48.89
N GLU G 84 -46.47 -80.26 -48.86
CA GLU G 84 -47.90 -80.20 -48.91
C GLU G 84 -48.32 -79.34 -50.07
N ARG G 85 -49.30 -79.81 -50.84
CA ARG G 85 -49.95 -79.02 -51.90
C ARG G 85 -50.81 -77.99 -51.23
N PHE G 86 -50.81 -76.78 -51.74
CA PHE G 86 -51.56 -75.65 -51.24
C PHE G 86 -52.78 -75.43 -52.06
N GLY G 87 -53.85 -75.15 -51.35
CA GLY G 87 -55.17 -74.99 -51.88
C GLY G 87 -55.38 -73.90 -52.86
N GLY G 88 -54.72 -72.77 -52.68
CA GLY G 88 -54.89 -71.63 -53.54
C GLY G 88 -55.51 -70.41 -52.92
N GLU G 89 -56.24 -70.56 -51.85
CA GLU G 89 -56.77 -69.42 -51.10
C GLU G 89 -56.22 -69.38 -49.68
N CYS G 90 -55.94 -68.17 -49.16
CA CYS G 90 -55.71 -68.07 -47.74
C CYS G 90 -57.06 -67.85 -47.02
N CYS G 91 -57.68 -68.96 -46.64
CA CYS G 91 -58.97 -69.00 -45.99
C CYS G 91 -58.89 -69.90 -44.77
N THR G 92 -59.87 -69.79 -43.90
CA THR G 92 -59.84 -70.48 -42.63
C THR G 92 -59.80 -71.98 -42.79
N SER G 93 -60.54 -72.51 -43.73
CA SER G 93 -60.55 -73.91 -43.92
C SER G 93 -59.20 -74.40 -44.33
N GLU G 94 -58.51 -73.67 -45.17
CA GLU G 94 -57.20 -74.13 -45.62
C GLU G 94 -56.15 -73.93 -44.55
N ILE G 95 -56.30 -72.89 -43.74
CA ILE G 95 -55.41 -72.74 -42.59
C ILE G 95 -55.61 -73.94 -41.69
N GLU G 96 -56.88 -74.29 -41.43
CA GLU G 96 -57.22 -75.43 -40.60
C GLU G 96 -56.65 -76.73 -41.17
N ARG G 97 -56.77 -76.94 -42.47
CA ARG G 97 -56.31 -78.19 -43.06
C ARG G 97 -54.81 -78.34 -43.01
N VAL G 98 -54.08 -77.27 -43.31
CA VAL G 98 -52.62 -77.31 -43.31
C VAL G 98 -52.10 -77.40 -41.87
N ARG G 99 -52.80 -76.75 -40.96
CA ARG G 99 -52.46 -76.81 -39.55
C ARG G 99 -52.52 -78.26 -39.07
N LYS G 100 -53.52 -79.02 -39.44
CA LYS G 100 -53.59 -80.39 -38.94
C LYS G 100 -52.41 -81.24 -39.36
N VAL G 101 -52.04 -81.10 -40.61
CA VAL G 101 -50.97 -81.84 -41.21
C VAL G 101 -49.66 -81.54 -40.54
N ALA G 102 -49.45 -80.28 -40.26
CA ALA G 102 -48.32 -79.83 -39.51
C ALA G 102 -48.31 -80.34 -38.09
N ILE G 103 -49.44 -80.42 -37.46
CA ILE G 103 -49.44 -81.07 -36.17
C ILE G 103 -49.17 -82.57 -36.20
N GLU G 104 -49.68 -83.27 -37.18
CA GLU G 104 -49.37 -84.67 -37.34
C GLU G 104 -47.89 -84.86 -37.60
N HIS G 105 -47.32 -83.99 -38.40
CA HIS G 105 -45.93 -84.03 -38.74
C HIS G 105 -45.09 -83.80 -37.52
N GLY G 106 -45.57 -82.95 -36.66
CA GLY G 106 -44.75 -82.37 -35.63
C GLY G 106 -43.78 -81.38 -36.24
N SER G 107 -44.22 -80.66 -37.25
CA SER G 107 -43.37 -79.76 -37.97
C SER G 107 -42.76 -78.58 -37.23
N ASP G 108 -41.45 -78.49 -37.39
CA ASP G 108 -40.52 -77.51 -36.88
C ASP G 108 -40.58 -76.16 -37.53
N ILE G 109 -40.79 -76.24 -38.81
CA ILE G 109 -40.59 -75.18 -39.74
C ILE G 109 -41.76 -75.22 -40.69
N LEU G 110 -42.38 -74.07 -40.86
CA LEU G 110 -43.31 -73.85 -41.93
C LEU G 110 -42.62 -73.14 -43.08
N VAL G 111 -42.86 -73.62 -44.29
CA VAL G 111 -42.17 -73.05 -45.45
C VAL G 111 -43.13 -72.78 -46.61
N GLY G 112 -43.39 -71.51 -46.92
CA GLY G 112 -44.30 -71.15 -48.02
C GLY G 112 -43.50 -70.93 -49.31
N VAL G 113 -43.84 -71.67 -50.37
CA VAL G 113 -43.17 -71.59 -51.65
C VAL G 113 -44.22 -71.26 -52.71
N GLY G 114 -44.39 -69.99 -53.07
CA GLY G 114 -45.55 -69.60 -53.90
C GLY G 114 -45.83 -68.12 -53.87
N GLY G 115 -47.07 -67.72 -54.15
CA GLY G 115 -47.48 -66.30 -54.09
C GLY G 115 -47.72 -65.87 -52.66
N GLY G 116 -48.40 -64.73 -52.47
CA GLY G 116 -48.54 -64.15 -51.14
C GLY G 116 -49.55 -64.95 -50.32
N LYS G 117 -50.57 -65.46 -51.02
CA LYS G 117 -51.56 -66.36 -50.42
C LYS G 117 -50.94 -67.60 -49.76
N THR G 118 -50.01 -68.26 -50.47
CA THR G 118 -49.26 -69.41 -49.96
C THR G 118 -48.43 -68.96 -48.80
N ALA G 119 -47.75 -67.84 -48.96
CA ALA G 119 -46.88 -67.28 -47.95
C ALA G 119 -47.65 -67.03 -46.64
N ASP G 120 -48.79 -66.33 -46.76
CA ASP G 120 -49.59 -65.98 -45.62
C ASP G 120 -50.20 -67.19 -44.86
N THR G 121 -50.69 -68.17 -45.60
CA THR G 121 -51.10 -69.46 -44.99
C THR G 121 -49.96 -70.06 -44.17
N ALA G 122 -48.80 -70.24 -44.79
CA ALA G 122 -47.66 -70.78 -44.05
C ALA G 122 -47.37 -70.06 -42.73
N LYS G 123 -47.56 -68.72 -42.72
CA LYS G 123 -47.16 -67.92 -41.57
C LYS G 123 -48.14 -68.12 -40.44
N ILE G 124 -49.42 -68.11 -40.79
CA ILE G 124 -50.44 -68.21 -39.80
C ILE G 124 -50.36 -69.59 -39.16
N VAL G 125 -50.23 -70.60 -40.01
CA VAL G 125 -49.98 -71.92 -39.49
C VAL G 125 -48.77 -71.92 -38.51
N ALA G 126 -47.72 -71.16 -38.83
CA ALA G 126 -46.51 -71.25 -38.04
C ALA G 126 -46.69 -70.65 -36.66
N ILE G 127 -47.45 -69.57 -36.59
CA ILE G 127 -47.75 -68.93 -35.31
C ILE G 127 -48.67 -69.87 -34.50
N ASP G 128 -49.69 -70.40 -35.17
CA ASP G 128 -50.58 -71.33 -34.48
C ASP G 128 -49.79 -72.51 -33.93
N THR G 129 -48.66 -72.82 -34.54
CA THR G 129 -47.94 -74.04 -34.25
C THR G 129 -46.63 -73.82 -33.46
N GLY G 130 -46.16 -72.58 -33.37
CA GLY G 130 -44.81 -72.31 -32.84
C GLY G 130 -43.64 -72.68 -33.76
N ALA G 131 -43.91 -73.04 -35.02
CA ALA G 131 -42.84 -73.29 -36.00
C ALA G 131 -42.14 -72.02 -36.45
N ARG G 132 -40.89 -72.15 -36.91
CA ARG G 132 -40.20 -71.11 -37.68
C ARG G 132 -40.88 -70.82 -39.04
N ILE G 133 -40.60 -69.65 -39.60
CA ILE G 133 -41.14 -69.24 -40.90
C ILE G 133 -40.02 -68.96 -41.89
N VAL G 134 -40.09 -69.63 -43.05
CA VAL G 134 -39.27 -69.35 -44.20
C VAL G 134 -40.21 -69.12 -45.38
N ILE G 135 -39.94 -68.10 -46.19
CA ILE G 135 -40.70 -67.87 -47.38
C ILE G 135 -39.75 -67.99 -48.56
N ALA G 136 -40.15 -68.76 -49.56
CA ALA G 136 -39.36 -68.83 -50.78
C ALA G 136 -40.29 -68.49 -51.92
N PRO G 137 -40.43 -67.19 -52.25
CA PRO G 137 -41.40 -66.78 -53.30
C PRO G 137 -41.07 -67.35 -54.65
N THR G 138 -42.07 -67.77 -55.40
CA THR G 138 -41.87 -68.21 -56.79
C THR G 138 -42.22 -67.12 -57.80
N ILE G 139 -42.88 -66.07 -57.33
CA ILE G 139 -43.26 -64.92 -58.11
C ILE G 139 -43.06 -63.68 -57.22
N ALA G 140 -42.84 -62.53 -57.85
CA ALA G 140 -42.67 -61.26 -57.14
C ALA G 140 -43.91 -60.38 -57.34
N SER G 141 -45.07 -60.93 -57.02
CA SER G 141 -46.33 -60.22 -57.23
C SER G 141 -46.89 -59.51 -55.96
N THR G 142 -46.25 -59.68 -54.79
CA THR G 142 -46.72 -59.06 -53.54
C THR G 142 -45.58 -58.84 -52.56
N ASP G 143 -45.81 -57.91 -51.62
CA ASP G 143 -44.85 -57.58 -50.55
C ASP G 143 -44.84 -58.53 -49.34
N ALA G 144 -45.89 -59.35 -49.24
CA ALA G 144 -46.08 -60.38 -48.18
C ALA G 144 -44.88 -61.25 -47.72
N PRO G 145 -43.99 -61.70 -48.64
CA PRO G 145 -42.91 -62.59 -48.16
C PRO G 145 -42.06 -62.07 -47.01
N CYS G 146 -41.83 -60.77 -46.89
CA CYS G 146 -41.02 -60.30 -45.80
C CYS G 146 -41.81 -59.92 -44.59
N SER G 147 -43.08 -59.58 -44.76
CA SER G 147 -43.74 -58.92 -43.65
C SER G 147 -44.28 -59.85 -42.55
N ALA G 148 -44.71 -59.20 -41.48
CA ALA G 148 -45.44 -59.86 -40.41
C ALA G 148 -46.95 -59.89 -40.64
N ILE G 149 -47.48 -59.22 -41.66
CA ILE G 149 -48.91 -59.29 -41.89
C ILE G 149 -49.26 -60.50 -42.77
N ALA G 150 -50.31 -61.22 -42.39
CA ALA G 150 -50.84 -62.29 -43.20
C ALA G 150 -52.28 -61.97 -43.41
N VAL G 151 -52.77 -62.01 -44.65
CA VAL G 151 -54.20 -61.64 -44.94
C VAL G 151 -55.12 -62.86 -45.26
N ARG G 152 -56.24 -63.00 -44.56
CA ARG G 152 -57.22 -64.08 -44.85
C ARG G 152 -58.39 -63.55 -45.70
N TYR G 153 -58.95 -64.42 -46.53
CA TYR G 153 -60.10 -64.11 -47.36
C TYR G 153 -61.16 -65.18 -47.13
N THR G 154 -62.37 -64.92 -47.63
CA THR G 154 -63.37 -65.98 -47.75
C THR G 154 -62.80 -66.96 -48.73
N GLU G 155 -63.25 -68.18 -48.60
CA GLU G 155 -63.06 -69.24 -49.56
C GLU G 155 -63.31 -68.72 -51.00
N HIS G 156 -64.16 -67.71 -51.15
CA HIS G 156 -64.41 -67.09 -52.49
C HIS G 156 -63.45 -65.93 -52.83
N GLY G 157 -62.54 -65.60 -51.90
CA GLY G 157 -61.50 -64.62 -52.15
C GLY G 157 -61.87 -63.19 -51.81
N VAL G 158 -62.86 -63.03 -50.94
CA VAL G 158 -63.39 -61.74 -50.52
C VAL G 158 -62.60 -61.44 -49.24
N TYR G 159 -62.15 -60.20 -49.11
CA TYR G 159 -61.28 -59.86 -47.99
C TYR G 159 -61.96 -60.18 -46.66
N GLU G 160 -61.23 -60.68 -45.68
CA GLU G 160 -61.91 -60.94 -44.41
C GLU G 160 -61.25 -60.27 -43.25
N GLU G 161 -59.93 -60.41 -43.13
CA GLU G 161 -59.20 -59.98 -41.97
C GLU G 161 -57.69 -59.93 -42.21
N ALA G 162 -57.09 -58.78 -41.90
CA ALA G 162 -55.64 -58.67 -41.92
C ALA G 162 -55.06 -59.03 -40.56
N LEU G 163 -54.25 -60.08 -40.49
CA LEU G 163 -53.73 -60.46 -39.18
C LEU G 163 -52.42 -59.75 -38.92
N ARG G 164 -52.30 -59.18 -37.73
CA ARG G 164 -51.01 -58.68 -37.30
C ARG G 164 -50.24 -59.80 -36.55
N LEU G 165 -49.20 -60.33 -37.13
CA LEU G 165 -48.50 -61.42 -36.46
C LEU G 165 -47.35 -61.00 -35.58
N PRO G 166 -47.05 -61.82 -34.60
CA PRO G 166 -46.02 -61.60 -33.61
C PRO G 166 -44.60 -61.64 -34.12
N ARG G 167 -44.33 -62.36 -35.17
CA ARG G 167 -42.99 -62.45 -35.67
C ARG G 167 -42.92 -62.26 -37.19
N ASN G 168 -41.75 -61.93 -37.67
CA ASN G 168 -41.43 -61.84 -39.07
C ASN G 168 -40.75 -63.12 -39.47
N PRO G 169 -40.71 -63.43 -40.75
CA PRO G 169 -40.01 -64.60 -41.24
C PRO G 169 -38.58 -64.70 -40.76
N ASP G 170 -38.06 -65.92 -40.76
CA ASP G 170 -36.72 -66.23 -40.30
C ASP G 170 -35.72 -66.16 -41.44
N ALA G 171 -36.20 -66.49 -42.62
CA ALA G 171 -35.42 -66.37 -43.82
C ALA G 171 -36.39 -66.11 -44.96
N VAL G 172 -36.05 -65.18 -45.85
CA VAL G 172 -36.78 -65.05 -47.10
C VAL G 172 -35.76 -65.39 -48.16
N VAL G 173 -36.05 -66.37 -48.99
CA VAL G 173 -35.08 -66.84 -49.94
C VAL G 173 -35.67 -66.69 -51.31
N VAL G 174 -34.99 -65.93 -52.16
CA VAL G 174 -35.63 -65.52 -53.39
C VAL G 174 -34.82 -66.02 -54.54
N ASP G 175 -35.40 -66.95 -55.29
CA ASP G 175 -34.76 -67.41 -56.49
C ASP G 175 -35.15 -66.49 -57.68
N SER G 176 -34.19 -65.65 -58.03
CA SER G 176 -34.28 -64.69 -59.10
C SER G 176 -34.60 -65.28 -60.45
N ALA G 177 -33.98 -66.40 -60.79
CA ALA G 177 -34.31 -67.01 -62.10
C ALA G 177 -35.70 -67.59 -62.04
N LEU G 178 -36.00 -68.32 -60.97
CA LEU G 178 -37.31 -68.91 -60.86
C LEU G 178 -38.33 -67.77 -60.99
N VAL G 179 -38.10 -66.67 -60.26
CA VAL G 179 -39.10 -65.58 -60.21
C VAL G 179 -39.18 -64.87 -61.56
N ALA G 180 -38.03 -64.76 -62.24
CA ALA G 180 -37.99 -64.00 -63.49
C ALA G 180 -38.65 -64.79 -64.63
N ALA G 181 -38.75 -66.09 -64.41
CA ALA G 181 -39.22 -66.94 -65.45
C ALA G 181 -40.74 -66.89 -65.49
N ALA G 182 -41.41 -66.29 -64.50
CA ALA G 182 -42.88 -66.31 -64.54
C ALA G 182 -43.39 -65.36 -65.60
N PRO G 183 -44.62 -65.57 -66.09
CA PRO G 183 -45.21 -64.56 -66.99
C PRO G 183 -44.99 -63.11 -66.49
N ALA G 184 -44.56 -62.23 -67.39
CA ALA G 184 -44.37 -60.80 -67.09
C ALA G 184 -45.46 -60.20 -66.15
N ARG G 185 -46.73 -60.52 -66.40
CA ARG G 185 -47.84 -59.93 -65.66
C ARG G 185 -47.68 -60.03 -64.13
N PHE G 186 -47.01 -61.08 -63.66
CA PHE G 186 -46.73 -61.28 -62.24
C PHE G 186 -45.68 -60.29 -61.70
N LEU G 187 -44.73 -59.87 -62.52
CA LEU G 187 -43.77 -58.87 -62.03
C LEU G 187 -44.43 -57.49 -62.05
N VAL G 188 -45.19 -57.22 -63.11
CA VAL G 188 -45.90 -55.95 -63.22
C VAL G 188 -46.90 -55.80 -62.07
N ALA G 189 -47.50 -56.89 -61.66
CA ALA G 189 -48.45 -56.84 -60.54
C ALA G 189 -47.75 -56.53 -59.22
N GLY G 190 -46.53 -57.03 -59.03
CA GLY G 190 -45.65 -56.61 -57.89
C GLY G 190 -45.28 -55.13 -57.84
N ILE G 191 -44.93 -54.59 -58.98
CA ILE G 191 -44.74 -53.17 -59.14
C ILE G 191 -45.95 -52.37 -58.61
N GLY G 192 -47.15 -52.76 -59.03
CA GLY G 192 -48.38 -52.09 -58.56
C GLY G 192 -48.58 -52.15 -57.04
N ASP G 193 -48.14 -53.24 -56.43
CA ASP G 193 -48.29 -53.40 -55.00
C ASP G 193 -47.18 -52.64 -54.28
N ALA G 194 -45.97 -52.65 -54.86
CA ALA G 194 -44.83 -51.85 -54.33
C ALA G 194 -45.06 -50.36 -54.44
N LEU G 195 -45.75 -49.96 -55.50
CA LEU G 195 -46.06 -48.58 -55.79
C LEU G 195 -46.93 -47.90 -54.76
N SER G 196 -47.62 -48.67 -53.95
CA SER G 196 -48.41 -48.08 -52.90
C SER G 196 -47.53 -47.79 -51.71
N THR G 197 -46.34 -48.37 -51.62
CA THR G 197 -45.58 -48.25 -50.38
C THR G 197 -45.27 -46.82 -49.95
N TRP G 198 -44.54 -46.08 -50.76
CA TRP G 198 -44.24 -44.72 -50.36
C TRP G 198 -45.53 -43.94 -50.09
N PHE G 199 -46.53 -44.05 -50.98
CA PHE G 199 -47.72 -43.20 -50.90
C PHE G 199 -48.55 -43.41 -49.64
N GLU G 200 -48.61 -44.65 -49.20
CA GLU G 200 -49.32 -45.02 -48.01
C GLU G 200 -48.46 -44.75 -46.79
N ALA G 201 -47.12 -44.86 -46.93
CA ALA G 201 -46.21 -44.42 -45.88
C ALA G 201 -46.44 -42.94 -45.61
N ARG G 202 -46.29 -42.10 -46.62
CA ARG G 202 -46.67 -40.67 -46.52
C ARG G 202 -48.06 -40.49 -45.80
N SER G 203 -49.05 -41.28 -46.18
CA SER G 203 -50.34 -41.25 -45.47
C SER G 203 -50.31 -41.45 -43.96
N ASN G 204 -49.57 -42.47 -43.51
CA ASN G 204 -49.45 -42.74 -42.07
C ASN G 204 -48.60 -41.74 -41.36
N ILE G 205 -47.57 -41.25 -42.02
CA ILE G 205 -46.73 -40.20 -41.45
C ILE G 205 -47.56 -38.92 -41.19
N GLU G 206 -48.35 -38.46 -42.17
CA GLU G 206 -49.12 -37.21 -42.00
C GLU G 206 -50.24 -37.32 -40.97
N SER G 207 -50.85 -38.50 -40.86
CA SER G 207 -51.92 -38.70 -39.89
C SER G 207 -51.43 -39.24 -38.53
N ARG G 208 -50.12 -39.50 -38.43
CA ARG G 208 -49.47 -40.03 -37.21
C ARG G 208 -50.16 -41.28 -36.67
N THR G 209 -50.50 -42.20 -37.56
CA THR G 209 -51.11 -43.47 -37.18
C THR G 209 -49.98 -44.48 -37.03
N ASP G 210 -50.18 -45.44 -36.10
CA ASP G 210 -49.21 -46.51 -35.77
C ASP G 210 -48.94 -47.48 -36.90
N ASN G 211 -47.72 -48.03 -36.91
CA ASN G 211 -47.32 -49.12 -37.84
C ASN G 211 -47.75 -50.55 -37.34
N TYR G 212 -47.40 -51.60 -38.10
CA TYR G 212 -47.89 -52.95 -37.76
C TYR G 212 -46.84 -53.82 -37.04
N VAL G 213 -45.90 -53.16 -36.33
CA VAL G 213 -44.84 -53.86 -35.59
C VAL G 213 -45.24 -54.02 -34.09
N ALA G 214 -45.11 -55.24 -33.57
CA ALA G 214 -45.41 -55.55 -32.13
C ALA G 214 -46.63 -54.79 -31.46
N GLY G 215 -47.82 -54.89 -32.06
CA GLY G 215 -49.01 -54.16 -31.53
C GLY G 215 -49.18 -52.68 -31.95
N GLY G 216 -48.13 -52.08 -32.53
CA GLY G 216 -48.25 -50.79 -33.24
C GLY G 216 -47.51 -49.58 -32.67
N PHE G 217 -46.41 -49.19 -33.30
CA PHE G 217 -45.63 -48.07 -32.80
C PHE G 217 -45.49 -47.02 -33.91
N PRO G 218 -45.20 -45.76 -33.57
CA PRO G 218 -44.78 -44.85 -34.64
C PRO G 218 -43.67 -45.43 -35.50
N ALA G 219 -43.69 -45.08 -36.79
CA ALA G 219 -42.63 -45.47 -37.72
C ALA G 219 -41.26 -44.97 -37.29
N THR G 220 -40.31 -45.85 -37.46
CA THR G 220 -38.89 -45.62 -37.36
C THR G 220 -38.38 -44.82 -38.59
N GLU G 221 -37.23 -44.17 -38.48
CA GLU G 221 -36.66 -43.44 -39.61
C GLU G 221 -36.16 -44.41 -40.66
N ALA G 222 -35.62 -45.56 -40.23
CA ALA G 222 -35.31 -46.64 -41.13
C ALA G 222 -36.50 -47.07 -42.00
N GLY G 223 -37.67 -47.22 -41.42
CA GLY G 223 -38.86 -47.60 -42.18
C GLY G 223 -39.25 -46.58 -43.24
N MSE G 224 -39.14 -45.29 -42.87
CA MSE G 224 -39.46 -44.17 -43.78
C MSE G 224 -38.44 -44.08 -44.89
O MSE G 224 -38.81 -43.93 -46.03
CB MSE G 224 -39.55 -42.86 -43.01
CG MSE G 224 -40.63 -42.94 -41.96
SE MSE G 224 -40.83 -41.25 -40.95
CE MSE G 224 -39.55 -41.62 -39.45
N ALA G 225 -37.17 -44.25 -44.54
CA ALA G 225 -36.12 -44.26 -45.55
C ALA G 225 -36.39 -45.34 -46.62
N ILE G 226 -36.78 -46.52 -46.17
CA ILE G 226 -36.99 -47.65 -47.04
C ILE G 226 -38.27 -47.45 -47.86
N ALA G 227 -39.38 -47.00 -47.24
CA ALA G 227 -40.57 -46.70 -48.01
C ALA G 227 -40.24 -45.80 -49.23
N ARG G 228 -39.50 -44.72 -48.98
CA ARG G 228 -39.24 -43.65 -49.95
C ARG G 228 -38.26 -44.15 -51.00
N HIS G 229 -37.30 -44.98 -50.58
CA HIS G 229 -36.39 -45.54 -51.54
C HIS G 229 -37.09 -46.52 -52.48
N CYS G 230 -38.07 -47.25 -51.94
CA CYS G 230 -38.89 -48.13 -52.73
C CYS G 230 -39.46 -47.46 -53.96
N GLN G 231 -39.94 -46.24 -53.78
CA GLN G 231 -40.61 -45.51 -54.84
C GLN G 231 -39.58 -45.16 -55.89
N ASP G 232 -38.42 -44.74 -55.41
CA ASP G 232 -37.38 -44.30 -56.33
C ASP G 232 -36.88 -45.45 -57.17
N VAL G 233 -36.87 -46.67 -56.60
CA VAL G 233 -36.42 -47.89 -57.33
C VAL G 233 -37.38 -48.34 -58.40
N LEU G 234 -38.67 -48.35 -58.06
CA LEU G 234 -39.68 -48.51 -59.07
C LEU G 234 -39.59 -47.54 -60.25
N THR G 235 -39.38 -46.26 -60.00
CA THR G 235 -39.37 -45.30 -61.11
C THR G 235 -38.13 -45.47 -61.98
N ARG G 236 -36.98 -45.74 -61.35
CA ARG G 236 -35.81 -45.96 -62.16
C ARG G 236 -35.85 -47.25 -62.98
N ASP G 237 -36.41 -48.35 -62.45
CA ASP G 237 -36.19 -49.67 -63.04
C ASP G 237 -37.44 -50.43 -63.58
N ALA G 238 -38.63 -49.94 -63.26
CA ALA G 238 -39.88 -50.61 -63.58
C ALA G 238 -40.02 -50.93 -65.05
N VAL G 239 -40.03 -49.90 -65.91
CA VAL G 239 -40.13 -50.08 -67.36
C VAL G 239 -38.99 -50.96 -67.94
N LYS G 240 -37.73 -50.72 -67.56
CA LYS G 240 -36.61 -51.62 -68.03
C LYS G 240 -36.80 -53.07 -67.60
N ALA G 241 -37.17 -53.29 -66.34
CA ALA G 241 -37.54 -54.63 -65.87
C ALA G 241 -38.67 -55.30 -66.67
N LYS G 242 -39.72 -54.54 -66.98
CA LYS G 242 -40.90 -55.07 -67.64
C LYS G 242 -40.51 -55.57 -69.01
N ILE G 243 -39.80 -54.71 -69.73
CA ILE G 243 -39.32 -55.04 -71.05
C ILE G 243 -38.38 -56.24 -70.97
N ALA G 244 -37.50 -56.34 -69.97
CA ALA G 244 -36.61 -57.50 -69.92
C ALA G 244 -37.32 -58.87 -69.77
N VAL G 245 -38.29 -58.93 -68.82
CA VAL G 245 -38.98 -60.18 -68.52
C VAL G 245 -39.84 -60.57 -69.65
N GLU G 246 -40.39 -59.59 -70.34
CA GLU G 246 -41.17 -59.92 -71.51
C GLU G 246 -40.33 -60.52 -72.64
N ALA G 247 -39.01 -60.31 -72.63
CA ALA G 247 -38.12 -60.89 -73.63
C ALA G 247 -37.48 -62.17 -73.09
N GLY G 248 -37.92 -62.68 -71.95
CA GLY G 248 -37.33 -63.88 -71.37
C GLY G 248 -36.01 -63.67 -70.64
N LEU G 249 -35.76 -62.46 -70.16
CA LEU G 249 -34.42 -62.08 -69.70
C LEU G 249 -34.38 -61.80 -68.23
N LEU G 250 -33.21 -61.98 -67.64
CA LEU G 250 -32.96 -61.64 -66.27
C LEU G 250 -31.79 -60.67 -66.23
N THR G 251 -32.03 -59.42 -65.84
CA THR G 251 -31.02 -58.35 -65.88
C THR G 251 -31.00 -57.64 -64.55
N PRO G 252 -29.99 -56.79 -64.32
CA PRO G 252 -29.97 -56.01 -63.09
C PRO G 252 -31.23 -55.14 -62.86
N ALA G 253 -31.85 -54.57 -63.85
CA ALA G 253 -33.14 -53.91 -63.58
C ALA G 253 -34.19 -54.88 -62.98
N VAL G 254 -34.31 -56.09 -63.55
CA VAL G 254 -35.15 -57.14 -63.02
C VAL G 254 -34.83 -57.53 -61.58
N GLU G 255 -33.55 -57.73 -61.27
CA GLU G 255 -33.15 -57.95 -59.88
C GLU G 255 -33.64 -56.82 -58.96
N ASN G 256 -33.40 -55.55 -59.34
CA ASN G 256 -33.76 -54.39 -58.52
C ASN G 256 -35.28 -54.35 -58.27
N ILE G 257 -36.04 -54.67 -59.32
CA ILE G 257 -37.46 -54.68 -59.14
C ILE G 257 -37.88 -55.82 -58.22
N ILE G 258 -37.17 -56.94 -58.26
CA ILE G 258 -37.57 -58.04 -57.37
C ILE G 258 -37.34 -57.67 -55.93
N GLU G 259 -36.21 -56.99 -55.65
CA GLU G 259 -35.99 -56.38 -54.33
C GLU G 259 -37.09 -55.39 -53.97
N ALA G 260 -37.40 -54.46 -54.87
CA ALA G 260 -38.42 -53.45 -54.58
C ALA G 260 -39.76 -54.12 -54.30
N ASN G 261 -40.16 -55.07 -55.17
CA ASN G 261 -41.41 -55.86 -54.98
C ASN G 261 -41.52 -56.68 -53.67
N THR G 262 -40.39 -57.02 -53.06
CA THR G 262 -40.35 -57.95 -51.90
C THR G 262 -39.75 -57.28 -50.67
N LEU G 263 -38.46 -57.02 -50.66
CA LEU G 263 -37.89 -56.48 -49.45
C LEU G 263 -38.32 -55.05 -49.18
N LEU G 264 -38.14 -54.15 -50.15
CA LEU G 264 -38.35 -52.71 -49.91
C LEU G 264 -39.78 -52.52 -49.51
N SER G 265 -40.66 -53.20 -50.24
CA SER G 265 -42.06 -53.02 -50.16
C SER G 265 -42.63 -53.67 -48.90
N GLY G 266 -42.09 -54.82 -48.54
CA GLY G 266 -42.49 -55.48 -47.32
C GLY G 266 -42.08 -54.68 -46.10
N LEU G 267 -40.80 -54.31 -46.00
CA LEU G 267 -40.36 -53.50 -44.89
C LEU G 267 -41.05 -52.14 -44.86
N GLY G 268 -41.24 -51.48 -45.99
CA GLY G 268 -42.01 -50.22 -46.01
C GLY G 268 -43.39 -50.34 -45.40
N PHE G 269 -44.20 -51.25 -45.90
CA PHE G 269 -45.58 -51.46 -45.50
C PHE G 269 -45.62 -51.82 -44.01
N GLU G 270 -44.83 -52.80 -43.60
CA GLU G 270 -44.83 -53.24 -42.20
C GLU G 270 -44.42 -52.18 -41.22
N ASN G 271 -43.37 -51.46 -41.58
CA ASN G 271 -42.81 -50.48 -40.66
C ASN G 271 -43.42 -49.10 -40.83
N CYS G 272 -44.21 -48.87 -41.88
CA CYS G 272 -44.87 -47.54 -42.03
C CYS G 272 -46.37 -47.54 -41.90
N GLY G 273 -47.01 -48.64 -42.24
CA GLY G 273 -48.47 -48.71 -42.26
C GLY G 273 -49.09 -48.71 -43.64
N CYS G 274 -50.35 -49.11 -43.72
CA CYS G 274 -51.09 -49.06 -44.94
C CYS G 274 -52.14 -47.97 -44.85
N SER G 275 -52.94 -47.81 -45.88
CA SER G 275 -53.90 -46.72 -45.92
C SER G 275 -55.00 -47.07 -46.86
N ALA G 276 -55.53 -46.04 -47.52
CA ALA G 276 -56.62 -46.16 -48.45
C ALA G 276 -56.21 -47.02 -49.65
N ALA G 277 -54.93 -47.04 -50.03
CA ALA G 277 -54.58 -47.91 -51.18
C ALA G 277 -54.87 -49.38 -50.92
N HIS G 278 -54.35 -49.93 -49.82
CA HIS G 278 -54.77 -51.29 -49.46
C HIS G 278 -56.23 -51.35 -48.95
N GLY G 279 -56.77 -50.27 -48.38
CA GLY G 279 -58.19 -50.23 -47.99
C GLY G 279 -59.14 -50.41 -49.18
N ILE G 280 -58.88 -49.65 -50.26
CA ILE G 280 -59.62 -49.76 -51.52
C ILE G 280 -59.47 -51.15 -52.11
N HIS G 281 -58.26 -51.72 -52.07
CA HIS G 281 -58.05 -53.10 -52.56
C HIS G 281 -58.97 -54.05 -51.79
N ASP G 282 -59.12 -53.84 -50.49
CA ASP G 282 -59.91 -54.76 -49.68
C ASP G 282 -61.37 -54.69 -50.04
N GLY G 283 -61.86 -53.46 -50.20
CA GLY G 283 -63.20 -53.15 -50.66
C GLY G 283 -63.53 -53.75 -52.02
N LEU G 284 -62.68 -53.52 -53.02
CA LEU G 284 -62.80 -54.08 -54.38
C LEU G 284 -62.99 -55.61 -54.44
N THR G 285 -62.41 -56.35 -53.50
CA THR G 285 -62.63 -57.80 -53.47
C THR G 285 -64.10 -58.24 -53.39
N VAL G 286 -64.99 -57.43 -52.80
CA VAL G 286 -66.41 -57.82 -52.67
C VAL G 286 -67.11 -58.00 -54.04
N LEU G 287 -66.49 -57.48 -55.10
CA LEU G 287 -67.08 -57.51 -56.43
C LEU G 287 -66.50 -58.67 -57.21
N GLU G 288 -67.36 -59.59 -57.63
CA GLU G 288 -66.98 -60.79 -58.37
C GLU G 288 -66.13 -60.48 -59.61
N GLU G 289 -66.54 -59.45 -60.36
CA GLU G 289 -65.94 -59.23 -61.66
C GLU G 289 -64.46 -58.85 -61.52
N VAL G 290 -64.05 -58.56 -60.30
CA VAL G 290 -62.71 -58.15 -60.00
C VAL G 290 -61.88 -59.38 -59.57
N HIS G 291 -62.54 -60.48 -59.21
CA HIS G 291 -61.84 -61.72 -58.81
C HIS G 291 -60.65 -62.16 -59.71
N GLY G 292 -60.79 -61.95 -61.02
CA GLY G 292 -59.76 -62.32 -61.99
C GLY G 292 -58.45 -61.48 -62.02
N TYR G 293 -58.42 -60.36 -61.32
CA TYR G 293 -57.23 -59.49 -61.33
C TYR G 293 -56.36 -59.75 -60.13
N PHE G 294 -55.06 -59.61 -60.31
CA PHE G 294 -54.09 -59.82 -59.20
C PHE G 294 -54.20 -58.75 -58.12
N HIS G 295 -53.74 -59.08 -56.93
CA HIS G 295 -53.69 -58.15 -55.80
C HIS G 295 -53.03 -56.85 -56.23
N GLY G 296 -51.91 -56.92 -56.96
CA GLY G 296 -51.07 -55.78 -57.28
C GLY G 296 -51.76 -54.81 -58.17
N GLU G 297 -52.51 -55.32 -59.14
CA GLU G 297 -53.26 -54.51 -60.03
C GLU G 297 -54.37 -53.71 -59.31
N LYS G 298 -54.98 -54.32 -58.29
CA LYS G 298 -56.02 -53.69 -57.51
C LYS G 298 -55.39 -52.65 -56.58
N VAL G 299 -54.25 -52.97 -55.99
CA VAL G 299 -53.54 -52.00 -55.16
C VAL G 299 -53.05 -50.78 -56.00
N ALA G 300 -52.49 -51.06 -57.19
CA ALA G 300 -52.15 -49.98 -58.12
C ALA G 300 -53.36 -49.06 -58.24
N PHE G 301 -54.52 -49.62 -58.54
CA PHE G 301 -55.61 -48.72 -58.81
C PHE G 301 -56.03 -47.96 -57.56
N GLY G 302 -56.00 -48.65 -56.44
CA GLY G 302 -56.25 -48.09 -55.11
C GLY G 302 -55.35 -46.94 -54.72
N THR G 303 -54.06 -47.04 -55.11
CA THR G 303 -53.06 -45.97 -54.91
C THR G 303 -53.45 -44.67 -55.66
N LEU G 304 -53.70 -44.77 -56.96
CA LEU G 304 -54.27 -43.66 -57.68
C LEU G 304 -55.48 -43.07 -56.95
N CYS G 305 -56.31 -43.91 -56.35
CA CYS G 305 -57.53 -43.41 -55.69
C CYS G 305 -57.15 -42.77 -54.37
N LEU G 306 -56.11 -43.30 -53.72
CA LEU G 306 -55.60 -42.67 -52.52
C LEU G 306 -55.24 -41.18 -52.77
N LEU G 307 -54.56 -40.91 -53.88
CA LEU G 307 -54.08 -39.58 -54.22
C LEU G 307 -55.21 -38.61 -54.54
N MSE G 308 -56.24 -39.08 -55.23
CA MSE G 308 -57.44 -38.31 -55.44
C MSE G 308 -58.14 -38.00 -54.11
O MSE G 308 -58.55 -36.86 -53.86
CB MSE G 308 -58.39 -39.05 -56.37
CG MSE G 308 -59.56 -38.17 -56.84
SE MSE G 308 -59.06 -36.41 -57.67
CE MSE G 308 -58.47 -37.11 -59.40
N LEU G 309 -58.26 -39.01 -53.27
CA LEU G 309 -58.89 -38.88 -51.93
C LEU G 309 -58.23 -37.81 -51.08
N GLU G 310 -56.90 -37.70 -51.20
CA GLU G 310 -56.13 -36.75 -50.42
C GLU G 310 -56.03 -35.45 -51.13
N ASN G 311 -56.60 -35.37 -52.34
CA ASN G 311 -56.53 -34.16 -53.20
C ASN G 311 -55.09 -33.73 -53.59
N ARG G 312 -54.25 -34.72 -53.82
CA ARG G 312 -52.89 -34.45 -54.22
C ARG G 312 -52.86 -33.65 -55.52
N ASP G 313 -51.72 -32.98 -55.76
CA ASP G 313 -51.52 -32.20 -56.97
C ASP G 313 -51.85 -33.04 -58.20
N ARG G 314 -52.51 -32.37 -59.13
CA ARG G 314 -52.90 -32.88 -60.41
C ARG G 314 -51.73 -33.47 -61.18
N ALA G 315 -50.55 -32.84 -61.13
CA ALA G 315 -49.35 -33.35 -61.82
C ALA G 315 -48.87 -34.69 -61.24
N GLU G 316 -49.04 -34.84 -59.92
CA GLU G 316 -48.62 -36.06 -59.26
C GLU G 316 -49.56 -37.20 -59.64
N ILE G 317 -50.84 -36.88 -59.68
CA ILE G 317 -51.86 -37.86 -60.00
C ILE G 317 -51.64 -38.30 -61.46
N GLU G 318 -51.47 -37.30 -62.30
CA GLU G 318 -51.22 -37.56 -63.70
C GLU G 318 -49.92 -38.33 -63.98
N ALA G 319 -48.83 -37.97 -63.30
CA ALA G 319 -47.59 -38.70 -63.53
C ALA G 319 -47.74 -40.18 -63.13
N MSE G 320 -48.50 -40.45 -62.08
CA MSE G 320 -48.71 -41.82 -61.58
C MSE G 320 -49.66 -42.54 -62.49
O MSE G 320 -49.47 -43.69 -62.79
CB MSE G 320 -49.18 -41.85 -60.14
CG MSE G 320 -48.11 -41.46 -59.14
SE MSE G 320 -46.45 -42.63 -59.26
CE MSE G 320 -45.17 -41.50 -60.37
N ILE G 321 -50.64 -41.81 -63.02
CA ILE G 321 -51.43 -42.44 -64.07
C ILE G 321 -50.56 -42.90 -65.24
N ARG G 322 -49.69 -42.01 -65.72
CA ARG G 322 -48.87 -42.30 -66.90
C ARG G 322 -47.88 -43.43 -66.55
N PHE G 323 -47.27 -43.36 -65.38
CA PHE G 323 -46.40 -44.43 -64.95
C PHE G 323 -47.01 -45.83 -65.05
N CYS G 324 -48.19 -45.99 -64.44
CA CYS G 324 -48.98 -47.21 -64.44
C CYS G 324 -49.35 -47.62 -65.85
N ARG G 325 -49.72 -46.68 -66.69
CA ARG G 325 -50.02 -47.06 -68.08
C ARG G 325 -48.75 -47.48 -68.84
N SER G 326 -47.57 -47.02 -68.45
CA SER G 326 -46.37 -47.38 -69.18
C SER G 326 -45.97 -48.81 -68.88
N VAL G 327 -46.52 -49.37 -67.81
CA VAL G 327 -46.27 -50.77 -67.50
C VAL G 327 -47.52 -51.66 -67.59
N GLY G 328 -48.67 -51.16 -68.03
CA GLY G 328 -49.86 -52.01 -68.14
C GLY G 328 -50.72 -52.14 -66.89
N LEU G 329 -50.42 -51.42 -65.81
CA LEU G 329 -51.30 -51.48 -64.62
C LEU G 329 -52.61 -50.74 -64.85
N PRO G 330 -53.67 -51.13 -64.13
CA PRO G 330 -54.94 -50.46 -64.40
C PRO G 330 -55.00 -49.05 -63.89
N THR G 331 -55.65 -48.17 -64.66
CA THR G 331 -55.83 -46.75 -64.32
C THR G 331 -57.26 -46.27 -64.49
N LYS G 332 -58.15 -47.19 -64.86
CA LYS G 332 -59.58 -46.89 -64.92
C LYS G 332 -60.34 -48.06 -64.39
N LEU G 333 -61.59 -47.78 -64.02
CA LEU G 333 -62.51 -48.79 -63.51
C LEU G 333 -62.73 -49.87 -64.55
N ALA G 334 -62.85 -49.48 -65.83
CA ALA G 334 -63.01 -50.50 -66.89
C ALA G 334 -61.86 -51.51 -66.90
N ASP G 335 -60.64 -51.08 -66.53
CA ASP G 335 -59.49 -52.01 -66.58
C ASP G 335 -59.58 -53.06 -65.51
N LEU G 336 -60.44 -52.83 -64.52
CA LEU G 336 -60.71 -53.80 -63.49
C LEU G 336 -62.05 -54.52 -63.79
N GLY G 337 -62.48 -54.41 -65.04
CA GLY G 337 -63.74 -54.98 -65.49
C GLY G 337 -64.95 -54.37 -64.82
N ILE G 338 -64.80 -53.21 -64.17
CA ILE G 338 -65.92 -52.56 -63.55
C ILE G 338 -66.51 -51.63 -64.57
N VAL G 339 -67.62 -52.06 -65.20
CA VAL G 339 -68.27 -51.33 -66.32
C VAL G 339 -69.80 -51.16 -66.28
N ASP G 340 -70.52 -51.99 -65.53
CA ASP G 340 -71.98 -51.85 -65.45
C ASP G 340 -72.37 -51.35 -64.08
N ASP G 341 -73.28 -50.37 -63.99
CA ASP G 341 -73.86 -50.03 -62.67
C ASP G 341 -72.72 -49.65 -61.65
N VAL G 342 -71.81 -48.78 -62.10
CA VAL G 342 -70.55 -48.59 -61.39
C VAL G 342 -70.75 -47.76 -60.14
N PRO G 343 -71.56 -46.69 -60.19
CA PRO G 343 -71.77 -45.97 -58.93
C PRO G 343 -72.27 -46.82 -57.76
N ALA G 344 -73.19 -47.73 -58.04
CA ALA G 344 -73.66 -48.64 -57.03
C ALA G 344 -72.55 -49.66 -56.65
N LYS G 345 -71.84 -50.23 -57.61
CA LYS G 345 -70.75 -51.15 -57.25
C LYS G 345 -69.70 -50.42 -56.35
N ILE G 346 -69.43 -49.16 -56.67
CA ILE G 346 -68.40 -48.44 -55.97
C ILE G 346 -68.89 -48.05 -54.57
N GLY G 347 -70.17 -47.66 -54.47
CA GLY G 347 -70.80 -47.48 -53.17
C GLY G 347 -70.63 -48.72 -52.30
N ARG G 348 -70.77 -49.90 -52.87
CA ARG G 348 -70.45 -51.14 -52.11
C ARG G 348 -68.97 -51.29 -51.75
N VAL G 349 -68.07 -51.07 -52.73
CA VAL G 349 -66.62 -51.10 -52.45
C VAL G 349 -66.26 -50.18 -51.31
N ALA G 350 -66.88 -49.01 -51.32
CA ALA G 350 -66.60 -47.99 -50.32
C ALA G 350 -67.15 -48.34 -48.94
N GLU G 351 -68.36 -48.92 -48.85
CA GLU G 351 -68.92 -49.42 -47.56
C GLU G 351 -68.02 -50.51 -46.94
N ALA G 352 -67.52 -51.43 -47.77
CA ALA G 352 -66.63 -52.47 -47.25
C ALA G 352 -65.29 -51.91 -46.74
N ALA G 353 -64.68 -51.01 -47.49
CA ALA G 353 -63.45 -50.37 -47.07
C ALA G 353 -63.63 -49.61 -45.77
N CYS G 354 -64.81 -49.03 -45.53
CA CYS G 354 -64.96 -48.11 -44.39
C CYS G 354 -65.51 -48.71 -43.10
N ARG G 355 -65.64 -50.02 -43.03
CA ARG G 355 -65.98 -50.67 -41.77
C ARG G 355 -65.06 -50.12 -40.69
N PRO G 356 -65.65 -49.63 -39.59
CA PRO G 356 -64.95 -49.12 -38.39
C PRO G 356 -63.64 -49.87 -38.02
N GLY G 357 -62.56 -49.15 -37.70
CA GLY G 357 -61.28 -49.78 -37.31
C GLY G 357 -60.40 -50.17 -38.49
N ASN G 358 -60.96 -50.09 -39.70
CA ASN G 358 -60.18 -50.42 -40.89
C ASN G 358 -58.99 -49.47 -41.19
N ILE G 359 -58.02 -50.03 -41.93
CA ILE G 359 -56.79 -49.31 -42.35
C ILE G 359 -57.03 -48.04 -43.15
N ILE G 360 -58.17 -47.93 -43.84
CA ILE G 360 -58.47 -46.72 -44.63
C ILE G 360 -58.51 -45.50 -43.71
N TYR G 361 -58.77 -45.71 -42.43
CA TYR G 361 -58.77 -44.60 -41.46
C TYR G 361 -57.41 -43.97 -41.20
N ALA G 362 -56.32 -44.67 -41.55
CA ALA G 362 -54.98 -44.05 -41.44
C ALA G 362 -54.81 -42.84 -42.43
N THR G 363 -55.78 -42.62 -43.32
CA THR G 363 -55.67 -41.53 -44.28
C THR G 363 -55.79 -40.16 -43.61
N PRO G 364 -54.85 -39.23 -43.88
CA PRO G 364 -54.93 -37.92 -43.19
C PRO G 364 -56.04 -37.03 -43.75
N VAL G 365 -57.16 -37.62 -44.17
CA VAL G 365 -58.35 -36.83 -44.57
C VAL G 365 -59.51 -37.31 -43.71
N THR G 366 -60.66 -36.63 -43.76
CA THR G 366 -61.89 -37.13 -43.09
C THR G 366 -62.58 -38.24 -43.92
N ILE G 367 -62.61 -39.46 -43.37
CA ILE G 367 -63.06 -40.65 -44.11
C ILE G 367 -64.52 -40.91 -43.92
N THR G 368 -65.26 -40.97 -45.02
CA THR G 368 -66.65 -41.36 -44.99
C THR G 368 -66.90 -42.14 -46.30
N VAL G 369 -68.00 -42.90 -46.32
CA VAL G 369 -68.39 -43.64 -47.51
C VAL G 369 -68.52 -42.67 -48.66
N PRO G 370 -69.27 -41.55 -48.50
CA PRO G 370 -69.33 -40.63 -49.67
C PRO G 370 -67.99 -40.17 -50.16
N ALA G 371 -67.04 -39.94 -49.27
CA ALA G 371 -65.78 -39.40 -49.70
C ALA G 371 -64.99 -40.44 -50.46
N VAL G 372 -65.12 -41.67 -50.02
CA VAL G 372 -64.32 -42.71 -50.58
C VAL G 372 -64.94 -43.09 -51.92
N ARG G 373 -66.24 -43.25 -51.94
CA ARG G 373 -66.88 -43.53 -53.18
C ARG G 373 -66.55 -42.44 -54.23
N ASP G 374 -66.66 -41.16 -53.84
CA ASP G 374 -66.50 -40.10 -54.85
C ASP G 374 -65.00 -39.92 -55.24
N ALA G 375 -64.06 -40.11 -54.32
CA ALA G 375 -62.64 -40.24 -54.73
C ALA G 375 -62.40 -41.27 -55.82
N ILE G 376 -63.09 -42.40 -55.74
CA ILE G 376 -62.85 -43.48 -56.71
C ILE G 376 -63.44 -43.10 -58.04
N LEU G 377 -64.65 -42.64 -58.01
CA LEU G 377 -65.29 -42.19 -59.19
C LEU G 377 -64.56 -40.99 -59.76
N ALA G 378 -64.09 -40.09 -58.92
CA ALA G 378 -63.37 -38.97 -59.41
C ALA G 378 -62.07 -39.32 -60.11
N LEU G 379 -61.32 -40.25 -59.55
CA LEU G 379 -60.11 -40.70 -60.17
C LEU G 379 -60.43 -41.34 -61.47
N ASP G 380 -61.48 -42.12 -61.50
CA ASP G 380 -61.82 -42.78 -62.71
C ASP G 380 -62.12 -41.81 -63.80
N ALA G 381 -62.87 -40.77 -63.46
CA ALA G 381 -63.21 -39.73 -64.39
C ALA G 381 -62.04 -38.91 -64.87
N PHE G 382 -61.17 -38.52 -63.95
CA PHE G 382 -59.96 -37.76 -64.28
C PHE G 382 -59.10 -38.61 -65.23
N SER G 383 -58.96 -39.89 -64.95
CA SER G 383 -58.21 -40.80 -65.77
C SER G 383 -58.78 -41.03 -67.15
N ARG G 384 -60.08 -41.09 -67.24
CA ARG G 384 -60.79 -41.23 -68.49
C ARG G 384 -60.48 -39.99 -69.32
N SER G 385 -60.37 -38.86 -68.67
CA SER G 385 -59.98 -37.60 -69.27
C SER G 385 -58.57 -37.62 -69.87
N ILE G 386 -57.63 -38.29 -69.26
CA ILE G 386 -56.29 -38.40 -69.77
C ILE G 386 -56.16 -39.54 -70.74
N ALA H 25 38.31 21.91 41.98
CA ALA H 25 37.98 23.14 42.75
C ALA H 25 39.11 24.18 42.88
N ARG H 26 38.76 25.46 43.02
CA ARG H 26 39.71 26.52 43.30
C ARG H 26 38.96 27.77 43.70
N ALA H 27 39.60 28.59 44.52
CA ALA H 27 39.00 29.81 44.93
C ALA H 27 40.02 30.90 45.14
N PHE H 28 39.58 32.12 44.87
CA PHE H 28 40.37 33.28 45.02
C PHE H 28 39.48 34.30 45.73
N GLY H 29 40.11 35.03 46.64
CA GLY H 29 39.56 36.18 47.28
C GLY H 29 40.55 37.33 47.32
N GLY H 30 40.04 38.55 47.31
CA GLY H 30 40.88 39.74 47.25
C GLY H 30 40.10 40.91 47.76
N PRO H 31 40.75 42.06 47.97
CA PRO H 31 39.92 43.20 48.27
C PRO H 31 39.26 43.69 47.03
N ASN H 32 38.11 44.30 47.19
CA ASN H 32 37.42 44.88 46.07
C ASN H 32 38.16 46.06 45.43
N LYS H 33 38.92 46.81 46.21
CA LYS H 33 39.65 47.99 45.65
C LYS H 33 40.96 48.17 46.41
N TYR H 34 42.01 48.57 45.70
CA TYR H 34 43.27 48.84 46.34
C TYR H 34 43.80 50.03 45.59
N ILE H 35 43.96 51.16 46.28
CA ILE H 35 44.47 52.39 45.71
C ILE H 35 45.76 52.73 46.44
N GLN H 36 46.79 53.10 45.71
CA GLN H 36 48.05 53.51 46.32
C GLN H 36 48.57 54.78 45.68
N ARG H 37 48.62 55.85 46.47
CA ARG H 37 48.98 57.18 45.98
C ARG H 37 49.32 58.09 47.17
N ALA H 38 50.39 58.86 47.03
CA ALA H 38 50.72 59.91 48.01
C ALA H 38 49.56 60.88 48.25
N GLY H 39 49.31 61.20 49.51
CA GLY H 39 48.35 62.27 49.87
C GLY H 39 46.94 61.75 50.10
N GLU H 40 46.77 60.46 49.79
CA GLU H 40 45.47 59.79 49.76
C GLU H 40 44.76 59.69 51.13
N ILE H 41 45.48 59.93 52.23
CA ILE H 41 44.81 59.87 53.53
C ILE H 41 43.83 61.05 53.70
N ASP H 42 44.09 62.13 52.98
CA ASP H 42 43.23 63.29 53.00
C ASP H 42 41.95 62.98 52.27
N LYS H 43 41.89 61.81 51.63
CA LYS H 43 40.70 61.48 50.83
C LYS H 43 39.94 60.26 51.30
N LEU H 44 40.27 59.82 52.50
CA LEU H 44 39.63 58.66 53.05
C LEU H 44 38.14 58.90 53.09
N ALA H 45 37.74 59.99 53.75
CA ALA H 45 36.35 60.43 53.75
C ALA H 45 35.65 60.10 52.43
N ALA H 46 36.28 60.45 51.30
CA ALA H 46 35.74 60.16 49.97
C ALA H 46 35.49 58.67 49.64
N TYR H 47 36.21 57.77 50.29
CA TYR H 47 36.08 56.34 49.97
C TYR H 47 34.98 55.68 50.83
N LEU H 48 34.88 56.14 52.08
CA LEU H 48 33.86 55.67 53.02
C LEU H 48 32.43 55.98 52.56
N ALA H 49 32.22 57.19 52.04
CA ALA H 49 30.91 57.71 51.64
C ALA H 49 30.00 56.71 50.90
N PRO H 50 30.48 56.12 49.77
CA PRO H 50 29.64 55.14 49.06
C PRO H 50 29.45 53.79 49.76
N LEU H 51 29.95 53.64 50.98
CA LEU H 51 29.88 52.35 51.67
C LEU H 51 29.06 52.45 52.96
N GLY H 52 28.86 53.68 53.43
CA GLY H 52 28.10 53.93 54.64
C GLY H 52 27.78 55.39 54.87
N LYS H 53 27.42 55.66 56.13
CA LYS H 53 26.96 56.96 56.57
C LYS H 53 27.58 57.13 57.91
N ARG H 54 27.87 55.98 58.51
CA ARG H 54 28.35 55.87 59.87
C ARG H 54 29.60 54.97 59.93
N ALA H 55 30.73 55.56 60.33
CA ALA H 55 32.00 54.87 60.27
C ALA H 55 32.78 55.00 61.54
N LEU H 56 33.38 53.90 61.96
CA LEU H 56 34.23 53.90 63.12
C LEU H 56 35.72 53.72 62.69
N VAL H 57 36.46 54.83 62.75
CA VAL H 57 37.86 54.91 62.39
C VAL H 57 38.79 54.66 63.56
N LEU H 58 39.25 53.43 63.67
CA LEU H 58 40.24 53.03 64.66
C LEU H 58 41.67 53.39 64.24
N ILE H 59 42.36 54.18 65.06
CA ILE H 59 43.71 54.68 64.76
C ILE H 59 44.78 54.22 65.77
N ASP H 60 45.96 53.85 65.28
CA ASP H 60 47.10 53.57 66.15
C ASP H 60 47.45 54.83 66.97
N ARG H 61 47.98 54.63 68.20
CA ARG H 61 48.20 55.74 69.20
C ARG H 61 49.14 56.87 68.76
N VAL H 62 50.37 56.53 68.37
CA VAL H 62 51.35 57.49 67.85
C VAL H 62 50.76 58.51 66.89
N LEU H 63 49.73 58.12 66.13
CA LEU H 63 49.25 58.89 64.97
C LEU H 63 47.86 59.50 65.14
N PHE H 64 47.14 59.01 66.15
CA PHE H 64 45.77 59.41 66.41
C PHE H 64 45.45 60.88 66.10
N ASP H 65 46.21 61.79 66.73
CA ASP H 65 45.93 63.25 66.70
C ASP H 65 45.84 63.78 65.29
N ALA H 66 46.98 63.71 64.61
CA ALA H 66 47.16 64.27 63.29
C ALA H 66 46.20 63.69 62.24
N LEU H 67 45.92 62.39 62.30
CA LEU H 67 45.11 61.81 61.24
C LEU H 67 43.62 61.99 61.37
N SER H 68 43.12 62.24 62.59
CA SER H 68 41.69 62.58 62.76
C SER H 68 41.33 63.92 62.10
N GLU H 69 42.19 64.91 62.31
CA GLU H 69 42.03 66.24 61.72
C GLU H 69 41.97 66.18 60.19
N ARG H 70 43.03 65.65 59.58
CA ARG H 70 43.11 65.46 58.13
C ARG H 70 41.93 64.63 57.61
N ILE H 71 41.61 63.52 58.27
CA ILE H 71 40.48 62.66 57.87
C ILE H 71 39.15 63.37 58.08
N SER H 78 27.22 64.80 55.63
CA SER H 78 27.50 63.86 54.54
C SER H 78 27.63 62.42 55.10
N LEU H 79 28.48 62.31 56.12
CA LEU H 79 28.73 61.08 56.83
C LEU H 79 29.46 61.52 58.10
N ASP H 80 29.31 60.78 59.19
CA ASP H 80 29.98 61.20 60.40
C ASP H 80 30.91 60.12 60.95
N ILE H 81 32.04 60.58 61.45
CA ILE H 81 33.09 59.70 61.91
C ILE H 81 33.34 59.81 63.42
N ARG H 82 33.03 58.74 64.14
CA ARG H 82 33.56 58.56 65.48
C ARG H 82 35.00 58.10 65.32
N PHE H 83 35.94 58.77 65.96
CA PHE H 83 37.32 58.36 65.95
C PHE H 83 37.58 57.50 67.19
N GLU H 84 38.72 56.83 67.27
CA GLU H 84 38.97 55.91 68.39
C GLU H 84 40.43 55.51 68.43
N ARG H 85 41.00 55.65 69.60
CA ARG H 85 42.39 55.33 69.85
C ARG H 85 42.46 53.84 69.93
N PHE H 86 43.40 53.26 69.20
CA PHE H 86 43.61 51.83 69.22
C PHE H 86 44.60 51.49 70.31
N GLY H 87 44.32 50.41 71.04
CA GLY H 87 45.05 50.06 72.26
C GLY H 87 46.48 49.61 72.09
N GLY H 88 46.80 49.07 70.91
CA GLY H 88 48.15 48.58 70.66
C GLY H 88 48.26 47.09 70.46
N GLU H 89 47.32 46.32 71.00
CA GLU H 89 47.28 44.87 70.75
C GLU H 89 45.97 44.34 70.25
N CYS H 90 46.04 43.19 69.56
CA CYS H 90 44.90 42.44 69.08
C CYS H 90 44.71 41.26 70.03
N CYS H 91 43.90 41.54 71.05
CA CYS H 91 43.56 40.65 72.15
C CYS H 91 42.07 40.80 72.39
N THR H 92 41.49 39.87 73.13
CA THR H 92 40.04 39.83 73.20
C THR H 92 39.43 41.06 73.94
N SER H 93 40.06 41.48 75.04
CA SER H 93 39.61 42.70 75.76
C SER H 93 39.47 43.88 74.82
N GLU H 94 40.51 44.09 74.03
CA GLU H 94 40.54 45.27 73.18
C GLU H 94 39.61 45.16 71.97
N ILE H 95 39.41 43.95 71.46
CA ILE H 95 38.40 43.67 70.45
C ILE H 95 37.01 43.86 71.04
N GLU H 96 36.85 43.41 72.29
CA GLU H 96 35.58 43.56 72.98
C GLU H 96 35.33 45.02 73.28
N ARG H 97 36.30 45.72 73.87
CA ARG H 97 36.19 47.18 74.07
C ARG H 97 35.71 47.81 72.79
N VAL H 98 36.52 47.70 71.74
CA VAL H 98 36.23 48.36 70.47
C VAL H 98 34.88 47.97 69.87
N ARG H 99 34.52 46.70 69.98
CA ARG H 99 33.23 46.24 69.50
C ARG H 99 32.05 46.92 70.20
N LYS H 100 32.14 47.10 71.51
CA LYS H 100 31.06 47.72 72.24
C LYS H 100 30.83 49.14 71.78
N VAL H 101 31.92 49.82 71.54
CA VAL H 101 31.87 51.19 71.07
C VAL H 101 31.18 51.24 69.72
N ALA H 102 31.51 50.29 68.89
CA ALA H 102 30.94 50.22 67.57
C ALA H 102 29.49 50.00 67.65
N ILE H 103 29.10 49.14 68.58
CA ILE H 103 27.68 48.86 68.78
C ILE H 103 26.96 50.12 69.23
N GLU H 104 27.58 50.88 70.10
CA GLU H 104 26.91 52.11 70.36
C GLU H 104 26.78 53.03 69.14
N HIS H 105 27.83 53.20 68.35
CA HIS H 105 27.83 54.24 67.31
C HIS H 105 26.82 54.04 66.19
N GLY H 106 26.61 52.78 65.96
CA GLY H 106 25.71 52.20 64.97
C GLY H 106 26.45 52.16 63.65
N SER H 107 27.61 51.52 63.69
CA SER H 107 28.60 51.66 62.65
C SER H 107 28.34 50.80 61.41
N ASP H 108 28.01 51.48 60.32
CA ASP H 108 28.05 50.94 58.97
C ASP H 108 29.46 50.34 58.69
N ILE H 109 30.50 51.14 58.93
CA ILE H 109 31.86 50.86 58.42
C ILE H 109 32.91 50.85 59.51
N LEU H 110 33.71 49.79 59.55
CA LEU H 110 34.97 49.78 60.32
C LEU H 110 36.21 50.16 59.45
N VAL H 111 37.03 51.08 59.95
CA VAL H 111 38.17 51.64 59.20
C VAL H 111 39.46 51.47 59.97
N GLY H 112 40.25 50.45 59.66
CA GLY H 112 41.56 50.33 60.31
C GLY H 112 42.60 51.29 59.76
N VAL H 113 43.08 52.19 60.63
CA VAL H 113 44.16 53.13 60.29
C VAL H 113 45.38 52.95 61.19
N GLY H 114 46.42 52.29 60.70
CA GLY H 114 47.52 51.89 61.56
C GLY H 114 48.28 50.77 60.95
N GLY H 115 48.75 49.84 61.79
CA GLY H 115 49.53 48.68 61.36
C GLY H 115 48.67 47.43 61.43
N GLY H 116 49.33 46.26 61.40
CA GLY H 116 48.64 44.98 61.18
C GLY H 116 47.65 44.61 62.27
N LYS H 117 48.00 44.99 63.50
CA LYS H 117 47.18 44.75 64.69
C LYS H 117 45.90 45.64 64.69
N THR H 118 46.06 46.90 64.31
CA THR H 118 44.90 47.76 64.10
C THR H 118 43.95 47.19 63.03
N ALA H 119 44.54 46.75 61.92
CA ALA H 119 43.74 46.35 60.77
C ALA H 119 42.94 45.11 61.18
N ASP H 120 43.63 44.13 61.74
CA ASP H 120 43.01 42.91 62.21
C ASP H 120 41.88 43.18 63.24
N THR H 121 42.09 44.13 64.14
CA THR H 121 41.06 44.44 65.15
C THR H 121 39.84 44.99 64.45
N ALA H 122 40.04 46.04 63.66
CA ALA H 122 39.02 46.60 62.76
C ALA H 122 38.27 45.54 61.95
N LYS H 123 38.97 44.51 61.49
CA LYS H 123 38.30 43.47 60.72
C LYS H 123 37.44 42.59 61.64
N ILE H 124 38.03 42.20 62.78
CA ILE H 124 37.35 41.30 63.72
C ILE H 124 36.03 41.95 64.15
N VAL H 125 36.07 43.21 64.54
CA VAL H 125 34.84 43.94 64.81
C VAL H 125 33.91 44.03 63.58
N ALA H 126 34.44 44.48 62.44
CA ALA H 126 33.62 44.61 61.24
C ALA H 126 32.69 43.42 61.05
N ILE H 127 33.23 42.20 61.20
CA ILE H 127 32.50 40.97 60.99
C ILE H 127 31.51 40.67 62.15
N ASP H 128 31.99 40.86 63.39
CA ASP H 128 31.14 40.77 64.56
C ASP H 128 29.94 41.68 64.49
N THR H 129 30.12 42.83 63.83
CA THR H 129 29.14 43.92 63.72
C THR H 129 28.27 43.95 62.46
N GLY H 130 28.61 43.15 61.45
CA GLY H 130 28.02 43.30 60.11
C GLY H 130 28.42 44.60 59.40
N ALA H 131 29.57 45.16 59.75
CA ALA H 131 30.06 46.38 59.08
C ALA H 131 30.90 46.11 57.81
N ARG H 132 30.82 47.01 56.85
CA ARG H 132 31.78 47.13 55.75
C ARG H 132 33.21 47.40 56.26
N ILE H 133 34.23 47.08 55.47
CA ILE H 133 35.64 47.14 55.92
C ILE H 133 36.53 47.98 54.99
N VAL H 134 37.21 48.99 55.54
CA VAL H 134 38.22 49.76 54.81
C VAL H 134 39.48 49.82 55.68
N ILE H 135 40.63 49.56 55.05
CA ILE H 135 41.91 49.63 55.72
C ILE H 135 42.72 50.77 55.07
N ALA H 136 43.32 51.62 55.92
CA ALA H 136 44.20 52.69 55.47
C ALA H 136 45.49 52.56 56.20
N PRO H 137 46.38 51.70 55.70
CA PRO H 137 47.60 51.51 56.43
C PRO H 137 48.42 52.76 56.47
N THR H 138 49.15 52.87 57.57
CA THR H 138 50.09 53.93 57.87
C THR H 138 51.53 53.40 57.80
N ILE H 139 51.70 52.09 57.84
CA ILE H 139 53.01 51.47 57.67
C ILE H 139 52.87 50.23 56.78
N ALA H 140 53.95 49.82 56.08
CA ALA H 140 53.90 48.61 55.23
C ALA H 140 54.73 47.54 55.89
N SER H 141 54.34 47.13 57.09
CA SER H 141 55.21 46.19 57.82
C SER H 141 54.64 44.81 57.85
N THR H 142 53.47 44.61 57.28
CA THR H 142 52.87 43.30 57.29
C THR H 142 51.93 43.13 56.15
N ASP H 143 51.64 41.87 55.88
CA ASP H 143 50.72 41.48 54.80
C ASP H 143 49.23 41.68 55.14
N ALA H 144 48.90 41.71 56.42
CA ALA H 144 47.51 41.86 56.92
C ALA H 144 46.48 42.77 56.19
N PRO H 145 46.88 43.96 55.69
CA PRO H 145 45.81 44.86 55.20
C PRO H 145 44.88 44.32 54.11
N CYS H 146 45.35 43.45 53.23
CA CYS H 146 44.45 42.95 52.17
C CYS H 146 43.74 41.69 52.52
N SER H 147 44.26 40.93 53.47
CA SER H 147 43.77 39.58 53.73
C SER H 147 42.44 39.49 54.51
N ALA H 148 41.87 38.30 54.42
CA ALA H 148 40.68 37.92 55.16
C ALA H 148 41.05 37.08 56.39
N ILE H 149 42.32 37.08 56.76
CA ILE H 149 42.74 36.53 58.04
C ILE H 149 42.97 37.63 59.07
N ALA H 150 42.48 37.42 60.30
CA ALA H 150 42.94 38.21 61.44
C ALA H 150 43.69 37.31 62.42
N VAL H 151 44.70 37.86 63.10
CA VAL H 151 45.41 37.14 64.16
C VAL H 151 45.18 37.79 65.55
N ARG H 152 44.73 36.98 66.51
CA ARG H 152 44.44 37.42 67.87
C ARG H 152 45.57 36.94 68.78
N TYR H 153 46.13 37.87 69.55
CA TYR H 153 47.17 37.61 70.56
C TYR H 153 46.65 37.72 72.00
N THR H 154 47.35 37.08 72.94
CA THR H 154 47.16 37.41 74.37
C THR H 154 47.49 38.87 74.59
N GLU H 155 47.14 39.41 75.74
CA GLU H 155 47.38 40.84 75.99
C GLU H 155 48.89 41.15 76.03
N HIS H 156 49.71 40.15 76.35
CA HIS H 156 51.17 40.28 76.28
C HIS H 156 51.74 39.94 74.86
N GLY H 157 50.84 39.65 73.92
CA GLY H 157 51.22 39.35 72.54
C GLY H 157 51.79 37.96 72.29
N VAL H 158 51.21 36.95 72.92
CA VAL H 158 51.53 35.58 72.57
C VAL H 158 50.44 35.22 71.59
N TYR H 159 50.82 34.59 70.49
CA TYR H 159 49.85 34.12 69.52
C TYR H 159 48.76 33.25 70.20
N GLU H 160 47.48 33.58 69.94
CA GLU H 160 46.36 32.81 70.46
C GLU H 160 45.61 32.03 69.38
N GLU H 161 45.30 32.67 68.27
CA GLU H 161 44.43 32.06 67.26
C GLU H 161 44.43 32.89 65.99
N ALA H 162 44.45 32.21 64.86
CA ALA H 162 44.38 32.89 63.57
C ALA H 162 43.01 32.64 62.95
N LEU H 163 42.24 33.71 62.75
CA LEU H 163 40.84 33.62 62.38
C LEU H 163 40.62 33.99 60.93
N ARG H 164 40.14 33.03 60.16
CA ARG H 164 39.86 33.28 58.74
C ARG H 164 38.45 33.85 58.64
N LEU H 165 38.35 35.06 58.11
CA LEU H 165 37.08 35.75 58.11
C LEU H 165 36.31 35.47 56.82
N PRO H 166 35.00 35.78 56.79
CA PRO H 166 34.25 35.38 55.62
C PRO H 166 34.33 36.42 54.49
N ARG H 167 34.95 37.57 54.81
CA ARG H 167 34.95 38.77 53.94
C ARG H 167 36.33 39.42 53.88
N ASN H 168 36.88 39.55 52.67
CA ASN H 168 37.96 40.54 52.42
C ASN H 168 37.53 42.01 52.55
N PRO H 169 38.49 42.93 52.65
CA PRO H 169 38.18 44.38 52.72
C PRO H 169 37.51 44.98 51.49
N ASP H 170 36.70 46.00 51.73
CA ASP H 170 35.97 46.69 50.69
C ASP H 170 36.87 47.70 49.93
N ALA H 171 37.95 48.11 50.58
CA ALA H 171 38.94 49.01 49.97
C ALA H 171 40.14 49.10 50.85
N VAL H 172 41.30 49.16 50.21
CA VAL H 172 42.54 49.38 50.91
C VAL H 172 43.05 50.65 50.23
N VAL H 173 43.49 51.62 51.03
CA VAL H 173 43.86 52.94 50.55
C VAL H 173 45.21 53.23 51.19
N VAL H 174 46.25 53.21 50.38
CA VAL H 174 47.60 53.25 50.87
C VAL H 174 48.11 54.61 50.49
N ASP H 175 48.39 55.44 51.50
CA ASP H 175 49.04 56.71 51.28
C ASP H 175 50.57 56.59 51.34
N SER H 176 51.19 56.62 50.17
CA SER H 176 52.60 56.21 50.08
C SER H 176 53.52 57.10 50.87
N ALA H 177 53.18 58.40 50.95
CA ALA H 177 54.02 59.40 51.61
C ALA H 177 53.94 59.22 53.11
N LEU H 178 52.71 59.03 53.59
CA LEU H 178 52.56 58.65 54.99
C LEU H 178 53.43 57.44 55.30
N VAL H 179 53.22 56.38 54.51
CA VAL H 179 53.91 55.12 54.72
C VAL H 179 55.45 55.25 54.59
N ALA H 180 55.93 56.04 53.62
CA ALA H 180 57.39 56.25 53.45
C ALA H 180 58.02 57.13 54.49
N ALA H 181 57.22 58.02 55.08
CA ALA H 181 57.71 58.90 56.13
C ALA H 181 58.13 58.16 57.40
N ALA H 182 57.72 56.90 57.54
CA ALA H 182 57.93 56.20 58.80
C ALA H 182 59.36 55.73 58.89
N PRO H 183 59.84 55.35 60.10
CA PRO H 183 61.21 54.82 60.21
C PRO H 183 61.40 53.61 59.33
N ALA H 184 62.49 53.60 58.58
CA ALA H 184 62.87 52.55 57.65
C ALA H 184 62.61 51.13 58.16
N ARG H 185 62.80 50.94 59.46
CA ARG H 185 62.63 49.65 60.07
C ARG H 185 61.25 49.07 59.75
N PHE H 186 60.21 49.92 59.74
CA PHE H 186 58.86 49.42 59.44
C PHE H 186 58.75 48.86 57.99
N LEU H 187 59.41 49.51 57.02
CA LEU H 187 59.49 49.02 55.66
C LEU H 187 60.30 47.73 55.55
N VAL H 188 61.48 47.67 56.16
CA VAL H 188 62.24 46.41 56.17
C VAL H 188 61.45 45.25 56.85
N ALA H 189 60.67 45.57 57.86
CA ALA H 189 59.85 44.54 58.51
C ALA H 189 58.83 43.96 57.52
N GLY H 190 58.24 44.83 56.70
CA GLY H 190 57.33 44.37 55.66
C GLY H 190 57.97 43.47 54.62
N ILE H 191 59.22 43.76 54.27
CA ILE H 191 59.96 43.00 53.26
C ILE H 191 60.10 41.58 53.79
N GLY H 192 60.32 41.51 55.09
CA GLY H 192 60.55 40.27 55.78
C GLY H 192 59.32 39.46 55.83
N ASP H 193 58.18 40.14 55.93
CA ASP H 193 56.88 39.46 55.89
C ASP H 193 56.54 39.03 54.44
N ALA H 194 56.76 39.92 53.48
CA ALA H 194 56.53 39.60 52.06
C ALA H 194 57.41 38.44 51.56
N LEU H 195 58.64 38.34 52.05
CA LEU H 195 59.58 37.26 51.75
C LEU H 195 59.07 35.84 51.93
N SER H 196 58.07 35.68 52.76
CA SER H 196 57.59 34.34 53.09
C SER H 196 56.63 33.89 52.04
N THR H 197 56.07 34.86 51.32
CA THR H 197 54.88 34.58 50.52
C THR H 197 55.15 33.42 49.55
N TRP H 198 56.20 33.57 48.74
CA TRP H 198 56.42 32.65 47.69
C TRP H 198 56.86 31.34 48.20
N PHE H 199 57.76 31.35 49.19
CA PHE H 199 58.28 30.07 49.74
C PHE H 199 57.19 29.26 50.45
N GLU H 200 56.20 29.93 51.02
CA GLU H 200 55.10 29.20 51.65
C GLU H 200 54.09 28.79 50.63
N ALA H 201 53.86 29.62 49.60
CA ALA H 201 53.00 29.22 48.50
C ALA H 201 53.61 27.91 48.03
N ARG H 202 54.92 27.89 47.81
CA ARG H 202 55.58 26.71 47.22
C ARG H 202 55.36 25.47 48.11
N SER H 203 55.49 25.64 49.44
CA SER H 203 55.14 24.60 50.44
C SER H 203 53.71 24.08 50.34
N ASN H 204 52.77 25.01 50.26
CA ASN H 204 51.37 24.66 50.09
C ASN H 204 51.04 24.04 48.73
N ILE H 205 51.77 24.43 47.68
CA ILE H 205 51.53 23.78 46.38
C ILE H 205 52.03 22.32 46.35
N GLU H 206 53.17 22.05 46.99
CA GLU H 206 53.74 20.70 47.00
C GLU H 206 53.12 19.76 48.06
N SER H 207 52.38 20.29 49.01
CA SER H 207 51.69 19.44 49.94
C SER H 207 50.19 19.43 49.60
N ARG H 208 49.79 20.23 48.61
CA ARG H 208 48.39 20.32 48.17
C ARG H 208 47.39 20.61 49.33
N THR H 209 47.82 21.51 50.22
CA THR H 209 46.97 21.98 51.28
C THR H 209 46.12 23.16 50.77
N ASP H 210 44.91 23.27 51.30
CA ASP H 210 44.01 24.36 50.92
C ASP H 210 44.51 25.76 51.39
N ASN H 211 43.96 26.79 50.77
CA ASN H 211 44.24 28.17 51.13
C ASN H 211 43.23 28.62 52.21
N TYR H 212 43.14 29.94 52.44
CA TYR H 212 42.18 30.48 53.40
C TYR H 212 41.09 31.33 52.68
N VAL H 213 40.53 30.80 51.59
CA VAL H 213 39.40 31.42 50.91
C VAL H 213 38.12 30.61 51.20
N ALA H 214 37.07 31.30 51.69
CA ALA H 214 35.71 30.73 51.89
C ALA H 214 35.65 29.26 52.35
N PHE H 217 40.08 26.02 50.05
CA PHE H 217 40.21 25.55 48.68
C PHE H 217 41.65 25.44 48.17
N PRO H 218 41.83 24.71 47.05
CA PRO H 218 43.06 24.79 46.26
C PRO H 218 43.34 26.18 45.68
N ALA H 219 44.62 26.52 45.57
CA ALA H 219 45.10 27.79 45.00
C ALA H 219 44.71 27.98 43.53
N THR H 220 44.37 29.19 43.19
CA THR H 220 44.09 29.58 41.84
C THR H 220 45.42 29.85 41.12
N GLU H 221 45.51 29.65 39.79
CA GLU H 221 46.73 30.04 39.07
C GLU H 221 47.05 31.53 39.35
N ALA H 222 46.01 32.37 39.51
CA ALA H 222 46.16 33.77 39.90
C ALA H 222 46.90 33.96 41.19
N GLY H 223 46.60 33.11 42.17
CA GLY H 223 47.22 33.20 43.49
C GLY H 223 48.68 32.86 43.37
N MSE H 224 48.96 31.76 42.69
CA MSE H 224 50.33 31.27 42.50
C MSE H 224 51.22 32.26 41.76
O MSE H 224 52.34 32.55 42.22
CB MSE H 224 50.29 29.89 41.82
CG MSE H 224 49.69 28.80 42.75
SE MSE H 224 49.45 27.09 41.78
CE MSE H 224 47.89 26.19 42.67
N ALA H 225 50.69 32.81 40.68
CA ALA H 225 51.33 33.89 39.90
C ALA H 225 51.68 35.13 40.74
N ILE H 226 50.77 35.55 41.62
CA ILE H 226 50.98 36.73 42.43
C ILE H 226 52.05 36.42 43.47
N ALA H 227 51.95 35.22 44.05
CA ALA H 227 52.92 34.76 45.01
C ALA H 227 54.31 34.72 44.37
N ARG H 228 54.39 34.18 43.16
CA ARG H 228 55.68 34.14 42.48
C ARG H 228 56.18 35.54 42.25
N HIS H 229 55.28 36.45 41.87
CA HIS H 229 55.75 37.73 41.44
C HIS H 229 56.20 38.58 42.61
N CYS H 230 55.55 38.38 43.75
CA CYS H 230 55.96 39.03 45.01
C CYS H 230 57.47 38.82 45.29
N GLN H 231 57.98 37.61 45.09
CA GLN H 231 59.41 37.35 45.30
C GLN H 231 60.25 38.16 44.27
N ASP H 232 59.74 38.26 43.05
CA ASP H 232 60.52 38.94 41.99
C ASP H 232 60.63 40.46 42.25
N VAL H 233 59.53 41.08 42.72
CA VAL H 233 59.53 42.48 43.13
C VAL H 233 60.49 42.78 44.29
N LEU H 234 60.50 41.90 45.29
CA LEU H 234 61.43 42.03 46.43
C LEU H 234 62.88 41.96 46.04
N THR H 235 63.20 41.03 45.14
CA THR H 235 64.57 40.85 44.72
C THR H 235 64.95 42.01 43.80
N ARG H 236 64.03 42.52 43.01
CA ARG H 236 64.34 43.68 42.17
C ARG H 236 64.48 44.99 42.96
N ASP H 237 63.66 45.20 43.96
CA ASP H 237 63.55 46.55 44.52
C ASP H 237 63.79 46.77 46.00
N ALA H 238 64.12 45.74 46.73
CA ALA H 238 64.18 45.83 48.17
C ALA H 238 65.38 46.65 48.63
N VAL H 239 66.56 46.36 48.10
CA VAL H 239 67.76 47.15 48.45
C VAL H 239 67.57 48.61 48.02
N LYS H 240 67.14 48.85 46.81
CA LYS H 240 66.92 50.23 46.34
C LYS H 240 65.85 50.92 47.20
N ALA H 241 64.78 50.23 47.55
CA ALA H 241 63.83 50.86 48.44
C ALA H 241 64.37 51.07 49.87
N LYS H 242 65.08 50.11 50.40
CA LYS H 242 65.56 50.28 51.76
C LYS H 242 66.45 51.55 51.81
N ILE H 243 67.41 51.66 50.88
CA ILE H 243 68.29 52.80 50.81
C ILE H 243 67.52 54.09 50.58
N ALA H 244 66.52 54.04 49.73
CA ALA H 244 65.68 55.22 49.55
C ALA H 244 65.02 55.68 50.87
N VAL H 245 64.48 54.79 51.67
CA VAL H 245 63.78 55.25 52.89
C VAL H 245 64.70 55.72 53.98
N GLU H 246 65.86 55.10 54.09
CA GLU H 246 66.89 55.56 54.98
C GLU H 246 67.30 57.03 54.72
N ALA H 247 67.32 57.43 53.44
CA ALA H 247 67.54 58.86 53.08
C ALA H 247 66.26 59.69 53.07
N GLY H 248 65.17 59.12 53.56
CA GLY H 248 63.93 59.90 53.62
C GLY H 248 63.25 60.23 52.31
N LEU H 249 63.36 59.35 51.31
CA LEU H 249 62.80 59.62 50.00
C LEU H 249 61.61 58.72 49.63
N LEU H 250 60.80 59.12 48.67
CA LEU H 250 59.83 58.22 48.09
C LEU H 250 60.12 58.11 46.59
N THR H 251 60.44 56.91 46.13
CA THR H 251 60.82 56.66 44.74
C THR H 251 59.96 55.57 44.17
N PRO H 252 60.13 55.24 42.88
CA PRO H 252 59.34 54.12 42.37
C PRO H 252 59.74 52.79 42.98
N ALA H 253 60.96 52.66 43.45
CA ALA H 253 61.40 51.42 44.11
C ALA H 253 60.68 51.24 45.44
N VAL H 254 60.44 52.34 46.13
CA VAL H 254 59.67 52.33 47.34
C VAL H 254 58.20 51.99 47.03
N GLU H 255 57.59 52.70 46.08
CA GLU H 255 56.19 52.41 45.73
C GLU H 255 56.05 50.90 45.46
N ASN H 256 56.99 50.31 44.74
CA ASN H 256 56.93 48.89 44.39
C ASN H 256 56.97 47.98 45.59
N ILE H 257 57.82 48.31 46.58
CA ILE H 257 57.91 47.57 47.82
C ILE H 257 56.66 47.74 48.69
N ILE H 258 56.03 48.90 48.65
CA ILE H 258 54.79 49.13 49.40
C ILE H 258 53.72 48.24 48.85
N GLU H 259 53.56 48.20 47.52
CA GLU H 259 52.72 47.20 46.83
C GLU H 259 53.09 45.73 47.18
N ALA H 260 54.37 45.38 47.07
CA ALA H 260 54.79 43.99 47.38
C ALA H 260 54.41 43.61 48.79
N ASN H 261 54.65 44.51 49.74
CA ASN H 261 54.45 44.25 51.16
C ASN H 261 52.99 44.14 51.54
N THR H 262 52.14 44.79 50.78
CA THR H 262 50.72 44.89 51.07
C THR H 262 49.94 44.00 50.11
N LEU H 263 49.73 44.49 48.88
CA LEU H 263 48.96 43.77 47.88
C LEU H 263 49.49 42.37 47.49
N LEU H 264 50.72 42.29 47.03
CA LEU H 264 51.18 41.01 46.51
C LEU H 264 51.21 39.99 47.65
N SER H 265 51.66 40.48 48.80
CA SER H 265 51.87 39.66 49.96
C SER H 265 50.54 39.14 50.48
N GLY H 266 49.58 40.04 50.63
CA GLY H 266 48.28 39.60 51.12
C GLY H 266 47.50 38.70 50.17
N LEU H 267 47.36 39.09 48.90
CA LEU H 267 46.72 38.22 47.94
C LEU H 267 47.48 36.90 47.86
N GLY H 268 48.81 36.96 47.83
CA GLY H 268 49.63 35.73 47.90
C GLY H 268 49.26 34.78 49.04
N PHE H 269 49.24 35.30 50.25
CA PHE H 269 49.18 34.46 51.44
C PHE H 269 47.76 33.97 51.64
N GLU H 270 46.79 34.81 51.33
CA GLU H 270 45.41 34.35 51.42
C GLU H 270 45.07 33.30 50.34
N ASN H 271 45.59 33.47 49.13
CA ASN H 271 45.21 32.60 48.04
C ASN H 271 46.15 31.38 47.98
N CYS H 272 47.25 31.41 48.73
CA CYS H 272 48.22 30.28 48.62
C CYS H 272 48.40 29.50 49.88
N GLY H 273 48.22 30.17 51.01
CA GLY H 273 48.34 29.54 52.30
C GLY H 273 49.67 29.90 52.94
N CYS H 274 49.78 29.61 54.22
CA CYS H 274 50.95 29.86 55.01
C CYS H 274 51.45 28.51 55.46
N SER H 275 52.74 28.42 55.68
CA SER H 275 53.40 27.22 56.12
C SER H 275 54.09 27.38 57.45
N ALA H 276 55.24 26.76 57.50
CA ALA H 276 56.13 26.79 58.61
C ALA H 276 56.71 28.15 58.90
N ALA H 277 56.83 29.01 57.92
CA ALA H 277 57.41 30.34 58.14
C ALA H 277 56.61 31.08 59.18
N HIS H 278 55.29 31.08 59.01
CA HIS H 278 54.43 31.69 59.98
C HIS H 278 54.20 30.81 61.20
N GLY H 279 54.33 29.48 61.06
CA GLY H 279 54.29 28.59 62.21
C GLY H 279 55.44 28.91 63.18
N ILE H 280 56.67 29.02 62.66
CA ILE H 280 57.83 29.31 63.49
C ILE H 280 57.64 30.70 64.12
N HIS H 281 57.21 31.71 63.35
CA HIS H 281 56.83 33.00 63.96
C HIS H 281 55.87 32.80 65.14
N ASP H 282 54.81 32.03 64.94
CA ASP H 282 53.80 31.80 65.99
C ASP H 282 54.39 31.13 67.21
N GLY H 283 55.21 30.12 66.99
CA GLY H 283 55.93 29.48 68.06
C GLY H 283 56.92 30.41 68.72
N LEU H 284 57.50 31.32 67.95
CA LEU H 284 58.47 32.25 68.50
C LEU H 284 57.85 33.24 69.48
N THR H 285 56.60 33.63 69.24
CA THR H 285 55.94 34.58 70.16
C THR H 285 55.89 34.11 71.64
N VAL H 286 56.10 32.80 71.92
CA VAL H 286 56.01 32.34 73.31
C VAL H 286 57.26 32.65 74.07
N LEU H 287 58.24 33.25 73.42
CA LEU H 287 59.46 33.66 74.11
C LEU H 287 59.34 35.15 74.41
N GLU H 288 59.92 35.57 75.53
CA GLU H 288 59.79 36.92 76.08
C GLU H 288 60.74 37.85 75.34
N GLU H 289 61.96 37.37 75.13
CA GLU H 289 63.04 38.20 74.66
C GLU H 289 62.88 38.56 73.17
N VAL H 290 61.85 37.99 72.54
CA VAL H 290 61.55 38.18 71.13
C VAL H 290 60.48 39.27 70.98
N HIS H 291 59.80 39.58 72.08
CA HIS H 291 58.63 40.47 72.07
C HIS H 291 58.81 41.84 71.36
N GLY H 292 59.93 42.52 71.59
CA GLY H 292 60.27 43.79 70.94
C GLY H 292 60.60 43.81 69.43
N TYR H 293 60.72 42.63 68.80
CA TYR H 293 61.01 42.52 67.36
C TYR H 293 59.72 42.54 66.53
N PHE H 294 59.76 43.14 65.35
CA PHE H 294 58.54 43.38 64.54
C PHE H 294 58.06 42.03 63.94
N HIS H 295 56.76 41.87 63.72
CA HIS H 295 56.20 40.69 63.00
C HIS H 295 57.06 40.16 61.83
N GLY H 296 57.30 41.01 60.83
CA GLY H 296 58.05 40.66 59.62
C GLY H 296 59.44 40.17 59.88
N GLU H 297 60.07 40.68 60.93
CA GLU H 297 61.42 40.29 61.30
C GLU H 297 61.46 38.85 61.78
N LYS H 298 60.47 38.49 62.60
CA LYS H 298 60.27 37.10 63.01
C LYS H 298 59.85 36.18 61.83
N VAL H 299 59.02 36.66 60.91
CA VAL H 299 58.65 35.87 59.73
C VAL H 299 59.86 35.65 58.81
N ALA H 300 60.71 36.66 58.69
CA ALA H 300 61.89 36.51 57.84
C ALA H 300 62.75 35.38 58.37
N PHE H 301 63.09 35.43 59.66
CA PHE H 301 63.89 34.34 60.22
C PHE H 301 63.19 33.00 60.03
N GLY H 302 61.87 32.97 60.26
CA GLY H 302 61.05 31.76 60.11
C GLY H 302 61.13 31.16 58.71
N THR H 303 61.19 32.02 57.70
CA THR H 303 61.25 31.64 56.29
C THR H 303 62.54 30.93 56.04
N LEU H 304 63.62 31.46 56.62
CA LEU H 304 64.90 30.83 56.47
C LEU H 304 64.88 29.46 57.14
N CYS H 305 64.17 29.33 58.28
CA CYS H 305 64.07 28.03 58.93
C CYS H 305 63.23 27.02 58.10
N LEU H 306 62.18 27.50 57.44
CA LEU H 306 61.43 26.72 56.49
C LEU H 306 62.34 26.05 55.48
N LEU H 307 63.22 26.83 54.88
CA LEU H 307 64.14 26.30 53.87
C LEU H 307 65.03 25.19 54.47
N MSE H 308 65.55 25.37 55.68
CA MSE H 308 66.31 24.33 56.33
C MSE H 308 65.42 23.12 56.62
O MSE H 308 65.81 21.98 56.42
CB MSE H 308 66.98 24.83 57.60
CG MSE H 308 67.89 23.87 58.20
SE MSE H 308 69.32 23.33 56.93
CE MSE H 308 70.67 24.77 57.14
N LEU H 309 64.20 23.38 57.04
CA LEU H 309 63.24 22.31 57.27
C LEU H 309 62.91 21.46 56.06
N GLU H 310 62.91 22.06 54.88
CA GLU H 310 62.55 21.33 53.64
C GLU H 310 63.82 20.84 52.98
N ASN H 311 64.95 21.12 53.61
CA ASN H 311 66.26 20.72 53.06
C ASN H 311 66.48 21.19 51.63
N ARG H 312 66.25 22.46 51.43
CA ARG H 312 66.44 23.14 50.18
C ARG H 312 67.89 23.29 49.91
N ASP H 313 68.23 23.63 48.68
CA ASP H 313 69.59 23.69 48.22
C ASP H 313 70.32 24.67 49.04
N ARG H 314 71.53 24.32 49.31
CA ARG H 314 72.36 25.12 50.13
C ARG H 314 72.50 26.45 49.50
N ALA H 315 72.55 26.51 48.19
CA ALA H 315 72.82 27.78 47.58
C ALA H 315 71.60 28.68 47.71
N GLU H 316 70.43 28.09 47.64
CA GLU H 316 69.21 28.80 47.92
C GLU H 316 69.16 29.39 49.38
N ILE H 317 69.50 28.57 50.36
CA ILE H 317 69.53 29.01 51.76
C ILE H 317 70.56 30.10 51.95
N GLU H 318 71.73 29.91 51.36
CA GLU H 318 72.74 30.92 51.49
C GLU H 318 72.34 32.26 50.87
N ALA H 319 71.70 32.25 49.70
CA ALA H 319 71.42 33.50 49.03
C ALA H 319 70.32 34.22 49.81
N MSE H 320 69.42 33.48 50.43
CA MSE H 320 68.37 34.14 51.21
C MSE H 320 68.93 34.74 52.48
O MSE H 320 68.57 35.85 52.88
CB MSE H 320 67.20 33.23 51.53
CG MSE H 320 66.22 33.01 50.33
SE MSE H 320 65.52 34.66 49.44
CE MSE H 320 66.81 34.83 47.91
N ILE H 321 69.88 34.03 53.06
CA ILE H 321 70.60 34.57 54.20
C ILE H 321 71.26 35.91 53.86
N ARG H 322 71.98 35.94 52.72
CA ARG H 322 72.74 37.15 52.29
C ARG H 322 71.76 38.28 51.94
N PHE H 323 70.69 37.91 51.26
CA PHE H 323 69.64 38.86 50.96
C PHE H 323 69.10 39.49 52.23
N CYS H 324 68.80 38.67 53.22
CA CYS H 324 68.29 39.14 54.51
C CYS H 324 69.31 39.96 55.21
N ARG H 325 70.58 39.63 55.07
CA ARG H 325 71.58 40.46 55.75
C ARG H 325 71.67 41.82 55.06
N SER H 326 71.45 41.86 53.74
CA SER H 326 71.66 43.09 53.00
C SER H 326 70.58 44.14 53.28
N VAL H 327 69.40 43.72 53.76
CA VAL H 327 68.45 44.72 54.20
C VAL H 327 68.27 44.86 55.75
N GLY H 328 69.06 44.14 56.56
CA GLY H 328 68.93 44.30 58.03
C GLY H 328 68.00 43.31 58.74
N LEU H 329 67.53 42.31 58.02
CA LEU H 329 66.68 41.30 58.60
C LEU H 329 67.49 40.24 59.36
N PRO H 330 66.90 39.70 60.42
CA PRO H 330 67.48 38.68 61.29
C PRO H 330 67.85 37.38 60.56
N THR H 331 69.07 36.88 60.78
CA THR H 331 69.42 35.61 60.20
C THR H 331 70.00 34.64 61.18
N LYS H 332 70.15 35.05 62.43
CA LYS H 332 70.67 34.18 63.49
C LYS H 332 69.73 34.30 64.65
N LEU H 333 69.74 33.31 65.54
CA LEU H 333 68.90 33.40 66.71
C LEU H 333 69.31 34.58 67.59
N ALA H 334 70.60 34.88 67.67
CA ALA H 334 71.07 36.04 68.47
C ALA H 334 70.41 37.33 68.02
N ASP H 335 70.18 37.46 66.70
CA ASP H 335 69.55 38.68 66.13
C ASP H 335 68.12 38.89 66.62
N LEU H 336 67.51 37.83 67.17
CA LEU H 336 66.21 37.96 67.80
C LEU H 336 66.43 37.96 69.29
N GLY H 337 67.61 38.37 69.71
CA GLY H 337 67.93 38.34 71.13
C GLY H 337 67.65 37.03 71.85
N ILE H 338 67.85 35.91 71.15
CA ILE H 338 67.82 34.59 71.77
C ILE H 338 69.24 34.06 71.87
N VAL H 339 69.83 34.08 73.07
CA VAL H 339 71.25 33.76 73.28
C VAL H 339 71.60 32.87 74.46
N ASP H 340 70.66 32.67 75.38
CA ASP H 340 70.88 31.86 76.56
C ASP H 340 69.97 30.65 76.60
N ASP H 341 70.57 29.46 76.77
CA ASP H 341 69.76 28.25 77.02
C ASP H 341 68.96 27.96 75.71
N VAL H 342 69.62 28.16 74.57
CA VAL H 342 68.91 28.20 73.28
C VAL H 342 68.08 26.93 72.95
N PRO H 343 68.66 25.70 73.12
CA PRO H 343 67.95 24.47 72.79
C PRO H 343 66.60 24.26 73.46
N ALA H 344 66.53 24.53 74.75
CA ALA H 344 65.26 24.36 75.47
C ALA H 344 64.27 25.36 74.91
N LYS H 345 64.72 26.59 74.68
CA LYS H 345 63.84 27.65 74.22
C LYS H 345 63.30 27.28 72.84
N ILE H 346 64.20 26.88 71.94
CA ILE H 346 63.73 26.43 70.63
C ILE H 346 62.80 25.23 70.80
N GLY H 347 63.14 24.31 71.72
CA GLY H 347 62.19 23.23 72.10
C GLY H 347 60.80 23.79 72.43
N ARG H 348 60.75 24.92 73.13
CA ARG H 348 59.47 25.51 73.47
C ARG H 348 58.82 26.12 72.25
N VAL H 349 59.63 26.65 71.34
CA VAL H 349 59.13 27.27 70.12
C VAL H 349 58.54 26.20 69.19
N ALA H 350 59.25 25.08 69.09
CA ALA H 350 58.82 23.91 68.33
C ALA H 350 57.49 23.28 68.79
N GLU H 351 57.32 23.08 70.12
CA GLU H 351 56.07 22.49 70.70
C GLU H 351 54.85 23.36 70.42
N ALA H 352 55.03 24.67 70.48
CA ALA H 352 53.94 25.61 70.21
C ALA H 352 53.49 25.59 68.72
N ALA H 353 54.48 25.55 67.82
CA ALA H 353 54.20 25.62 66.40
C ALA H 353 53.50 24.36 65.93
N CYS H 354 53.82 23.25 66.60
CA CYS H 354 53.38 21.89 66.22
C CYS H 354 52.08 21.36 66.86
N ARG H 355 51.37 22.18 67.62
CA ARG H 355 50.07 21.77 68.12
C ARG H 355 49.21 21.40 66.90
N PRO H 356 48.33 20.39 67.01
CA PRO H 356 47.77 19.87 65.76
C PRO H 356 46.68 20.75 65.15
N GLY H 357 46.50 20.60 63.82
CA GLY H 357 45.67 21.51 63.02
C GLY H 357 46.35 22.84 62.68
N ASN H 358 47.55 23.06 63.23
CA ASN H 358 48.33 24.27 62.96
C ASN H 358 48.79 24.43 61.48
N ILE H 359 49.02 25.68 61.08
CA ILE H 359 49.48 26.00 59.70
C ILE H 359 50.83 25.38 59.31
N ILE H 360 51.62 24.94 60.29
CA ILE H 360 52.90 24.29 59.98
C ILE H 360 52.77 22.92 59.29
N TYR H 361 51.67 22.17 59.52
CA TYR H 361 51.49 20.87 58.82
C TYR H 361 51.25 21.02 57.33
N ALA H 362 51.17 22.26 56.85
CA ALA H 362 51.08 22.52 55.42
C ALA H 362 52.46 22.42 54.73
N THR H 363 53.52 22.09 55.47
CA THR H 363 54.87 21.87 54.89
C THR H 363 55.00 20.48 54.29
N PRO H 364 55.58 20.37 53.09
CA PRO H 364 55.72 19.04 52.48
C PRO H 364 56.87 18.23 53.12
N VAL H 365 56.88 18.12 54.44
CA VAL H 365 57.82 17.22 55.09
C VAL H 365 57.07 16.62 56.26
N THR H 366 57.66 15.61 56.88
CA THR H 366 57.09 14.93 58.05
C THR H 366 57.28 15.84 59.25
N ILE H 367 56.20 16.46 59.71
CA ILE H 367 56.31 17.45 60.78
C ILE H 367 56.25 16.88 62.20
N THR H 368 57.41 16.87 62.87
CA THR H 368 57.42 16.58 64.28
C THR H 368 58.19 17.67 65.00
N VAL H 369 58.21 17.60 66.31
CA VAL H 369 58.90 18.57 67.13
C VAL H 369 60.45 18.46 67.01
N PRO H 370 61.01 17.24 67.06
CA PRO H 370 62.47 17.27 66.85
C PRO H 370 62.85 17.84 65.47
N ALA H 371 62.08 17.51 64.43
CA ALA H 371 62.37 18.08 63.09
C ALA H 371 62.27 19.63 63.03
N VAL H 372 61.26 20.21 63.70
CA VAL H 372 61.18 21.67 63.74
C VAL H 372 62.25 22.25 64.62
N ARG H 373 62.44 21.68 65.80
CA ARG H 373 63.52 22.15 66.67
C ARG H 373 64.84 22.08 65.94
N ASP H 374 65.16 20.94 65.34
CA ASP H 374 66.49 20.81 64.73
C ASP H 374 66.70 21.67 63.44
N ALA H 375 65.65 21.90 62.68
CA ALA H 375 65.76 22.77 61.57
C ALA H 375 66.08 24.17 62.01
N ILE H 376 65.39 24.68 63.02
CA ILE H 376 65.70 26.01 63.49
C ILE H 376 67.11 26.08 64.03
N LEU H 377 67.52 25.09 64.77
CA LEU H 377 68.87 25.04 65.26
C LEU H 377 69.87 24.92 64.14
N ALA H 378 69.57 24.11 63.16
CA ALA H 378 70.42 23.96 62.02
C ALA H 378 70.58 25.21 61.19
N LEU H 379 69.48 25.91 61.01
CA LEU H 379 69.55 27.09 60.23
C LEU H 379 70.46 28.06 60.93
N ASP H 380 70.33 28.14 62.24
CA ASP H 380 71.12 29.04 63.03
C ASP H 380 72.60 28.73 62.96
N ALA H 381 72.92 27.46 63.01
CA ALA H 381 74.29 27.05 62.90
C ALA H 381 74.88 27.30 61.52
N PHE H 382 74.14 27.04 60.49
CA PHE H 382 74.62 27.25 59.12
C PHE H 382 74.85 28.75 58.88
N SER H 383 73.87 29.55 59.26
CA SER H 383 74.01 30.98 59.15
C SER H 383 75.26 31.49 59.90
N ARG H 384 75.42 31.01 61.14
CA ARG H 384 76.53 31.43 61.97
C ARG H 384 77.80 31.15 61.24
N SER H 385 77.77 30.11 60.41
CA SER H 385 78.95 29.68 59.65
C SER H 385 79.16 30.49 58.37
N ILE H 386 78.23 31.38 58.03
CA ILE H 386 78.39 32.27 56.85
C ILE H 386 78.79 33.71 57.28
N HIS H 387 79.79 34.29 56.61
CA HIS H 387 80.22 35.70 56.84
C HIS H 387 80.77 36.36 55.56
C1 GOL I . -8.78 39.98 17.63
O1 GOL I . -9.92 39.76 18.44
C2 GOL I . -9.20 40.38 16.23
O2 GOL I . -8.30 39.89 15.28
C3 GOL I . -10.56 39.85 15.94
O3 GOL I . -11.33 40.92 15.46
ZN ZN J . -16.79 35.35 15.19
C1 GOL K . -25.99 18.69 -22.88
O1 GOL K . -25.82 17.51 -22.14
C2 GOL K . -26.05 19.86 -21.91
O2 GOL K . -26.95 19.42 -20.96
C3 GOL K . -24.74 20.02 -21.20
O3 GOL K . -23.61 20.03 -22.07
ZN ZN L . -19.38 17.76 -16.40
C1 GOL M . -2.63 -27.79 -15.55
O1 GOL M . -3.42 -28.47 -14.61
C2 GOL M . -1.16 -27.90 -15.17
O2 GOL M . -0.62 -26.63 -15.39
C3 GOL M . -0.94 -28.23 -13.70
O3 GOL M . -0.03 -29.28 -13.42
ZN ZN N . -1.60 -27.47 -6.16
C1 GOL O . 24.09 -2.27 15.19
O1 GOL O . 23.18 -1.24 14.89
C2 GOL O . 24.41 -2.77 13.80
O2 GOL O . 23.74 -3.99 13.65
C3 GOL O . 23.66 -1.76 12.95
O3 GOL O . 24.26 -1.67 11.68
ZN ZN P . 16.99 -0.43 8.33
C1 GOL Q . 29.86 35.88 23.31
O1 GOL Q . 29.47 36.69 22.20
C2 GOL Q . 28.93 36.16 24.51
O2 GOL Q . 28.92 35.03 25.34
C3 GOL Q . 29.43 37.24 25.43
O3 GOL Q . 29.05 38.53 24.99
SE SE R . 39.56 18.39 37.65
ZN ZN S . 36.55 41.33 25.79
ZN ZN T . -18.26 -49.63 -35.00
C1 GOL U . -51.83 -62.57 -55.77
O1 GOL U . -52.03 -61.91 -56.99
C2 GOL U . -50.37 -62.91 -55.89
O2 GOL U . -49.96 -63.49 -54.68
C3 GOL U . -50.25 -63.87 -57.04
O3 GOL U . -51.22 -64.92 -56.96
ZN ZN V . -50.00 -55.55 -50.71
SE SE W . 57.17 57.63 42.51
ZN ZN X . 52.45 37.68 57.93
#